data_2KJQ
#
_entry.id   2KJQ
#
_entity_poly.entity_id   1
_entity_poly.type   'polypeptide(L)'
_entity_poly.pdbx_seq_one_letter_code
;MGHHHHHHSHMDYPSFDKFLGTENAELVYVLRHKHGQFIYVWGEEGAGKSHLLQAWVAQALEAGKNAAYIDAASMPLTDA
AFEAEYLAVDQVEKLGNEEQALLFSIFNRFRNSGKGFLLLGSEYTPQQLVIREDLRTRMAYCLVYEVKP
;
_entity_poly.pdbx_strand_id   A
#
# COMPACT_ATOMS: atom_id res chain seq x y z
N MET A 1 2.33 21.28 9.77
CA MET A 1 2.72 22.47 9.01
C MET A 1 3.06 22.09 7.58
N GLY A 2 2.81 23.00 6.66
CA GLY A 2 3.07 22.75 5.26
C GLY A 2 1.98 23.34 4.39
N HIS A 3 1.04 22.50 3.96
CA HIS A 3 -0.11 22.94 3.18
C HIS A 3 0.32 23.47 1.81
N HIS A 4 1.60 23.31 1.48
CA HIS A 4 2.13 23.82 0.23
C HIS A 4 2.48 22.67 -0.70
N HIS A 5 1.86 22.64 -1.87
CA HIS A 5 2.17 21.63 -2.87
C HIS A 5 1.97 22.23 -4.25
N HIS A 6 3.00 22.19 -5.07
CA HIS A 6 2.92 22.72 -6.43
C HIS A 6 3.57 21.76 -7.41
N HIS A 7 2.78 21.35 -8.40
CA HIS A 7 3.22 20.37 -9.39
C HIS A 7 4.45 20.84 -10.16
N HIS A 8 5.60 20.32 -9.76
CA HIS A 8 6.84 20.56 -10.48
C HIS A 8 7.34 19.24 -11.06
N SER A 9 7.06 19.01 -12.32
CA SER A 9 7.36 17.75 -12.96
C SER A 9 8.84 17.61 -13.28
N HIS A 10 9.60 17.07 -12.33
CA HIS A 10 11.01 16.78 -12.52
C HIS A 10 11.37 15.49 -11.80
N MET A 11 12.67 15.15 -11.80
CA MET A 11 13.16 13.92 -11.19
C MET A 11 12.65 12.70 -11.96
N ASP A 12 13.25 12.48 -13.11
CA ASP A 12 12.91 11.36 -13.97
C ASP A 12 14.08 10.40 -14.09
N TYR A 13 15.05 10.58 -13.20
CA TYR A 13 16.23 9.73 -13.18
C TYR A 13 16.17 8.80 -11.97
N PRO A 14 16.40 7.49 -12.19
CA PRO A 14 16.37 6.50 -11.12
C PRO A 14 17.40 6.79 -10.03
N SER A 15 18.65 6.96 -10.45
CA SER A 15 19.76 7.24 -9.54
C SER A 15 19.96 6.14 -8.50
N PHE A 16 20.73 5.12 -8.86
CA PHE A 16 21.03 4.03 -7.95
C PHE A 16 22.31 3.31 -8.35
N ASP A 17 22.94 2.64 -7.40
CA ASP A 17 24.11 1.83 -7.67
C ASP A 17 24.28 0.79 -6.58
N LYS A 18 25.05 -0.25 -6.88
CA LYS A 18 25.28 -1.35 -5.95
C LYS A 18 25.88 -0.87 -4.63
N PHE A 19 25.32 -1.34 -3.53
CA PHE A 19 25.71 -0.86 -2.22
C PHE A 19 27.15 -1.29 -1.90
N LEU A 20 27.45 -2.60 -1.86
CA LEU A 20 26.49 -3.68 -1.95
C LEU A 20 26.79 -4.70 -0.86
N GLY A 21 27.07 -4.18 0.33
CA GLY A 21 27.60 -4.97 1.43
C GLY A 21 26.65 -6.04 1.96
N THR A 22 25.49 -6.17 1.35
CA THR A 22 24.55 -7.25 1.70
C THR A 22 24.05 -7.10 3.14
N GLU A 23 24.00 -5.85 3.60
CA GLU A 23 23.54 -5.56 4.95
C GLU A 23 22.03 -5.73 5.07
N ASN A 24 21.56 -5.73 6.31
CA ASN A 24 20.14 -5.72 6.59
C ASN A 24 19.67 -4.27 6.70
N ALA A 25 20.56 -3.37 6.28
CA ALA A 25 20.32 -1.93 6.29
C ALA A 25 19.14 -1.55 5.40
N GLU A 26 18.76 -2.45 4.50
CA GLU A 26 17.61 -2.23 3.64
C GLU A 26 16.35 -2.00 4.48
N LEU A 27 16.32 -2.61 5.66
CA LEU A 27 15.23 -2.41 6.60
C LEU A 27 15.31 -1.02 7.22
N VAL A 28 16.53 -0.56 7.46
CA VAL A 28 16.76 0.75 8.05
C VAL A 28 16.35 1.86 7.08
N TYR A 29 16.54 1.59 5.78
CA TYR A 29 16.13 2.52 4.75
C TYR A 29 14.60 2.58 4.67
N VAL A 30 13.94 1.51 5.07
CA VAL A 30 12.50 1.48 5.14
C VAL A 30 12.00 2.29 6.34
N LEU A 31 12.63 2.07 7.49
CA LEU A 31 12.20 2.69 8.75
C LEU A 31 12.11 4.21 8.64
N ARG A 32 10.89 4.72 8.51
CA ARG A 32 10.63 6.15 8.48
C ARG A 32 9.57 6.51 9.51
N HIS A 33 9.00 7.71 9.41
CA HIS A 33 8.00 8.17 10.35
C HIS A 33 6.59 7.98 9.79
N LYS A 34 5.59 8.17 10.63
CA LYS A 34 4.20 8.08 10.19
C LYS A 34 3.74 9.39 9.58
N HIS A 35 2.48 9.44 9.14
CA HIS A 35 1.93 10.63 8.49
C HIS A 35 0.40 10.63 8.56
N GLY A 36 -0.22 11.48 7.76
CA GLY A 36 -1.67 11.66 7.79
C GLY A 36 -2.47 10.38 7.58
N GLN A 37 -3.75 10.45 7.93
CA GLN A 37 -4.64 9.29 7.89
C GLN A 37 -4.91 8.82 6.46
N PHE A 38 -5.39 9.74 5.62
CA PHE A 38 -5.65 9.43 4.22
C PHE A 38 -4.74 10.25 3.33
N ILE A 39 -3.69 9.63 2.80
CA ILE A 39 -2.71 10.35 2.00
C ILE A 39 -2.57 9.74 0.62
N TYR A 40 -2.61 10.61 -0.39
CA TYR A 40 -2.41 10.21 -1.77
C TYR A 40 -1.19 10.93 -2.33
N VAL A 41 -0.23 10.17 -2.83
CA VAL A 41 0.98 10.74 -3.40
C VAL A 41 1.14 10.31 -4.85
N TRP A 42 1.82 11.13 -5.63
CA TRP A 42 2.04 10.84 -7.04
C TRP A 42 3.43 11.30 -7.48
N GLY A 43 4.29 10.34 -7.81
CA GLY A 43 5.62 10.68 -8.27
C GLY A 43 6.71 10.40 -7.25
N GLU A 44 6.80 11.24 -6.22
CA GLU A 44 7.89 11.19 -5.25
C GLU A 44 8.03 9.84 -4.54
N GLU A 45 6.94 9.08 -4.47
CA GLU A 45 6.97 7.80 -3.77
C GLU A 45 6.22 6.72 -4.56
N GLY A 46 5.00 7.04 -4.97
CA GLY A 46 4.19 6.10 -5.70
C GLY A 46 4.63 5.96 -7.15
N ALA A 47 5.76 5.32 -7.36
CA ALA A 47 6.29 5.11 -8.70
C ALA A 47 6.91 3.72 -8.80
N GLY A 48 6.45 2.83 -7.94
CA GLY A 48 7.01 1.50 -7.90
C GLY A 48 8.17 1.40 -6.93
N LYS A 49 8.09 2.17 -5.84
CA LYS A 49 9.12 2.15 -4.81
C LYS A 49 8.50 1.72 -3.48
N SER A 50 7.49 2.47 -3.05
CA SER A 50 6.62 2.06 -1.94
C SER A 50 7.37 1.91 -0.62
N HIS A 51 8.57 2.47 -0.52
CA HIS A 51 9.37 2.32 0.70
C HIS A 51 8.77 3.12 1.84
N LEU A 52 8.17 4.26 1.52
CA LEU A 52 7.49 5.06 2.53
C LEU A 52 6.19 4.38 2.93
N LEU A 53 5.59 3.66 1.98
CA LEU A 53 4.38 2.90 2.25
C LEU A 53 4.69 1.76 3.21
N GLN A 54 5.80 1.06 2.94
CA GLN A 54 6.23 -0.04 3.79
C GLN A 54 6.60 0.46 5.18
N ALA A 55 7.24 1.63 5.22
CA ALA A 55 7.59 2.27 6.49
C ALA A 55 6.35 2.49 7.33
N TRP A 56 5.34 3.06 6.70
CA TRP A 56 4.11 3.41 7.37
C TRP A 56 3.37 2.17 7.84
N VAL A 57 3.40 1.13 7.02
CA VAL A 57 2.79 -0.14 7.38
C VAL A 57 3.52 -0.76 8.57
N ALA A 58 4.85 -0.72 8.53
CA ALA A 58 5.67 -1.33 9.56
C ALA A 58 5.51 -0.64 10.91
N GLN A 59 5.48 0.69 10.92
CA GLN A 59 5.37 1.44 12.17
C GLN A 59 4.02 1.17 12.83
N ALA A 60 3.02 0.88 12.02
CA ALA A 60 1.70 0.52 12.55
C ALA A 60 1.73 -0.90 13.11
N LEU A 61 2.42 -1.79 12.40
CA LEU A 61 2.58 -3.18 12.82
C LEU A 61 3.26 -3.26 14.18
N GLU A 62 4.23 -2.37 14.41
CA GLU A 62 4.96 -2.33 15.68
C GLU A 62 4.04 -2.02 16.85
N ALA A 63 2.95 -1.32 16.58
CA ALA A 63 2.02 -0.94 17.63
C ALA A 63 1.02 -2.06 17.88
N GLY A 64 1.19 -3.16 17.18
CA GLY A 64 0.30 -4.28 17.34
C GLY A 64 -0.99 -4.11 16.56
N LYS A 65 -0.98 -3.16 15.63
CA LYS A 65 -2.15 -2.89 14.82
C LYS A 65 -1.95 -3.49 13.44
N ASN A 66 -3.05 -3.81 12.80
CA ASN A 66 -3.01 -4.47 11.51
C ASN A 66 -2.75 -3.47 10.39
N ALA A 67 -1.84 -3.82 9.50
CA ALA A 67 -1.44 -2.96 8.41
C ALA A 67 -0.87 -3.78 7.28
N ALA A 68 -1.17 -3.39 6.04
CA ALA A 68 -0.69 -4.11 4.89
C ALA A 68 -0.57 -3.20 3.67
N TYR A 69 0.41 -3.47 2.84
CA TYR A 69 0.58 -2.73 1.60
C TYR A 69 0.39 -3.69 0.43
N ILE A 70 -0.31 -3.25 -0.58
CA ILE A 70 -0.61 -4.09 -1.73
C ILE A 70 -0.22 -3.40 -3.04
N ASP A 71 0.51 -4.13 -3.87
CA ASP A 71 0.85 -3.65 -5.20
C ASP A 71 -0.33 -3.87 -6.12
N ALA A 72 -1.03 -2.80 -6.46
CA ALA A 72 -2.20 -2.91 -7.32
C ALA A 72 -1.82 -3.27 -8.76
N ALA A 73 -0.53 -3.48 -8.99
CA ALA A 73 -0.04 -3.88 -10.30
C ALA A 73 0.78 -5.16 -10.22
N SER A 74 0.76 -5.80 -9.06
CA SER A 74 1.53 -7.02 -8.84
C SER A 74 0.75 -8.03 -8.01
N MET A 75 -0.13 -7.54 -7.14
CA MET A 75 -0.90 -8.40 -6.25
C MET A 75 -2.37 -8.01 -6.29
N PRO A 76 -3.27 -8.99 -6.18
CA PRO A 76 -4.71 -8.74 -6.19
C PRO A 76 -5.24 -8.34 -4.81
N LEU A 77 -6.40 -7.72 -4.80
CA LEU A 77 -7.04 -7.34 -3.55
C LEU A 77 -7.96 -8.46 -3.08
N THR A 78 -8.04 -8.65 -1.77
CA THR A 78 -8.83 -9.70 -1.18
C THR A 78 -9.71 -9.17 -0.06
N ASP A 79 -10.70 -9.95 0.34
CA ASP A 79 -11.58 -9.57 1.44
C ASP A 79 -10.82 -9.58 2.76
N ALA A 80 -9.70 -10.30 2.78
CA ALA A 80 -8.83 -10.38 3.93
C ALA A 80 -8.30 -9.00 4.32
N ALA A 81 -8.26 -8.09 3.34
CA ALA A 81 -7.76 -6.74 3.55
C ALA A 81 -8.56 -6.00 4.62
N PHE A 82 -9.79 -6.43 4.87
CA PHE A 82 -10.65 -5.79 5.87
C PHE A 82 -10.14 -6.02 7.29
N GLU A 83 -9.20 -6.95 7.45
CA GLU A 83 -8.59 -7.19 8.75
C GLU A 83 -7.67 -6.05 9.12
N ALA A 84 -7.11 -5.41 8.10
CA ALA A 84 -6.13 -4.36 8.30
C ALA A 84 -6.80 -3.03 8.56
N GLU A 85 -6.23 -2.28 9.50
CA GLU A 85 -6.72 -0.94 9.80
C GLU A 85 -5.94 0.08 8.98
N TYR A 86 -4.68 -0.23 8.70
CA TYR A 86 -3.83 0.62 7.89
C TYR A 86 -3.58 -0.03 6.53
N LEU A 87 -4.09 0.56 5.47
CA LEU A 87 -3.93 0.02 4.12
C LEU A 87 -3.08 0.94 3.25
N ALA A 88 -2.15 0.36 2.50
CA ALA A 88 -1.34 1.10 1.55
C ALA A 88 -1.44 0.46 0.17
N VAL A 89 -1.80 1.24 -0.82
CA VAL A 89 -1.99 0.72 -2.18
C VAL A 89 -1.14 1.50 -3.18
N ASP A 90 -0.18 0.82 -3.78
CA ASP A 90 0.70 1.43 -4.77
C ASP A 90 0.33 0.92 -6.16
N GLN A 91 0.56 1.75 -7.18
CA GLN A 91 0.27 1.39 -8.57
C GLN A 91 -1.23 1.25 -8.80
N VAL A 92 -2.02 2.03 -8.08
CA VAL A 92 -3.47 2.00 -8.26
C VAL A 92 -3.86 2.63 -9.59
N GLU A 93 -4.50 1.82 -10.42
CA GLU A 93 -4.96 2.20 -11.76
C GLU A 93 -5.48 0.96 -12.45
N LYS A 94 -4.85 -0.18 -12.13
CA LYS A 94 -5.18 -1.45 -12.74
C LYS A 94 -6.28 -2.17 -11.98
N LEU A 95 -6.99 -1.46 -11.09
CA LEU A 95 -8.15 -2.04 -10.43
C LEU A 95 -9.20 -2.42 -11.47
N GLY A 96 -9.74 -3.61 -11.35
CA GLY A 96 -10.66 -4.11 -12.35
C GLY A 96 -12.12 -3.92 -11.99
N ASN A 97 -12.66 -4.84 -11.21
CA ASN A 97 -14.08 -4.83 -10.92
C ASN A 97 -14.35 -5.19 -9.45
N GLU A 98 -14.17 -6.45 -9.11
CA GLU A 98 -14.45 -6.93 -7.77
C GLU A 98 -13.54 -6.25 -6.76
N GLU A 99 -12.27 -6.16 -7.10
CA GLU A 99 -11.28 -5.56 -6.22
C GLU A 99 -11.57 -4.08 -6.04
N GLN A 100 -12.11 -3.47 -7.08
CA GLN A 100 -12.43 -2.05 -7.04
C GLN A 100 -13.64 -1.81 -6.15
N ALA A 101 -14.64 -2.67 -6.26
CA ALA A 101 -15.81 -2.60 -5.40
C ALA A 101 -15.43 -2.94 -3.96
N LEU A 102 -14.50 -3.88 -3.82
CA LEU A 102 -13.95 -4.25 -2.52
C LEU A 102 -13.28 -3.03 -1.89
N LEU A 103 -12.43 -2.37 -2.67
CA LEU A 103 -11.76 -1.16 -2.24
C LEU A 103 -12.78 -0.08 -1.85
N PHE A 104 -13.81 0.07 -2.67
CA PHE A 104 -14.92 0.98 -2.40
C PHE A 104 -15.55 0.68 -1.03
N SER A 105 -15.80 -0.61 -0.77
CA SER A 105 -16.36 -1.04 0.49
C SER A 105 -15.41 -0.70 1.65
N ILE A 106 -14.12 -0.83 1.39
CA ILE A 106 -13.10 -0.44 2.36
C ILE A 106 -13.25 1.04 2.71
N PHE A 107 -13.41 1.88 1.69
CA PHE A 107 -13.63 3.31 1.89
C PHE A 107 -14.86 3.55 2.77
N ASN A 108 -15.93 2.81 2.50
CA ASN A 108 -17.15 2.93 3.28
C ASN A 108 -16.90 2.54 4.73
N ARG A 109 -16.24 1.40 4.94
CA ARG A 109 -15.95 0.92 6.29
C ARG A 109 -15.10 1.94 7.05
N PHE A 110 -14.24 2.63 6.33
CA PHE A 110 -13.41 3.67 6.93
C PHE A 110 -14.26 4.87 7.34
N ARG A 111 -14.99 5.42 6.38
CA ARG A 111 -15.78 6.63 6.59
C ARG A 111 -16.93 6.38 7.57
N ASN A 112 -17.48 5.18 7.52
CA ASN A 112 -18.59 4.79 8.39
C ASN A 112 -18.16 4.76 9.84
N SER A 113 -17.07 4.05 10.10
CA SER A 113 -16.60 3.83 11.46
C SER A 113 -15.95 5.08 12.04
N GLY A 114 -15.36 5.91 11.18
CA GLY A 114 -14.61 7.04 11.66
C GLY A 114 -13.19 6.63 11.91
N LYS A 115 -12.80 5.59 11.19
CA LYS A 115 -11.50 4.96 11.32
C LYS A 115 -10.90 4.79 9.94
N GLY A 116 -9.88 3.96 9.86
CA GLY A 116 -9.31 3.62 8.58
C GLY A 116 -8.17 4.52 8.19
N PHE A 117 -7.04 3.93 7.89
CA PHE A 117 -5.88 4.65 7.43
C PHE A 117 -5.52 4.18 6.04
N LEU A 118 -5.29 5.10 5.12
CA LEU A 118 -5.07 4.74 3.74
C LEU A 118 -3.95 5.58 3.12
N LEU A 119 -3.15 4.93 2.30
CA LEU A 119 -2.05 5.57 1.62
C LEU A 119 -1.94 5.03 0.20
N LEU A 120 -2.14 5.89 -0.79
CA LEU A 120 -2.11 5.45 -2.19
C LEU A 120 -1.04 6.21 -2.96
N GLY A 121 -0.47 5.54 -3.96
CA GLY A 121 0.52 6.17 -4.79
C GLY A 121 0.42 5.74 -6.24
N SER A 122 0.51 6.69 -7.15
CA SER A 122 0.50 6.40 -8.58
C SER A 122 1.19 7.53 -9.34
N GLU A 123 1.04 7.54 -10.66
CA GLU A 123 1.78 8.49 -11.50
C GLU A 123 0.91 9.63 -12.02
N TYR A 124 -0.40 9.59 -11.75
CA TYR A 124 -1.28 10.56 -12.39
C TYR A 124 -2.06 11.41 -11.38
N THR A 125 -3.22 10.92 -10.97
CA THR A 125 -4.10 11.64 -10.02
C THR A 125 -5.39 10.84 -9.79
N PRO A 126 -6.04 11.02 -8.62
CA PRO A 126 -7.19 10.18 -8.23
C PRO A 126 -8.44 10.46 -9.05
N GLN A 127 -8.57 11.68 -9.55
CA GLN A 127 -9.75 12.07 -10.30
C GLN A 127 -9.48 12.03 -11.80
N GLN A 128 -8.30 11.59 -12.18
CA GLN A 128 -7.93 11.52 -13.58
C GLN A 128 -7.71 10.06 -14.02
N LEU A 129 -7.55 9.19 -13.03
CA LEU A 129 -7.35 7.76 -13.31
C LEU A 129 -8.63 7.13 -13.83
N VAL A 130 -8.47 6.07 -14.62
CA VAL A 130 -9.62 5.36 -15.18
C VAL A 130 -10.25 4.47 -14.12
N ILE A 131 -11.23 5.00 -13.43
CA ILE A 131 -11.97 4.27 -12.42
C ILE A 131 -13.44 4.65 -12.50
N ARG A 132 -14.27 3.95 -11.75
CA ARG A 132 -15.70 4.20 -11.75
C ARG A 132 -16.00 5.43 -10.89
N GLU A 133 -17.11 6.10 -11.15
CA GLU A 133 -17.42 7.35 -10.45
C GLU A 133 -17.71 7.13 -8.97
N ASP A 134 -18.11 5.91 -8.62
CA ASP A 134 -18.43 5.59 -7.23
C ASP A 134 -17.16 5.57 -6.39
N LEU A 135 -16.08 5.06 -6.98
CA LEU A 135 -14.79 5.02 -6.30
C LEU A 135 -14.12 6.38 -6.37
N ARG A 136 -14.23 7.05 -7.52
CA ARG A 136 -13.56 8.32 -7.73
C ARG A 136 -14.01 9.38 -6.73
N THR A 137 -15.29 9.35 -6.37
CA THR A 137 -15.82 10.29 -5.40
C THR A 137 -15.25 10.03 -4.00
N ARG A 138 -14.96 8.77 -3.72
CA ARG A 138 -14.36 8.39 -2.45
C ARG A 138 -12.90 8.79 -2.38
N MET A 139 -12.26 8.88 -3.55
CA MET A 139 -10.86 9.26 -3.63
C MET A 139 -10.66 10.70 -3.16
N ALA A 140 -11.74 11.46 -3.12
CA ALA A 140 -11.70 12.85 -2.69
C ALA A 140 -11.51 12.97 -1.18
N TYR A 141 -11.75 11.87 -0.46
CA TYR A 141 -11.60 11.86 0.99
C TYR A 141 -10.13 11.72 1.39
N CYS A 142 -9.29 11.41 0.42
CA CYS A 142 -7.87 11.29 0.65
C CYS A 142 -7.19 12.60 0.31
N LEU A 143 -6.24 13.00 1.13
CA LEU A 143 -5.50 14.23 0.91
C LEU A 143 -4.43 14.03 -0.14
N VAL A 144 -4.08 15.13 -0.76
CA VAL A 144 -3.04 15.13 -1.77
C VAL A 144 -1.80 15.80 -1.21
N TYR A 145 -0.74 15.03 -1.06
CA TYR A 145 0.48 15.54 -0.48
C TYR A 145 1.66 15.40 -1.43
N GLU A 146 2.27 16.53 -1.70
CA GLU A 146 3.50 16.58 -2.47
C GLU A 146 4.62 17.00 -1.54
N VAL A 147 5.74 16.29 -1.57
CA VAL A 147 6.85 16.58 -0.66
C VAL A 147 7.75 17.65 -1.26
N LYS A 148 7.32 18.18 -2.39
CA LYS A 148 8.01 19.28 -3.05
C LYS A 148 7.95 20.52 -2.19
N PRO A 149 9.10 21.20 -1.99
CA PRO A 149 9.20 22.38 -1.13
C PRO A 149 8.21 23.47 -1.51
N MET A 1 -39.21 3.36 18.09
CA MET A 1 -39.32 3.17 16.63
C MET A 1 -38.50 1.98 16.18
N GLY A 2 -37.44 1.66 16.92
CA GLY A 2 -36.64 0.51 16.58
C GLY A 2 -35.16 0.82 16.54
N HIS A 3 -34.36 -0.09 17.09
CA HIS A 3 -32.91 0.03 17.07
C HIS A 3 -32.29 -1.36 17.08
N HIS A 4 -31.90 -1.83 15.92
CA HIS A 4 -31.35 -3.18 15.77
C HIS A 4 -29.84 -3.13 15.81
N HIS A 5 -29.20 -4.25 16.13
CA HIS A 5 -27.76 -4.29 16.23
C HIS A 5 -27.22 -5.70 15.96
N HIS A 6 -26.23 -5.78 15.08
CA HIS A 6 -25.54 -7.03 14.79
C HIS A 6 -24.04 -6.84 14.96
N HIS A 7 -23.27 -7.90 14.75
CA HIS A 7 -21.82 -7.81 14.76
C HIS A 7 -21.21 -9.08 14.18
N HIS A 8 -20.31 -8.92 13.22
CA HIS A 8 -19.59 -10.04 12.66
C HIS A 8 -18.19 -10.08 13.27
N SER A 9 -18.04 -10.88 14.31
CA SER A 9 -16.79 -10.93 15.06
C SER A 9 -16.16 -12.31 14.97
N HIS A 10 -15.13 -12.43 14.15
CA HIS A 10 -14.39 -13.68 14.03
C HIS A 10 -12.92 -13.38 13.77
N MET A 11 -12.11 -13.40 14.82
CA MET A 11 -10.71 -13.06 14.71
C MET A 11 -9.84 -14.10 15.41
N ASP A 12 -8.97 -14.72 14.64
CA ASP A 12 -8.04 -15.72 15.16
C ASP A 12 -6.73 -15.64 14.38
N TYR A 13 -5.67 -15.25 15.07
CA TYR A 13 -4.37 -15.05 14.42
C TYR A 13 -3.65 -16.38 14.23
N PRO A 14 -2.92 -16.52 13.11
CA PRO A 14 -2.12 -17.72 12.84
C PRO A 14 -0.93 -17.83 13.79
N SER A 15 -0.80 -18.99 14.42
CA SER A 15 0.28 -19.22 15.36
C SER A 15 1.53 -19.68 14.62
N PHE A 16 2.63 -18.98 14.86
CA PHE A 16 3.89 -19.32 14.22
C PHE A 16 5.02 -19.23 15.24
N ASP A 17 6.23 -19.62 14.85
CA ASP A 17 7.36 -19.55 15.75
C ASP A 17 8.64 -19.27 14.97
N LYS A 18 9.49 -18.44 15.57
CA LYS A 18 10.80 -18.08 15.02
C LYS A 18 11.39 -16.97 15.87
N PHE A 19 12.66 -16.66 15.69
CA PHE A 19 13.24 -15.50 16.31
C PHE A 19 14.03 -14.77 15.22
N LEU A 20 15.13 -15.33 14.70
CA LEU A 20 15.95 -16.36 15.35
C LEU A 20 17.19 -15.66 15.90
N GLY A 21 17.27 -14.38 15.57
CA GLY A 21 18.35 -13.52 15.99
C GLY A 21 18.04 -12.10 15.56
N THR A 22 17.91 -11.19 16.51
CA THR A 22 17.38 -9.87 16.23
C THR A 22 18.25 -9.07 15.28
N GLU A 23 17.67 -8.72 14.14
CA GLU A 23 18.28 -7.83 13.16
C GLU A 23 17.17 -7.16 12.35
N ASN A 24 16.92 -5.90 12.65
CA ASN A 24 15.84 -5.16 12.00
C ASN A 24 16.42 -4.17 10.98
N ALA A 25 17.74 -4.25 10.80
CA ALA A 25 18.48 -3.31 9.96
C ALA A 25 17.88 -3.17 8.56
N GLU A 26 17.37 -4.28 8.03
CA GLU A 26 16.78 -4.27 6.70
C GLU A 26 15.53 -3.39 6.66
N LEU A 27 14.72 -3.49 7.70
CA LEU A 27 13.50 -2.72 7.79
C LEU A 27 13.81 -1.27 8.17
N VAL A 28 14.82 -1.10 9.03
CA VAL A 28 15.26 0.23 9.44
C VAL A 28 15.63 1.08 8.23
N TYR A 29 16.23 0.45 7.22
CA TYR A 29 16.62 1.13 6.00
C TYR A 29 15.40 1.72 5.29
N VAL A 30 14.28 0.99 5.33
CA VAL A 30 13.08 1.41 4.63
C VAL A 30 12.40 2.56 5.37
N LEU A 31 12.44 2.51 6.70
CA LEU A 31 11.77 3.49 7.55
C LEU A 31 12.22 4.92 7.26
N ARG A 32 11.37 5.68 6.58
CA ARG A 32 11.61 7.08 6.31
C ARG A 32 10.34 7.91 6.48
N HIS A 33 10.13 8.41 7.70
CA HIS A 33 9.00 9.28 8.02
C HIS A 33 7.66 8.54 7.94
N LYS A 34 6.59 9.22 8.33
CA LYS A 34 5.24 8.68 8.21
C LYS A 34 4.38 9.60 7.34
N HIS A 35 3.10 9.29 7.23
CA HIS A 35 2.19 10.09 6.41
C HIS A 35 0.87 10.29 7.14
N GLY A 36 -0.04 11.04 6.52
CA GLY A 36 -1.33 11.34 7.14
C GLY A 36 -2.30 10.18 7.07
N GLN A 37 -3.57 10.46 7.31
CA GLN A 37 -4.60 9.43 7.32
C GLN A 37 -5.00 9.04 5.91
N PHE A 38 -5.80 9.88 5.27
CA PHE A 38 -6.19 9.66 3.88
C PHE A 38 -5.28 10.47 2.98
N ILE A 39 -4.27 9.81 2.42
CA ILE A 39 -3.28 10.51 1.61
C ILE A 39 -3.17 9.88 0.23
N TYR A 40 -3.46 10.66 -0.79
CA TYR A 40 -3.29 10.23 -2.16
C TYR A 40 -2.14 11.00 -2.79
N VAL A 41 -1.07 10.31 -3.11
CA VAL A 41 0.09 10.94 -3.72
C VAL A 41 0.20 10.53 -5.17
N TRP A 42 0.41 11.51 -6.04
CA TRP A 42 0.56 11.24 -7.45
C TRP A 42 1.98 11.58 -7.90
N GLY A 43 2.64 10.57 -8.45
CA GLY A 43 3.99 10.73 -8.92
C GLY A 43 4.42 9.53 -9.74
N GLU A 44 4.82 9.75 -10.97
CA GLU A 44 5.16 8.68 -11.88
C GLU A 44 6.38 7.90 -11.37
N GLU A 45 7.32 8.63 -10.77
CA GLU A 45 8.47 8.02 -10.12
C GLU A 45 9.20 9.09 -9.29
N GLY A 46 10.21 8.69 -8.53
CA GLY A 46 10.95 9.63 -7.72
C GLY A 46 11.65 8.98 -6.56
N ALA A 47 10.93 8.83 -5.45
CA ALA A 47 11.51 8.22 -4.25
C ALA A 47 11.02 6.78 -4.08
N GLY A 48 10.27 6.30 -5.05
CA GLY A 48 9.72 4.96 -4.96
C GLY A 48 8.40 4.92 -4.22
N LYS A 49 7.33 4.64 -4.96
CA LYS A 49 5.99 4.62 -4.38
C LYS A 49 5.93 3.59 -3.25
N SER A 50 6.24 2.35 -3.61
CA SER A 50 6.16 1.23 -2.69
C SER A 50 7.05 1.47 -1.47
N HIS A 51 8.19 2.11 -1.68
CA HIS A 51 9.14 2.38 -0.60
C HIS A 51 8.53 3.32 0.44
N LEU A 52 7.88 4.39 -0.03
CA LEU A 52 7.28 5.37 0.86
C LEU A 52 6.06 4.77 1.59
N LEU A 53 5.41 3.83 0.94
CA LEU A 53 4.24 3.15 1.51
C LEU A 53 4.66 2.17 2.61
N GLN A 54 5.65 1.34 2.32
CA GLN A 54 6.07 0.29 3.24
C GLN A 54 6.66 0.86 4.52
N ALA A 55 7.39 1.96 4.40
CA ALA A 55 7.95 2.65 5.57
C ALA A 55 6.82 3.10 6.50
N TRP A 56 5.75 3.59 5.91
CA TRP A 56 4.59 4.08 6.64
C TRP A 56 3.90 2.94 7.37
N VAL A 57 3.77 1.81 6.68
CA VAL A 57 3.14 0.62 7.24
C VAL A 57 3.94 0.10 8.44
N ALA A 58 5.24 -0.02 8.28
CA ALA A 58 6.10 -0.55 9.34
C ALA A 58 6.09 0.37 10.56
N GLN A 59 6.00 1.67 10.32
CA GLN A 59 5.93 2.66 11.41
C GLN A 59 4.67 2.43 12.24
N ALA A 60 3.56 2.22 11.56
CA ALA A 60 2.29 1.97 12.22
C ALA A 60 2.32 0.64 12.97
N LEU A 61 2.94 -0.37 12.35
CA LEU A 61 3.04 -1.69 12.95
C LEU A 61 3.75 -1.64 14.30
N GLU A 62 4.90 -0.96 14.33
CA GLU A 62 5.68 -0.87 15.57
C GLU A 62 5.00 0.03 16.59
N ALA A 63 4.14 0.93 16.10
CA ALA A 63 3.39 1.83 16.98
C ALA A 63 2.24 1.09 17.67
N GLY A 64 2.00 -0.14 17.24
CA GLY A 64 0.95 -0.93 17.85
C GLY A 64 -0.35 -0.82 17.10
N LYS A 65 -0.29 -0.44 15.84
CA LYS A 65 -1.46 -0.31 15.00
C LYS A 65 -1.55 -1.48 14.04
N ASN A 66 -2.61 -1.50 13.24
CA ASN A 66 -2.73 -2.50 12.19
C ASN A 66 -2.39 -1.84 10.86
N ALA A 67 -1.59 -2.50 10.06
CA ALA A 67 -1.12 -1.91 8.82
C ALA A 67 -0.78 -2.99 7.79
N ALA A 68 -1.22 -2.76 6.56
CA ALA A 68 -0.92 -3.67 5.45
C ALA A 68 -0.60 -2.89 4.18
N TYR A 69 0.34 -3.40 3.41
CA TYR A 69 0.73 -2.80 2.15
C TYR A 69 0.43 -3.76 1.00
N ILE A 70 -0.21 -3.25 -0.02
CA ILE A 70 -0.53 -4.04 -1.21
C ILE A 70 -0.12 -3.29 -2.47
N ASP A 71 0.80 -3.87 -3.22
CA ASP A 71 1.25 -3.28 -4.47
C ASP A 71 0.64 -4.02 -5.64
N ALA A 72 -0.29 -3.37 -6.32
CA ALA A 72 -1.11 -4.01 -7.35
C ALA A 72 -0.28 -4.67 -8.45
N ALA A 73 0.93 -4.16 -8.67
CA ALA A 73 1.78 -4.67 -9.73
C ALA A 73 2.49 -5.95 -9.32
N SER A 74 2.31 -6.37 -8.08
CA SER A 74 2.93 -7.60 -7.59
C SER A 74 1.92 -8.45 -6.83
N MET A 75 0.95 -7.80 -6.20
CA MET A 75 -0.03 -8.47 -5.37
C MET A 75 -1.44 -7.97 -5.69
N PRO A 76 -2.44 -8.87 -5.63
CA PRO A 76 -3.84 -8.49 -5.83
C PRO A 76 -4.47 -7.95 -4.56
N LEU A 77 -5.61 -7.27 -4.70
CA LEU A 77 -6.33 -6.76 -3.56
C LEU A 77 -7.14 -7.89 -2.92
N THR A 78 -7.24 -7.88 -1.61
CA THR A 78 -7.89 -8.96 -0.90
C THR A 78 -8.87 -8.42 0.13
N ASP A 79 -9.83 -9.24 0.52
CA ASP A 79 -10.82 -8.88 1.53
C ASP A 79 -10.18 -8.94 2.91
N ALA A 80 -8.99 -9.53 2.99
CA ALA A 80 -8.23 -9.58 4.24
C ALA A 80 -7.77 -8.20 4.65
N ALA A 81 -7.63 -7.30 3.67
CA ALA A 81 -7.18 -5.94 3.91
C ALA A 81 -8.14 -5.18 4.83
N PHE A 82 -9.35 -5.69 4.98
CA PHE A 82 -10.37 -5.07 5.83
C PHE A 82 -9.95 -5.04 7.30
N GLU A 83 -9.06 -5.94 7.68
CA GLU A 83 -8.63 -6.04 9.07
C GLU A 83 -7.63 -4.95 9.41
N ALA A 84 -6.84 -4.55 8.43
CA ALA A 84 -5.80 -3.55 8.61
C ALA A 84 -6.38 -2.15 8.48
N GLU A 85 -6.26 -1.37 9.54
CA GLU A 85 -6.76 -0.01 9.54
C GLU A 85 -5.85 0.87 8.69
N TYR A 86 -4.55 0.66 8.79
CA TYR A 86 -3.58 1.33 7.92
C TYR A 86 -3.43 0.53 6.62
N LEU A 87 -3.92 1.06 5.52
CA LEU A 87 -3.87 0.36 4.25
C LEU A 87 -3.11 1.18 3.21
N ALA A 88 -2.04 0.61 2.69
CA ALA A 88 -1.26 1.28 1.65
C ALA A 88 -1.38 0.53 0.33
N VAL A 89 -1.87 1.22 -0.69
CA VAL A 89 -2.07 0.60 -2.00
C VAL A 89 -1.16 1.25 -3.04
N ASP A 90 -0.30 0.43 -3.64
CA ASP A 90 0.61 0.89 -4.68
C ASP A 90 -0.01 0.71 -6.05
N GLN A 91 -0.03 1.78 -6.84
CA GLN A 91 -0.57 1.77 -8.19
C GLN A 91 -2.06 1.44 -8.19
N VAL A 92 -2.84 2.35 -7.59
CA VAL A 92 -4.28 2.18 -7.48
C VAL A 92 -4.96 2.19 -8.85
N GLU A 93 -4.37 2.97 -9.77
CA GLU A 93 -4.92 3.10 -11.12
C GLU A 93 -4.78 1.80 -11.91
N LYS A 94 -4.04 0.84 -11.37
CA LYS A 94 -3.85 -0.44 -12.01
C LYS A 94 -4.95 -1.44 -11.62
N LEU A 95 -5.85 -1.02 -10.74
CA LEU A 95 -6.95 -1.88 -10.30
C LEU A 95 -8.08 -1.84 -11.31
N GLY A 96 -8.63 -3.01 -11.61
CA GLY A 96 -9.64 -3.10 -12.64
C GLY A 96 -11.06 -3.02 -12.11
N ASN A 97 -11.77 -4.13 -12.18
CA ASN A 97 -13.20 -4.15 -11.89
C ASN A 97 -13.49 -4.53 -10.44
N GLU A 98 -13.20 -5.79 -10.09
CA GLU A 98 -13.51 -6.30 -8.77
C GLU A 98 -12.68 -5.59 -7.70
N GLU A 99 -11.45 -5.27 -8.05
CA GLU A 99 -10.53 -4.59 -7.16
C GLU A 99 -11.08 -3.22 -6.76
N GLN A 100 -11.68 -2.53 -7.74
CA GLN A 100 -12.26 -1.21 -7.50
C GLN A 100 -13.47 -1.31 -6.57
N ALA A 101 -14.29 -2.33 -6.79
CA ALA A 101 -15.48 -2.54 -5.97
C ALA A 101 -15.07 -2.91 -4.54
N LEU A 102 -14.02 -3.71 -4.43
CA LEU A 102 -13.51 -4.14 -3.13
C LEU A 102 -12.98 -2.93 -2.37
N LEU A 103 -12.15 -2.13 -3.03
CA LEU A 103 -11.56 -0.93 -2.45
C LEU A 103 -12.66 0.02 -1.94
N PHE A 104 -13.75 0.12 -2.69
CA PHE A 104 -14.89 0.95 -2.29
C PHE A 104 -15.41 0.53 -0.92
N SER A 105 -15.55 -0.77 -0.73
CA SER A 105 -16.02 -1.32 0.52
C SER A 105 -15.02 -1.09 1.65
N ILE A 106 -13.73 -1.07 1.31
CA ILE A 106 -12.69 -0.77 2.27
C ILE A 106 -12.88 0.63 2.85
N PHE A 107 -13.07 1.62 1.97
CA PHE A 107 -13.35 2.97 2.39
C PHE A 107 -14.64 3.02 3.21
N ASN A 108 -15.61 2.21 2.81
CA ASN A 108 -16.91 2.16 3.47
C ASN A 108 -16.76 1.69 4.92
N ARG A 109 -15.99 0.62 5.13
CA ARG A 109 -15.78 0.08 6.48
C ARG A 109 -15.06 1.10 7.36
N PHE A 110 -14.04 1.75 6.81
CA PHE A 110 -13.27 2.72 7.58
C PHE A 110 -14.13 3.92 7.98
N ARG A 111 -14.96 4.38 7.05
CA ARG A 111 -15.91 5.45 7.35
C ARG A 111 -16.87 5.03 8.45
N ASN A 112 -17.17 3.74 8.49
CA ASN A 112 -18.11 3.20 9.46
C ASN A 112 -17.49 3.06 10.85
N SER A 113 -16.26 2.55 10.91
CA SER A 113 -15.59 2.34 12.20
C SER A 113 -15.04 3.65 12.75
N GLY A 114 -14.42 4.44 11.91
CA GLY A 114 -13.90 5.73 12.33
C GLY A 114 -12.42 5.80 12.11
N LYS A 115 -11.79 4.64 12.17
CA LYS A 115 -10.38 4.49 11.89
C LYS A 115 -10.16 4.23 10.42
N GLY A 116 -8.95 3.82 10.07
CA GLY A 116 -8.65 3.59 8.67
C GLY A 116 -7.79 4.69 8.09
N PHE A 117 -6.63 4.30 7.63
CA PHE A 117 -5.67 5.21 7.03
C PHE A 117 -5.35 4.73 5.61
N LEU A 118 -5.65 5.54 4.62
CA LEU A 118 -5.43 5.16 3.23
C LEU A 118 -4.25 5.89 2.63
N LEU A 119 -3.18 5.17 2.38
CA LEU A 119 -2.05 5.72 1.66
C LEU A 119 -2.04 5.18 0.24
N LEU A 120 -2.48 6.02 -0.68
CA LEU A 120 -2.62 5.62 -2.07
C LEU A 120 -1.55 6.26 -2.92
N GLY A 121 -0.64 5.45 -3.42
CA GLY A 121 0.42 5.96 -4.27
C GLY A 121 0.22 5.55 -5.71
N SER A 122 0.03 6.52 -6.59
CA SER A 122 -0.24 6.25 -7.98
C SER A 122 0.49 7.26 -8.86
N GLU A 123 0.36 7.13 -10.18
CA GLU A 123 1.04 8.03 -11.09
C GLU A 123 0.24 9.33 -11.27
N TYR A 124 -1.05 9.19 -11.53
CA TYR A 124 -1.88 10.36 -11.80
C TYR A 124 -2.99 10.48 -10.76
N THR A 125 -3.83 11.49 -10.91
CA THR A 125 -4.86 11.79 -9.92
C THR A 125 -6.18 11.09 -10.22
N PRO A 126 -7.01 10.83 -9.18
CA PRO A 126 -8.20 9.99 -9.30
C PRO A 126 -9.28 10.62 -10.16
N GLN A 127 -9.37 11.94 -10.13
CA GLN A 127 -10.41 12.65 -10.86
C GLN A 127 -9.99 12.90 -12.30
N GLN A 128 -8.80 12.44 -12.66
CA GLN A 128 -8.30 12.52 -14.02
C GLN A 128 -8.18 11.12 -14.61
N LEU A 129 -8.40 10.12 -13.77
CA LEU A 129 -8.34 8.73 -14.18
C LEU A 129 -9.73 8.22 -14.53
N VAL A 130 -9.79 7.16 -15.32
CA VAL A 130 -11.05 6.58 -15.74
C VAL A 130 -11.53 5.57 -14.69
N ILE A 131 -12.23 6.09 -13.69
CA ILE A 131 -12.80 5.25 -12.64
C ILE A 131 -14.28 5.58 -12.45
N ARG A 132 -14.96 4.78 -11.64
CA ARG A 132 -16.39 4.95 -11.44
C ARG A 132 -16.69 6.02 -10.40
N GLU A 133 -17.88 6.60 -10.50
CA GLU A 133 -18.32 7.67 -9.60
C GLU A 133 -18.21 7.24 -8.14
N ASP A 134 -18.57 5.98 -7.89
CA ASP A 134 -18.55 5.43 -6.54
C ASP A 134 -17.17 5.57 -5.91
N LEU A 135 -16.15 5.25 -6.67
CA LEU A 135 -14.78 5.32 -6.17
C LEU A 135 -14.27 6.75 -6.18
N ARG A 136 -14.57 7.48 -7.26
CA ARG A 136 -14.07 8.84 -7.43
C ARG A 136 -14.56 9.76 -6.32
N THR A 137 -15.80 9.57 -5.88
CA THR A 137 -16.36 10.39 -4.81
C THR A 137 -15.68 10.10 -3.47
N ARG A 138 -15.33 8.84 -3.24
CA ARG A 138 -14.66 8.44 -2.02
C ARG A 138 -13.20 8.85 -2.03
N MET A 139 -12.66 9.09 -3.21
CA MET A 139 -11.29 9.57 -3.35
C MET A 139 -11.16 11.00 -2.83
N ALA A 140 -12.28 11.70 -2.76
CA ALA A 140 -12.29 13.08 -2.30
C ALA A 140 -11.97 13.18 -0.81
N TYR A 141 -12.07 12.05 -0.10
CA TYR A 141 -11.74 12.01 1.32
C TYR A 141 -10.24 12.05 1.52
N CYS A 142 -9.50 11.71 0.48
CA CYS A 142 -8.06 11.64 0.55
C CYS A 142 -7.44 12.96 0.14
N LEU A 143 -6.50 13.42 0.94
CA LEU A 143 -5.75 14.63 0.64
C LEU A 143 -4.80 14.35 -0.51
N VAL A 144 -4.46 15.39 -1.25
CA VAL A 144 -3.61 15.23 -2.42
C VAL A 144 -2.24 15.84 -2.19
N TYR A 145 -1.23 15.00 -2.21
CA TYR A 145 0.15 15.46 -2.10
C TYR A 145 0.89 15.18 -3.40
N GLU A 146 1.41 16.22 -3.99
CA GLU A 146 2.20 16.10 -5.21
C GLU A 146 3.68 15.97 -4.89
N VAL A 147 4.27 14.87 -5.34
CA VAL A 147 5.71 14.67 -5.16
C VAL A 147 6.46 15.56 -6.15
N LYS A 148 6.20 15.34 -7.43
CA LYS A 148 6.77 16.13 -8.51
C LYS A 148 6.27 15.58 -9.84
N PRO A 149 5.43 16.35 -10.55
CA PRO A 149 4.89 15.95 -11.85
C PRO A 149 5.91 16.06 -12.96
N MET A 1 -17.00 7.44 -27.93
CA MET A 1 -16.75 6.30 -28.83
C MET A 1 -15.39 6.44 -29.51
N GLY A 2 -14.50 5.54 -29.15
CA GLY A 2 -13.15 5.56 -29.66
C GLY A 2 -12.20 4.90 -28.69
N HIS A 3 -12.26 3.58 -28.64
CA HIS A 3 -11.59 2.83 -27.59
C HIS A 3 -10.78 1.69 -28.17
N HIS A 4 -9.46 1.86 -28.22
CA HIS A 4 -8.57 0.81 -28.70
C HIS A 4 -7.63 0.39 -27.57
N HIS A 5 -8.06 -0.58 -26.79
CA HIS A 5 -7.28 -1.06 -25.66
C HIS A 5 -6.58 -2.36 -26.04
N HIS A 6 -5.44 -2.24 -26.69
CA HIS A 6 -4.69 -3.41 -27.12
C HIS A 6 -3.21 -3.26 -26.81
N HIS A 7 -2.85 -3.53 -25.56
CA HIS A 7 -1.47 -3.49 -25.09
C HIS A 7 -1.41 -3.84 -23.61
N HIS A 8 -0.35 -4.53 -23.21
CA HIS A 8 -0.10 -4.82 -21.80
C HIS A 8 1.33 -5.32 -21.63
N SER A 9 2.04 -4.76 -20.68
CA SER A 9 3.41 -5.17 -20.42
C SER A 9 3.45 -6.22 -19.31
N HIS A 10 4.51 -7.02 -19.28
CA HIS A 10 4.70 -8.01 -18.24
C HIS A 10 6.07 -7.79 -17.60
N MET A 11 7.09 -8.40 -18.23
CA MET A 11 8.50 -8.24 -17.81
C MET A 11 8.66 -8.18 -16.28
N ASP A 12 8.70 -9.34 -15.65
CA ASP A 12 8.79 -9.42 -14.20
C ASP A 12 9.90 -10.37 -13.78
N TYR A 13 10.65 -9.97 -12.76
CA TYR A 13 11.71 -10.79 -12.22
C TYR A 13 11.77 -10.67 -10.71
N PRO A 14 11.14 -11.61 -9.98
CA PRO A 14 11.17 -11.64 -8.52
C PRO A 14 12.56 -11.96 -7.99
N SER A 15 12.95 -11.30 -6.90
CA SER A 15 14.25 -11.52 -6.30
C SER A 15 14.22 -12.71 -5.35
N PHE A 16 14.69 -13.86 -5.82
CA PHE A 16 14.68 -15.07 -5.03
C PHE A 16 15.96 -15.18 -4.20
N ASP A 17 16.17 -14.20 -3.32
CA ASP A 17 17.33 -14.17 -2.43
C ASP A 17 17.23 -13.00 -1.46
N LYS A 18 16.76 -13.29 -0.25
CA LYS A 18 16.63 -12.28 0.79
C LYS A 18 16.28 -12.95 2.11
N PHE A 19 16.34 -12.21 3.20
CA PHE A 19 15.89 -12.72 4.49
C PHE A 19 15.38 -11.53 5.29
N LEU A 20 16.22 -10.59 5.75
CA LEU A 20 17.67 -10.77 5.94
C LEU A 20 17.99 -10.56 7.42
N GLY A 21 18.63 -11.54 8.03
CA GLY A 21 18.86 -11.48 9.46
C GLY A 21 20.29 -11.09 9.80
N THR A 22 21.05 -10.70 8.79
CA THR A 22 22.41 -10.25 8.99
C THR A 22 22.44 -8.91 9.71
N GLU A 23 21.81 -7.90 9.09
CA GLU A 23 21.72 -6.57 9.68
C GLU A 23 20.31 -6.04 9.50
N ASN A 24 19.98 -4.95 10.19
CA ASN A 24 18.66 -4.36 10.10
C ASN A 24 18.72 -3.00 9.42
N ALA A 25 19.68 -2.84 8.52
CA ALA A 25 19.85 -1.57 7.79
C ALA A 25 18.61 -1.26 6.96
N GLU A 26 17.97 -2.30 6.44
CA GLU A 26 16.74 -2.15 5.67
C GLU A 26 15.65 -1.55 6.55
N LEU A 27 15.56 -2.04 7.77
CA LEU A 27 14.51 -1.65 8.69
C LEU A 27 14.64 -0.17 9.08
N VAL A 28 15.87 0.26 9.34
CA VAL A 28 16.13 1.65 9.68
C VAL A 28 15.70 2.58 8.55
N TYR A 29 15.94 2.14 7.32
CA TYR A 29 15.57 2.90 6.14
C TYR A 29 14.05 2.91 5.97
N VAL A 30 13.41 1.83 6.41
CA VAL A 30 11.95 1.70 6.37
C VAL A 30 11.29 2.74 7.28
N LEU A 31 11.90 3.00 8.42
CA LEU A 31 11.39 3.98 9.37
C LEU A 31 11.32 5.36 8.73
N ARG A 32 10.14 5.76 8.30
CA ARG A 32 9.97 7.05 7.64
C ARG A 32 8.82 7.83 8.28
N HIS A 33 8.48 7.48 9.52
CA HIS A 33 7.47 8.19 10.31
C HIS A 33 6.05 7.95 9.74
N LYS A 34 5.06 8.69 10.25
CA LYS A 34 3.66 8.46 9.90
C LYS A 34 3.13 9.55 8.97
N HIS A 35 1.81 9.57 8.77
CA HIS A 35 1.16 10.57 7.92
C HIS A 35 -0.32 10.66 8.27
N GLY A 36 -1.08 11.45 7.50
CA GLY A 36 -2.51 11.60 7.74
C GLY A 36 -3.30 10.34 7.44
N GLN A 37 -4.63 10.48 7.40
CA GLN A 37 -5.49 9.33 7.17
C GLN A 37 -5.59 8.99 5.68
N PHE A 38 -6.17 9.89 4.91
CA PHE A 38 -6.34 9.66 3.48
C PHE A 38 -5.29 10.40 2.68
N ILE A 39 -4.21 9.71 2.36
CA ILE A 39 -3.10 10.32 1.64
C ILE A 39 -2.76 9.53 0.38
N TYR A 40 -2.79 10.20 -0.75
CA TYR A 40 -2.40 9.62 -2.02
C TYR A 40 -1.13 10.29 -2.53
N VAL A 41 -0.11 9.48 -2.82
CA VAL A 41 1.16 9.98 -3.31
C VAL A 41 1.51 9.36 -4.65
N TRP A 42 2.36 10.02 -5.42
CA TRP A 42 2.75 9.53 -6.74
C TRP A 42 3.88 8.51 -6.63
N GLY A 43 5.11 9.00 -6.60
CA GLY A 43 6.27 8.12 -6.59
C GLY A 43 6.63 7.65 -7.99
N GLU A 44 7.73 6.88 -8.07
CA GLU A 44 8.20 6.26 -9.33
C GLU A 44 8.19 7.20 -10.53
N GLU A 45 8.51 8.47 -10.31
CA GLU A 45 8.55 9.45 -11.39
C GLU A 45 9.60 9.02 -12.43
N GLY A 46 10.86 8.98 -12.00
CA GLY A 46 11.91 8.50 -12.87
C GLY A 46 11.83 7.00 -13.06
N ALA A 47 12.06 6.27 -11.97
CA ALA A 47 11.95 4.82 -11.97
C ALA A 47 11.93 4.29 -10.55
N GLY A 48 10.77 3.83 -10.10
CA GLY A 48 10.66 3.34 -8.75
C GLY A 48 9.43 2.49 -8.53
N LYS A 49 8.74 2.73 -7.42
CA LYS A 49 7.58 1.95 -7.02
C LYS A 49 6.92 2.66 -5.84
N SER A 50 5.93 2.04 -5.21
CA SER A 50 5.32 2.60 -4.01
C SER A 50 6.26 2.44 -2.81
N HIS A 51 7.36 3.17 -2.88
CA HIS A 51 8.47 3.04 -1.94
C HIS A 51 8.04 3.30 -0.50
N LEU A 52 7.28 4.37 -0.31
CA LEU A 52 6.87 4.80 1.01
C LEU A 52 5.75 3.92 1.58
N LEU A 53 4.92 3.38 0.70
CA LEU A 53 3.73 2.65 1.12
C LEU A 53 4.08 1.37 1.88
N GLN A 54 4.86 0.52 1.25
CA GLN A 54 5.26 -0.75 1.85
C GLN A 54 6.08 -0.53 3.12
N ALA A 55 6.94 0.46 3.07
CA ALA A 55 7.76 0.84 4.22
C ALA A 55 6.87 1.25 5.40
N TRP A 56 5.87 2.06 5.11
CA TRP A 56 4.96 2.56 6.14
C TRP A 56 4.24 1.40 6.82
N VAL A 57 3.83 0.43 6.02
CA VAL A 57 3.13 -0.75 6.52
C VAL A 57 3.99 -1.50 7.55
N ALA A 58 5.24 -1.77 7.20
CA ALA A 58 6.13 -2.53 8.07
C ALA A 58 6.35 -1.81 9.40
N GLN A 59 6.44 -0.48 9.33
CA GLN A 59 6.61 0.33 10.51
C GLN A 59 5.42 0.19 11.46
N ALA A 60 4.22 0.18 10.89
CA ALA A 60 3.00 0.00 11.66
C ALA A 60 2.95 -1.39 12.27
N LEU A 61 3.43 -2.37 11.51
CA LEU A 61 3.50 -3.75 11.96
C LEU A 61 4.38 -3.87 13.20
N GLU A 62 5.45 -3.09 13.25
CA GLU A 62 6.35 -3.07 14.41
C GLU A 62 5.61 -2.68 15.69
N ALA A 63 4.66 -1.77 15.56
CA ALA A 63 3.93 -1.25 16.71
C ALA A 63 2.85 -2.23 17.16
N GLY A 64 2.81 -3.40 16.54
CA GLY A 64 1.84 -4.41 16.90
C GLY A 64 0.49 -4.13 16.28
N LYS A 65 0.48 -3.30 15.25
CA LYS A 65 -0.74 -2.97 14.55
C LYS A 65 -0.84 -3.82 13.30
N ASN A 66 -2.05 -4.01 12.80
CA ASN A 66 -2.23 -4.77 11.57
C ASN A 66 -2.20 -3.85 10.38
N ALA A 67 -1.46 -4.25 9.36
CA ALA A 67 -1.30 -3.45 8.17
C ALA A 67 -0.91 -4.35 7.01
N ALA A 68 -1.32 -3.98 5.81
CA ALA A 68 -1.03 -4.78 4.63
C ALA A 68 -0.78 -3.91 3.41
N TYR A 69 0.32 -4.17 2.74
CA TYR A 69 0.59 -3.54 1.45
C TYR A 69 0.32 -4.55 0.35
N ILE A 70 -0.61 -4.22 -0.52
CA ILE A 70 -1.01 -5.13 -1.58
C ILE A 70 -0.48 -4.66 -2.93
N ASP A 71 0.41 -5.44 -3.50
CA ASP A 71 1.02 -5.13 -4.78
C ASP A 71 0.12 -5.64 -5.90
N ALA A 72 -0.54 -4.72 -6.58
CA ALA A 72 -1.50 -5.09 -7.62
C ALA A 72 -0.85 -5.85 -8.78
N ALA A 73 0.47 -5.88 -8.82
CA ALA A 73 1.18 -6.56 -9.89
C ALA A 73 1.65 -7.95 -9.46
N SER A 74 1.42 -8.30 -8.20
CA SER A 74 1.82 -9.60 -7.69
C SER A 74 0.71 -10.25 -6.86
N MET A 75 -0.16 -9.42 -6.30
CA MET A 75 -1.21 -9.89 -5.42
C MET A 75 -2.53 -9.20 -5.74
N PRO A 76 -3.66 -9.90 -5.62
CA PRO A 76 -4.98 -9.33 -5.84
C PRO A 76 -5.55 -8.75 -4.54
N LEU A 77 -6.55 -7.87 -4.68
CA LEU A 77 -7.19 -7.30 -3.51
C LEU A 77 -8.19 -8.31 -2.96
N THR A 78 -8.30 -8.38 -1.64
CA THR A 78 -9.11 -9.39 -0.98
C THR A 78 -9.77 -8.86 0.28
N ASP A 79 -10.52 -9.73 0.95
CA ASP A 79 -11.24 -9.37 2.18
C ASP A 79 -10.26 -9.14 3.34
N ALA A 80 -9.03 -9.63 3.17
CA ALA A 80 -8.00 -9.50 4.19
C ALA A 80 -7.75 -8.04 4.56
N ALA A 81 -8.05 -7.14 3.62
CA ALA A 81 -7.85 -5.72 3.82
C ALA A 81 -8.74 -5.18 4.95
N PHE A 82 -9.82 -5.88 5.24
CA PHE A 82 -10.73 -5.46 6.29
C PHE A 82 -10.19 -5.82 7.66
N GLU A 83 -9.17 -6.66 7.70
CA GLU A 83 -8.58 -7.05 8.96
C GLU A 83 -7.46 -6.09 9.36
N ALA A 84 -6.94 -5.39 8.38
CA ALA A 84 -5.83 -4.48 8.58
C ALA A 84 -6.32 -3.10 8.98
N GLU A 85 -5.67 -2.54 9.99
CA GLU A 85 -5.93 -1.16 10.39
C GLU A 85 -5.41 -0.21 9.33
N TYR A 86 -4.20 -0.50 8.86
CA TYR A 86 -3.53 0.36 7.89
C TYR A 86 -3.50 -0.32 6.52
N LEU A 87 -4.04 0.37 5.52
CA LEU A 87 -4.09 -0.17 4.16
C LEU A 87 -3.22 0.63 3.21
N ALA A 88 -2.35 -0.06 2.50
CA ALA A 88 -1.53 0.55 1.46
C ALA A 88 -1.55 -0.32 0.21
N VAL A 89 -1.73 0.31 -0.94
CA VAL A 89 -1.84 -0.44 -2.18
C VAL A 89 -0.75 -0.04 -3.16
N ASP A 90 0.09 -1.00 -3.52
CA ASP A 90 1.11 -0.80 -4.53
C ASP A 90 0.49 -0.92 -5.91
N GLN A 91 0.71 0.08 -6.75
CA GLN A 91 0.21 0.08 -8.12
C GLN A 91 -1.32 0.14 -8.16
N VAL A 92 -1.88 1.15 -7.49
CA VAL A 92 -3.34 1.32 -7.40
C VAL A 92 -3.98 1.41 -8.79
N GLU A 93 -3.24 1.99 -9.73
CA GLU A 93 -3.73 2.22 -11.08
C GLU A 93 -4.08 0.89 -11.78
N LYS A 94 -3.57 -0.22 -11.27
CA LYS A 94 -3.68 -1.48 -11.97
C LYS A 94 -4.82 -2.34 -11.41
N LEU A 95 -5.65 -1.75 -10.56
CA LEU A 95 -6.76 -2.47 -9.94
C LEU A 95 -7.93 -2.65 -10.91
N GLY A 96 -8.70 -3.70 -10.73
CA GLY A 96 -9.81 -3.98 -11.62
C GLY A 96 -11.15 -3.60 -11.05
N ASN A 97 -12.21 -4.29 -11.47
CA ASN A 97 -13.57 -3.94 -11.09
C ASN A 97 -13.87 -4.31 -9.64
N GLU A 98 -13.60 -5.56 -9.26
CA GLU A 98 -13.89 -6.01 -7.91
C GLU A 98 -12.97 -5.32 -6.92
N GLU A 99 -11.75 -5.07 -7.35
CA GLU A 99 -10.78 -4.33 -6.55
C GLU A 99 -11.32 -2.94 -6.23
N GLN A 100 -11.92 -2.30 -7.22
CA GLN A 100 -12.56 -1.00 -7.03
C GLN A 100 -13.69 -1.09 -6.01
N ALA A 101 -14.52 -2.10 -6.16
CA ALA A 101 -15.65 -2.30 -5.25
C ALA A 101 -15.16 -2.58 -3.83
N LEU A 102 -14.10 -3.37 -3.73
CA LEU A 102 -13.51 -3.70 -2.43
C LEU A 102 -12.87 -2.45 -1.83
N LEU A 103 -12.12 -1.73 -2.66
CA LEU A 103 -11.51 -0.46 -2.26
C LEU A 103 -12.59 0.49 -1.73
N PHE A 104 -13.70 0.57 -2.45
CA PHE A 104 -14.85 1.36 -1.99
C PHE A 104 -15.32 0.89 -0.62
N SER A 105 -15.45 -0.42 -0.47
CA SER A 105 -15.83 -1.01 0.80
C SER A 105 -14.82 -0.68 1.90
N ILE A 106 -13.56 -0.51 1.51
CA ILE A 106 -12.52 -0.06 2.43
C ILE A 106 -12.78 1.37 2.88
N PHE A 107 -13.12 2.24 1.92
CA PHE A 107 -13.52 3.61 2.23
C PHE A 107 -14.74 3.60 3.13
N ASN A 108 -15.69 2.72 2.83
CA ASN A 108 -16.89 2.56 3.63
C ASN A 108 -16.54 2.14 5.05
N ARG A 109 -15.53 1.27 5.17
CA ARG A 109 -15.05 0.84 6.48
C ARG A 109 -14.47 2.02 7.25
N PHE A 110 -13.66 2.83 6.58
CA PHE A 110 -13.07 4.01 7.19
C PHE A 110 -14.15 5.00 7.62
N ARG A 111 -15.13 5.20 6.74
CA ARG A 111 -16.21 6.15 7.00
C ARG A 111 -17.17 5.62 8.08
N ASN A 112 -17.34 4.30 8.12
CA ASN A 112 -18.26 3.69 9.06
C ASN A 112 -17.75 3.79 10.49
N SER A 113 -16.44 3.66 10.65
CA SER A 113 -15.84 3.61 11.96
C SER A 113 -15.23 4.94 12.36
N GLY A 114 -14.63 5.65 11.40
CA GLY A 114 -13.84 6.81 11.72
C GLY A 114 -12.48 6.40 12.22
N LYS A 115 -12.06 5.22 11.79
CA LYS A 115 -10.83 4.62 12.23
C LYS A 115 -10.05 4.14 11.01
N GLY A 116 -8.82 3.69 11.22
CA GLY A 116 -8.01 3.20 10.12
C GLY A 116 -7.26 4.30 9.40
N PHE A 117 -6.22 3.91 8.67
CA PHE A 117 -5.41 4.84 7.88
C PHE A 117 -5.16 4.26 6.49
N LEU A 118 -5.02 5.14 5.52
CA LEU A 118 -4.88 4.73 4.13
C LEU A 118 -3.64 5.36 3.51
N LEU A 119 -3.15 4.74 2.44
CA LEU A 119 -2.05 5.29 1.67
C LEU A 119 -2.07 4.74 0.24
N LEU A 120 -2.25 5.64 -0.72
CA LEU A 120 -2.32 5.25 -2.12
C LEU A 120 -1.05 5.68 -2.85
N GLY A 121 -0.67 4.93 -3.87
CA GLY A 121 0.50 5.27 -4.64
C GLY A 121 0.58 4.49 -5.93
N SER A 122 1.42 4.97 -6.85
CA SER A 122 1.63 4.33 -8.15
C SER A 122 0.35 4.34 -8.98
N GLU A 123 0.08 5.48 -9.59
CA GLU A 123 -1.06 5.64 -10.48
C GLU A 123 -0.97 6.96 -11.23
N TYR A 124 -1.84 7.16 -12.21
CA TYR A 124 -1.90 8.42 -12.94
C TYR A 124 -2.54 9.49 -12.05
N THR A 125 -3.84 9.36 -11.82
CA THR A 125 -4.58 10.20 -10.89
C THR A 125 -6.00 9.67 -10.73
N PRO A 126 -6.62 9.90 -9.56
CA PRO A 126 -7.97 9.38 -9.27
C PRO A 126 -9.04 10.03 -10.13
N GLN A 127 -8.75 11.23 -10.60
CA GLN A 127 -9.72 11.99 -11.38
C GLN A 127 -9.52 11.77 -12.88
N GLN A 128 -8.38 11.24 -13.26
CA GLN A 128 -8.07 11.05 -14.68
C GLN A 128 -8.23 9.59 -15.09
N LEU A 129 -8.12 8.69 -14.13
CA LEU A 129 -8.32 7.27 -14.41
C LEU A 129 -9.79 6.99 -14.71
N VAL A 130 -10.04 6.11 -15.67
CA VAL A 130 -11.39 5.72 -16.01
C VAL A 130 -11.88 4.65 -15.03
N ILE A 131 -12.30 5.11 -13.86
CA ILE A 131 -12.78 4.22 -12.81
C ILE A 131 -14.28 4.43 -12.59
N ARG A 132 -14.84 3.70 -11.64
CA ARG A 132 -16.25 3.84 -11.31
C ARG A 132 -16.50 5.23 -10.73
N GLU A 133 -17.57 5.86 -11.20
CA GLU A 133 -17.95 7.20 -10.74
C GLU A 133 -18.10 7.22 -9.21
N ASP A 134 -18.57 6.11 -8.67
CA ASP A 134 -18.79 5.97 -7.23
C ASP A 134 -17.48 6.07 -6.47
N LEU A 135 -16.42 5.53 -7.06
CA LEU A 135 -15.12 5.50 -6.40
C LEU A 135 -14.40 6.85 -6.55
N ARG A 136 -14.66 7.53 -7.65
CA ARG A 136 -13.96 8.79 -7.95
C ARG A 136 -14.30 9.84 -6.91
N THR A 137 -15.53 9.84 -6.43
CA THR A 137 -15.97 10.81 -5.44
C THR A 137 -15.41 10.47 -4.06
N ARG A 138 -15.20 9.19 -3.80
CA ARG A 138 -14.59 8.74 -2.56
C ARG A 138 -13.12 9.14 -2.52
N MET A 139 -12.53 9.27 -3.70
CA MET A 139 -11.15 9.71 -3.82
C MET A 139 -11.02 11.20 -3.55
N ALA A 140 -12.15 11.90 -3.63
CA ALA A 140 -12.16 13.35 -3.48
C ALA A 140 -11.76 13.79 -2.06
N TYR A 141 -12.06 12.96 -1.06
CA TYR A 141 -11.67 13.30 0.31
C TYR A 141 -10.34 12.65 0.69
N CYS A 142 -9.61 12.21 -0.33
CA CYS A 142 -8.27 11.70 -0.15
C CYS A 142 -7.29 12.77 -0.62
N LEU A 143 -6.38 13.17 0.25
CA LEU A 143 -5.44 14.24 -0.06
C LEU A 143 -4.47 13.80 -1.14
N VAL A 144 -3.93 14.77 -1.87
CA VAL A 144 -3.05 14.49 -2.99
C VAL A 144 -1.69 15.14 -2.77
N TYR A 145 -0.66 14.31 -2.67
CA TYR A 145 0.70 14.78 -2.56
C TYR A 145 1.55 14.20 -3.68
N GLU A 146 2.08 15.08 -4.52
CA GLU A 146 2.94 14.65 -5.60
C GLU A 146 4.37 14.57 -5.10
N VAL A 147 4.93 13.37 -5.10
CA VAL A 147 6.23 13.11 -4.51
C VAL A 147 7.35 13.72 -5.34
N LYS A 148 7.65 14.98 -5.07
CA LYS A 148 8.75 15.70 -5.68
C LYS A 148 8.80 17.11 -5.10
N PRO A 149 9.60 17.30 -4.03
CA PRO A 149 9.74 18.59 -3.35
C PRO A 149 10.04 19.73 -4.32
N MET A 1 -15.39 -7.08 -38.09
CA MET A 1 -14.67 -8.33 -38.42
C MET A 1 -13.35 -8.37 -37.67
N GLY A 2 -13.18 -9.38 -36.84
CA GLY A 2 -11.96 -9.48 -36.06
C GLY A 2 -12.07 -10.51 -34.95
N HIS A 3 -11.68 -11.74 -35.26
CA HIS A 3 -11.71 -12.81 -34.28
C HIS A 3 -10.53 -12.65 -33.32
N HIS A 4 -10.79 -12.05 -32.18
CA HIS A 4 -9.75 -11.78 -31.20
C HIS A 4 -9.72 -12.88 -30.15
N HIS A 5 -8.55 -13.11 -29.59
CA HIS A 5 -8.38 -14.10 -28.54
C HIS A 5 -7.36 -13.62 -27.51
N HIS A 6 -7.62 -13.94 -26.25
CA HIS A 6 -6.70 -13.59 -25.18
C HIS A 6 -5.55 -14.59 -25.13
N HIS A 7 -4.47 -14.19 -24.49
CA HIS A 7 -3.33 -15.08 -24.29
C HIS A 7 -3.28 -15.54 -22.84
N HIS A 8 -2.58 -16.64 -22.61
CA HIS A 8 -2.48 -17.25 -21.27
C HIS A 8 -1.86 -16.29 -20.26
N SER A 9 -2.25 -16.44 -19.01
CA SER A 9 -1.67 -15.66 -17.92
C SER A 9 -0.49 -16.42 -17.32
N HIS A 10 0.22 -15.79 -16.40
CA HIS A 10 1.35 -16.44 -15.76
C HIS A 10 1.11 -16.53 -14.25
N MET A 11 1.12 -15.38 -13.58
CA MET A 11 0.93 -15.29 -12.13
C MET A 11 2.00 -16.10 -11.38
N ASP A 12 3.16 -15.49 -11.17
CA ASP A 12 4.23 -16.15 -10.43
C ASP A 12 4.16 -15.76 -8.96
N TYR A 13 4.78 -16.58 -8.12
CA TYR A 13 4.70 -16.38 -6.68
C TYR A 13 5.85 -15.52 -6.19
N PRO A 14 5.55 -14.54 -5.32
CA PRO A 14 6.56 -13.68 -4.72
C PRO A 14 7.50 -14.45 -3.80
N SER A 15 8.66 -13.89 -3.53
CA SER A 15 9.66 -14.56 -2.72
C SER A 15 10.01 -13.72 -1.50
N PHE A 16 9.44 -14.07 -0.36
CA PHE A 16 9.74 -13.39 0.90
C PHE A 16 10.85 -14.13 1.64
N ASP A 17 11.12 -13.72 2.88
CA ASP A 17 12.11 -14.36 3.73
C ASP A 17 13.52 -14.16 3.15
N LYS A 18 14.02 -12.96 3.30
CA LYS A 18 15.34 -12.59 2.77
C LYS A 18 15.79 -11.26 3.37
N PHE A 19 16.93 -11.26 4.04
CA PHE A 19 17.47 -10.06 4.61
C PHE A 19 18.90 -9.88 4.11
N LEU A 20 19.77 -10.89 4.32
CA LEU A 20 19.54 -12.02 5.24
C LEU A 20 20.40 -11.88 6.48
N GLY A 21 21.60 -11.33 6.31
CA GLY A 21 22.52 -11.22 7.43
C GLY A 21 23.08 -9.81 7.59
N THR A 22 24.13 -9.51 6.85
CA THR A 22 24.82 -8.24 6.99
C THR A 22 24.16 -7.13 6.17
N GLU A 23 24.23 -5.91 6.70
CA GLU A 23 23.58 -4.73 6.13
C GLU A 23 22.11 -4.98 5.84
N ASN A 24 21.28 -4.78 6.84
CA ASN A 24 19.84 -4.86 6.67
C ASN A 24 19.27 -3.46 6.48
N ALA A 25 19.88 -2.75 5.54
CA ALA A 25 19.58 -1.35 5.30
C ALA A 25 18.15 -1.16 4.81
N GLU A 26 17.57 -2.19 4.23
CA GLU A 26 16.19 -2.13 3.76
C GLU A 26 15.24 -1.86 4.91
N LEU A 27 15.52 -2.51 6.04
CA LEU A 27 14.73 -2.32 7.24
C LEU A 27 14.95 -0.91 7.81
N VAL A 28 16.17 -0.42 7.67
CA VAL A 28 16.51 0.92 8.13
C VAL A 28 15.75 1.98 7.31
N TYR A 29 15.56 1.70 6.02
CA TYR A 29 14.81 2.57 5.15
C TYR A 29 13.35 2.67 5.60
N VAL A 30 12.88 1.60 6.22
CA VAL A 30 11.52 1.53 6.75
C VAL A 30 11.34 2.51 7.92
N LEU A 31 12.40 2.69 8.68
CA LEU A 31 12.37 3.56 9.86
C LEU A 31 12.06 5.02 9.47
N ARG A 32 11.87 5.85 10.50
CA ARG A 32 11.45 7.24 10.32
C ARG A 32 9.98 7.30 9.91
N HIS A 33 9.11 7.26 10.91
CA HIS A 33 7.67 7.25 10.71
C HIS A 33 7.20 8.43 9.87
N LYS A 34 6.29 8.15 8.94
CA LYS A 34 5.70 9.19 8.10
C LYS A 34 4.38 9.66 8.72
N HIS A 35 3.76 10.67 8.12
CA HIS A 35 2.57 11.28 8.73
C HIS A 35 1.31 10.99 7.92
N GLY A 36 0.16 11.29 8.52
CA GLY A 36 -1.10 11.18 7.81
C GLY A 36 -1.96 10.01 8.27
N GLN A 37 -3.26 10.11 8.02
CA GLN A 37 -4.19 9.01 8.26
C GLN A 37 -4.76 8.55 6.93
N PHE A 38 -5.38 9.48 6.21
CA PHE A 38 -5.85 9.23 4.86
C PHE A 38 -4.96 9.99 3.89
N ILE A 39 -3.98 9.30 3.32
CA ILE A 39 -2.99 9.95 2.47
C ILE A 39 -2.86 9.24 1.13
N TYR A 40 -2.89 10.03 0.06
CA TYR A 40 -2.62 9.55 -1.27
C TYR A 40 -1.29 10.13 -1.75
N VAL A 41 -0.41 9.26 -2.21
CA VAL A 41 0.86 9.71 -2.75
C VAL A 41 1.01 9.24 -4.18
N TRP A 42 1.69 10.03 -5.00
CA TRP A 42 1.87 9.69 -6.39
C TRP A 42 3.31 9.96 -6.85
N GLY A 43 3.58 11.18 -7.25
CA GLY A 43 4.87 11.49 -7.83
C GLY A 43 5.08 10.79 -9.15
N GLU A 44 6.24 10.18 -9.30
CA GLU A 44 6.56 9.40 -10.50
C GLU A 44 7.97 8.84 -10.37
N GLU A 45 8.96 9.69 -10.69
CA GLU A 45 10.38 9.35 -10.53
C GLU A 45 10.73 8.11 -11.34
N GLY A 46 9.93 7.82 -12.36
CA GLY A 46 10.15 6.64 -13.16
C GLY A 46 9.50 5.41 -12.55
N ALA A 47 9.87 5.11 -11.31
CA ALA A 47 9.30 4.00 -10.56
C ALA A 47 9.72 4.06 -9.09
N GLY A 48 8.94 4.77 -8.29
CA GLY A 48 9.25 4.89 -6.87
C GLY A 48 8.00 4.81 -6.03
N LYS A 49 7.06 3.99 -6.48
CA LYS A 49 5.74 3.89 -5.88
C LYS A 49 5.78 3.42 -4.42
N SER A 50 6.56 2.38 -4.15
CA SER A 50 6.49 1.67 -2.89
C SER A 50 7.50 2.18 -1.87
N HIS A 51 8.09 3.36 -2.13
CA HIS A 51 9.06 3.93 -1.21
C HIS A 51 8.42 4.25 0.14
N LEU A 52 7.39 5.09 0.11
CA LEU A 52 6.65 5.43 1.31
C LEU A 52 5.70 4.30 1.70
N LEU A 53 5.16 3.64 0.68
CA LEU A 53 4.13 2.60 0.86
C LEU A 53 4.62 1.47 1.75
N GLN A 54 5.77 0.92 1.41
CA GLN A 54 6.30 -0.26 2.10
C GLN A 54 6.78 0.10 3.51
N ALA A 55 7.50 1.20 3.61
CA ALA A 55 8.08 1.62 4.88
C ALA A 55 7.00 1.94 5.92
N TRP A 56 5.94 2.59 5.47
CA TRP A 56 4.84 3.01 6.35
C TRP A 56 4.22 1.80 7.05
N VAL A 57 3.99 0.74 6.28
CA VAL A 57 3.34 -0.46 6.80
C VAL A 57 4.23 -1.20 7.80
N ALA A 58 5.44 -1.55 7.37
CA ALA A 58 6.34 -2.33 8.22
C ALA A 58 6.69 -1.59 9.50
N GLN A 59 6.76 -0.26 9.41
CA GLN A 59 7.02 0.57 10.58
C GLN A 59 5.86 0.45 11.57
N ALA A 60 4.64 0.47 11.06
CA ALA A 60 3.46 0.39 11.90
C ALA A 60 3.32 -1.00 12.51
N LEU A 61 3.70 -2.01 11.74
CA LEU A 61 3.64 -3.39 12.20
C LEU A 61 4.49 -3.61 13.43
N GLU A 62 5.74 -3.16 13.39
CA GLU A 62 6.64 -3.34 14.52
C GLU A 62 6.36 -2.31 15.60
N ALA A 63 5.48 -1.36 15.29
CA ALA A 63 5.06 -0.36 16.27
C ALA A 63 3.93 -0.90 17.14
N GLY A 64 3.42 -2.08 16.78
CA GLY A 64 2.37 -2.69 17.58
C GLY A 64 0.99 -2.43 17.02
N LYS A 65 0.95 -2.05 15.74
CA LYS A 65 -0.30 -1.79 15.06
C LYS A 65 -0.52 -2.87 14.02
N ASN A 66 -1.69 -2.89 13.40
CA ASN A 66 -1.91 -3.80 12.29
C ASN A 66 -1.86 -3.02 10.98
N ALA A 67 -1.14 -3.56 10.03
CA ALA A 67 -0.91 -2.87 8.77
C ALA A 67 -0.64 -3.85 7.65
N ALA A 68 -1.02 -3.46 6.44
CA ALA A 68 -0.77 -4.27 5.26
C ALA A 68 -0.79 -3.43 4.00
N TYR A 69 -0.01 -3.84 3.00
CA TYR A 69 0.00 -3.14 1.72
C TYR A 69 -0.29 -4.11 0.59
N ILE A 70 -1.02 -3.64 -0.40
CA ILE A 70 -1.36 -4.44 -1.57
C ILE A 70 -0.87 -3.76 -2.83
N ASP A 71 0.10 -4.36 -3.49
CA ASP A 71 0.64 -3.83 -4.73
C ASP A 71 -0.15 -4.38 -5.90
N ALA A 72 -1.15 -3.65 -6.36
CA ALA A 72 -2.04 -4.16 -7.41
C ALA A 72 -1.31 -4.36 -8.73
N ALA A 73 -0.12 -3.78 -8.85
CA ALA A 73 0.67 -3.95 -10.06
C ALA A 73 1.44 -5.28 -10.04
N SER A 74 1.41 -5.97 -8.90
CA SER A 74 2.10 -7.25 -8.78
C SER A 74 1.23 -8.29 -8.08
N MET A 75 0.30 -7.83 -7.26
CA MET A 75 -0.50 -8.70 -6.40
C MET A 75 -1.97 -8.34 -6.47
N PRO A 76 -2.86 -9.31 -6.26
CA PRO A 76 -4.30 -9.07 -6.22
C PRO A 76 -4.76 -8.54 -4.86
N LEU A 77 -5.93 -7.93 -4.84
CA LEU A 77 -6.48 -7.41 -3.60
C LEU A 77 -7.36 -8.48 -2.94
N THR A 78 -7.33 -8.53 -1.61
CA THR A 78 -8.08 -9.53 -0.87
C THR A 78 -8.82 -8.90 0.31
N ASP A 79 -9.64 -9.72 0.98
CA ASP A 79 -10.50 -9.25 2.07
C ASP A 79 -9.73 -9.07 3.36
N ALA A 80 -8.51 -9.61 3.40
CA ALA A 80 -7.63 -9.47 4.57
C ALA A 80 -7.38 -7.99 4.90
N ALA A 81 -7.51 -7.13 3.90
CA ALA A 81 -7.26 -5.71 4.04
C ALA A 81 -8.13 -5.06 5.12
N PHE A 82 -9.30 -5.62 5.37
CA PHE A 82 -10.23 -5.07 6.35
C PHE A 82 -9.74 -5.30 7.78
N GLU A 83 -8.78 -6.20 7.94
CA GLU A 83 -8.27 -6.54 9.25
C GLU A 83 -7.24 -5.53 9.73
N ALA A 84 -6.54 -4.95 8.78
CA ALA A 84 -5.46 -4.03 9.09
C ALA A 84 -5.98 -2.62 9.24
N GLU A 85 -5.64 -1.98 10.34
CA GLU A 85 -6.05 -0.61 10.59
C GLU A 85 -5.28 0.34 9.68
N TYR A 86 -4.04 -0.02 9.39
CA TYR A 86 -3.18 0.76 8.52
C TYR A 86 -3.04 0.05 7.19
N LEU A 87 -3.88 0.40 6.24
CA LEU A 87 -3.93 -0.29 4.96
C LEU A 87 -3.34 0.58 3.86
N ALA A 88 -2.43 0.01 3.09
CA ALA A 88 -1.79 0.70 1.99
C ALA A 88 -2.15 0.04 0.67
N VAL A 89 -2.54 0.84 -0.31
CA VAL A 89 -2.97 0.31 -1.61
C VAL A 89 -2.10 0.87 -2.74
N ASP A 90 -1.58 -0.01 -3.57
CA ASP A 90 -0.78 0.37 -4.72
C ASP A 90 -1.57 0.19 -6.01
N GLN A 91 -1.49 1.18 -6.90
CA GLN A 91 -2.14 1.14 -8.22
C GLN A 91 -3.61 0.72 -8.16
N VAL A 92 -4.47 1.64 -7.75
CA VAL A 92 -5.91 1.37 -7.76
C VAL A 92 -6.41 1.19 -9.19
N GLU A 93 -5.61 1.66 -10.14
CA GLU A 93 -5.94 1.59 -11.56
C GLU A 93 -5.78 0.17 -12.09
N LYS A 94 -4.94 -0.63 -11.45
CA LYS A 94 -4.62 -1.96 -11.94
C LYS A 94 -5.66 -2.99 -11.51
N LEU A 95 -6.66 -2.54 -10.79
CA LEU A 95 -7.72 -3.41 -10.31
C LEU A 95 -8.78 -3.59 -11.39
N GLY A 96 -9.42 -4.75 -11.41
CA GLY A 96 -10.41 -5.03 -12.43
C GLY A 96 -11.81 -4.57 -12.04
N ASN A 97 -12.58 -5.47 -11.45
CA ASN A 97 -13.95 -5.18 -11.09
C ASN A 97 -14.16 -5.29 -9.58
N GLU A 98 -14.12 -6.52 -9.09
CA GLU A 98 -14.45 -6.81 -7.70
C GLU A 98 -13.43 -6.18 -6.76
N GLU A 99 -12.19 -6.12 -7.20
CA GLU A 99 -11.13 -5.49 -6.43
C GLU A 99 -11.47 -4.02 -6.14
N GLN A 100 -11.99 -3.32 -7.14
CA GLN A 100 -12.36 -1.92 -6.97
C GLN A 100 -13.60 -1.78 -6.09
N ALA A 101 -14.47 -2.79 -6.15
CA ALA A 101 -15.65 -2.84 -5.29
C ALA A 101 -15.23 -3.07 -3.84
N LEU A 102 -14.23 -3.94 -3.67
CA LEU A 102 -13.65 -4.22 -2.37
C LEU A 102 -12.99 -2.94 -1.83
N LEU A 103 -12.18 -2.32 -2.69
CA LEU A 103 -11.51 -1.06 -2.37
C LEU A 103 -12.54 -0.02 -1.93
N PHE A 104 -13.61 0.09 -2.70
CA PHE A 104 -14.70 1.00 -2.37
C PHE A 104 -15.28 0.67 -1.00
N SER A 105 -15.50 -0.61 -0.75
CA SER A 105 -16.04 -1.07 0.52
C SER A 105 -15.14 -0.64 1.68
N ILE A 106 -13.83 -0.65 1.45
CA ILE A 106 -12.86 -0.18 2.43
C ILE A 106 -13.14 1.29 2.77
N PHE A 107 -13.27 2.12 1.75
CA PHE A 107 -13.58 3.53 1.94
C PHE A 107 -14.92 3.69 2.62
N ASN A 108 -15.90 2.90 2.19
CA ASN A 108 -17.24 2.94 2.76
C ASN A 108 -17.20 2.63 4.25
N ARG A 109 -16.41 1.62 4.62
CA ARG A 109 -16.30 1.18 5.99
C ARG A 109 -15.62 2.23 6.86
N PHE A 110 -14.48 2.74 6.38
CA PHE A 110 -13.70 3.73 7.12
C PHE A 110 -14.48 5.04 7.24
N ARG A 111 -15.23 5.38 6.20
CA ARG A 111 -16.05 6.58 6.20
C ARG A 111 -17.23 6.40 7.15
N ASN A 112 -17.64 5.16 7.36
CA ASN A 112 -18.74 4.86 8.27
C ASN A 112 -18.30 4.83 9.71
N SER A 113 -17.16 4.19 9.97
CA SER A 113 -16.65 4.07 11.34
C SER A 113 -15.98 5.37 11.78
N GLY A 114 -15.19 5.97 10.90
CA GLY A 114 -14.51 7.21 11.23
C GLY A 114 -13.03 7.02 11.42
N LYS A 115 -12.64 5.85 11.93
CA LYS A 115 -11.25 5.55 12.17
C LYS A 115 -10.69 4.76 10.99
N GLY A 116 -9.39 4.54 11.00
CA GLY A 116 -8.75 3.75 9.98
C GLY A 116 -7.74 4.55 9.19
N PHE A 117 -6.61 3.95 8.91
CA PHE A 117 -5.53 4.60 8.16
C PHE A 117 -5.41 4.00 6.77
N LEU A 118 -5.36 4.86 5.77
CA LEU A 118 -5.28 4.42 4.39
C LEU A 118 -4.20 5.21 3.66
N LEU A 119 -3.23 4.48 3.13
CA LEU A 119 -2.18 5.08 2.33
C LEU A 119 -2.27 4.56 0.90
N LEU A 120 -2.74 5.40 0.00
CA LEU A 120 -2.90 5.00 -1.38
C LEU A 120 -1.75 5.53 -2.21
N GLY A 121 -0.99 4.62 -2.79
CA GLY A 121 0.13 5.01 -3.60
C GLY A 121 -0.04 4.57 -5.03
N SER A 122 0.23 5.46 -5.96
CA SER A 122 0.14 5.14 -7.36
C SER A 122 1.08 6.01 -8.16
N GLU A 123 1.54 5.49 -9.29
CA GLU A 123 2.48 6.23 -10.14
C GLU A 123 1.75 7.28 -10.98
N TYR A 124 0.47 7.48 -10.68
CA TYR A 124 -0.36 8.45 -11.39
C TYR A 124 -1.27 9.17 -10.39
N THR A 125 -2.01 10.16 -10.86
CA THR A 125 -2.94 10.89 -10.00
C THR A 125 -4.30 10.21 -10.00
N PRO A 126 -5.10 10.41 -8.94
CA PRO A 126 -6.41 9.74 -8.80
C PRO A 126 -7.43 10.24 -9.80
N GLN A 127 -7.12 11.38 -10.41
CA GLN A 127 -8.00 12.00 -11.37
C GLN A 127 -7.74 11.50 -12.79
N GLN A 128 -6.71 10.70 -12.95
CA GLN A 128 -6.38 10.14 -14.27
C GLN A 128 -6.43 8.62 -14.24
N LEU A 129 -6.81 8.06 -13.09
CA LEU A 129 -6.90 6.62 -12.94
C LEU A 129 -8.22 6.10 -13.47
N VAL A 130 -8.20 4.92 -14.07
CA VAL A 130 -9.41 4.30 -14.56
C VAL A 130 -10.10 3.54 -13.42
N ILE A 131 -10.91 4.26 -12.67
CA ILE A 131 -11.61 3.70 -11.53
C ILE A 131 -13.08 4.09 -11.56
N ARG A 132 -13.87 3.46 -10.71
CA ARG A 132 -15.31 3.70 -10.66
C ARG A 132 -15.61 5.13 -10.23
N GLU A 133 -16.71 5.68 -10.73
CA GLU A 133 -17.04 7.09 -10.50
C GLU A 133 -17.16 7.42 -9.02
N ASP A 134 -18.01 6.68 -8.30
CA ASP A 134 -18.23 6.96 -6.89
C ASP A 134 -16.96 6.67 -6.09
N LEU A 135 -16.27 5.60 -6.47
CA LEU A 135 -14.96 5.27 -5.89
C LEU A 135 -14.00 6.44 -6.05
N ARG A 136 -13.93 6.96 -7.28
CA ARG A 136 -13.09 8.11 -7.60
C ARG A 136 -13.50 9.33 -6.79
N THR A 137 -14.75 9.37 -6.40
CA THR A 137 -15.28 10.46 -5.60
C THR A 137 -14.85 10.30 -4.14
N ARG A 138 -14.79 9.07 -3.66
CA ARG A 138 -14.37 8.79 -2.29
C ARG A 138 -12.87 9.03 -2.13
N MET A 139 -12.16 9.08 -3.24
CA MET A 139 -10.73 9.34 -3.25
C MET A 139 -10.44 10.75 -2.74
N ALA A 140 -11.45 11.61 -2.75
CA ALA A 140 -11.31 12.98 -2.29
C ALA A 140 -11.43 13.07 -0.77
N TYR A 141 -11.52 11.91 -0.12
CA TYR A 141 -11.56 11.86 1.34
C TYR A 141 -10.17 11.62 1.91
N CYS A 142 -9.16 11.62 1.05
CA CYS A 142 -7.80 11.46 1.47
C CYS A 142 -6.96 12.62 0.97
N LEU A 143 -5.98 13.01 1.76
CA LEU A 143 -5.09 14.12 1.41
C LEU A 143 -4.03 13.65 0.45
N VAL A 144 -3.50 14.56 -0.34
CA VAL A 144 -2.52 14.21 -1.36
C VAL A 144 -1.16 14.80 -1.03
N TYR A 145 -0.19 13.93 -0.86
CA TYR A 145 1.18 14.37 -0.65
C TYR A 145 1.96 14.31 -1.96
N GLU A 146 2.43 15.48 -2.37
CA GLU A 146 3.13 15.60 -3.64
C GLU A 146 4.64 15.47 -3.44
N VAL A 147 5.22 14.41 -3.98
CA VAL A 147 6.65 14.21 -3.89
C VAL A 147 7.35 14.91 -5.06
N LYS A 148 7.10 14.41 -6.27
CA LYS A 148 7.68 14.97 -7.47
C LYS A 148 6.64 15.01 -8.58
N PRO A 149 6.28 16.20 -9.06
CA PRO A 149 5.34 16.36 -10.15
C PRO A 149 6.06 16.38 -11.50
N MET A 1 28.91 35.48 34.83
CA MET A 1 28.09 36.08 33.75
C MET A 1 28.32 35.33 32.46
N GLY A 2 27.35 34.50 32.07
CA GLY A 2 27.45 33.76 30.83
C GLY A 2 28.53 32.71 30.86
N HIS A 3 28.72 32.10 32.04
CA HIS A 3 29.70 31.03 32.18
C HIS A 3 29.32 29.87 31.27
N HIS A 4 30.22 29.50 30.38
CA HIS A 4 29.95 28.47 29.40
C HIS A 4 31.04 27.42 29.38
N HIS A 5 30.64 26.18 29.12
CA HIS A 5 31.56 25.07 28.98
C HIS A 5 30.90 23.99 28.14
N HIS A 6 31.67 23.33 27.29
CA HIS A 6 31.10 22.36 26.37
C HIS A 6 32.10 21.24 26.07
N HIS A 7 31.61 20.02 26.05
CA HIS A 7 32.45 18.88 25.71
C HIS A 7 31.86 18.12 24.52
N HIS A 8 32.30 18.48 23.34
CA HIS A 8 31.96 17.74 22.13
C HIS A 8 33.16 17.72 21.21
N SER A 9 33.97 16.69 21.36
CA SER A 9 35.22 16.61 20.61
C SER A 9 35.14 15.51 19.56
N HIS A 10 35.38 14.27 19.97
CA HIS A 10 35.44 13.17 19.02
C HIS A 10 34.92 11.88 19.64
N MET A 11 34.00 11.25 18.92
CA MET A 11 33.49 9.93 19.32
C MET A 11 34.04 8.90 18.35
N ASP A 12 35.02 8.14 18.81
CA ASP A 12 35.72 7.20 17.94
C ASP A 12 35.08 5.83 17.99
N TYR A 13 35.03 5.18 16.85
CA TYR A 13 34.55 3.82 16.75
C TYR A 13 35.41 3.05 15.75
N PRO A 14 36.39 2.31 16.25
CA PRO A 14 37.33 1.56 15.41
C PRO A 14 36.63 0.49 14.59
N SER A 15 37.14 0.23 13.40
CA SER A 15 36.58 -0.80 12.55
C SER A 15 36.84 -2.17 13.15
N PHE A 16 35.80 -2.77 13.70
CA PHE A 16 35.90 -4.10 14.28
C PHE A 16 35.95 -5.15 13.18
N ASP A 17 36.24 -6.38 13.55
CA ASP A 17 36.35 -7.47 12.58
C ASP A 17 35.01 -7.71 11.89
N LYS A 18 35.04 -7.63 10.56
CA LYS A 18 33.83 -7.73 9.76
C LYS A 18 33.44 -9.18 9.52
N PHE A 19 32.16 -9.40 9.24
CA PHE A 19 31.67 -10.71 8.88
C PHE A 19 30.98 -10.57 7.52
N LEU A 20 29.87 -9.83 7.43
CA LEU A 20 29.00 -9.45 8.54
C LEU A 20 27.69 -10.21 8.43
N GLY A 21 26.87 -10.17 9.47
CA GLY A 21 25.64 -10.93 9.48
C GLY A 21 24.66 -10.48 8.41
N THR A 22 24.34 -9.20 8.42
CA THR A 22 23.38 -8.67 7.47
C THR A 22 23.59 -7.17 7.30
N GLU A 23 22.70 -6.51 6.56
CA GLU A 23 22.76 -5.07 6.37
C GLU A 23 21.38 -4.46 6.58
N ASN A 24 21.32 -3.47 7.47
CA ASN A 24 20.07 -2.79 7.78
C ASN A 24 19.80 -1.68 6.78
N ALA A 25 20.73 -1.49 5.85
CA ALA A 25 20.63 -0.44 4.84
C ALA A 25 19.31 -0.51 4.07
N GLU A 26 18.84 -1.73 3.79
CA GLU A 26 17.56 -1.92 3.09
C GLU A 26 16.42 -1.31 3.88
N LEU A 27 16.45 -1.51 5.20
CA LEU A 27 15.41 -1.03 6.07
C LEU A 27 15.47 0.49 6.19
N VAL A 28 16.68 1.04 6.07
CA VAL A 28 16.86 2.48 6.09
C VAL A 28 16.20 3.12 4.86
N TYR A 29 16.27 2.42 3.73
CA TYR A 29 15.62 2.86 2.51
C TYR A 29 14.10 2.80 2.67
N VAL A 30 13.64 1.79 3.39
CA VAL A 30 12.22 1.61 3.65
C VAL A 30 11.71 2.68 4.61
N LEU A 31 12.39 2.85 5.74
CA LEU A 31 11.96 3.76 6.77
C LEU A 31 12.20 5.22 6.39
N ARG A 32 11.11 5.92 6.08
CA ARG A 32 11.19 7.35 5.84
C ARG A 32 10.63 8.10 7.06
N HIS A 33 9.30 8.27 7.10
CA HIS A 33 8.62 8.87 8.25
C HIS A 33 7.11 8.65 8.13
N LYS A 34 6.42 8.68 9.25
CA LYS A 34 4.97 8.51 9.28
C LYS A 34 4.25 9.79 8.85
N HIS A 35 2.93 9.69 8.71
CA HIS A 35 2.10 10.82 8.27
C HIS A 35 0.71 10.72 8.90
N GLY A 36 -0.25 11.46 8.36
CA GLY A 36 -1.62 11.43 8.87
C GLY A 36 -2.34 10.12 8.60
N GLN A 37 -3.67 10.15 8.74
CA GLN A 37 -4.47 8.94 8.63
C GLN A 37 -4.80 8.61 7.18
N PHE A 38 -5.48 9.54 6.50
CA PHE A 38 -5.84 9.35 5.10
C PHE A 38 -4.86 10.10 4.21
N ILE A 39 -3.82 9.41 3.79
CA ILE A 39 -2.76 10.03 3.01
C ILE A 39 -2.61 9.33 1.67
N TYR A 40 -2.68 10.11 0.61
CA TYR A 40 -2.37 9.62 -0.71
C TYR A 40 -1.03 10.18 -1.16
N VAL A 41 -0.15 9.29 -1.56
CA VAL A 41 1.17 9.70 -2.03
C VAL A 41 1.39 9.23 -3.46
N TRP A 42 1.97 10.09 -4.27
CA TRP A 42 2.34 9.71 -5.62
C TRP A 42 3.81 9.96 -5.84
N GLY A 43 4.43 9.10 -6.61
CA GLY A 43 5.83 9.26 -6.93
C GLY A 43 6.06 9.48 -8.39
N GLU A 44 7.06 10.28 -8.74
CA GLU A 44 7.39 10.57 -10.14
C GLU A 44 7.52 9.28 -10.95
N GLU A 45 6.48 8.99 -11.75
CA GLU A 45 6.34 7.74 -12.52
C GLU A 45 6.71 6.51 -11.68
N GLY A 46 6.46 6.60 -10.38
CA GLY A 46 6.79 5.52 -9.47
C GLY A 46 8.04 5.80 -8.66
N ALA A 47 7.86 6.08 -7.38
CA ALA A 47 8.99 6.40 -6.51
C ALA A 47 9.70 5.14 -6.04
N GLY A 48 10.36 4.47 -6.98
CA GLY A 48 11.02 3.22 -6.67
C GLY A 48 10.03 2.10 -6.47
N LYS A 49 9.47 2.03 -5.27
CA LYS A 49 8.45 1.05 -4.92
C LYS A 49 7.74 1.46 -3.64
N SER A 50 6.87 0.58 -3.14
CA SER A 50 6.03 0.84 -1.99
C SER A 50 6.83 0.83 -0.67
N HIS A 51 8.06 1.32 -0.73
CA HIS A 51 8.97 1.32 0.42
C HIS A 51 8.42 2.17 1.56
N LEU A 52 7.74 3.26 1.23
CA LEU A 52 7.20 4.16 2.23
C LEU A 52 6.03 3.51 2.98
N LEU A 53 5.16 2.86 2.22
CA LEU A 53 3.98 2.24 2.81
C LEU A 53 4.38 1.03 3.65
N GLN A 54 5.39 0.30 3.19
CA GLN A 54 5.87 -0.89 3.90
C GLN A 54 6.40 -0.51 5.28
N ALA A 55 7.12 0.61 5.32
CA ALA A 55 7.66 1.13 6.58
C ALA A 55 6.53 1.49 7.53
N TRP A 56 5.52 2.13 7.00
CA TRP A 56 4.37 2.57 7.78
C TRP A 56 3.63 1.35 8.33
N VAL A 57 3.48 0.33 7.51
CA VAL A 57 2.84 -0.92 7.93
C VAL A 57 3.65 -1.60 9.02
N ALA A 58 4.96 -1.71 8.80
CA ALA A 58 5.86 -2.32 9.78
C ALA A 58 5.80 -1.58 11.11
N GLN A 59 5.82 -0.26 11.03
CA GLN A 59 5.75 0.60 12.21
C GLN A 59 4.48 0.30 13.02
N ALA A 60 3.39 0.03 12.32
CA ALA A 60 2.12 -0.29 12.96
C ALA A 60 2.14 -1.72 13.51
N LEU A 61 2.74 -2.63 12.74
CA LEU A 61 2.84 -4.03 13.15
C LEU A 61 3.68 -4.17 14.41
N GLU A 62 4.83 -3.54 14.44
CA GLU A 62 5.73 -3.62 15.58
C GLU A 62 5.17 -2.90 16.79
N ALA A 63 4.15 -2.08 16.55
CA ALA A 63 3.49 -1.38 17.64
C ALA A 63 2.50 -2.30 18.36
N GLY A 64 2.28 -3.47 17.78
CA GLY A 64 1.39 -4.44 18.38
C GLY A 64 -0.02 -4.35 17.83
N LYS A 65 -0.15 -3.69 16.68
CA LYS A 65 -1.44 -3.56 16.03
C LYS A 65 -1.41 -4.24 14.67
N ASN A 66 -2.54 -4.29 14.00
CA ASN A 66 -2.62 -4.99 12.73
C ASN A 66 -2.62 -4.02 11.57
N ALA A 67 -1.81 -4.34 10.57
CA ALA A 67 -1.71 -3.54 9.37
C ALA A 67 -1.45 -4.45 8.18
N ALA A 68 -1.87 -4.03 7.00
CA ALA A 68 -1.72 -4.86 5.83
C ALA A 68 -1.02 -4.12 4.71
N TYR A 69 0.04 -4.74 4.21
CA TYR A 69 0.80 -4.21 3.08
C TYR A 69 0.36 -4.91 1.80
N ILE A 70 -0.26 -4.17 0.89
CA ILE A 70 -0.75 -4.75 -0.36
C ILE A 70 -0.30 -3.92 -1.56
N ASP A 71 0.08 -4.60 -2.63
CA ASP A 71 0.46 -3.96 -3.88
C ASP A 71 -0.62 -4.20 -4.91
N ALA A 72 -1.37 -3.16 -5.24
CA ALA A 72 -2.52 -3.30 -6.15
C ALA A 72 -2.12 -3.82 -7.52
N ALA A 73 -0.86 -3.63 -7.89
CA ALA A 73 -0.37 -4.06 -9.19
C ALA A 73 0.46 -5.34 -9.09
N SER A 74 0.31 -6.03 -7.99
CA SER A 74 1.02 -7.29 -7.78
C SER A 74 0.09 -8.30 -7.12
N MET A 75 -0.73 -7.80 -6.21
CA MET A 75 -1.66 -8.63 -5.47
C MET A 75 -3.05 -8.00 -5.53
N PRO A 76 -4.10 -8.82 -5.62
CA PRO A 76 -5.48 -8.33 -5.61
C PRO A 76 -5.92 -7.97 -4.21
N LEU A 77 -6.88 -7.07 -4.12
CA LEU A 77 -7.41 -6.66 -2.81
C LEU A 77 -8.35 -7.75 -2.30
N THR A 78 -8.31 -7.99 -1.00
CA THR A 78 -9.00 -9.12 -0.43
C THR A 78 -9.76 -8.73 0.83
N ASP A 79 -10.56 -9.66 1.33
CA ASP A 79 -11.33 -9.46 2.56
C ASP A 79 -10.42 -9.32 3.77
N ALA A 80 -9.17 -9.71 3.60
CA ALA A 80 -8.17 -9.62 4.67
C ALA A 80 -7.98 -8.18 5.12
N ALA A 81 -8.29 -7.24 4.24
CA ALA A 81 -8.14 -5.83 4.54
C ALA A 81 -9.05 -5.39 5.70
N PHE A 82 -10.11 -6.15 5.95
CA PHE A 82 -11.03 -5.84 7.04
C PHE A 82 -10.47 -6.29 8.38
N GLU A 83 -9.43 -7.11 8.32
CA GLU A 83 -8.80 -7.65 9.53
C GLU A 83 -7.79 -6.67 10.10
N ALA A 84 -7.25 -5.82 9.24
CA ALA A 84 -6.22 -4.87 9.63
C ALA A 84 -6.85 -3.60 10.18
N GLU A 85 -6.18 -3.01 11.15
CA GLU A 85 -6.63 -1.74 11.72
C GLU A 85 -6.11 -0.58 10.88
N TYR A 86 -5.00 -0.82 10.20
CA TYR A 86 -4.40 0.18 9.31
C TYR A 86 -4.13 -0.46 7.94
N LEU A 87 -4.58 0.18 6.87
CA LEU A 87 -4.52 -0.42 5.53
C LEU A 87 -3.70 0.43 4.56
N ALA A 88 -2.68 -0.18 3.95
CA ALA A 88 -1.84 0.51 2.98
C ALA A 88 -1.81 -0.25 1.66
N VAL A 89 -2.15 0.44 0.57
CA VAL A 89 -2.16 -0.15 -0.76
C VAL A 89 -1.41 0.74 -1.74
N ASP A 90 -0.34 0.21 -2.33
CA ASP A 90 0.43 0.97 -3.31
C ASP A 90 0.11 0.46 -4.71
N GLN A 91 0.67 1.13 -5.72
CA GLN A 91 0.47 0.79 -7.12
C GLN A 91 -1.02 0.79 -7.48
N VAL A 92 -1.75 1.71 -6.86
CA VAL A 92 -3.19 1.86 -7.08
C VAL A 92 -3.47 2.28 -8.53
N GLU A 93 -2.40 2.67 -9.22
CA GLU A 93 -2.47 3.12 -10.61
C GLU A 93 -2.98 2.00 -11.52
N LYS A 94 -2.87 0.75 -11.05
CA LYS A 94 -3.22 -0.41 -11.88
C LYS A 94 -4.46 -1.15 -11.38
N LEU A 95 -5.40 -0.44 -10.75
CA LEU A 95 -6.64 -1.08 -10.27
C LEU A 95 -7.46 -1.70 -11.41
N GLY A 96 -7.91 -2.93 -11.19
CA GLY A 96 -8.71 -3.62 -12.20
C GLY A 96 -10.20 -3.55 -11.93
N ASN A 97 -10.77 -4.63 -11.41
CA ASN A 97 -12.22 -4.73 -11.22
C ASN A 97 -12.58 -5.09 -9.78
N GLU A 98 -12.17 -6.28 -9.36
CA GLU A 98 -12.51 -6.79 -8.04
C GLU A 98 -12.02 -5.86 -6.95
N GLU A 99 -10.84 -5.30 -7.19
CA GLU A 99 -10.22 -4.37 -6.25
C GLU A 99 -11.11 -3.16 -6.03
N GLN A 100 -11.77 -2.69 -7.10
CA GLN A 100 -12.65 -1.53 -7.00
C GLN A 100 -13.85 -1.82 -6.11
N ALA A 101 -14.42 -2.99 -6.27
CA ALA A 101 -15.59 -3.38 -5.49
C ALA A 101 -15.24 -3.51 -4.01
N LEU A 102 -14.07 -4.07 -3.75
CA LEU A 102 -13.60 -4.25 -2.38
C LEU A 102 -13.21 -2.90 -1.78
N LEU A 103 -12.42 -2.14 -2.54
CA LEU A 103 -11.96 -0.80 -2.11
C LEU A 103 -13.15 0.09 -1.77
N PHE A 104 -14.18 0.07 -2.61
CA PHE A 104 -15.40 0.84 -2.37
C PHE A 104 -15.96 0.54 -0.98
N SER A 105 -16.00 -0.73 -0.63
CA SER A 105 -16.49 -1.15 0.67
C SER A 105 -15.51 -0.71 1.76
N ILE A 106 -14.22 -0.86 1.48
CA ILE A 106 -13.17 -0.42 2.41
C ILE A 106 -13.34 1.06 2.74
N PHE A 107 -13.47 1.89 1.70
CA PHE A 107 -13.62 3.32 1.87
C PHE A 107 -14.88 3.65 2.66
N ASN A 108 -15.98 2.96 2.33
CA ASN A 108 -17.24 3.17 3.01
C ASN A 108 -17.13 2.82 4.50
N ARG A 109 -16.54 1.66 4.78
CA ARG A 109 -16.40 1.17 6.14
C ARG A 109 -15.44 2.06 6.93
N PHE A 110 -14.34 2.47 6.29
CA PHE A 110 -13.35 3.31 6.95
C PHE A 110 -13.93 4.69 7.27
N ARG A 111 -14.79 5.19 6.39
CA ARG A 111 -15.45 6.48 6.62
C ARG A 111 -16.50 6.38 7.71
N ASN A 112 -17.10 5.20 7.83
CA ASN A 112 -18.11 4.95 8.85
C ASN A 112 -17.47 4.72 10.21
N SER A 113 -16.41 3.92 10.23
CA SER A 113 -15.68 3.63 11.45
C SER A 113 -14.88 4.85 11.89
N GLY A 114 -14.37 5.60 10.93
CA GLY A 114 -13.56 6.75 11.23
C GLY A 114 -12.10 6.40 11.34
N LYS A 115 -11.84 5.10 11.44
CA LYS A 115 -10.49 4.59 11.56
C LYS A 115 -10.23 3.57 10.47
N GLY A 116 -9.01 3.09 10.40
CA GLY A 116 -8.64 2.11 9.38
C GLY A 116 -7.37 2.53 8.67
N PHE A 117 -7.04 3.79 8.82
CA PHE A 117 -5.82 4.40 8.30
C PHE A 117 -5.50 3.95 6.88
N LEU A 118 -6.06 4.64 5.90
CA LEU A 118 -5.84 4.24 4.53
C LEU A 118 -4.70 5.04 3.92
N LEU A 119 -3.73 4.30 3.43
CA LEU A 119 -2.57 4.88 2.79
C LEU A 119 -2.52 4.41 1.34
N LEU A 120 -2.64 5.35 0.42
CA LEU A 120 -2.73 5.03 -1.00
C LEU A 120 -1.55 5.59 -1.76
N GLY A 121 -1.05 4.83 -2.72
CA GLY A 121 0.06 5.29 -3.54
C GLY A 121 -0.09 4.90 -5.00
N SER A 122 0.34 5.80 -5.89
CA SER A 122 0.35 5.50 -7.32
C SER A 122 1.47 6.28 -7.99
N GLU A 123 1.45 6.41 -9.31
CA GLU A 123 2.59 6.95 -10.03
C GLU A 123 2.25 8.23 -10.80
N TYR A 124 0.98 8.42 -11.15
CA TYR A 124 0.57 9.62 -11.85
C TYR A 124 -0.15 10.58 -10.92
N THR A 125 -1.46 10.38 -10.78
CA THR A 125 -2.30 11.21 -9.91
C THR A 125 -3.71 10.60 -9.83
N PRO A 126 -4.49 10.96 -8.80
CA PRO A 126 -5.80 10.36 -8.56
C PRO A 126 -6.80 10.70 -9.67
N GLN A 127 -6.59 11.84 -10.31
CA GLN A 127 -7.49 12.34 -11.34
C GLN A 127 -7.14 11.73 -12.69
N GLN A 128 -6.04 10.98 -12.75
CA GLN A 128 -5.64 10.32 -13.97
C GLN A 128 -5.95 8.82 -13.88
N LEU A 129 -6.47 8.41 -12.73
CA LEU A 129 -6.83 7.02 -12.50
C LEU A 129 -8.04 6.64 -13.35
N VAL A 130 -7.95 5.50 -14.01
CA VAL A 130 -9.06 5.00 -14.81
C VAL A 130 -9.86 3.99 -14.01
N ILE A 131 -10.79 4.51 -13.23
CA ILE A 131 -11.65 3.68 -12.39
C ILE A 131 -13.04 4.29 -12.37
N ARG A 132 -13.93 3.72 -11.56
CA ARG A 132 -15.27 4.27 -11.39
C ARG A 132 -15.20 5.71 -10.94
N GLU A 133 -15.95 6.55 -11.62
CA GLU A 133 -15.92 7.98 -11.39
C GLU A 133 -16.53 8.34 -10.05
N ASP A 134 -17.49 7.53 -9.61
CA ASP A 134 -18.14 7.76 -8.33
C ASP A 134 -17.20 7.37 -7.19
N LEU A 135 -16.32 6.42 -7.45
CA LEU A 135 -15.34 6.00 -6.48
C LEU A 135 -14.17 6.98 -6.49
N ARG A 136 -13.77 7.38 -7.68
CA ARG A 136 -12.61 8.25 -7.87
C ARG A 136 -12.87 9.64 -7.27
N THR A 137 -14.14 10.01 -7.14
CA THR A 137 -14.48 11.29 -6.52
C THR A 137 -14.38 11.20 -4.99
N ARG A 138 -14.61 10.01 -4.44
CA ARG A 138 -14.48 9.79 -3.00
C ARG A 138 -13.01 9.80 -2.59
N MET A 139 -12.14 9.69 -3.59
CA MET A 139 -10.70 9.71 -3.39
C MET A 139 -10.25 11.05 -2.81
N ALA A 140 -11.10 12.05 -2.92
CA ALA A 140 -10.79 13.39 -2.44
C ALA A 140 -10.88 13.50 -0.91
N TYR A 141 -11.14 12.38 -0.24
CA TYR A 141 -11.22 12.37 1.22
C TYR A 141 -9.85 12.15 1.86
N CYS A 142 -8.79 12.26 1.07
CA CYS A 142 -7.45 12.08 1.60
C CYS A 142 -6.54 13.22 1.14
N LEU A 143 -5.45 13.40 1.84
CA LEU A 143 -4.48 14.45 1.52
C LEU A 143 -3.55 13.96 0.41
N VAL A 144 -2.99 14.89 -0.35
CA VAL A 144 -2.12 14.54 -1.45
C VAL A 144 -0.69 14.94 -1.16
N TYR A 145 0.17 13.95 -1.05
CA TYR A 145 1.60 14.16 -0.84
C TYR A 145 2.40 13.60 -2.00
N GLU A 146 3.48 14.28 -2.36
CA GLU A 146 4.31 13.82 -3.45
C GLU A 146 5.62 13.25 -2.93
N VAL A 147 5.84 11.97 -3.19
CA VAL A 147 7.07 11.30 -2.81
C VAL A 147 7.99 11.24 -4.01
N LYS A 148 8.93 12.17 -4.07
CA LYS A 148 9.80 12.28 -5.22
C LYS A 148 11.24 12.01 -4.85
N PRO A 149 12.05 11.57 -5.82
CA PRO A 149 13.49 11.44 -5.64
C PRO A 149 14.13 12.82 -5.45
N MET A 1 36.47 7.30 2.18
CA MET A 1 35.93 8.59 2.67
C MET A 1 34.40 8.62 2.53
N GLY A 2 33.73 9.03 3.60
CA GLY A 2 32.28 9.12 3.56
C GLY A 2 31.73 9.77 4.81
N HIS A 3 30.82 10.73 4.63
CA HIS A 3 30.22 11.44 5.75
C HIS A 3 29.02 12.27 5.28
N HIS A 4 29.17 12.91 4.12
CA HIS A 4 28.14 13.79 3.58
C HIS A 4 27.05 12.97 2.88
N HIS A 5 26.24 12.27 3.68
CA HIS A 5 25.18 11.42 3.13
C HIS A 5 23.94 12.23 2.76
N HIS A 6 24.05 12.97 1.65
CA HIS A 6 22.93 13.74 1.12
C HIS A 6 23.26 14.21 -0.29
N HIS A 7 22.73 13.53 -1.29
CA HIS A 7 23.03 13.83 -2.68
C HIS A 7 22.09 13.07 -3.61
N HIS A 8 21.52 13.78 -4.58
CA HIS A 8 20.71 13.15 -5.61
C HIS A 8 21.59 12.26 -6.49
N SER A 9 21.51 10.96 -6.28
CA SER A 9 22.37 10.03 -7.00
C SER A 9 21.53 8.99 -7.74
N HIS A 10 22.04 8.56 -8.89
CA HIS A 10 21.43 7.45 -9.62
C HIS A 10 21.98 6.14 -9.07
N MET A 11 21.14 5.40 -8.36
CA MET A 11 21.57 4.17 -7.70
C MET A 11 21.81 3.06 -8.71
N ASP A 12 22.79 2.23 -8.41
CA ASP A 12 23.10 1.08 -9.25
C ASP A 12 22.49 -0.16 -8.62
N TYR A 13 22.42 -0.14 -7.28
CA TYR A 13 21.87 -1.23 -6.49
C TYR A 13 22.72 -2.49 -6.61
N PRO A 14 23.72 -2.63 -5.73
CA PRO A 14 24.55 -3.81 -5.65
C PRO A 14 23.83 -4.95 -4.94
N SER A 15 23.61 -6.04 -5.64
CA SER A 15 22.87 -7.16 -5.09
C SER A 15 23.81 -8.13 -4.37
N PHE A 16 23.97 -7.92 -3.07
CA PHE A 16 24.77 -8.82 -2.26
C PHE A 16 24.07 -9.08 -0.94
N ASP A 17 24.12 -10.32 -0.49
CA ASP A 17 23.50 -10.70 0.77
C ASP A 17 24.52 -10.75 1.89
N LYS A 18 24.05 -10.94 3.11
CA LYS A 18 24.94 -10.95 4.26
C LYS A 18 24.88 -12.31 4.97
N PHE A 19 26.04 -12.75 5.43
CA PHE A 19 26.20 -14.07 6.02
C PHE A 19 27.59 -14.14 6.59
N LEU A 20 27.82 -13.60 7.79
CA LEU A 20 26.79 -13.15 8.74
C LEU A 20 25.65 -14.16 8.91
N GLY A 21 24.49 -13.67 9.30
CA GLY A 21 23.32 -14.52 9.47
C GLY A 21 22.03 -13.75 9.38
N THR A 22 21.48 -13.40 10.53
CA THR A 22 20.25 -12.64 10.59
C THR A 22 20.55 -11.15 10.87
N GLU A 23 19.75 -10.27 10.29
CA GLU A 23 19.95 -8.83 10.44
C GLU A 23 18.71 -8.07 9.99
N ASN A 24 18.29 -7.09 10.77
CA ASN A 24 17.07 -6.35 10.52
C ASN A 24 17.38 -4.90 10.13
N ALA A 25 18.67 -4.61 9.92
CA ALA A 25 19.12 -3.26 9.61
C ALA A 25 18.39 -2.67 8.42
N GLU A 26 18.11 -3.49 7.42
CA GLU A 26 17.41 -3.05 6.22
C GLU A 26 16.01 -2.53 6.56
N LEU A 27 15.35 -3.26 7.44
CA LEU A 27 14.01 -2.90 7.87
C LEU A 27 14.02 -1.62 8.70
N VAL A 28 15.09 -1.43 9.45
CA VAL A 28 15.26 -0.22 10.26
C VAL A 28 15.37 1.01 9.35
N TYR A 29 16.00 0.84 8.20
CA TYR A 29 16.12 1.92 7.22
C TYR A 29 14.75 2.26 6.64
N VAL A 30 13.86 1.27 6.61
CA VAL A 30 12.52 1.46 6.09
C VAL A 30 11.64 2.23 7.08
N LEU A 31 11.87 2.00 8.37
CA LEU A 31 11.13 2.66 9.43
C LEU A 31 11.38 4.16 9.41
N ARG A 32 10.40 4.94 8.95
CA ARG A 32 10.57 6.37 8.93
C ARG A 32 9.91 7.02 10.15
N HIS A 33 8.61 7.32 10.08
CA HIS A 33 7.95 8.02 11.17
C HIS A 33 6.44 8.17 10.95
N LYS A 34 5.83 7.19 10.27
CA LYS A 34 4.38 7.17 10.04
C LYS A 34 3.93 8.38 9.21
N HIS A 35 2.62 8.53 9.04
CA HIS A 35 2.02 9.70 8.39
C HIS A 35 0.51 9.69 8.59
N GLY A 36 -0.19 10.60 7.91
CA GLY A 36 -1.63 10.76 8.09
C GLY A 36 -2.44 9.56 7.62
N GLN A 37 -3.75 9.64 7.82
CA GLN A 37 -4.67 8.56 7.48
C GLN A 37 -4.83 8.39 5.98
N PHE A 38 -5.61 9.28 5.35
CA PHE A 38 -5.92 9.18 3.93
C PHE A 38 -4.96 10.02 3.09
N ILE A 39 -4.00 9.36 2.46
CA ILE A 39 -3.01 10.06 1.64
C ILE A 39 -2.79 9.35 0.30
N TYR A 40 -2.81 10.11 -0.77
CA TYR A 40 -2.45 9.61 -2.08
C TYR A 40 -1.07 10.12 -2.47
N VAL A 41 -0.14 9.21 -2.76
CA VAL A 41 1.21 9.59 -3.12
C VAL A 41 1.61 9.03 -4.47
N TRP A 42 1.75 9.90 -5.45
CA TRP A 42 2.15 9.48 -6.79
C TRP A 42 3.53 10.02 -7.14
N GLY A 43 3.77 11.29 -6.85
CA GLY A 43 5.04 11.91 -7.17
C GLY A 43 5.06 12.41 -8.60
N GLU A 44 5.43 13.66 -8.79
CA GLU A 44 5.38 14.28 -10.11
C GLU A 44 6.40 13.64 -11.06
N GLU A 45 7.60 13.37 -10.55
CA GLU A 45 8.60 12.64 -11.32
C GLU A 45 8.59 11.16 -10.95
N GLY A 46 7.55 10.74 -10.25
CA GLY A 46 7.46 9.37 -9.78
C GLY A 46 7.84 9.26 -8.32
N ALA A 47 8.64 8.25 -8.00
CA ALA A 47 9.18 8.05 -6.64
C ALA A 47 8.13 7.49 -5.67
N GLY A 48 6.86 7.79 -5.90
CA GLY A 48 5.81 7.27 -5.05
C GLY A 48 5.57 5.79 -5.24
N LYS A 49 6.01 5.27 -6.37
CA LYS A 49 5.80 3.89 -6.76
C LYS A 49 6.31 2.89 -5.71
N SER A 50 5.37 2.32 -4.95
CA SER A 50 5.60 1.18 -4.06
C SER A 50 6.51 1.49 -2.87
N HIS A 51 7.79 1.79 -3.14
CA HIS A 51 8.82 1.87 -2.10
C HIS A 51 8.51 2.93 -1.04
N LEU A 52 7.83 3.99 -1.43
CA LEU A 52 7.49 5.05 -0.49
C LEU A 52 6.43 4.59 0.50
N LEU A 53 5.57 3.67 0.08
CA LEU A 53 4.47 3.19 0.90
C LEU A 53 4.94 2.27 2.03
N GLN A 54 5.98 1.50 1.76
CA GLN A 54 6.46 0.50 2.71
C GLN A 54 6.96 1.14 4.00
N ALA A 55 7.56 2.32 3.85
CA ALA A 55 8.10 3.07 4.98
C ALA A 55 7.00 3.47 5.96
N TRP A 56 5.78 3.58 5.44
CA TRP A 56 4.62 3.95 6.24
C TRP A 56 4.04 2.70 6.90
N VAL A 57 3.97 1.63 6.14
CA VAL A 57 3.39 0.38 6.62
C VAL A 57 4.25 -0.28 7.70
N ALA A 58 5.53 -0.45 7.41
CA ALA A 58 6.43 -1.16 8.31
C ALA A 58 6.55 -0.46 9.66
N GLN A 59 6.53 0.87 9.64
CA GLN A 59 6.65 1.64 10.86
C GLN A 59 5.41 1.46 11.72
N ALA A 60 4.25 1.48 11.08
CA ALA A 60 2.98 1.31 11.78
C ALA A 60 2.85 -0.12 12.34
N LEU A 61 3.39 -1.07 11.59
CA LEU A 61 3.39 -2.47 12.01
C LEU A 61 4.12 -2.65 13.34
N GLU A 62 5.33 -2.13 13.44
CA GLU A 62 6.11 -2.27 14.66
C GLU A 62 5.63 -1.30 15.73
N ALA A 63 4.78 -0.36 15.32
CA ALA A 63 4.13 0.54 16.27
C ALA A 63 3.02 -0.20 17.02
N GLY A 64 2.70 -1.40 16.56
CA GLY A 64 1.73 -2.23 17.24
C GLY A 64 0.36 -2.20 16.59
N LYS A 65 0.27 -1.58 15.42
CA LYS A 65 -1.00 -1.48 14.72
C LYS A 65 -0.96 -2.37 13.50
N ASN A 66 -2.12 -2.81 13.05
CA ASN A 66 -2.18 -3.73 11.92
C ASN A 66 -2.10 -2.96 10.61
N ALA A 67 -1.26 -3.45 9.71
CA ALA A 67 -0.99 -2.77 8.45
C ALA A 67 -0.60 -3.76 7.39
N ALA A 68 -0.95 -3.46 6.14
CA ALA A 68 -0.59 -4.30 5.02
C ALA A 68 -0.56 -3.48 3.74
N TYR A 69 0.33 -3.83 2.82
CA TYR A 69 0.38 -3.17 1.54
C TYR A 69 0.13 -4.17 0.42
N ILE A 70 -0.63 -3.73 -0.57
CA ILE A 70 -0.96 -4.58 -1.70
C ILE A 70 -0.83 -3.79 -2.99
N ASP A 71 0.03 -4.28 -3.88
CA ASP A 71 0.20 -3.67 -5.19
C ASP A 71 -0.45 -4.55 -6.23
N ALA A 72 -1.56 -4.03 -6.77
CA ALA A 72 -2.51 -4.79 -7.58
C ALA A 72 -1.87 -5.62 -8.68
N ALA A 73 -0.77 -5.16 -9.25
CA ALA A 73 -0.20 -5.86 -10.40
C ALA A 73 0.80 -6.94 -10.01
N SER A 74 1.03 -7.11 -8.72
CA SER A 74 1.93 -8.15 -8.25
C SER A 74 1.26 -9.00 -7.18
N MET A 75 0.32 -8.40 -6.45
CA MET A 75 -0.42 -9.10 -5.42
C MET A 75 -1.90 -8.79 -5.54
N PRO A 76 -2.76 -9.79 -5.28
CA PRO A 76 -4.20 -9.61 -5.36
C PRO A 76 -4.80 -8.96 -4.12
N LEU A 77 -5.91 -8.29 -4.30
CA LEU A 77 -6.61 -7.66 -3.18
C LEU A 77 -7.58 -8.67 -2.57
N THR A 78 -7.72 -8.64 -1.26
CA THR A 78 -8.54 -9.60 -0.55
C THR A 78 -9.41 -8.91 0.49
N ASP A 79 -10.47 -9.58 0.90
CA ASP A 79 -11.37 -9.07 1.92
C ASP A 79 -10.71 -9.13 3.30
N ALA A 80 -9.60 -9.86 3.37
CA ALA A 80 -8.80 -9.94 4.60
C ALA A 80 -8.26 -8.56 4.99
N ALA A 81 -8.13 -7.67 4.00
CA ALA A 81 -7.59 -6.33 4.22
C ALA A 81 -8.39 -5.56 5.27
N PHE A 82 -9.64 -5.96 5.50
CA PHE A 82 -10.50 -5.30 6.47
C PHE A 82 -10.02 -5.53 7.91
N GLU A 83 -9.11 -6.48 8.08
CA GLU A 83 -8.55 -6.77 9.40
C GLU A 83 -7.50 -5.74 9.78
N ALA A 84 -6.92 -5.10 8.79
CA ALA A 84 -5.88 -4.13 9.03
C ALA A 84 -6.48 -2.74 9.17
N GLU A 85 -5.83 -1.91 9.98
CA GLU A 85 -6.25 -0.54 10.15
C GLU A 85 -5.51 0.36 9.15
N TYR A 86 -4.30 -0.07 8.79
CA TYR A 86 -3.46 0.66 7.86
C TYR A 86 -3.34 -0.10 6.54
N LEU A 87 -3.96 0.41 5.49
CA LEU A 87 -3.92 -0.25 4.19
C LEU A 87 -3.20 0.63 3.17
N ALA A 88 -2.19 0.07 2.54
CA ALA A 88 -1.47 0.76 1.49
C ALA A 88 -1.68 0.03 0.16
N VAL A 89 -2.43 0.65 -0.73
CA VAL A 89 -2.77 0.02 -1.99
C VAL A 89 -2.10 0.76 -3.15
N ASP A 90 -1.22 0.05 -3.86
CA ASP A 90 -0.52 0.64 -4.99
C ASP A 90 -1.16 0.20 -6.30
N GLN A 91 -0.98 1.02 -7.33
CA GLN A 91 -1.57 0.82 -8.65
C GLN A 91 -3.03 0.39 -8.58
N VAL A 92 -3.84 1.27 -7.99
CA VAL A 92 -5.28 1.05 -7.87
C VAL A 92 -5.92 1.10 -9.25
N GLU A 93 -5.26 1.81 -10.14
CA GLU A 93 -5.68 1.94 -11.52
C GLU A 93 -5.61 0.61 -12.26
N LYS A 94 -4.98 -0.39 -11.64
CA LYS A 94 -4.76 -1.66 -12.28
C LYS A 94 -5.58 -2.77 -11.63
N LEU A 95 -6.53 -2.40 -10.76
CA LEU A 95 -7.35 -3.38 -10.06
C LEU A 95 -8.20 -4.20 -11.02
N GLY A 96 -8.37 -5.49 -10.70
CA GLY A 96 -9.12 -6.37 -11.56
C GLY A 96 -10.60 -6.41 -11.25
N ASN A 97 -11.29 -5.28 -11.53
CA ASN A 97 -12.76 -5.17 -11.42
C ASN A 97 -13.30 -5.46 -10.01
N GLU A 98 -13.42 -6.74 -9.64
CA GLU A 98 -13.97 -7.13 -8.33
C GLU A 98 -13.19 -6.45 -7.21
N GLU A 99 -11.88 -6.35 -7.42
CA GLU A 99 -10.99 -5.75 -6.44
C GLU A 99 -11.30 -4.27 -6.26
N GLN A 100 -11.81 -3.64 -7.29
CA GLN A 100 -12.15 -2.22 -7.22
C GLN A 100 -13.38 -2.03 -6.33
N ALA A 101 -14.31 -2.97 -6.42
CA ALA A 101 -15.49 -2.97 -5.56
C ALA A 101 -15.08 -3.26 -4.12
N LEU A 102 -14.10 -4.14 -3.97
CA LEU A 102 -13.55 -4.45 -2.65
C LEU A 102 -12.87 -3.20 -2.08
N LEU A 103 -12.07 -2.54 -2.91
CA LEU A 103 -11.41 -1.29 -2.55
C LEU A 103 -12.45 -0.26 -2.10
N PHE A 104 -13.54 -0.15 -2.87
CA PHE A 104 -14.64 0.73 -2.51
C PHE A 104 -15.18 0.40 -1.12
N SER A 105 -15.35 -0.88 -0.86
CA SER A 105 -15.82 -1.36 0.42
C SER A 105 -14.88 -0.95 1.54
N ILE A 106 -13.58 -0.95 1.26
CA ILE A 106 -12.59 -0.51 2.22
C ILE A 106 -12.78 0.97 2.57
N PHE A 107 -12.97 1.79 1.55
CA PHE A 107 -13.22 3.21 1.75
C PHE A 107 -14.49 3.44 2.55
N ASN A 108 -15.53 2.68 2.22
CA ASN A 108 -16.80 2.77 2.93
C ASN A 108 -16.62 2.35 4.38
N ARG A 109 -15.86 1.29 4.59
CA ARG A 109 -15.57 0.78 5.93
C ARG A 109 -14.87 1.84 6.78
N PHE A 110 -13.96 2.59 6.16
CA PHE A 110 -13.21 3.62 6.86
C PHE A 110 -14.09 4.82 7.18
N ARG A 111 -14.71 5.38 6.16
CA ARG A 111 -15.49 6.61 6.30
C ARG A 111 -16.75 6.38 7.12
N ASN A 112 -17.15 5.12 7.25
CA ASN A 112 -18.36 4.77 7.98
C ASN A 112 -18.18 5.04 9.48
N SER A 113 -17.00 4.70 9.99
CA SER A 113 -16.71 4.89 11.40
C SER A 113 -15.97 6.20 11.63
N GLY A 114 -15.15 6.59 10.67
CA GLY A 114 -14.37 7.80 10.80
C GLY A 114 -12.90 7.46 10.95
N LYS A 115 -12.62 6.17 11.06
CA LYS A 115 -11.27 5.68 11.15
C LYS A 115 -10.72 5.38 9.76
N GLY A 116 -9.64 4.63 9.73
CA GLY A 116 -9.09 4.18 8.48
C GLY A 116 -7.84 4.90 8.07
N PHE A 117 -6.78 4.13 7.89
CA PHE A 117 -5.53 4.66 7.38
C PHE A 117 -5.29 4.09 6.00
N LEU A 118 -5.35 4.95 5.00
CA LEU A 118 -5.30 4.49 3.61
C LEU A 118 -4.26 5.27 2.83
N LEU A 119 -3.34 4.55 2.24
CA LEU A 119 -2.27 5.14 1.47
C LEU A 119 -2.33 4.61 0.04
N LEU A 120 -2.62 5.48 -0.91
CA LEU A 120 -2.72 5.10 -2.30
C LEU A 120 -1.47 5.47 -3.07
N GLY A 121 -0.94 4.53 -3.82
CA GLY A 121 0.18 4.81 -4.69
C GLY A 121 -0.27 5.22 -6.08
N SER A 122 -0.10 4.33 -7.04
CA SER A 122 -0.55 4.56 -8.42
C SER A 122 0.34 5.60 -9.11
N GLU A 123 -0.01 5.96 -10.35
CA GLU A 123 0.90 6.77 -11.16
C GLU A 123 0.33 8.17 -11.48
N TYR A 124 -0.98 8.36 -11.37
CA TYR A 124 -1.56 9.63 -11.82
C TYR A 124 -2.25 10.41 -10.70
N THR A 125 -3.52 10.12 -10.46
CA THR A 125 -4.28 10.82 -9.42
C THR A 125 -5.49 9.99 -9.00
N PRO A 126 -5.96 10.16 -7.75
CA PRO A 126 -7.01 9.30 -7.18
C PRO A 126 -8.36 9.47 -7.88
N GLN A 127 -8.67 10.68 -8.28
CA GLN A 127 -9.97 10.98 -8.86
C GLN A 127 -9.96 10.83 -10.36
N GLN A 128 -8.78 10.64 -10.93
CA GLN A 128 -8.65 10.53 -12.39
C GLN A 128 -8.35 9.09 -12.79
N LEU A 129 -8.19 8.22 -11.81
CA LEU A 129 -7.97 6.80 -12.07
C LEU A 129 -9.18 6.20 -12.76
N VAL A 130 -9.02 5.01 -13.32
CA VAL A 130 -10.12 4.31 -13.97
C VAL A 130 -11.05 3.71 -12.92
N ILE A 131 -11.92 4.54 -12.38
CA ILE A 131 -12.83 4.13 -11.32
C ILE A 131 -14.24 4.66 -11.61
N ARG A 132 -15.21 4.16 -10.87
CA ARG A 132 -16.59 4.61 -11.01
C ARG A 132 -16.88 5.76 -10.05
N GLU A 133 -18.05 6.38 -10.20
CA GLU A 133 -18.39 7.59 -9.43
C GLU A 133 -18.41 7.32 -7.94
N ASP A 134 -18.79 6.10 -7.57
CA ASP A 134 -18.85 5.70 -6.17
C ASP A 134 -17.49 5.88 -5.50
N LEU A 135 -16.43 5.58 -6.23
CA LEU A 135 -15.09 5.75 -5.71
C LEU A 135 -14.63 7.21 -5.87
N ARG A 136 -14.96 7.81 -7.01
CA ARG A 136 -14.50 9.16 -7.32
C ARG A 136 -14.93 10.15 -6.24
N THR A 137 -16.12 9.94 -5.68
CA THR A 137 -16.63 10.80 -4.63
C THR A 137 -15.86 10.59 -3.32
N ARG A 138 -15.55 9.34 -3.00
CA ARG A 138 -14.83 9.01 -1.77
C ARG A 138 -13.36 9.40 -1.86
N MET A 139 -12.84 9.48 -3.08
CA MET A 139 -11.45 9.88 -3.30
C MET A 139 -11.22 11.33 -2.90
N ALA A 140 -12.31 12.08 -2.77
CA ALA A 140 -12.23 13.48 -2.37
C ALA A 140 -11.96 13.61 -0.87
N TYR A 141 -11.91 12.49 -0.16
CA TYR A 141 -11.68 12.50 1.27
C TYR A 141 -10.23 12.18 1.62
N CYS A 142 -9.36 12.19 0.63
CA CYS A 142 -7.95 11.91 0.87
C CYS A 142 -7.10 13.07 0.39
N LEU A 143 -5.94 13.22 0.98
CA LEU A 143 -5.00 14.26 0.59
C LEU A 143 -4.16 13.77 -0.58
N VAL A 144 -3.66 14.70 -1.38
CA VAL A 144 -2.87 14.35 -2.55
C VAL A 144 -1.48 14.93 -2.41
N TYR A 145 -0.49 14.05 -2.34
CA TYR A 145 0.89 14.46 -2.17
C TYR A 145 1.74 14.16 -3.40
N GLU A 146 2.28 15.20 -3.99
CA GLU A 146 3.29 15.05 -5.01
C GLU A 146 4.66 15.03 -4.36
N VAL A 147 5.33 13.89 -4.42
CA VAL A 147 6.60 13.72 -3.75
C VAL A 147 7.75 13.79 -4.73
N LYS A 148 8.66 14.71 -4.50
CA LYS A 148 9.88 14.81 -5.30
C LYS A 148 11.10 14.95 -4.39
N PRO A 149 11.70 13.80 -4.01
CA PRO A 149 12.85 13.77 -3.11
C PRO A 149 14.16 14.09 -3.83
N MET A 1 -14.70 -24.94 -37.01
CA MET A 1 -13.97 -26.17 -36.59
C MET A 1 -12.58 -25.80 -36.11
N GLY A 2 -11.76 -26.82 -35.84
CA GLY A 2 -10.39 -26.58 -35.41
C GLY A 2 -10.18 -26.90 -33.95
N HIS A 3 -9.59 -28.06 -33.68
CA HIS A 3 -9.29 -28.47 -32.32
C HIS A 3 -8.00 -27.81 -31.86
N HIS A 4 -8.12 -26.61 -31.30
CA HIS A 4 -6.94 -25.88 -30.83
C HIS A 4 -6.94 -25.84 -29.31
N HIS A 5 -5.95 -26.48 -28.71
CA HIS A 5 -5.84 -26.54 -27.27
C HIS A 5 -4.45 -27.05 -26.87
N HIS A 6 -3.67 -26.18 -26.25
CA HIS A 6 -2.31 -26.52 -25.85
C HIS A 6 -1.88 -25.61 -24.71
N HIS A 7 -1.47 -26.20 -23.60
CA HIS A 7 -1.09 -25.42 -22.42
C HIS A 7 -0.09 -26.19 -21.57
N HIS A 8 0.95 -25.51 -21.12
CA HIS A 8 1.97 -26.12 -20.26
C HIS A 8 2.56 -25.06 -19.34
N SER A 9 2.15 -25.09 -18.08
CA SER A 9 2.59 -24.09 -17.11
C SER A 9 2.78 -24.70 -15.72
N HIS A 10 3.98 -25.18 -15.45
CA HIS A 10 4.30 -25.77 -14.16
C HIS A 10 5.81 -26.03 -14.03
N MET A 11 6.56 -24.98 -13.68
CA MET A 11 7.99 -25.10 -13.40
C MET A 11 8.59 -23.76 -13.00
N ASP A 12 8.97 -23.66 -11.73
CA ASP A 12 9.67 -22.49 -11.21
C ASP A 12 9.93 -22.67 -9.73
N TYR A 13 11.14 -23.09 -9.38
CA TYR A 13 11.47 -23.37 -7.98
C TYR A 13 12.77 -22.70 -7.55
N PRO A 14 12.72 -21.40 -7.22
CA PRO A 14 13.83 -20.70 -6.60
C PRO A 14 13.70 -20.70 -5.07
N SER A 15 14.67 -21.29 -4.39
CA SER A 15 14.59 -21.42 -2.94
C SER A 15 15.86 -20.93 -2.26
N PHE A 16 15.85 -19.66 -1.87
CA PHE A 16 16.94 -19.07 -1.11
C PHE A 16 16.52 -17.72 -0.56
N ASP A 17 16.46 -17.62 0.75
CA ASP A 17 16.08 -16.36 1.39
C ASP A 17 17.28 -15.43 1.52
N LYS A 18 18.00 -15.49 2.64
CA LYS A 18 19.20 -14.68 2.83
C LYS A 18 20.18 -15.34 3.79
N PHE A 19 21.45 -15.25 3.46
CA PHE A 19 22.53 -15.75 4.28
C PHE A 19 23.66 -14.73 4.29
N LEU A 20 24.57 -14.82 5.25
CA LEU A 20 24.53 -15.85 6.28
C LEU A 20 24.46 -15.18 7.65
N GLY A 21 23.26 -15.05 8.18
CA GLY A 21 23.08 -14.36 9.45
C GLY A 21 21.84 -13.50 9.44
N THR A 22 22.01 -12.21 9.15
CA THR A 22 20.89 -11.28 9.15
C THR A 22 21.35 -9.88 8.71
N GLU A 23 20.44 -9.12 8.12
CA GLU A 23 20.73 -7.77 7.71
C GLU A 23 19.59 -6.83 8.09
N ASN A 24 19.90 -5.85 8.92
CA ASN A 24 18.89 -4.92 9.41
C ASN A 24 19.05 -3.56 8.73
N ALA A 25 20.17 -3.36 8.04
CA ALA A 25 20.45 -2.10 7.37
C ALA A 25 19.36 -1.78 6.35
N GLU A 26 18.95 -2.78 5.59
CA GLU A 26 17.92 -2.63 4.58
C GLU A 26 16.57 -2.33 5.22
N LEU A 27 16.38 -2.85 6.42
CA LEU A 27 15.16 -2.66 7.17
C LEU A 27 15.09 -1.22 7.70
N VAL A 28 16.22 -0.75 8.24
CA VAL A 28 16.29 0.62 8.76
C VAL A 28 16.14 1.63 7.63
N TYR A 29 16.63 1.26 6.45
CA TYR A 29 16.48 2.08 5.24
C TYR A 29 15.01 2.37 4.95
N VAL A 30 14.15 1.38 5.17
CA VAL A 30 12.73 1.53 4.93
C VAL A 30 12.08 2.40 6.00
N LEU A 31 12.57 2.29 7.22
CA LEU A 31 11.98 2.98 8.37
C LEU A 31 11.99 4.49 8.19
N ARG A 32 10.81 5.06 7.95
CA ARG A 32 10.63 6.50 7.87
C ARG A 32 9.49 6.93 8.80
N HIS A 33 9.11 8.20 8.73
CA HIS A 33 8.08 8.73 9.62
C HIS A 33 6.68 8.32 9.14
N LYS A 34 5.78 8.10 10.09
CA LYS A 34 4.41 7.69 9.79
C LYS A 34 3.63 8.87 9.20
N HIS A 35 2.45 8.57 8.65
CA HIS A 35 1.64 9.57 7.97
C HIS A 35 0.25 9.66 8.62
N GLY A 36 -0.65 10.39 7.96
CA GLY A 36 -1.99 10.61 8.49
C GLY A 36 -2.92 9.43 8.30
N GLN A 37 -4.22 9.69 8.41
CA GLN A 37 -5.23 8.63 8.35
C GLN A 37 -5.57 8.28 6.91
N PHE A 38 -6.15 9.24 6.18
CA PHE A 38 -6.49 9.04 4.78
C PHE A 38 -5.69 10.00 3.91
N ILE A 39 -4.71 9.46 3.19
CA ILE A 39 -3.85 10.28 2.34
C ILE A 39 -3.60 9.60 0.99
N TYR A 40 -3.66 10.40 -0.06
CA TYR A 40 -3.27 9.96 -1.39
C TYR A 40 -2.01 10.70 -1.84
N VAL A 41 -1.04 9.94 -2.31
CA VAL A 41 0.17 10.52 -2.87
C VAL A 41 0.26 10.21 -4.36
N TRP A 42 0.65 11.19 -5.15
CA TRP A 42 0.74 11.01 -6.59
C TRP A 42 2.17 11.20 -7.07
N GLY A 43 3.09 11.36 -6.13
CA GLY A 43 4.48 11.59 -6.50
C GLY A 43 5.43 11.29 -5.35
N GLU A 44 5.79 10.02 -5.20
CA GLU A 44 6.79 9.62 -4.24
C GLU A 44 8.18 9.70 -4.87
N GLU A 45 8.80 10.87 -4.78
CA GLU A 45 10.09 11.15 -5.44
C GLU A 45 9.89 11.25 -6.95
N GLY A 46 9.26 10.24 -7.53
CA GLY A 46 8.92 10.25 -8.92
C GLY A 46 7.85 9.21 -9.21
N ALA A 47 8.29 8.04 -9.62
CA ALA A 47 7.40 6.91 -9.82
C ALA A 47 8.15 5.61 -9.55
N GLY A 48 8.32 5.29 -8.28
CA GLY A 48 9.06 4.11 -7.90
C GLY A 48 8.15 2.95 -7.57
N LYS A 49 7.88 2.78 -6.28
CA LYS A 49 7.02 1.70 -5.80
C LYS A 49 6.99 1.63 -4.27
N SER A 50 5.86 2.02 -3.70
CA SER A 50 5.58 1.82 -2.27
C SER A 50 6.66 2.43 -1.36
N HIS A 51 7.35 3.49 -1.81
CA HIS A 51 8.48 4.03 -1.06
C HIS A 51 8.04 4.56 0.31
N LEU A 52 7.13 5.54 0.29
CA LEU A 52 6.61 6.09 1.53
C LEU A 52 5.56 5.17 2.13
N LEU A 53 4.93 4.37 1.27
CA LEU A 53 3.83 3.49 1.67
C LEU A 53 4.31 2.35 2.56
N GLN A 54 5.42 1.72 2.18
CA GLN A 54 5.94 0.57 2.91
C GLN A 54 6.43 1.00 4.29
N ALA A 55 7.01 2.19 4.34
CA ALA A 55 7.49 2.76 5.60
C ALA A 55 6.32 2.99 6.56
N TRP A 56 5.23 3.52 6.02
CA TRP A 56 4.03 3.81 6.79
C TRP A 56 3.49 2.54 7.42
N VAL A 57 3.44 1.48 6.63
CA VAL A 57 2.93 0.19 7.09
C VAL A 57 3.82 -0.41 8.18
N ALA A 58 5.12 -0.45 7.92
CA ALA A 58 6.07 -1.05 8.86
C ALA A 58 6.04 -0.33 10.20
N GLN A 59 5.91 1.00 10.17
CA GLN A 59 5.84 1.79 11.39
C GLN A 59 4.58 1.46 12.18
N ALA A 60 3.47 1.28 11.46
CA ALA A 60 2.21 0.92 12.10
C ALA A 60 2.30 -0.47 12.72
N LEU A 61 2.95 -1.38 12.00
CA LEU A 61 3.15 -2.75 12.46
C LEU A 61 3.90 -2.80 13.78
N GLU A 62 5.02 -2.08 13.85
CA GLU A 62 5.83 -2.07 15.05
C GLU A 62 5.22 -1.19 16.14
N ALA A 63 4.21 -0.41 15.75
CA ALA A 63 3.44 0.38 16.70
C ALA A 63 2.38 -0.49 17.38
N GLY A 64 2.32 -1.75 16.97
CA GLY A 64 1.42 -2.69 17.61
C GLY A 64 0.07 -2.75 16.93
N LYS A 65 -0.03 -2.09 15.79
CA LYS A 65 -1.29 -2.03 15.07
C LYS A 65 -1.20 -2.92 13.84
N ASN A 66 -2.35 -3.28 13.29
CA ASN A 66 -2.38 -4.15 12.13
C ASN A 66 -2.32 -3.32 10.86
N ALA A 67 -1.47 -3.73 9.93
CA ALA A 67 -1.26 -2.99 8.71
C ALA A 67 -0.91 -3.94 7.57
N ALA A 68 -1.18 -3.52 6.34
CA ALA A 68 -0.86 -4.31 5.18
C ALA A 68 -0.64 -3.41 3.96
N TYR A 69 0.37 -3.74 3.18
CA TYR A 69 0.64 -3.03 1.94
C TYR A 69 0.30 -3.93 0.77
N ILE A 70 -0.47 -3.43 -0.17
CA ILE A 70 -0.88 -4.19 -1.33
C ILE A 70 -0.46 -3.48 -2.59
N ASP A 71 0.46 -4.08 -3.33
CA ASP A 71 0.94 -3.51 -4.56
C ASP A 71 0.20 -4.13 -5.72
N ALA A 72 -0.65 -3.36 -6.37
CA ALA A 72 -1.52 -3.87 -7.43
C ALA A 72 -0.74 -4.57 -8.54
N ALA A 73 0.53 -4.18 -8.71
CA ALA A 73 1.37 -4.77 -9.75
C ALA A 73 2.35 -5.77 -9.14
N SER A 74 1.92 -6.45 -8.10
CA SER A 74 2.72 -7.48 -7.45
C SER A 74 1.82 -8.45 -6.72
N MET A 75 0.79 -7.92 -6.08
CA MET A 75 -0.14 -8.70 -5.28
C MET A 75 -1.57 -8.25 -5.54
N PRO A 76 -2.52 -9.18 -5.54
CA PRO A 76 -3.93 -8.85 -5.76
C PRO A 76 -4.62 -8.40 -4.47
N LEU A 77 -5.70 -7.65 -4.64
CA LEU A 77 -6.48 -7.19 -3.50
C LEU A 77 -7.31 -8.35 -2.96
N THR A 78 -7.46 -8.40 -1.64
CA THR A 78 -8.12 -9.52 -0.99
C THR A 78 -8.96 -9.05 0.20
N ASP A 79 -9.85 -9.91 0.65
CA ASP A 79 -10.77 -9.60 1.75
C ASP A 79 -10.03 -9.52 3.07
N ALA A 80 -8.86 -10.16 3.13
CA ALA A 80 -8.01 -10.14 4.32
C ALA A 80 -7.66 -8.71 4.73
N ALA A 81 -7.69 -7.81 3.76
CA ALA A 81 -7.34 -6.41 4.00
C ALA A 81 -8.28 -5.76 5.02
N PHE A 82 -9.49 -6.29 5.15
CA PHE A 82 -10.47 -5.74 6.09
C PHE A 82 -10.03 -5.92 7.54
N GLU A 83 -9.10 -6.84 7.76
CA GLU A 83 -8.65 -7.12 9.11
C GLU A 83 -7.55 -6.16 9.56
N ALA A 84 -6.95 -5.51 8.59
CA ALA A 84 -5.90 -4.55 8.85
C ALA A 84 -6.51 -3.20 9.20
N GLU A 85 -5.88 -2.52 10.14
CA GLU A 85 -6.32 -1.18 10.51
C GLU A 85 -5.69 -0.15 9.58
N TYR A 86 -4.46 -0.43 9.16
CA TYR A 86 -3.73 0.45 8.25
C TYR A 86 -3.57 -0.22 6.89
N LEU A 87 -4.22 0.34 5.87
CA LEU A 87 -4.12 -0.21 4.52
C LEU A 87 -3.39 0.75 3.59
N ALA A 88 -2.36 0.23 2.93
CA ALA A 88 -1.63 1.01 1.94
C ALA A 88 -1.65 0.28 0.60
N VAL A 89 -2.13 0.97 -0.44
CA VAL A 89 -2.25 0.36 -1.75
C VAL A 89 -1.42 1.11 -2.79
N ASP A 90 -0.41 0.45 -3.31
CA ASP A 90 0.46 1.03 -4.33
C ASP A 90 -0.08 0.69 -5.71
N GLN A 91 -0.16 1.73 -6.57
CA GLN A 91 -0.69 1.58 -7.92
C GLN A 91 -2.14 1.12 -7.88
N VAL A 92 -2.91 1.71 -6.97
CA VAL A 92 -4.32 1.37 -6.77
C VAL A 92 -5.13 1.52 -8.06
N GLU A 93 -4.64 2.35 -8.98
CA GLU A 93 -5.33 2.59 -10.24
C GLU A 93 -5.31 1.35 -11.13
N LYS A 94 -4.42 0.41 -10.84
CA LYS A 94 -4.26 -0.76 -11.71
C LYS A 94 -5.34 -1.80 -11.44
N LEU A 95 -6.12 -1.58 -10.38
CA LEU A 95 -7.16 -2.52 -9.99
C LEU A 95 -8.31 -2.49 -10.97
N GLY A 96 -8.87 -3.66 -11.26
CA GLY A 96 -9.93 -3.78 -12.22
C GLY A 96 -11.30 -3.40 -11.66
N ASN A 97 -12.26 -4.29 -11.78
CA ASN A 97 -13.62 -4.03 -11.35
C ASN A 97 -13.87 -4.56 -9.95
N GLU A 98 -13.58 -5.84 -9.76
CA GLU A 98 -13.88 -6.53 -8.51
C GLU A 98 -13.05 -5.97 -7.38
N GLU A 99 -11.82 -5.59 -7.67
CA GLU A 99 -10.94 -5.00 -6.67
C GLU A 99 -11.49 -3.65 -6.21
N GLN A 100 -11.96 -2.85 -7.17
CA GLN A 100 -12.52 -1.54 -6.85
C GLN A 100 -13.84 -1.66 -6.10
N ALA A 101 -14.46 -2.84 -6.17
CA ALA A 101 -15.64 -3.11 -5.39
C ALA A 101 -15.25 -3.40 -3.94
N LEU A 102 -14.17 -4.16 -3.79
CA LEU A 102 -13.64 -4.49 -2.47
C LEU A 102 -13.10 -3.23 -1.80
N LEU A 103 -12.26 -2.50 -2.54
CA LEU A 103 -11.62 -1.28 -2.04
C LEU A 103 -12.68 -0.28 -1.59
N PHE A 104 -13.70 -0.09 -2.42
CA PHE A 104 -14.80 0.83 -2.11
C PHE A 104 -15.45 0.47 -0.78
N SER A 105 -15.68 -0.82 -0.57
CA SER A 105 -16.26 -1.30 0.66
C SER A 105 -15.38 -0.94 1.86
N ILE A 106 -14.06 -0.97 1.66
CA ILE A 106 -13.13 -0.55 2.70
C ILE A 106 -13.34 0.92 3.04
N PHE A 107 -13.49 1.75 2.00
CA PHE A 107 -13.78 3.18 2.20
C PHE A 107 -15.07 3.36 2.98
N ASN A 108 -16.11 2.66 2.56
CA ASN A 108 -17.42 2.75 3.20
C ASN A 108 -17.33 2.37 4.68
N ARG A 109 -16.68 1.24 4.95
CA ARG A 109 -16.48 0.78 6.33
C ARG A 109 -15.75 1.83 7.16
N PHE A 110 -14.65 2.34 6.61
CA PHE A 110 -13.81 3.29 7.31
C PHE A 110 -14.51 4.62 7.54
N ARG A 111 -15.07 5.19 6.48
CA ARG A 111 -15.68 6.50 6.55
C ARG A 111 -16.96 6.48 7.38
N ASN A 112 -17.62 5.34 7.41
CA ASN A 112 -18.86 5.19 8.16
C ASN A 112 -18.60 5.30 9.66
N SER A 113 -17.50 4.72 10.10
CA SER A 113 -17.16 4.70 11.52
C SER A 113 -16.24 5.88 11.88
N GLY A 114 -15.53 6.39 10.88
CA GLY A 114 -14.55 7.44 11.13
C GLY A 114 -13.23 6.85 11.60
N LYS A 115 -13.06 5.56 11.35
CA LYS A 115 -11.94 4.80 11.84
C LYS A 115 -11.23 4.16 10.66
N GLY A 116 -10.10 3.51 10.91
CA GLY A 116 -9.35 2.90 9.84
C GLY A 116 -8.42 3.87 9.15
N PHE A 117 -7.31 3.35 8.63
CA PHE A 117 -6.30 4.17 7.98
C PHE A 117 -6.08 3.69 6.55
N LEU A 118 -5.93 4.64 5.63
CA LEU A 118 -5.78 4.31 4.21
C LEU A 118 -4.74 5.21 3.56
N LEU A 119 -3.75 4.60 2.95
CA LEU A 119 -2.73 5.32 2.23
C LEU A 119 -2.71 4.86 0.77
N LEU A 120 -3.01 5.77 -0.13
CA LEU A 120 -3.09 5.43 -1.55
C LEU A 120 -2.01 6.16 -2.32
N GLY A 121 -1.43 5.48 -3.30
CA GLY A 121 -0.41 6.09 -4.12
C GLY A 121 -0.40 5.57 -5.54
N SER A 122 -0.38 6.49 -6.51
CA SER A 122 -0.23 6.11 -7.91
C SER A 122 0.42 7.25 -8.69
N GLU A 123 -0.39 8.19 -9.18
CA GLU A 123 0.11 9.36 -9.90
C GLU A 123 -1.05 10.18 -10.47
N TYR A 124 -0.71 11.17 -11.29
CA TYR A 124 -1.68 12.09 -11.91
C TYR A 124 -2.42 12.90 -10.85
N THR A 125 -3.52 12.34 -10.33
CA THR A 125 -4.36 12.95 -9.31
C THR A 125 -5.59 12.08 -9.08
N PRO A 126 -6.21 12.16 -7.90
CA PRO A 126 -7.41 11.36 -7.57
C PRO A 126 -8.57 11.62 -8.53
N GLN A 127 -8.57 12.80 -9.15
CA GLN A 127 -9.64 13.21 -10.04
C GLN A 127 -9.25 12.99 -11.50
N GLN A 128 -8.09 12.41 -11.72
CA GLN A 128 -7.60 12.12 -13.06
C GLN A 128 -7.61 10.61 -13.30
N LEU A 129 -7.44 9.85 -12.23
CA LEU A 129 -7.40 8.39 -12.31
C LEU A 129 -8.65 7.83 -12.97
N VAL A 130 -8.46 6.89 -13.91
CA VAL A 130 -9.58 6.27 -14.60
C VAL A 130 -10.08 5.07 -13.81
N ILE A 131 -10.99 5.33 -12.88
CA ILE A 131 -11.56 4.30 -12.03
C ILE A 131 -13.06 4.50 -11.89
N ARG A 132 -13.73 3.59 -11.20
CA ARG A 132 -15.16 3.71 -10.97
C ARG A 132 -15.46 5.00 -10.21
N GLU A 133 -16.36 5.79 -10.76
CA GLU A 133 -16.65 7.12 -10.23
C GLU A 133 -17.20 7.06 -8.81
N ASP A 134 -17.78 5.92 -8.44
CA ASP A 134 -18.37 5.79 -7.11
C ASP A 134 -17.28 5.67 -6.07
N LEU A 135 -16.15 5.08 -6.45
CA LEU A 135 -14.98 5.04 -5.60
C LEU A 135 -14.21 6.35 -5.76
N ARG A 136 -14.22 6.85 -6.98
CA ARG A 136 -13.52 8.08 -7.36
C ARG A 136 -13.96 9.26 -6.51
N THR A 137 -15.25 9.32 -6.20
CA THR A 137 -15.78 10.39 -5.36
C THR A 137 -15.25 10.31 -3.93
N ARG A 138 -14.95 9.09 -3.48
CA ARG A 138 -14.45 8.86 -2.14
C ARG A 138 -12.97 9.25 -2.06
N MET A 139 -12.34 9.36 -3.21
CA MET A 139 -10.95 9.78 -3.30
C MET A 139 -10.78 11.21 -2.84
N ALA A 140 -11.86 11.99 -2.90
CA ALA A 140 -11.83 13.40 -2.54
C ALA A 140 -11.88 13.60 -1.03
N TYR A 141 -12.04 12.51 -0.29
CA TYR A 141 -12.10 12.60 1.17
C TYR A 141 -10.72 12.34 1.78
N CYS A 142 -9.71 12.24 0.93
CA CYS A 142 -8.36 11.98 1.38
C CYS A 142 -7.47 13.17 1.06
N LEU A 143 -6.50 13.40 1.90
CA LEU A 143 -5.53 14.47 1.70
C LEU A 143 -4.58 14.11 0.56
N VAL A 144 -4.01 15.11 -0.08
CA VAL A 144 -3.11 14.90 -1.19
C VAL A 144 -1.73 15.43 -0.85
N TYR A 145 -0.76 14.54 -0.77
CA TYR A 145 0.61 14.92 -0.48
C TYR A 145 1.55 14.39 -1.56
N GLU A 146 2.74 14.96 -1.60
CA GLU A 146 3.74 14.58 -2.58
C GLU A 146 5.13 14.92 -2.05
N VAL A 147 6.14 14.27 -2.61
CA VAL A 147 7.52 14.54 -2.27
C VAL A 147 8.35 14.56 -3.55
N LYS A 148 7.66 14.76 -4.66
CA LYS A 148 8.28 14.78 -5.98
C LYS A 148 8.61 16.23 -6.37
N PRO A 149 9.51 16.43 -7.34
CA PRO A 149 9.82 17.77 -7.86
C PRO A 149 8.63 18.36 -8.66
N MET A 1 -8.73 1.55 -33.31
CA MET A 1 -7.93 0.38 -33.75
C MET A 1 -6.62 0.33 -32.97
N GLY A 2 -5.94 -0.81 -33.02
CA GLY A 2 -4.68 -0.96 -32.33
C GLY A 2 -4.25 -2.40 -32.21
N HIS A 3 -3.00 -2.62 -31.83
CA HIS A 3 -2.47 -3.97 -31.69
C HIS A 3 -1.30 -4.01 -30.70
N HIS A 4 -1.49 -4.74 -29.61
CA HIS A 4 -0.43 -4.95 -28.64
C HIS A 4 -0.47 -6.39 -28.12
N HIS A 5 0.21 -7.28 -28.83
CA HIS A 5 0.22 -8.69 -28.45
C HIS A 5 1.37 -8.96 -27.50
N HIS A 6 1.25 -8.45 -26.29
CA HIS A 6 2.31 -8.59 -25.30
C HIS A 6 2.26 -9.95 -24.62
N HIS A 7 3.44 -10.51 -24.32
CA HIS A 7 3.53 -11.75 -23.55
C HIS A 7 4.92 -11.87 -22.94
N HIS A 8 5.03 -11.48 -21.68
CA HIS A 8 6.29 -11.61 -20.95
C HIS A 8 6.12 -12.62 -19.83
N SER A 9 6.68 -13.80 -20.02
CA SER A 9 6.51 -14.87 -19.06
C SER A 9 7.87 -15.42 -18.62
N HIS A 10 8.25 -15.10 -17.39
CA HIS A 10 9.49 -15.59 -16.80
C HIS A 10 9.39 -15.50 -15.29
N MET A 11 8.46 -16.25 -14.74
CA MET A 11 8.17 -16.16 -13.31
C MET A 11 8.66 -17.41 -12.58
N ASP A 12 9.93 -17.40 -12.20
CA ASP A 12 10.49 -18.44 -11.36
C ASP A 12 11.27 -17.77 -10.23
N TYR A 13 11.05 -18.22 -9.00
CA TYR A 13 11.62 -17.56 -7.84
C TYR A 13 12.43 -18.53 -6.99
N PRO A 14 13.74 -18.63 -7.25
CA PRO A 14 14.65 -19.46 -6.46
C PRO A 14 14.91 -18.84 -5.10
N SER A 15 14.49 -19.54 -4.05
CA SER A 15 14.67 -19.05 -2.70
C SER A 15 14.86 -20.19 -1.72
N PHE A 16 16.09 -20.43 -1.30
CA PHE A 16 16.37 -21.48 -0.33
C PHE A 16 17.37 -20.99 0.71
N ASP A 17 16.86 -20.62 1.88
CA ASP A 17 17.67 -20.22 3.02
C ASP A 17 16.79 -20.10 4.24
N LYS A 18 17.20 -20.73 5.33
CA LYS A 18 16.42 -20.70 6.55
C LYS A 18 17.33 -20.66 7.78
N PHE A 19 17.27 -19.57 8.52
CA PHE A 19 18.01 -19.45 9.76
C PHE A 19 17.14 -18.71 10.76
N LEU A 20 16.71 -17.47 10.47
CA LEU A 20 17.28 -16.61 9.42
C LEU A 20 18.16 -15.56 10.09
N GLY A 21 19.40 -15.47 9.67
CA GLY A 21 20.35 -14.62 10.38
C GLY A 21 21.20 -13.77 9.46
N THR A 22 21.12 -12.46 9.66
CA THR A 22 21.98 -11.50 8.96
C THR A 22 22.01 -10.19 9.74
N GLU A 23 21.03 -9.33 9.46
CA GLU A 23 20.89 -8.03 10.10
C GLU A 23 19.48 -7.53 9.87
N ASN A 24 19.18 -6.36 10.37
CA ASN A 24 17.88 -5.74 10.15
C ASN A 24 18.06 -4.55 9.21
N ALA A 25 19.17 -4.59 8.47
CA ALA A 25 19.58 -3.49 7.61
C ALA A 25 18.52 -3.14 6.56
N GLU A 26 17.99 -4.17 5.89
CA GLU A 26 17.02 -3.95 4.82
C GLU A 26 15.74 -3.33 5.35
N LEU A 27 15.30 -3.78 6.52
CA LEU A 27 14.09 -3.29 7.12
C LEU A 27 14.27 -1.85 7.63
N VAL A 28 15.44 -1.57 8.20
CA VAL A 28 15.76 -0.22 8.66
C VAL A 28 15.88 0.74 7.47
N TYR A 29 16.42 0.23 6.37
CA TYR A 29 16.55 1.00 5.14
C TYR A 29 15.19 1.50 4.65
N VAL A 30 14.16 0.71 4.91
CA VAL A 30 12.81 1.06 4.50
C VAL A 30 12.22 2.15 5.40
N LEU A 31 12.41 1.97 6.70
CA LEU A 31 11.82 2.88 7.71
C LEU A 31 12.21 4.33 7.49
N ARG A 32 11.21 5.20 7.48
CA ARG A 32 11.43 6.64 7.37
C ARG A 32 10.65 7.35 8.47
N HIS A 33 9.34 7.54 8.27
CA HIS A 33 8.50 8.19 9.28
C HIS A 33 7.03 8.07 8.89
N LYS A 34 6.19 7.81 9.88
CA LYS A 34 4.75 7.70 9.68
C LYS A 34 4.15 9.02 9.16
N HIS A 35 3.11 8.90 8.34
CA HIS A 35 2.45 10.06 7.75
C HIS A 35 0.98 10.13 8.17
N GLY A 36 0.20 10.96 7.47
CA GLY A 36 -1.20 11.17 7.82
C GLY A 36 -2.07 9.92 7.76
N GLN A 37 -3.37 10.12 7.95
CA GLN A 37 -4.31 9.01 8.06
C GLN A 37 -4.89 8.64 6.70
N PHE A 38 -5.31 9.65 5.95
CA PHE A 38 -5.84 9.44 4.59
C PHE A 38 -5.08 10.29 3.61
N ILE A 39 -4.01 9.73 3.05
CA ILE A 39 -3.14 10.49 2.18
C ILE A 39 -3.10 9.91 0.78
N TYR A 40 -3.30 10.75 -0.22
CA TYR A 40 -3.15 10.36 -1.61
C TYR A 40 -2.01 11.17 -2.23
N VAL A 41 -1.03 10.49 -2.78
CA VAL A 41 0.10 11.15 -3.42
C VAL A 41 0.26 10.68 -4.87
N TRP A 42 -0.18 11.50 -5.80
CA TRP A 42 -0.07 11.18 -7.21
C TRP A 42 1.25 11.71 -7.76
N GLY A 43 1.66 11.23 -8.92
CA GLY A 43 2.89 11.70 -9.52
C GLY A 43 3.61 10.64 -10.34
N GLU A 44 4.90 10.84 -10.52
CA GLU A 44 5.70 9.95 -11.36
C GLU A 44 6.43 8.92 -10.48
N GLU A 45 6.77 7.77 -11.06
CA GLU A 45 7.44 6.69 -10.36
C GLU A 45 8.74 7.16 -9.71
N GLY A 46 9.50 7.96 -10.47
CA GLY A 46 10.78 8.44 -9.97
C GLY A 46 10.63 9.48 -8.88
N ALA A 47 9.42 9.99 -8.71
CA ALA A 47 9.14 10.99 -7.70
C ALA A 47 8.60 10.34 -6.43
N GLY A 48 7.72 9.36 -6.60
CA GLY A 48 7.12 8.69 -5.46
C GLY A 48 7.99 7.60 -4.90
N LYS A 49 7.93 6.41 -5.52
CA LYS A 49 8.65 5.22 -5.08
C LYS A 49 8.05 4.67 -3.79
N SER A 50 7.90 3.36 -3.74
CA SER A 50 7.18 2.70 -2.66
C SER A 50 8.03 2.61 -1.38
N HIS A 51 9.22 3.18 -1.42
CA HIS A 51 10.13 3.22 -0.27
C HIS A 51 9.44 3.84 0.94
N LEU A 52 8.79 4.99 0.73
CA LEU A 52 8.11 5.68 1.80
C LEU A 52 6.81 4.97 2.17
N LEU A 53 6.23 4.29 1.18
CA LEU A 53 4.96 3.60 1.34
C LEU A 53 5.09 2.43 2.32
N GLN A 54 6.19 1.68 2.19
CA GLN A 54 6.42 0.50 3.01
C GLN A 54 6.77 0.88 4.44
N ALA A 55 7.46 2.01 4.60
CA ALA A 55 7.86 2.49 5.91
C ALA A 55 6.65 2.78 6.78
N TRP A 56 5.61 3.28 6.14
CA TRP A 56 4.37 3.64 6.82
C TRP A 56 3.69 2.39 7.37
N VAL A 57 3.82 1.29 6.63
CA VAL A 57 3.25 0.02 7.04
C VAL A 57 4.05 -0.61 8.17
N ALA A 58 5.37 -0.68 7.99
CA ALA A 58 6.25 -1.31 8.97
C ALA A 58 6.15 -0.62 10.33
N GLN A 59 6.05 0.70 10.33
CA GLN A 59 5.93 1.46 11.56
C GLN A 59 4.65 1.06 12.29
N ALA A 60 3.57 0.88 11.53
CA ALA A 60 2.28 0.49 12.09
C ALA A 60 2.29 -0.97 12.55
N LEU A 61 3.10 -1.78 11.89
CA LEU A 61 3.21 -3.20 12.24
C LEU A 61 3.80 -3.35 13.64
N GLU A 62 4.88 -2.64 13.92
CA GLU A 62 5.53 -2.70 15.21
C GLU A 62 4.75 -1.89 16.24
N ALA A 63 3.78 -1.13 15.77
CA ALA A 63 2.86 -0.41 16.65
C ALA A 63 1.85 -1.38 17.26
N GLY A 64 1.76 -2.56 16.65
CA GLY A 64 0.90 -3.60 17.19
C GLY A 64 -0.44 -3.66 16.50
N LYS A 65 -0.51 -3.04 15.33
CA LYS A 65 -1.76 -3.00 14.57
C LYS A 65 -1.67 -3.86 13.32
N ASN A 66 -2.72 -3.82 12.53
CA ASN A 66 -2.75 -4.56 11.27
C ASN A 66 -2.47 -3.59 10.13
N ALA A 67 -1.60 -4.00 9.23
CA ALA A 67 -1.16 -3.15 8.15
C ALA A 67 -0.64 -3.97 6.98
N ALA A 68 -0.85 -3.47 5.76
CA ALA A 68 -0.40 -4.17 4.58
C ALA A 68 -0.22 -3.21 3.42
N TYR A 69 0.81 -3.44 2.61
CA TYR A 69 1.02 -2.66 1.41
C TYR A 69 0.88 -3.56 0.19
N ILE A 70 0.21 -3.04 -0.82
CA ILE A 70 -0.05 -3.79 -2.03
C ILE A 70 0.44 -3.04 -3.27
N ASP A 71 1.32 -3.68 -4.02
CA ASP A 71 1.78 -3.14 -5.28
C ASP A 71 0.84 -3.60 -6.38
N ALA A 72 0.02 -2.71 -6.88
CA ALA A 72 -1.03 -3.06 -7.83
C ALA A 72 -0.48 -3.68 -9.11
N ALA A 73 0.81 -3.50 -9.36
CA ALA A 73 1.43 -4.07 -10.56
C ALA A 73 2.32 -5.26 -10.22
N SER A 74 2.11 -5.83 -9.05
CA SER A 74 2.88 -6.99 -8.63
C SER A 74 2.02 -7.95 -7.80
N MET A 75 1.12 -7.39 -7.01
CA MET A 75 0.30 -8.18 -6.10
C MET A 75 -1.17 -7.81 -6.23
N PRO A 76 -2.08 -8.79 -6.10
CA PRO A 76 -3.52 -8.55 -6.19
C PRO A 76 -4.14 -8.09 -4.87
N LEU A 77 -5.44 -7.85 -4.88
CA LEU A 77 -6.14 -7.42 -3.68
C LEU A 77 -6.86 -8.60 -3.03
N THR A 78 -6.90 -8.60 -1.71
CA THR A 78 -7.54 -9.66 -0.96
C THR A 78 -8.56 -9.09 0.01
N ASP A 79 -9.54 -9.89 0.40
CA ASP A 79 -10.54 -9.48 1.37
C ASP A 79 -9.90 -9.38 2.76
N ALA A 80 -8.72 -9.98 2.91
CA ALA A 80 -7.96 -9.89 4.15
C ALA A 80 -7.58 -8.44 4.46
N ALA A 81 -7.50 -7.63 3.41
CA ALA A 81 -7.17 -6.20 3.55
C ALA A 81 -8.27 -5.47 4.32
N PHE A 82 -9.43 -6.12 4.45
CA PHE A 82 -10.54 -5.54 5.18
C PHE A 82 -10.27 -5.57 6.68
N GLU A 83 -9.40 -6.49 7.08
CA GLU A 83 -9.06 -6.65 8.49
C GLU A 83 -8.00 -5.65 8.91
N ALA A 84 -7.18 -5.25 7.95
CA ALA A 84 -6.09 -4.34 8.18
C ALA A 84 -6.63 -2.95 8.46
N GLU A 85 -6.01 -2.27 9.41
CA GLU A 85 -6.40 -0.91 9.74
C GLU A 85 -5.58 0.09 8.94
N TYR A 86 -4.38 -0.33 8.53
CA TYR A 86 -3.50 0.51 7.71
C TYR A 86 -3.36 -0.09 6.31
N LEU A 87 -3.99 0.54 5.33
CA LEU A 87 -3.90 0.06 3.94
C LEU A 87 -3.06 1.00 3.10
N ALA A 88 -2.00 0.46 2.53
CA ALA A 88 -1.14 1.22 1.64
C ALA A 88 -1.08 0.55 0.27
N VAL A 89 -1.62 1.21 -0.74
CA VAL A 89 -1.68 0.65 -2.07
C VAL A 89 -1.06 1.60 -3.09
N ASP A 90 -0.11 1.12 -3.86
CA ASP A 90 0.56 1.93 -4.86
C ASP A 90 0.08 1.53 -6.24
N GLN A 91 0.32 2.41 -7.22
CA GLN A 91 0.09 2.11 -8.64
C GLN A 91 -1.39 1.82 -8.91
N VAL A 92 -2.27 2.54 -8.22
CA VAL A 92 -3.70 2.31 -8.40
C VAL A 92 -4.13 2.74 -9.79
N GLU A 93 -4.64 1.77 -10.55
CA GLU A 93 -5.09 1.95 -11.92
C GLU A 93 -5.45 0.59 -12.49
N LYS A 94 -4.70 -0.42 -12.04
CA LYS A 94 -4.83 -1.78 -12.54
C LYS A 94 -6.07 -2.47 -12.00
N LEU A 95 -6.72 -1.85 -11.02
CA LEU A 95 -7.89 -2.44 -10.40
C LEU A 95 -9.02 -2.59 -11.42
N GLY A 96 -9.62 -3.76 -11.45
CA GLY A 96 -10.65 -4.04 -12.43
C GLY A 96 -12.05 -3.82 -11.89
N ASN A 97 -12.62 -4.86 -11.31
CA ASN A 97 -14.01 -4.80 -10.85
C ASN A 97 -14.13 -5.31 -9.41
N GLU A 98 -13.64 -6.52 -9.17
CA GLU A 98 -13.71 -7.14 -7.86
C GLU A 98 -12.94 -6.30 -6.84
N GLU A 99 -11.77 -5.85 -7.25
CA GLU A 99 -10.90 -5.05 -6.39
C GLU A 99 -11.56 -3.72 -6.05
N GLN A 100 -12.22 -3.10 -7.03
CA GLN A 100 -12.84 -1.81 -6.82
C GLN A 100 -14.05 -1.92 -5.88
N ALA A 101 -14.77 -3.04 -5.98
CA ALA A 101 -15.90 -3.29 -5.10
C ALA A 101 -15.42 -3.44 -3.66
N LEU A 102 -14.31 -4.15 -3.49
CA LEU A 102 -13.70 -4.34 -2.18
C LEU A 102 -13.22 -3.00 -1.63
N LEU A 103 -12.49 -2.27 -2.47
CA LEU A 103 -11.96 -0.95 -2.10
C LEU A 103 -13.08 -0.01 -1.66
N PHE A 104 -14.14 0.05 -2.46
CA PHE A 104 -15.32 0.87 -2.13
C PHE A 104 -15.85 0.53 -0.74
N SER A 105 -15.92 -0.77 -0.46
CA SER A 105 -16.39 -1.26 0.82
C SER A 105 -15.47 -0.79 1.96
N ILE A 106 -14.18 -0.70 1.67
CA ILE A 106 -13.21 -0.20 2.64
C ILE A 106 -13.50 1.27 2.96
N PHE A 107 -13.82 2.05 1.94
CA PHE A 107 -14.17 3.45 2.12
C PHE A 107 -15.41 3.59 3.00
N ASN A 108 -16.40 2.72 2.78
CA ASN A 108 -17.64 2.74 3.56
C ASN A 108 -17.35 2.41 5.02
N ARG A 109 -16.31 1.61 5.25
CA ARG A 109 -15.89 1.27 6.61
C ARG A 109 -15.17 2.44 7.28
N PHE A 110 -14.09 2.91 6.64
CA PHE A 110 -13.25 3.93 7.22
C PHE A 110 -14.00 5.25 7.43
N ARG A 111 -14.65 5.71 6.38
CA ARG A 111 -15.33 7.02 6.39
C ARG A 111 -16.58 6.99 7.27
N ASN A 112 -17.07 5.79 7.56
CA ASN A 112 -18.28 5.63 8.35
C ASN A 112 -18.10 6.24 9.73
N SER A 113 -17.14 5.72 10.48
CA SER A 113 -16.87 6.19 11.83
C SER A 113 -15.75 7.21 11.85
N GLY A 114 -14.83 7.11 10.88
CA GLY A 114 -13.67 7.99 10.87
C GLY A 114 -12.42 7.28 11.32
N LYS A 115 -12.43 5.95 11.24
CA LYS A 115 -11.31 5.14 11.64
C LYS A 115 -10.62 4.59 10.40
N GLY A 116 -9.49 3.95 10.59
CA GLY A 116 -8.80 3.35 9.47
C GLY A 116 -7.80 4.30 8.84
N PHE A 117 -6.72 3.75 8.33
CA PHE A 117 -5.66 4.54 7.71
C PHE A 117 -5.45 4.08 6.27
N LEU A 118 -5.29 5.03 5.38
CA LEU A 118 -5.13 4.73 3.96
C LEU A 118 -4.04 5.60 3.35
N LEU A 119 -3.26 4.99 2.48
CA LEU A 119 -2.19 5.67 1.78
C LEU A 119 -2.09 5.14 0.36
N LEU A 120 -2.37 5.99 -0.62
CA LEU A 120 -2.35 5.58 -2.01
C LEU A 120 -1.36 6.43 -2.81
N GLY A 121 -0.72 5.81 -3.79
CA GLY A 121 0.26 6.53 -4.58
C GLY A 121 0.14 6.29 -6.07
N SER A 122 0.88 7.08 -6.85
CA SER A 122 0.94 6.97 -8.31
C SER A 122 -0.32 7.52 -8.99
N GLU A 123 -0.31 7.51 -10.33
CA GLU A 123 -1.41 8.02 -11.14
C GLU A 123 -1.61 9.53 -10.95
N TYR A 124 -2.77 10.00 -11.39
CA TYR A 124 -3.12 11.41 -11.27
C TYR A 124 -4.18 11.61 -10.19
N THR A 125 -4.82 12.77 -10.20
CA THR A 125 -5.83 13.09 -9.21
C THR A 125 -7.07 12.22 -9.37
N PRO A 126 -7.83 12.00 -8.28
CA PRO A 126 -9.06 11.20 -8.31
C PRO A 126 -10.10 11.77 -9.26
N GLN A 127 -9.97 13.05 -9.54
CA GLN A 127 -10.90 13.75 -10.42
C GLN A 127 -10.77 13.28 -11.86
N GLN A 128 -9.59 12.78 -12.21
CA GLN A 128 -9.33 12.35 -13.58
C GLN A 128 -9.16 10.84 -13.67
N LEU A 129 -9.30 10.14 -12.56
CA LEU A 129 -9.17 8.69 -12.55
C LEU A 129 -10.39 8.03 -13.20
N VAL A 130 -10.12 7.06 -14.07
CA VAL A 130 -11.17 6.30 -14.72
C VAL A 130 -11.45 5.02 -13.95
N ILE A 131 -12.39 5.12 -13.02
CA ILE A 131 -12.76 4.00 -12.16
C ILE A 131 -14.26 4.04 -11.92
N ARG A 132 -14.75 3.16 -11.05
CA ARG A 132 -16.14 3.24 -10.61
C ARG A 132 -16.43 4.63 -10.07
N GLU A 133 -17.42 5.28 -10.64
CA GLU A 133 -17.73 6.66 -10.28
C GLU A 133 -18.30 6.73 -8.87
N ASP A 134 -18.81 5.61 -8.37
CA ASP A 134 -19.28 5.54 -7.00
C ASP A 134 -18.08 5.62 -6.06
N LEU A 135 -16.97 5.03 -6.50
CA LEU A 135 -15.74 5.02 -5.74
C LEU A 135 -14.98 6.34 -5.95
N ARG A 136 -15.07 6.87 -7.18
CA ARG A 136 -14.35 8.09 -7.56
C ARG A 136 -14.69 9.24 -6.61
N THR A 137 -15.94 9.32 -6.19
CA THR A 137 -16.38 10.36 -5.29
C THR A 137 -15.82 10.15 -3.89
N ARG A 138 -15.69 8.88 -3.50
CA ARG A 138 -15.15 8.53 -2.19
C ARG A 138 -13.66 8.87 -2.12
N MET A 139 -13.05 9.02 -3.28
CA MET A 139 -11.64 9.36 -3.40
C MET A 139 -11.38 10.83 -3.11
N ALA A 140 -12.43 11.63 -3.19
CA ALA A 140 -12.30 13.08 -3.03
C ALA A 140 -12.35 13.50 -1.56
N TYR A 141 -12.51 12.54 -0.66
CA TYR A 141 -12.65 12.82 0.76
C TYR A 141 -11.32 12.79 1.49
N CYS A 142 -10.23 12.46 0.80
CA CYS A 142 -8.95 12.32 1.45
C CYS A 142 -8.03 13.49 1.13
N LEU A 143 -6.89 13.51 1.79
CA LEU A 143 -5.93 14.58 1.60
C LEU A 143 -5.03 14.28 0.42
N VAL A 144 -4.49 15.32 -0.20
CA VAL A 144 -3.64 15.17 -1.37
C VAL A 144 -2.35 15.95 -1.18
N TYR A 145 -1.24 15.24 -1.19
CA TYR A 145 0.06 15.87 -1.10
C TYR A 145 0.72 15.89 -2.47
N GLU A 146 1.03 17.09 -2.95
CA GLU A 146 1.67 17.24 -4.24
C GLU A 146 3.15 16.90 -4.12
N VAL A 147 3.56 15.83 -4.79
CA VAL A 147 4.95 15.40 -4.74
C VAL A 147 5.82 16.34 -5.58
N LYS A 148 6.92 16.78 -4.99
CA LYS A 148 7.84 17.70 -5.63
C LYS A 148 7.14 19.02 -5.99
N PRO A 149 7.08 19.95 -5.02
CA PRO A 149 6.42 21.24 -5.21
C PRO A 149 7.30 22.22 -5.97
N MET A 1 -25.89 -0.68 -12.75
CA MET A 1 -25.11 -0.55 -13.99
C MET A 1 -23.62 -0.78 -13.71
N GLY A 2 -23.02 -1.69 -14.45
CA GLY A 2 -21.61 -1.95 -14.30
C GLY A 2 -21.04 -2.68 -15.50
N HIS A 3 -21.32 -2.15 -16.69
CA HIS A 3 -20.87 -2.80 -17.91
C HIS A 3 -19.44 -2.40 -18.24
N HIS A 4 -18.53 -3.34 -18.08
CA HIS A 4 -17.13 -3.14 -18.36
C HIS A 4 -16.56 -4.39 -19.02
N HIS A 5 -15.28 -4.37 -19.37
CA HIS A 5 -14.62 -5.57 -19.86
C HIS A 5 -13.27 -5.75 -19.16
N HIS A 6 -13.31 -6.47 -18.04
CA HIS A 6 -12.13 -6.72 -17.25
C HIS A 6 -12.30 -8.02 -16.47
N HIS A 7 -11.23 -8.80 -16.41
CA HIS A 7 -11.26 -10.06 -15.69
C HIS A 7 -10.37 -9.96 -14.45
N HIS A 8 -10.67 -10.74 -13.43
CA HIS A 8 -9.89 -10.69 -12.21
C HIS A 8 -8.70 -11.63 -12.32
N SER A 9 -7.81 -11.33 -13.26
CA SER A 9 -6.66 -12.18 -13.53
C SER A 9 -5.49 -11.84 -12.60
N HIS A 10 -5.71 -12.05 -11.32
CA HIS A 10 -4.68 -11.89 -10.30
C HIS A 10 -4.91 -12.91 -9.22
N MET A 11 -4.36 -14.11 -9.39
CA MET A 11 -4.65 -15.20 -8.49
C MET A 11 -3.40 -16.03 -8.18
N ASP A 12 -2.87 -16.70 -9.21
CA ASP A 12 -1.77 -17.65 -9.01
C ASP A 12 -0.43 -16.96 -8.94
N TYR A 13 0.00 -16.67 -7.72
CA TYR A 13 1.32 -16.14 -7.47
C TYR A 13 1.99 -16.95 -6.38
N PRO A 14 3.26 -17.32 -6.56
CA PRO A 14 4.01 -18.11 -5.57
C PRO A 14 3.98 -17.48 -4.19
N SER A 15 3.11 -18.02 -3.33
CA SER A 15 2.92 -17.49 -2.00
C SER A 15 3.63 -18.35 -0.97
N PHE A 16 4.85 -17.94 -0.64
CA PHE A 16 5.63 -18.62 0.37
C PHE A 16 6.34 -17.61 1.26
N ASP A 17 6.07 -17.66 2.55
CA ASP A 17 6.65 -16.71 3.48
C ASP A 17 7.93 -17.25 4.10
N LYS A 18 8.14 -18.57 3.97
CA LYS A 18 9.31 -19.25 4.52
C LYS A 18 9.23 -19.29 6.06
N PHE A 19 9.29 -18.11 6.67
CA PHE A 19 9.00 -17.97 8.09
C PHE A 19 8.86 -16.47 8.38
N LEU A 20 9.92 -15.65 8.23
CA LEU A 20 11.32 -16.08 8.14
C LEU A 20 12.19 -15.03 8.81
N GLY A 21 11.57 -14.20 9.63
CA GLY A 21 12.21 -12.99 10.15
C GLY A 21 13.49 -13.23 10.92
N THR A 22 14.62 -13.07 10.25
CA THR A 22 15.93 -13.12 10.89
C THR A 22 16.91 -12.21 10.14
N GLU A 23 16.37 -11.46 9.18
CA GLU A 23 17.17 -10.54 8.39
C GLU A 23 16.55 -9.15 8.45
N ASN A 24 17.10 -8.31 9.32
CA ASN A 24 16.49 -7.01 9.62
C ASN A 24 16.94 -5.93 8.65
N ALA A 25 17.83 -6.28 7.72
CA ALA A 25 18.39 -5.32 6.77
C ALA A 25 17.30 -4.54 6.04
N GLU A 26 16.30 -5.26 5.52
CA GLU A 26 15.21 -4.63 4.78
C GLU A 26 14.39 -3.73 5.68
N LEU A 27 14.21 -4.14 6.93
CA LEU A 27 13.38 -3.42 7.88
C LEU A 27 14.06 -2.13 8.34
N VAL A 28 15.38 -2.18 8.48
CA VAL A 28 16.15 -1.00 8.87
C VAL A 28 16.15 0.03 7.75
N TYR A 29 16.13 -0.46 6.52
CA TYR A 29 16.10 0.40 5.33
C TYR A 29 14.75 1.11 5.20
N VAL A 30 13.72 0.50 5.76
CA VAL A 30 12.39 1.10 5.71
C VAL A 30 12.38 2.45 6.43
N LEU A 31 12.79 2.43 7.72
CA LEU A 31 12.89 3.63 8.56
C LEU A 31 11.70 4.57 8.40
N ARG A 32 11.89 5.85 8.74
CA ARG A 32 10.86 6.89 8.56
C ARG A 32 9.64 6.66 9.45
N HIS A 33 8.64 7.52 9.30
CA HIS A 33 7.39 7.43 10.07
C HIS A 33 6.21 7.78 9.17
N LYS A 34 5.00 7.57 9.67
CA LYS A 34 3.80 7.82 8.87
C LYS A 34 3.32 9.26 9.06
N HIS A 35 2.25 9.61 8.34
CA HIS A 35 1.65 10.93 8.47
C HIS A 35 0.17 10.88 8.12
N GLY A 36 -0.68 11.16 9.11
CA GLY A 36 -2.11 11.24 8.85
C GLY A 36 -2.78 9.90 8.72
N GLN A 37 -4.04 9.91 8.28
CA GLN A 37 -4.81 8.69 8.08
C GLN A 37 -5.04 8.41 6.62
N PHE A 38 -5.68 9.34 5.93
CA PHE A 38 -6.06 9.14 4.53
C PHE A 38 -5.15 9.92 3.60
N ILE A 39 -4.10 9.28 3.12
CA ILE A 39 -3.14 9.94 2.25
C ILE A 39 -3.08 9.27 0.89
N TYR A 40 -3.26 10.05 -0.15
CA TYR A 40 -3.05 9.57 -1.50
C TYR A 40 -1.80 10.21 -2.07
N VAL A 41 -0.86 9.40 -2.53
CA VAL A 41 0.40 9.89 -3.02
C VAL A 41 0.49 9.77 -4.54
N TRP A 42 0.97 10.82 -5.16
CA TRP A 42 1.18 10.85 -6.60
C TRP A 42 2.43 11.65 -6.90
N GLY A 43 2.84 11.69 -8.15
CA GLY A 43 4.02 12.44 -8.52
C GLY A 43 3.72 13.46 -9.59
N GLU A 44 4.28 13.25 -10.76
CA GLU A 44 3.97 14.05 -11.92
C GLU A 44 4.05 13.17 -13.16
N GLU A 45 5.25 12.68 -13.41
CA GLU A 45 5.49 11.73 -14.49
C GLU A 45 6.44 10.64 -14.00
N GLY A 46 6.52 9.55 -14.74
CA GLY A 46 7.37 8.45 -14.34
C GLY A 46 6.64 7.46 -13.44
N ALA A 47 6.81 7.61 -12.13
CA ALA A 47 6.21 6.71 -11.16
C ALA A 47 6.10 7.40 -9.81
N GLY A 48 5.76 6.64 -8.80
CA GLY A 48 5.61 7.17 -7.46
C GLY A 48 6.85 6.94 -6.61
N LYS A 49 6.64 6.49 -5.37
CA LYS A 49 7.73 6.28 -4.43
C LYS A 49 7.26 5.39 -3.28
N SER A 50 7.38 4.09 -3.48
CA SER A 50 6.80 3.09 -2.57
C SER A 50 7.50 3.03 -1.21
N HIS A 51 8.67 3.65 -1.11
CA HIS A 51 9.44 3.59 0.14
C HIS A 51 8.67 4.20 1.31
N LEU A 52 7.92 5.25 1.05
CA LEU A 52 7.17 5.92 2.11
C LEU A 52 5.96 5.08 2.52
N LEU A 53 5.46 4.26 1.59
CA LEU A 53 4.38 3.34 1.91
C LEU A 53 4.88 2.28 2.88
N GLN A 54 6.10 1.83 2.67
CA GLN A 54 6.74 0.84 3.53
C GLN A 54 6.87 1.38 4.95
N ALA A 55 7.33 2.62 5.06
CA ALA A 55 7.50 3.28 6.36
C ALA A 55 6.16 3.44 7.07
N TRP A 56 5.16 3.81 6.30
CA TRP A 56 3.80 4.00 6.79
C TRP A 56 3.26 2.70 7.39
N VAL A 57 3.57 1.59 6.75
CA VAL A 57 3.16 0.29 7.23
C VAL A 57 3.96 -0.14 8.46
N ALA A 58 5.28 0.06 8.40
CA ALA A 58 6.16 -0.33 9.50
C ALA A 58 5.83 0.44 10.77
N GLN A 59 5.50 1.73 10.61
CA GLN A 59 5.10 2.56 11.74
C GLN A 59 3.88 1.95 12.43
N ALA A 60 2.91 1.52 11.62
CA ALA A 60 1.70 0.89 12.13
C ALA A 60 2.01 -0.42 12.84
N LEU A 61 2.93 -1.18 12.25
CA LEU A 61 3.33 -2.48 12.80
C LEU A 61 3.89 -2.33 14.21
N GLU A 62 4.71 -1.29 14.41
CA GLU A 62 5.28 -1.04 15.72
C GLU A 62 4.26 -0.41 16.65
N ALA A 63 3.30 0.28 16.08
CA ALA A 63 2.22 0.91 16.84
C ALA A 63 1.28 -0.14 17.42
N GLY A 64 1.42 -1.37 16.94
CA GLY A 64 0.60 -2.45 17.43
C GLY A 64 -0.71 -2.55 16.69
N LYS A 65 -0.75 -2.04 15.47
CA LYS A 65 -1.95 -2.06 14.67
C LYS A 65 -1.67 -2.81 13.38
N ASN A 66 -2.73 -3.29 12.74
CA ASN A 66 -2.58 -4.13 11.57
C ASN A 66 -2.42 -3.27 10.32
N ALA A 67 -1.46 -3.64 9.49
CA ALA A 67 -1.17 -2.91 8.27
C ALA A 67 -0.88 -3.88 7.14
N ALA A 68 -1.29 -3.50 5.93
CA ALA A 68 -1.08 -4.34 4.76
C ALA A 68 -0.39 -3.56 3.66
N TYR A 69 0.76 -4.06 3.21
CA TYR A 69 1.49 -3.45 2.11
C TYR A 69 1.31 -4.29 0.84
N ILE A 70 0.53 -3.78 -0.10
CA ILE A 70 0.22 -4.54 -1.30
C ILE A 70 0.67 -3.81 -2.57
N ASP A 71 1.46 -4.49 -3.38
CA ASP A 71 1.86 -3.98 -4.68
C ASP A 71 0.89 -4.51 -5.72
N ALA A 72 -0.08 -3.70 -6.12
CA ALA A 72 -1.18 -4.18 -6.96
C ALA A 72 -0.69 -4.74 -8.30
N ALA A 73 0.51 -4.35 -8.73
CA ALA A 73 1.04 -4.82 -10.00
C ALA A 73 1.81 -6.13 -9.85
N SER A 74 1.94 -6.62 -8.62
CA SER A 74 2.63 -7.88 -8.39
C SER A 74 1.81 -8.79 -7.48
N MET A 75 0.94 -8.20 -6.68
CA MET A 75 0.11 -8.95 -5.75
C MET A 75 -1.35 -8.49 -5.87
N PRO A 76 -2.30 -9.43 -5.74
CA PRO A 76 -3.72 -9.12 -5.88
C PRO A 76 -4.34 -8.53 -4.62
N LEU A 77 -5.38 -7.74 -4.80
CA LEU A 77 -6.14 -7.23 -3.68
C LEU A 77 -7.14 -8.28 -3.22
N THR A 78 -7.36 -8.37 -1.92
CA THR A 78 -8.24 -9.38 -1.37
C THR A 78 -9.10 -8.78 -0.26
N ASP A 79 -10.21 -9.42 0.03
CA ASP A 79 -11.11 -8.98 1.10
C ASP A 79 -10.42 -9.06 2.46
N ALA A 80 -9.32 -9.81 2.49
CA ALA A 80 -8.48 -9.92 3.68
C ALA A 80 -8.02 -8.54 4.18
N ALA A 81 -8.00 -7.57 3.27
CA ALA A 81 -7.59 -6.22 3.60
C ALA A 81 -8.42 -5.61 4.73
N PHE A 82 -9.64 -6.12 4.92
CA PHE A 82 -10.53 -5.59 5.95
C PHE A 82 -10.02 -5.90 7.36
N GLU A 83 -9.04 -6.78 7.47
CA GLU A 83 -8.45 -7.09 8.77
C GLU A 83 -7.49 -6.00 9.20
N ALA A 84 -7.00 -5.25 8.23
CA ALA A 84 -5.98 -4.25 8.49
C ALA A 84 -6.60 -2.88 8.72
N GLU A 85 -6.06 -2.16 9.68
CA GLU A 85 -6.46 -0.78 9.93
C GLU A 85 -5.75 0.13 8.96
N TYR A 86 -4.52 -0.25 8.62
CA TYR A 86 -3.70 0.50 7.67
C TYR A 86 -3.62 -0.22 6.33
N LEU A 87 -4.15 0.40 5.28
CA LEU A 87 -4.10 -0.18 3.95
C LEU A 87 -3.23 0.65 3.02
N ALA A 88 -2.14 0.05 2.55
CA ALA A 88 -1.24 0.71 1.62
C ALA A 88 -1.13 -0.08 0.32
N VAL A 89 -1.54 0.52 -0.79
CA VAL A 89 -1.52 -0.15 -2.07
C VAL A 89 -0.86 0.73 -3.13
N ASP A 90 0.16 0.18 -3.77
CA ASP A 90 0.90 0.90 -4.81
C ASP A 90 0.47 0.39 -6.18
N GLN A 91 0.36 1.30 -7.16
CA GLN A 91 -0.07 0.99 -8.52
C GLN A 91 -1.54 0.57 -8.54
N VAL A 92 -2.40 1.48 -8.10
CA VAL A 92 -3.83 1.21 -7.99
C VAL A 92 -4.51 1.08 -9.36
N GLU A 93 -3.88 1.67 -10.38
CA GLU A 93 -4.42 1.66 -11.74
C GLU A 93 -4.50 0.22 -12.29
N LYS A 94 -3.80 -0.69 -11.64
CA LYS A 94 -3.69 -2.07 -12.11
C LYS A 94 -4.90 -2.92 -11.70
N LEU A 95 -5.84 -2.31 -10.98
CA LEU A 95 -7.02 -3.04 -10.52
C LEU A 95 -8.04 -3.19 -11.64
N GLY A 96 -8.73 -4.34 -11.65
CA GLY A 96 -9.67 -4.62 -12.71
C GLY A 96 -11.07 -4.07 -12.43
N ASN A 97 -11.81 -4.74 -11.55
CA ASN A 97 -13.20 -4.34 -11.30
C ASN A 97 -13.67 -4.82 -9.93
N GLU A 98 -13.49 -6.11 -9.67
CA GLU A 98 -13.90 -6.69 -8.39
C GLU A 98 -13.11 -6.05 -7.25
N GLU A 99 -11.86 -5.72 -7.56
CA GLU A 99 -10.96 -5.08 -6.62
C GLU A 99 -11.47 -3.67 -6.30
N GLN A 100 -12.05 -3.01 -7.30
CA GLN A 100 -12.59 -1.66 -7.11
C GLN A 100 -13.81 -1.69 -6.20
N ALA A 101 -14.64 -2.72 -6.34
CA ALA A 101 -15.80 -2.89 -5.48
C ALA A 101 -15.36 -3.17 -4.05
N LEU A 102 -14.25 -3.89 -3.93
CA LEU A 102 -13.67 -4.20 -2.64
C LEU A 102 -13.15 -2.91 -1.98
N LEU A 103 -12.35 -2.17 -2.75
CA LEU A 103 -11.78 -0.90 -2.28
C LEU A 103 -12.90 0.07 -1.87
N PHE A 104 -13.93 0.14 -2.71
CA PHE A 104 -15.11 0.96 -2.43
C PHE A 104 -15.69 0.65 -1.05
N SER A 105 -15.80 -0.64 -0.75
CA SER A 105 -16.30 -1.11 0.52
C SER A 105 -15.34 -0.74 1.66
N ILE A 106 -14.05 -0.74 1.36
CA ILE A 106 -13.04 -0.33 2.33
C ILE A 106 -13.24 1.13 2.74
N PHE A 107 -13.50 1.99 1.75
CA PHE A 107 -13.80 3.39 2.03
C PHE A 107 -15.02 3.53 2.91
N ASN A 108 -16.04 2.74 2.62
CA ASN A 108 -17.25 2.71 3.43
C ASN A 108 -16.91 2.36 4.87
N ARG A 109 -16.12 1.31 5.04
CA ARG A 109 -15.72 0.84 6.37
C ARG A 109 -15.03 1.95 7.15
N PHE A 110 -14.13 2.68 6.50
CA PHE A 110 -13.37 3.74 7.16
C PHE A 110 -14.29 4.84 7.68
N ARG A 111 -15.09 5.41 6.79
CA ARG A 111 -15.95 6.53 7.14
C ARG A 111 -17.17 6.10 7.95
N ASN A 112 -17.50 4.82 7.91
CA ASN A 112 -18.64 4.30 8.65
C ASN A 112 -18.36 4.32 10.14
N SER A 113 -17.20 3.78 10.51
CA SER A 113 -16.82 3.69 11.91
C SER A 113 -16.17 4.98 12.40
N GLY A 114 -15.49 5.68 11.49
CA GLY A 114 -14.75 6.86 11.87
C GLY A 114 -13.28 6.54 12.08
N LYS A 115 -12.84 5.54 11.34
CA LYS A 115 -11.50 5.01 11.46
C LYS A 115 -10.89 4.84 10.09
N GLY A 116 -9.82 4.09 10.01
CA GLY A 116 -9.25 3.76 8.73
C GLY A 116 -8.03 4.58 8.39
N PHE A 117 -6.97 3.88 8.04
CA PHE A 117 -5.76 4.50 7.54
C PHE A 117 -5.52 4.00 6.12
N LEU A 118 -5.35 4.92 5.19
CA LEU A 118 -5.22 4.54 3.80
C LEU A 118 -4.06 5.29 3.15
N LEU A 119 -3.35 4.58 2.30
CA LEU A 119 -2.25 5.15 1.55
C LEU A 119 -2.19 4.51 0.17
N LEU A 120 -2.67 5.23 -0.82
CA LEU A 120 -2.71 4.71 -2.17
C LEU A 120 -1.81 5.51 -3.10
N GLY A 121 -1.19 4.81 -4.04
CA GLY A 121 -0.36 5.49 -5.02
C GLY A 121 -0.65 4.98 -6.41
N SER A 122 -0.83 5.89 -7.36
CA SER A 122 -1.13 5.51 -8.73
C SER A 122 -0.62 6.57 -9.70
N GLU A 123 0.54 7.15 -9.36
CA GLU A 123 1.25 8.21 -10.12
C GLU A 123 0.41 9.46 -10.45
N TYR A 124 -0.79 9.27 -10.98
CA TYR A 124 -1.67 10.39 -11.32
C TYR A 124 -2.55 10.75 -10.13
N THR A 125 -3.40 11.75 -10.30
CA THR A 125 -4.35 12.15 -9.27
C THR A 125 -5.66 11.36 -9.39
N PRO A 126 -6.47 11.32 -8.31
CA PRO A 126 -7.75 10.60 -8.30
C PRO A 126 -8.73 11.12 -9.35
N GLN A 127 -8.59 12.39 -9.69
CA GLN A 127 -9.46 13.02 -10.68
C GLN A 127 -8.82 12.97 -12.07
N GLN A 128 -7.67 12.30 -12.16
CA GLN A 128 -7.02 12.08 -13.44
C GLN A 128 -7.18 10.62 -13.85
N LEU A 129 -7.29 9.75 -12.85
CA LEU A 129 -7.46 8.32 -13.08
C LEU A 129 -8.83 8.01 -13.67
N VAL A 130 -8.88 7.00 -14.53
CA VAL A 130 -10.14 6.58 -15.13
C VAL A 130 -10.61 5.29 -14.46
N ILE A 131 -11.21 5.45 -13.30
CA ILE A 131 -11.75 4.32 -12.55
C ILE A 131 -13.26 4.45 -12.45
N ARG A 132 -13.91 3.53 -11.75
CA ARG A 132 -15.35 3.63 -11.55
C ARG A 132 -15.64 4.84 -10.69
N GLU A 133 -16.59 5.65 -11.12
CA GLU A 133 -16.88 6.91 -10.46
C GLU A 133 -17.34 6.69 -9.02
N ASP A 134 -17.81 5.49 -8.73
CA ASP A 134 -18.20 5.11 -7.37
C ASP A 134 -17.00 5.17 -6.44
N LEU A 135 -15.87 4.68 -6.92
CA LEU A 135 -14.64 4.69 -6.14
C LEU A 135 -14.00 6.08 -6.20
N ARG A 136 -14.20 6.73 -7.35
CA ARG A 136 -13.65 8.06 -7.59
C ARG A 136 -14.17 9.08 -6.58
N THR A 137 -15.47 9.02 -6.29
CA THR A 137 -16.10 9.94 -5.35
C THR A 137 -15.58 9.69 -3.92
N ARG A 138 -15.20 8.43 -3.64
CA ARG A 138 -14.63 8.08 -2.35
C ARG A 138 -13.20 8.60 -2.21
N MET A 139 -12.51 8.73 -3.33
CA MET A 139 -11.11 9.18 -3.34
C MET A 139 -10.98 10.60 -2.79
N ALA A 140 -12.08 11.34 -2.80
CA ALA A 140 -12.07 12.73 -2.33
C ALA A 140 -12.04 12.79 -0.81
N TYR A 141 -12.10 11.64 -0.15
CA TYR A 141 -12.02 11.58 1.31
C TYR A 141 -10.57 11.50 1.76
N CYS A 142 -9.64 11.54 0.82
CA CYS A 142 -8.23 11.41 1.13
C CYS A 142 -7.48 12.68 0.73
N LEU A 143 -6.41 12.95 1.44
CA LEU A 143 -5.55 14.08 1.14
C LEU A 143 -4.61 13.72 0.00
N VAL A 144 -4.15 14.72 -0.73
CA VAL A 144 -3.32 14.48 -1.90
C VAL A 144 -1.92 15.02 -1.67
N TYR A 145 -0.96 14.11 -1.66
CA TYR A 145 0.44 14.47 -1.48
C TYR A 145 1.26 14.11 -2.71
N GLU A 146 1.98 15.09 -3.23
CA GLU A 146 2.81 14.91 -4.40
C GLU A 146 4.27 14.66 -4.00
N VAL A 147 4.74 13.47 -4.33
CA VAL A 147 6.10 13.06 -4.01
C VAL A 147 6.76 12.46 -5.24
N LYS A 148 8.04 12.75 -5.42
CA LYS A 148 8.77 12.26 -6.57
C LYS A 148 10.00 11.48 -6.12
N PRO A 149 10.44 10.49 -6.92
CA PRO A 149 11.61 9.67 -6.61
C PRO A 149 12.86 10.52 -6.32
N MET A 1 -11.27 -41.29 -44.58
CA MET A 1 -10.31 -40.91 -43.52
C MET A 1 -10.17 -39.40 -43.47
N GLY A 2 -10.19 -38.83 -42.27
CA GLY A 2 -10.08 -37.39 -42.13
C GLY A 2 -10.16 -36.94 -40.70
N HIS A 3 -9.37 -37.55 -39.82
CA HIS A 3 -9.30 -37.12 -38.43
C HIS A 3 -8.05 -36.30 -38.22
N HIS A 4 -8.19 -34.99 -38.37
CA HIS A 4 -7.03 -34.11 -38.36
C HIS A 4 -7.16 -33.05 -37.28
N HIS A 5 -6.43 -33.25 -36.19
CA HIS A 5 -6.40 -32.28 -35.10
C HIS A 5 -5.01 -32.25 -34.48
N HIS A 6 -4.40 -31.08 -34.49
CA HIS A 6 -3.07 -30.92 -33.93
C HIS A 6 -3.16 -30.14 -32.63
N HIS A 7 -3.13 -30.85 -31.51
CA HIS A 7 -3.40 -30.26 -30.20
C HIS A 7 -2.25 -29.39 -29.71
N HIS A 8 -2.56 -28.54 -28.74
CA HIS A 8 -1.56 -27.73 -28.07
C HIS A 8 -1.61 -28.00 -26.58
N SER A 9 -0.47 -27.89 -25.92
CA SER A 9 -0.40 -28.09 -24.49
C SER A 9 0.86 -27.45 -23.91
N HIS A 10 0.71 -26.29 -23.29
CA HIS A 10 1.82 -25.63 -22.63
C HIS A 10 1.41 -25.12 -21.25
N MET A 11 2.20 -25.47 -20.24
CA MET A 11 1.94 -25.02 -18.87
C MET A 11 3.16 -25.26 -18.00
N ASP A 12 3.38 -24.37 -17.04
CA ASP A 12 4.53 -24.44 -16.16
C ASP A 12 4.45 -23.33 -15.11
N TYR A 13 4.87 -23.63 -13.89
CA TYR A 13 4.87 -22.66 -12.82
C TYR A 13 6.06 -22.89 -11.89
N PRO A 14 7.22 -22.29 -12.23
CA PRO A 14 8.46 -22.45 -11.48
C PRO A 14 8.43 -21.65 -10.18
N SER A 15 8.29 -22.34 -9.05
CA SER A 15 8.28 -21.67 -7.77
C SER A 15 9.49 -22.09 -6.95
N PHE A 16 10.58 -21.36 -7.10
CA PHE A 16 11.83 -21.72 -6.45
C PHE A 16 12.48 -20.49 -5.82
N ASP A 17 12.70 -20.57 -4.52
CA ASP A 17 13.33 -19.50 -3.76
C ASP A 17 13.72 -20.03 -2.38
N LYS A 18 15.01 -20.24 -2.14
CA LYS A 18 15.44 -20.89 -0.91
C LYS A 18 15.55 -19.91 0.25
N PHE A 19 15.70 -20.45 1.45
CA PHE A 19 15.62 -19.69 2.68
C PHE A 19 15.90 -20.66 3.79
N LEU A 20 17.16 -20.97 4.12
CA LEU A 20 18.42 -20.30 3.68
C LEU A 20 18.30 -18.87 3.15
N GLY A 21 18.38 -17.91 4.04
CA GLY A 21 18.36 -16.51 3.64
C GLY A 21 17.49 -15.68 4.57
N THR A 22 18.11 -15.07 5.56
CA THR A 22 17.36 -14.34 6.56
C THR A 22 18.09 -13.06 6.98
N GLU A 23 17.40 -11.95 6.81
CA GLU A 23 17.90 -10.66 7.24
C GLU A 23 16.72 -9.75 7.54
N ASN A 24 16.57 -9.40 8.81
CA ASN A 24 15.40 -8.66 9.27
C ASN A 24 15.66 -7.16 9.17
N ALA A 25 16.84 -6.81 8.68
CA ALA A 25 17.24 -5.43 8.54
C ALA A 25 16.46 -4.73 7.43
N GLU A 26 15.89 -5.53 6.51
CA GLU A 26 15.11 -4.98 5.39
C GLU A 26 14.03 -4.04 5.90
N LEU A 27 13.28 -4.51 6.89
CA LEU A 27 12.16 -3.77 7.43
C LEU A 27 12.61 -2.45 8.06
N VAL A 28 13.79 -2.47 8.69
CA VAL A 28 14.32 -1.30 9.38
C VAL A 28 14.79 -0.26 8.37
N TYR A 29 15.29 -0.74 7.24
CA TYR A 29 15.75 0.13 6.17
C TYR A 29 14.56 0.75 5.45
N VAL A 30 13.42 0.08 5.54
CA VAL A 30 12.22 0.50 4.82
C VAL A 30 11.52 1.70 5.47
N LEU A 31 11.25 1.63 6.78
CA LEU A 31 10.34 2.59 7.40
C LEU A 31 10.97 3.97 7.56
N ARG A 32 10.09 4.98 7.49
CA ARG A 32 10.49 6.38 7.66
C ARG A 32 9.65 7.06 8.72
N HIS A 33 8.49 7.54 8.32
CA HIS A 33 7.59 8.29 9.22
C HIS A 33 6.15 8.13 8.77
N LYS A 34 5.27 8.99 9.29
CA LYS A 34 3.86 8.97 8.92
C LYS A 34 3.49 10.31 8.30
N HIS A 35 2.20 10.54 8.06
CA HIS A 35 1.78 11.82 7.49
C HIS A 35 0.34 12.16 7.90
N GLY A 36 -0.51 11.15 8.00
CA GLY A 36 -1.88 11.39 8.40
C GLY A 36 -2.71 10.12 8.41
N GLN A 37 -4.02 10.27 8.35
CA GLN A 37 -4.94 9.15 8.38
C GLN A 37 -5.40 8.80 6.97
N PHE A 38 -5.82 9.81 6.22
CA PHE A 38 -6.22 9.63 4.83
C PHE A 38 -5.39 10.55 3.95
N ILE A 39 -4.27 10.05 3.45
CA ILE A 39 -3.35 10.89 2.69
C ILE A 39 -3.14 10.33 1.29
N TYR A 40 -3.37 11.18 0.31
CA TYR A 40 -3.07 10.86 -1.08
C TYR A 40 -1.87 11.69 -1.52
N VAL A 41 -0.78 11.01 -1.83
CA VAL A 41 0.44 11.69 -2.23
C VAL A 41 0.92 11.19 -3.59
N TRP A 42 0.68 11.99 -4.61
CA TRP A 42 1.07 11.62 -5.97
C TRP A 42 2.51 12.02 -6.24
N GLY A 43 3.33 11.01 -6.51
CA GLY A 43 4.74 11.25 -6.75
C GLY A 43 5.47 9.95 -7.03
N GLU A 44 6.80 10.02 -7.04
CA GLU A 44 7.65 8.86 -7.33
C GLU A 44 7.36 8.29 -8.72
N GLU A 45 7.83 7.08 -8.98
CA GLU A 45 7.63 6.44 -10.28
C GLU A 45 7.99 4.96 -10.22
N GLY A 46 9.27 4.66 -10.37
CA GLY A 46 9.72 3.28 -10.39
C GLY A 46 11.09 3.12 -9.76
N ALA A 47 11.77 2.03 -10.12
CA ALA A 47 13.07 1.66 -9.54
C ALA A 47 12.92 1.31 -8.07
N GLY A 48 12.73 2.32 -7.25
CA GLY A 48 12.41 2.11 -5.85
C GLY A 48 11.01 2.56 -5.57
N LYS A 49 10.07 2.06 -6.37
CA LYS A 49 8.68 2.50 -6.33
C LYS A 49 8.03 2.24 -4.99
N SER A 50 7.06 3.07 -4.64
CA SER A 50 6.30 2.94 -3.40
C SER A 50 7.24 3.12 -2.22
N HIS A 51 8.24 3.99 -2.40
CA HIS A 51 9.31 4.17 -1.43
C HIS A 51 8.78 4.83 -0.17
N LEU A 52 8.13 5.96 -0.31
CA LEU A 52 7.52 6.65 0.82
C LEU A 52 6.31 5.86 1.33
N LEU A 53 5.69 5.11 0.42
CA LEU A 53 4.52 4.31 0.76
C LEU A 53 4.89 3.19 1.73
N GLN A 54 5.91 2.42 1.38
CA GLN A 54 6.35 1.29 2.20
C GLN A 54 6.92 1.79 3.53
N ALA A 55 7.56 2.94 3.46
CA ALA A 55 8.14 3.58 4.62
C ALA A 55 7.10 3.87 5.70
N TRP A 56 5.87 4.10 5.28
CA TRP A 56 4.76 4.36 6.19
C TRP A 56 4.23 3.06 6.76
N VAL A 57 4.12 2.05 5.90
CA VAL A 57 3.61 0.74 6.31
C VAL A 57 4.47 0.13 7.40
N ALA A 58 5.79 0.08 7.16
CA ALA A 58 6.72 -0.51 8.12
C ALA A 58 6.74 0.28 9.41
N GLN A 59 6.49 1.58 9.32
CA GLN A 59 6.44 2.46 10.48
C GLN A 59 5.29 2.05 11.39
N ALA A 60 4.16 1.72 10.78
CA ALA A 60 2.98 1.32 11.52
C ALA A 60 3.14 -0.08 12.09
N LEU A 61 3.93 -0.90 11.40
CA LEU A 61 4.18 -2.26 11.84
C LEU A 61 4.92 -2.28 13.18
N GLU A 62 5.99 -1.50 13.28
CA GLU A 62 6.77 -1.46 14.51
C GLU A 62 6.07 -0.63 15.58
N ALA A 63 5.05 0.10 15.15
CA ALA A 63 4.21 0.86 16.06
C ALA A 63 3.25 -0.08 16.80
N GLY A 64 3.23 -1.34 16.38
CA GLY A 64 2.42 -2.34 17.05
C GLY A 64 1.05 -2.49 16.41
N LYS A 65 0.88 -1.85 15.26
CA LYS A 65 -0.40 -1.86 14.57
C LYS A 65 -0.41 -2.96 13.51
N ASN A 66 -1.52 -3.09 12.82
CA ASN A 66 -1.60 -4.00 11.69
C ASN A 66 -1.58 -3.18 10.40
N ALA A 67 -0.76 -3.59 9.45
CA ALA A 67 -0.61 -2.85 8.22
C ALA A 67 -0.36 -3.80 7.06
N ALA A 68 -0.94 -3.48 5.92
CA ALA A 68 -0.78 -4.28 4.72
C ALA A 68 -0.54 -3.40 3.50
N TYR A 69 0.50 -3.73 2.75
CA TYR A 69 0.83 -3.00 1.54
C TYR A 69 0.54 -3.87 0.33
N ILE A 70 -0.21 -3.32 -0.62
CA ILE A 70 -0.60 -4.07 -1.81
C ILE A 70 -0.22 -3.31 -3.07
N ASP A 71 0.50 -4.00 -3.95
CA ASP A 71 0.96 -3.43 -5.21
C ASP A 71 0.05 -3.92 -6.32
N ALA A 72 -0.82 -3.05 -6.82
CA ALA A 72 -1.84 -3.45 -7.77
C ALA A 72 -1.27 -4.06 -9.04
N ALA A 73 -0.04 -3.73 -9.37
CA ALA A 73 0.59 -4.27 -10.57
C ALA A 73 1.41 -5.51 -10.25
N SER A 74 1.23 -6.05 -9.06
CA SER A 74 1.91 -7.27 -8.65
C SER A 74 0.92 -8.21 -7.95
N MET A 75 0.04 -7.63 -7.16
CA MET A 75 -0.92 -8.36 -6.36
C MET A 75 -2.28 -7.68 -6.40
N PRO A 76 -3.37 -8.47 -6.41
CA PRO A 76 -4.73 -7.93 -6.35
C PRO A 76 -5.13 -7.59 -4.92
N LEU A 77 -6.15 -6.75 -4.79
CA LEU A 77 -6.67 -6.42 -3.47
C LEU A 77 -7.44 -7.59 -2.91
N THR A 78 -7.34 -7.82 -1.61
CA THR A 78 -7.91 -9.00 -1.01
C THR A 78 -8.76 -8.67 0.21
N ASP A 79 -9.62 -9.61 0.57
CA ASP A 79 -10.50 -9.50 1.72
C ASP A 79 -9.69 -9.41 3.03
N ALA A 80 -8.46 -9.91 2.98
CA ALA A 80 -7.57 -9.89 4.13
C ALA A 80 -7.30 -8.48 4.61
N ALA A 81 -7.43 -7.50 3.71
CA ALA A 81 -7.17 -6.10 4.01
C ALA A 81 -8.07 -5.56 5.14
N PHE A 82 -9.16 -6.26 5.41
CA PHE A 82 -10.08 -5.84 6.46
C PHE A 82 -9.53 -6.14 7.84
N GLU A 83 -8.49 -6.96 7.91
CA GLU A 83 -7.87 -7.28 9.19
C GLU A 83 -6.84 -6.22 9.55
N ALA A 84 -6.33 -5.53 8.55
CA ALA A 84 -5.34 -4.50 8.74
C ALA A 84 -5.99 -3.18 9.10
N GLU A 85 -5.36 -2.46 10.01
CA GLU A 85 -5.83 -1.14 10.42
C GLU A 85 -5.26 -0.09 9.47
N TYR A 86 -4.02 -0.31 9.06
CA TYR A 86 -3.34 0.60 8.14
C TYR A 86 -3.21 -0.04 6.76
N LEU A 87 -3.88 0.55 5.79
CA LEU A 87 -3.86 0.02 4.43
C LEU A 87 -3.08 0.94 3.49
N ALA A 88 -2.21 0.35 2.69
CA ALA A 88 -1.47 1.09 1.69
C ALA A 88 -1.65 0.45 0.32
N VAL A 89 -2.32 1.16 -0.58
CA VAL A 89 -2.59 0.63 -1.91
C VAL A 89 -1.79 1.40 -2.96
N ASP A 90 -1.06 0.66 -3.78
CA ASP A 90 -0.24 1.26 -4.82
C ASP A 90 -0.86 1.04 -6.18
N GLN A 91 -1.06 2.14 -6.93
CA GLN A 91 -1.64 2.09 -8.28
C GLN A 91 -3.13 1.80 -8.24
N VAL A 92 -3.92 2.80 -8.57
CA VAL A 92 -5.38 2.67 -8.56
C VAL A 92 -5.88 2.35 -9.96
N GLU A 93 -5.14 2.81 -10.96
CA GLU A 93 -5.49 2.58 -12.37
C GLU A 93 -5.49 1.09 -12.69
N LYS A 94 -4.68 0.34 -11.95
CA LYS A 94 -4.48 -1.07 -12.25
C LYS A 94 -5.61 -1.93 -11.69
N LEU A 95 -6.49 -1.34 -10.90
CA LEU A 95 -7.55 -2.09 -10.26
C LEU A 95 -8.65 -2.44 -11.27
N GLY A 96 -9.10 -3.69 -11.23
CA GLY A 96 -10.14 -4.13 -12.12
C GLY A 96 -11.52 -3.83 -11.58
N ASN A 97 -12.31 -4.86 -11.34
CA ASN A 97 -13.69 -4.68 -10.87
C ASN A 97 -13.81 -5.04 -9.40
N GLU A 98 -13.41 -6.25 -9.04
CA GLU A 98 -13.52 -6.74 -7.68
C GLU A 98 -12.70 -5.88 -6.73
N GLU A 99 -11.49 -5.52 -7.15
CA GLU A 99 -10.59 -4.72 -6.33
C GLU A 99 -11.22 -3.37 -5.99
N GLN A 100 -11.86 -2.74 -6.98
CA GLN A 100 -12.51 -1.46 -6.75
C GLN A 100 -13.70 -1.61 -5.81
N ALA A 101 -14.42 -2.71 -5.93
CA ALA A 101 -15.55 -2.98 -5.06
C ALA A 101 -15.09 -3.25 -3.63
N LEU A 102 -13.96 -3.94 -3.51
CA LEU A 102 -13.36 -4.22 -2.22
C LEU A 102 -12.86 -2.92 -1.60
N LEU A 103 -12.13 -2.14 -2.39
CA LEU A 103 -11.61 -0.85 -1.97
C LEU A 103 -12.76 0.06 -1.50
N PHE A 104 -13.84 0.07 -2.29
CA PHE A 104 -15.05 0.81 -1.95
C PHE A 104 -15.55 0.44 -0.56
N SER A 105 -15.56 -0.86 -0.27
CA SER A 105 -16.01 -1.37 1.02
C SER A 105 -15.04 -0.94 2.13
N ILE A 106 -13.75 -0.85 1.78
CA ILE A 106 -12.73 -0.38 2.71
C ILE A 106 -13.01 1.06 3.12
N PHE A 107 -13.33 1.91 2.14
CA PHE A 107 -13.71 3.29 2.41
C PHE A 107 -14.94 3.34 3.30
N ASN A 108 -15.90 2.45 3.04
CA ASN A 108 -17.11 2.36 3.84
C ASN A 108 -16.76 2.08 5.31
N ARG A 109 -15.89 1.10 5.53
CA ARG A 109 -15.49 0.73 6.89
C ARG A 109 -14.83 1.91 7.58
N PHE A 110 -13.91 2.56 6.88
CA PHE A 110 -13.16 3.68 7.44
C PHE A 110 -14.07 4.88 7.73
N ARG A 111 -14.87 5.27 6.77
CA ARG A 111 -15.72 6.45 6.89
C ARG A 111 -16.82 6.23 7.92
N ASN A 112 -17.33 5.00 7.99
CA ASN A 112 -18.42 4.68 8.90
C ASN A 112 -17.94 4.65 10.34
N SER A 113 -16.75 4.08 10.56
CA SER A 113 -16.22 3.95 11.90
C SER A 113 -15.46 5.20 12.34
N GLY A 114 -15.02 5.99 11.36
CA GLY A 114 -14.20 7.15 11.67
C GLY A 114 -12.80 6.73 12.08
N LYS A 115 -12.46 5.51 11.72
CA LYS A 115 -11.21 4.90 12.13
C LYS A 115 -10.57 4.21 10.92
N GLY A 116 -9.37 3.71 11.11
CA GLY A 116 -8.64 3.10 10.01
C GLY A 116 -7.74 4.10 9.33
N PHE A 117 -6.66 3.60 8.74
CA PHE A 117 -5.69 4.47 8.08
C PHE A 117 -5.47 4.03 6.65
N LEU A 118 -5.34 4.99 5.75
CA LEU A 118 -5.12 4.71 4.35
C LEU A 118 -4.10 5.67 3.76
N LEU A 119 -3.24 5.14 2.93
CA LEU A 119 -2.24 5.94 2.24
C LEU A 119 -2.20 5.53 0.78
N LEU A 120 -2.41 6.49 -0.10
CA LEU A 120 -2.45 6.21 -1.52
C LEU A 120 -1.42 7.05 -2.27
N GLY A 121 -0.43 6.37 -2.83
CA GLY A 121 0.54 7.05 -3.67
C GLY A 121 0.03 7.13 -5.09
N SER A 122 -0.32 5.96 -5.63
CA SER A 122 -0.97 5.86 -6.94
C SER A 122 -0.03 6.31 -8.06
N GLU A 123 -0.61 6.66 -9.20
CA GLU A 123 0.16 6.94 -10.40
C GLU A 123 -0.10 8.34 -10.95
N TYR A 124 -1.32 8.85 -10.79
CA TYR A 124 -1.64 10.20 -11.30
C TYR A 124 -2.38 11.05 -10.27
N THR A 125 -3.71 10.94 -10.26
CA THR A 125 -4.56 11.72 -9.35
C THR A 125 -5.95 11.11 -9.25
N PRO A 126 -6.66 11.32 -8.13
CA PRO A 126 -7.96 10.69 -7.88
C PRO A 126 -9.05 11.19 -8.83
N GLN A 127 -8.90 12.43 -9.26
CA GLN A 127 -9.93 13.07 -10.08
C GLN A 127 -9.67 12.87 -11.57
N GLN A 128 -8.45 12.47 -11.92
CA GLN A 128 -8.10 12.32 -13.32
C GLN A 128 -8.10 10.87 -13.77
N LEU A 129 -7.95 9.96 -12.80
CA LEU A 129 -7.94 8.54 -13.10
C LEU A 129 -9.26 8.10 -13.73
N VAL A 130 -9.16 7.33 -14.79
CA VAL A 130 -10.34 6.83 -15.46
C VAL A 130 -10.73 5.47 -14.86
N ILE A 131 -11.33 5.54 -13.69
CA ILE A 131 -11.77 4.37 -12.96
C ILE A 131 -13.28 4.41 -12.77
N ARG A 132 -13.82 3.48 -12.01
CA ARG A 132 -15.25 3.44 -11.75
C ARG A 132 -15.70 4.72 -11.04
N GLU A 133 -16.79 5.30 -11.54
CA GLU A 133 -17.32 6.56 -11.00
C GLU A 133 -17.66 6.43 -9.51
N ASP A 134 -17.91 5.21 -9.08
CA ASP A 134 -18.29 4.95 -7.69
C ASP A 134 -17.10 5.10 -6.76
N LEU A 135 -15.92 4.73 -7.24
CA LEU A 135 -14.71 4.74 -6.42
C LEU A 135 -14.08 6.12 -6.34
N ARG A 136 -13.92 6.77 -7.49
CA ARG A 136 -13.20 8.04 -7.59
C ARG A 136 -13.84 9.14 -6.76
N THR A 137 -15.13 9.01 -6.47
CA THR A 137 -15.83 10.00 -5.65
C THR A 137 -15.46 9.84 -4.18
N ARG A 138 -15.12 8.61 -3.78
CA ARG A 138 -14.75 8.32 -2.40
C ARG A 138 -13.32 8.78 -2.12
N MET A 139 -12.58 9.01 -3.19
CA MET A 139 -11.19 9.45 -3.09
C MET A 139 -11.12 10.86 -2.51
N ALA A 140 -12.23 11.57 -2.56
CA ALA A 140 -12.30 12.95 -2.09
C ALA A 140 -12.20 13.03 -0.56
N TYR A 141 -12.34 11.89 0.11
CA TYR A 141 -12.28 11.85 1.56
C TYR A 141 -10.84 11.84 2.06
N CYS A 142 -9.89 11.84 1.12
CA CYS A 142 -8.48 11.85 1.46
C CYS A 142 -7.89 13.20 1.14
N LEU A 143 -6.84 13.56 1.88
CA LEU A 143 -6.12 14.80 1.63
C LEU A 143 -5.15 14.61 0.47
N VAL A 144 -4.81 15.70 -0.21
CA VAL A 144 -3.97 15.60 -1.40
C VAL A 144 -2.74 16.48 -1.24
N TYR A 145 -1.57 15.87 -1.38
CA TYR A 145 -0.31 16.58 -1.35
C TYR A 145 0.50 16.26 -2.59
N GLU A 146 1.10 17.27 -3.20
CA GLU A 146 1.92 17.06 -4.39
C GLU A 146 3.33 16.66 -3.97
N VAL A 147 3.84 15.58 -4.56
CA VAL A 147 5.16 15.09 -4.22
C VAL A 147 6.13 15.29 -5.39
N LYS A 148 6.83 16.42 -5.37
CA LYS A 148 7.87 16.69 -6.35
C LYS A 148 8.95 17.59 -5.75
N PRO A 149 9.94 17.00 -5.10
CA PRO A 149 11.07 17.74 -4.53
C PRO A 149 12.17 17.98 -5.56
N MET A 1 34.50 -72.37 11.26
CA MET A 1 33.24 -72.11 10.53
C MET A 1 32.44 -71.01 11.21
N GLY A 2 31.98 -70.04 10.43
CA GLY A 2 31.17 -68.98 10.98
C GLY A 2 32.00 -67.78 11.40
N HIS A 3 31.33 -66.81 11.99
CA HIS A 3 31.98 -65.58 12.44
C HIS A 3 31.61 -65.30 13.89
N HIS A 4 32.55 -64.78 14.66
CA HIS A 4 32.36 -64.60 16.08
C HIS A 4 32.79 -63.19 16.53
N HIS A 5 31.92 -62.54 17.30
CA HIS A 5 32.14 -61.17 17.76
C HIS A 5 32.06 -60.17 16.61
N HIS A 6 31.02 -59.34 16.65
CA HIS A 6 30.78 -58.34 15.62
C HIS A 6 30.16 -57.08 16.22
N HIS A 7 30.40 -55.94 15.60
CA HIS A 7 29.87 -54.67 16.08
C HIS A 7 29.38 -53.79 14.93
N HIS A 8 28.62 -52.77 15.27
CA HIS A 8 28.22 -51.74 14.32
C HIS A 8 28.32 -50.38 14.97
N SER A 9 29.22 -49.55 14.48
CA SER A 9 29.41 -48.23 15.03
C SER A 9 29.08 -47.16 13.99
N HIS A 10 28.42 -46.09 14.42
CA HIS A 10 28.13 -44.98 13.54
C HIS A 10 28.41 -43.66 14.26
N MET A 11 29.03 -42.73 13.55
CA MET A 11 29.37 -41.43 14.11
C MET A 11 28.97 -40.33 13.13
N ASP A 12 27.71 -39.91 13.19
CA ASP A 12 27.23 -38.87 12.30
C ASP A 12 26.89 -37.60 13.08
N TYR A 13 27.15 -36.46 12.47
CA TYR A 13 26.84 -35.18 13.09
C TYR A 13 25.34 -34.91 13.03
N PRO A 14 24.68 -34.86 14.20
CA PRO A 14 23.23 -34.71 14.30
C PRO A 14 22.72 -33.42 13.64
N SER A 15 23.47 -32.34 13.76
CA SER A 15 23.02 -31.07 13.23
C SER A 15 24.15 -30.29 12.55
N PHE A 16 23.75 -29.46 11.58
CA PHE A 16 24.66 -28.57 10.88
C PHE A 16 23.87 -27.77 9.84
N ASP A 17 23.19 -26.72 10.31
CA ASP A 17 22.31 -25.93 9.46
C ASP A 17 21.95 -24.59 10.12
N LYS A 18 22.55 -23.52 9.61
CA LYS A 18 22.33 -22.18 10.14
C LYS A 18 23.14 -21.15 9.35
N PHE A 19 22.67 -19.91 9.34
CA PHE A 19 23.43 -18.78 8.85
C PHE A 19 23.11 -17.60 9.78
N LEU A 20 21.88 -17.04 9.77
CA LEU A 20 20.88 -17.13 8.69
C LEU A 20 20.33 -15.73 8.40
N GLY A 21 20.75 -15.14 7.30
CA GLY A 21 20.25 -13.83 6.94
C GLY A 21 21.21 -12.71 7.30
N THR A 22 20.72 -11.75 8.10
CA THR A 22 21.51 -10.59 8.52
C THR A 22 21.66 -9.59 7.36
N GLU A 23 22.13 -8.38 7.67
CA GLU A 23 22.27 -7.30 6.68
C GLU A 23 20.89 -6.73 6.35
N ASN A 24 20.27 -6.13 7.36
CA ASN A 24 18.90 -5.63 7.25
C ASN A 24 18.87 -4.11 7.19
N ALA A 25 20.01 -3.51 6.84
CA ALA A 25 20.15 -2.05 6.80
C ALA A 25 19.19 -1.43 5.79
N GLU A 26 18.80 -2.20 4.81
CA GLU A 26 17.86 -1.74 3.79
C GLU A 26 16.50 -1.41 4.43
N LEU A 27 16.17 -2.11 5.49
CA LEU A 27 14.93 -1.89 6.21
C LEU A 27 15.01 -0.62 7.04
N VAL A 28 16.21 -0.36 7.57
CA VAL A 28 16.45 0.84 8.36
C VAL A 28 16.24 2.09 7.50
N TYR A 29 16.56 1.96 6.22
CA TYR A 29 16.31 3.03 5.26
C TYR A 29 14.82 3.29 5.06
N VAL A 30 14.04 2.23 5.07
CA VAL A 30 12.62 2.30 4.72
C VAL A 30 11.81 3.02 5.81
N LEU A 31 12.05 2.68 7.06
CA LEU A 31 11.23 3.16 8.18
C LEU A 31 11.34 4.68 8.38
N ARG A 32 10.70 5.15 9.46
CA ARG A 32 10.66 6.57 9.82
C ARG A 32 9.80 7.38 8.86
N HIS A 33 8.71 6.80 8.39
CA HIS A 33 7.79 7.52 7.49
C HIS A 33 6.35 7.39 7.97
N LYS A 34 5.86 8.43 8.63
CA LYS A 34 4.50 8.44 9.17
C LYS A 34 3.70 9.59 8.57
N HIS A 35 2.49 9.32 8.10
CA HIS A 35 1.59 10.37 7.63
C HIS A 35 0.17 10.13 8.14
N GLY A 36 -0.74 11.04 7.80
CA GLY A 36 -2.11 10.98 8.31
C GLY A 36 -2.91 9.79 7.78
N GLN A 37 -4.21 9.81 8.07
CA GLN A 37 -5.12 8.70 7.77
C GLN A 37 -5.30 8.48 6.27
N PHE A 38 -6.23 9.23 5.68
CA PHE A 38 -6.58 9.06 4.28
C PHE A 38 -5.66 9.88 3.40
N ILE A 39 -4.66 9.23 2.82
CA ILE A 39 -3.64 9.92 2.05
C ILE A 39 -3.46 9.28 0.68
N TYR A 40 -3.52 10.10 -0.35
CA TYR A 40 -3.22 9.67 -1.70
C TYR A 40 -1.93 10.33 -2.18
N VAL A 41 -1.03 9.52 -2.69
CA VAL A 41 0.25 10.02 -3.18
C VAL A 41 0.44 9.66 -4.65
N TRP A 42 1.08 10.55 -5.39
CA TRP A 42 1.44 10.26 -6.76
C TRP A 42 2.71 9.41 -6.79
N GLY A 43 3.83 10.06 -6.57
CA GLY A 43 5.08 9.35 -6.45
C GLY A 43 5.90 9.38 -7.72
N GLU A 44 7.00 8.65 -7.71
CA GLU A 44 7.88 8.57 -8.87
C GLU A 44 7.17 7.85 -10.03
N GLU A 45 6.59 6.70 -9.72
CA GLU A 45 5.82 5.90 -10.69
C GLU A 45 5.43 4.58 -10.03
N GLY A 46 6.41 3.97 -9.39
CA GLY A 46 6.21 2.68 -8.75
C GLY A 46 7.43 1.81 -8.88
N ALA A 47 8.50 2.18 -8.20
CA ALA A 47 9.77 1.49 -8.31
C ALA A 47 10.34 1.24 -6.92
N GLY A 48 10.86 0.04 -6.74
CA GLY A 48 11.38 -0.34 -5.44
C GLY A 48 10.36 -1.12 -4.64
N LYS A 49 9.26 -1.48 -5.31
CA LYS A 49 8.15 -2.22 -4.71
C LYS A 49 7.63 -1.56 -3.44
N SER A 50 6.76 -0.57 -3.63
CA SER A 50 6.00 0.03 -2.54
C SER A 50 6.91 0.61 -1.44
N HIS A 51 8.15 0.96 -1.79
CA HIS A 51 9.14 1.37 -0.78
C HIS A 51 8.63 2.53 0.09
N LEU A 52 7.81 3.41 -0.48
CA LEU A 52 7.25 4.52 0.25
C LEU A 52 6.10 4.05 1.15
N LEU A 53 5.22 3.22 0.60
CA LEU A 53 4.03 2.78 1.30
C LEU A 53 4.36 1.77 2.39
N GLN A 54 5.34 0.91 2.11
CA GLN A 54 5.75 -0.14 3.03
C GLN A 54 6.30 0.45 4.32
N ALA A 55 6.95 1.59 4.18
CA ALA A 55 7.51 2.32 5.32
C ALA A 55 6.42 2.69 6.32
N TRP A 56 5.29 3.12 5.79
CA TRP A 56 4.18 3.59 6.59
C TRP A 56 3.46 2.43 7.26
N VAL A 57 3.39 1.32 6.55
CA VAL A 57 2.76 0.12 7.07
C VAL A 57 3.59 -0.52 8.18
N ALA A 58 4.90 -0.63 7.94
CA ALA A 58 5.80 -1.28 8.89
C ALA A 58 5.90 -0.48 10.19
N GLN A 59 5.87 0.83 10.11
CA GLN A 59 5.97 1.67 11.30
C GLN A 59 4.68 1.54 12.12
N ALA A 60 3.58 1.29 11.43
CA ALA A 60 2.31 1.06 12.09
C ALA A 60 2.32 -0.28 12.81
N LEU A 61 2.97 -1.26 12.18
CA LEU A 61 3.14 -2.57 12.76
C LEU A 61 3.94 -2.50 14.05
N GLU A 62 5.02 -1.71 14.04
CA GLU A 62 5.85 -1.54 15.23
C GLU A 62 5.14 -0.68 16.26
N ALA A 63 4.08 -0.01 15.84
CA ALA A 63 3.28 0.82 16.74
C ALA A 63 2.23 -0.02 17.45
N GLY A 64 2.21 -1.32 17.17
CA GLY A 64 1.25 -2.21 17.79
C GLY A 64 -0.12 -2.07 17.18
N LYS A 65 -0.14 -1.72 15.90
CA LYS A 65 -1.37 -1.56 15.17
C LYS A 65 -1.36 -2.49 13.96
N ASN A 66 -2.53 -2.83 13.48
CA ASN A 66 -2.63 -3.72 12.33
C ASN A 66 -2.43 -2.93 11.06
N ALA A 67 -1.61 -3.45 10.17
CA ALA A 67 -1.26 -2.76 8.94
C ALA A 67 -0.84 -3.75 7.87
N ALA A 68 -1.21 -3.47 6.64
CA ALA A 68 -0.86 -4.32 5.52
C ALA A 68 -0.71 -3.51 4.23
N TYR A 69 0.32 -3.81 3.46
CA TYR A 69 0.51 -3.17 2.19
C TYR A 69 0.35 -4.19 1.07
N ILE A 70 -0.43 -3.83 0.07
CA ILE A 70 -0.69 -4.72 -1.05
C ILE A 70 -0.42 -3.99 -2.36
N ASP A 71 0.51 -4.52 -3.13
CA ASP A 71 0.84 -3.95 -4.43
C ASP A 71 0.12 -4.73 -5.51
N ALA A 72 -0.83 -4.08 -6.17
CA ALA A 72 -1.70 -4.73 -7.13
C ALA A 72 -0.95 -5.16 -8.40
N ALA A 73 0.36 -5.01 -8.39
CA ALA A 73 1.18 -5.43 -9.50
C ALA A 73 1.76 -6.83 -9.26
N SER A 74 1.75 -7.25 -8.00
CA SER A 74 2.26 -8.57 -7.66
C SER A 74 1.30 -9.30 -6.70
N MET A 75 0.37 -8.57 -6.11
CA MET A 75 -0.56 -9.16 -5.14
C MET A 75 -1.96 -8.61 -5.35
N PRO A 76 -3.00 -9.45 -5.16
CA PRO A 76 -4.38 -9.04 -5.25
C PRO A 76 -4.94 -8.57 -3.90
N LEU A 77 -6.00 -7.78 -3.93
CA LEU A 77 -6.61 -7.29 -2.71
C LEU A 77 -7.50 -8.37 -2.11
N THR A 78 -7.53 -8.44 -0.78
CA THR A 78 -8.26 -9.48 -0.09
C THR A 78 -9.17 -8.91 0.99
N ASP A 79 -10.08 -9.73 1.49
CA ASP A 79 -11.01 -9.32 2.53
C ASP A 79 -10.31 -9.20 3.88
N ALA A 80 -9.13 -9.81 3.98
CA ALA A 80 -8.33 -9.74 5.19
C ALA A 80 -7.95 -8.31 5.55
N ALA A 81 -7.93 -7.45 4.53
CA ALA A 81 -7.55 -6.05 4.70
C ALA A 81 -8.44 -5.34 5.73
N PHE A 82 -9.66 -5.82 5.92
CA PHE A 82 -10.59 -5.21 6.85
C PHE A 82 -10.16 -5.41 8.31
N GLU A 83 -9.19 -6.29 8.54
CA GLU A 83 -8.67 -6.50 9.89
C GLU A 83 -7.71 -5.39 10.27
N ALA A 84 -7.11 -4.78 9.26
CA ALA A 84 -6.05 -3.81 9.47
C ALA A 84 -6.60 -2.41 9.70
N GLU A 85 -5.84 -1.63 10.44
CA GLU A 85 -6.15 -0.23 10.64
C GLU A 85 -5.48 0.60 9.55
N TYR A 86 -4.28 0.16 9.17
CA TYR A 86 -3.49 0.84 8.15
C TYR A 86 -3.47 0.02 6.87
N LEU A 87 -4.08 0.55 5.81
CA LEU A 87 -4.10 -0.13 4.52
C LEU A 87 -3.41 0.70 3.45
N ALA A 88 -2.39 0.13 2.84
CA ALA A 88 -1.67 0.79 1.76
C ALA A 88 -1.73 -0.05 0.50
N VAL A 89 -2.30 0.52 -0.55
CA VAL A 89 -2.42 -0.18 -1.82
C VAL A 89 -1.51 0.48 -2.87
N ASP A 90 -0.53 -0.27 -3.31
CA ASP A 90 0.47 0.22 -4.25
C ASP A 90 0.01 -0.13 -5.67
N GLN A 91 0.05 0.86 -6.56
CA GLN A 91 -0.54 0.73 -7.89
C GLN A 91 -2.04 0.50 -7.81
N VAL A 92 -2.80 1.57 -7.57
CA VAL A 92 -4.26 1.47 -7.49
C VAL A 92 -4.85 1.42 -8.89
N GLU A 93 -4.06 1.87 -9.85
CA GLU A 93 -4.42 1.82 -11.27
C GLU A 93 -4.65 0.38 -11.74
N LYS A 94 -4.13 -0.58 -10.98
CA LYS A 94 -4.17 -1.97 -11.37
C LYS A 94 -5.37 -2.69 -10.77
N LEU A 95 -6.26 -1.95 -10.14
CA LEU A 95 -7.50 -2.53 -9.62
C LEU A 95 -8.56 -2.55 -10.70
N GLY A 96 -9.25 -3.67 -10.83
CA GLY A 96 -10.20 -3.81 -11.92
C GLY A 96 -11.64 -3.88 -11.45
N ASN A 97 -12.10 -5.09 -11.14
CA ASN A 97 -13.50 -5.31 -10.84
C ASN A 97 -13.69 -5.53 -9.34
N GLU A 98 -13.45 -6.75 -8.91
CA GLU A 98 -13.65 -7.14 -7.51
C GLU A 98 -12.69 -6.39 -6.60
N GLU A 99 -11.49 -6.14 -7.10
CA GLU A 99 -10.47 -5.46 -6.33
C GLU A 99 -10.90 -4.03 -6.03
N GLN A 100 -11.49 -3.39 -7.03
CA GLN A 100 -11.93 -2.01 -6.89
C GLN A 100 -13.18 -1.94 -6.03
N ALA A 101 -14.05 -2.93 -6.17
CA ALA A 101 -15.26 -3.03 -5.37
C ALA A 101 -14.91 -3.25 -3.91
N LEU A 102 -13.89 -4.07 -3.68
CA LEU A 102 -13.42 -4.33 -2.32
C LEU A 102 -12.81 -3.05 -1.75
N LEU A 103 -11.94 -2.42 -2.53
CA LEU A 103 -11.30 -1.16 -2.15
C LEU A 103 -12.36 -0.11 -1.80
N PHE A 104 -13.38 -0.01 -2.64
CA PHE A 104 -14.50 0.90 -2.39
C PHE A 104 -15.17 0.60 -1.05
N SER A 105 -15.36 -0.68 -0.78
CA SER A 105 -15.95 -1.14 0.47
C SER A 105 -15.09 -0.70 1.65
N ILE A 106 -13.77 -0.77 1.46
CA ILE A 106 -12.82 -0.31 2.48
C ILE A 106 -13.04 1.17 2.80
N PHE A 107 -13.15 1.99 1.76
CA PHE A 107 -13.42 3.41 1.94
C PHE A 107 -14.71 3.62 2.73
N ASN A 108 -15.75 2.88 2.38
CA ASN A 108 -17.01 2.95 3.08
C ASN A 108 -16.83 2.56 4.54
N ARG A 109 -16.20 1.41 4.77
CA ARG A 109 -15.98 0.91 6.12
C ARG A 109 -15.29 1.95 7.00
N PHE A 110 -14.25 2.57 6.47
CA PHE A 110 -13.45 3.52 7.23
C PHE A 110 -14.19 4.85 7.43
N ARG A 111 -14.62 5.45 6.33
CA ARG A 111 -15.23 6.78 6.38
C ARG A 111 -16.55 6.76 7.14
N ASN A 112 -17.19 5.60 7.18
CA ASN A 112 -18.47 5.46 7.87
C ASN A 112 -18.27 5.44 9.38
N SER A 113 -17.10 4.98 9.81
CA SER A 113 -16.78 4.88 11.23
C SER A 113 -16.01 6.12 11.68
N GLY A 114 -15.06 6.54 10.87
CA GLY A 114 -14.27 7.72 11.18
C GLY A 114 -12.80 7.38 11.26
N LYS A 115 -12.53 6.15 11.66
CA LYS A 115 -11.18 5.64 11.73
C LYS A 115 -10.71 5.16 10.36
N GLY A 116 -9.63 4.40 10.35
CA GLY A 116 -9.12 3.88 9.11
C GLY A 116 -7.99 4.73 8.54
N PHE A 117 -6.90 4.07 8.22
CA PHE A 117 -5.77 4.72 7.58
C PHE A 117 -5.60 4.15 6.18
N LEU A 118 -5.79 5.00 5.17
CA LEU A 118 -5.80 4.54 3.79
C LEU A 118 -4.73 5.26 2.98
N LEU A 119 -3.96 4.50 2.24
CA LEU A 119 -2.90 5.06 1.42
C LEU A 119 -2.92 4.44 0.02
N LEU A 120 -3.08 5.30 -0.98
CA LEU A 120 -3.02 4.87 -2.38
C LEU A 120 -1.87 5.59 -3.06
N GLY A 121 -1.14 4.87 -3.89
CA GLY A 121 0.00 5.48 -4.58
C GLY A 121 0.28 4.85 -5.93
N SER A 122 0.09 5.64 -6.99
CA SER A 122 0.41 5.24 -8.36
C SER A 122 0.07 6.38 -9.32
N GLU A 123 0.14 6.07 -10.62
CA GLU A 123 -0.15 7.02 -11.70
C GLU A 123 0.48 8.40 -11.47
N TYR A 124 0.00 9.39 -12.22
CA TYR A 124 0.47 10.76 -12.07
C TYR A 124 -0.59 11.61 -11.38
N THR A 125 -1.86 11.31 -11.66
CA THR A 125 -2.98 12.05 -11.10
C THR A 125 -4.26 11.20 -11.13
N PRO A 126 -5.22 11.49 -10.24
CA PRO A 126 -6.48 10.73 -10.17
C PRO A 126 -7.35 10.92 -11.42
N GLN A 127 -7.01 11.94 -12.19
CA GLN A 127 -7.74 12.27 -13.41
C GLN A 127 -7.54 11.20 -14.48
N GLN A 128 -6.48 10.42 -14.36
CA GLN A 128 -6.20 9.36 -15.32
C GLN A 128 -6.49 8.00 -14.72
N LEU A 129 -7.07 8.00 -13.53
CA LEU A 129 -7.45 6.75 -12.85
C LEU A 129 -8.63 6.08 -13.53
N VAL A 130 -8.53 4.77 -13.68
CA VAL A 130 -9.62 3.98 -14.22
C VAL A 130 -10.45 3.41 -13.07
N ILE A 131 -11.27 4.27 -12.49
CA ILE A 131 -12.07 3.90 -11.34
C ILE A 131 -13.51 4.34 -11.53
N ARG A 132 -14.44 3.69 -10.84
CA ARG A 132 -15.82 4.10 -10.85
C ARG A 132 -15.93 5.50 -10.24
N GLU A 133 -16.85 6.30 -10.76
CA GLU A 133 -16.98 7.69 -10.34
C GLU A 133 -17.32 7.78 -8.86
N ASP A 134 -17.98 6.74 -8.36
CA ASP A 134 -18.37 6.69 -6.95
C ASP A 134 -17.15 6.50 -6.06
N LEU A 135 -16.08 5.96 -6.62
CA LEU A 135 -14.84 5.81 -5.87
C LEU A 135 -14.08 7.13 -5.91
N ARG A 136 -14.21 7.85 -7.02
CA ARG A 136 -13.52 9.12 -7.20
C ARG A 136 -14.05 10.15 -6.21
N THR A 137 -15.35 10.07 -5.89
CA THR A 137 -15.94 10.97 -4.91
C THR A 137 -15.42 10.66 -3.50
N ARG A 138 -15.17 9.37 -3.24
CA ARG A 138 -14.62 8.95 -1.96
C ARG A 138 -13.17 9.41 -1.83
N MET A 139 -12.49 9.56 -2.95
CA MET A 139 -11.09 10.02 -2.97
C MET A 139 -10.98 11.45 -2.44
N ALA A 140 -12.08 12.18 -2.49
CA ALA A 140 -12.11 13.55 -2.03
C ALA A 140 -12.15 13.63 -0.50
N TYR A 141 -12.28 12.48 0.14
CA TYR A 141 -12.24 12.40 1.59
C TYR A 141 -10.81 12.13 2.06
N CYS A 142 -9.88 12.18 1.13
CA CYS A 142 -8.50 11.93 1.42
C CYS A 142 -7.68 13.17 1.13
N LEU A 143 -6.45 13.18 1.59
CA LEU A 143 -5.52 14.25 1.29
C LEU A 143 -4.57 13.79 0.19
N VAL A 144 -4.03 14.73 -0.56
CA VAL A 144 -3.10 14.39 -1.62
C VAL A 144 -1.72 14.92 -1.27
N TYR A 145 -0.78 14.02 -1.09
CA TYR A 145 0.60 14.38 -0.83
C TYR A 145 1.39 14.26 -2.12
N GLU A 146 1.94 15.37 -2.56
CA GLU A 146 2.70 15.38 -3.80
C GLU A 146 4.11 14.87 -3.56
N VAL A 147 4.41 13.71 -4.11
CA VAL A 147 5.75 13.15 -4.04
C VAL A 147 6.50 13.54 -5.31
N LYS A 148 7.34 14.55 -5.18
CA LYS A 148 8.03 15.11 -6.33
C LYS A 148 9.14 14.18 -6.80
N PRO A 149 9.43 14.17 -8.11
CA PRO A 149 10.59 13.48 -8.66
C PRO A 149 11.87 14.28 -8.43
N MET A 1 34.89 -38.67 47.07
CA MET A 1 33.78 -37.83 46.60
C MET A 1 34.17 -36.36 46.62
N GLY A 2 33.29 -35.51 46.11
CA GLY A 2 33.57 -34.09 46.07
C GLY A 2 33.19 -33.51 44.72
N HIS A 3 32.01 -32.92 44.65
CA HIS A 3 31.49 -32.39 43.40
C HIS A 3 31.60 -30.87 43.39
N HIS A 4 32.73 -30.35 42.93
CA HIS A 4 32.96 -28.92 42.93
C HIS A 4 32.34 -28.28 41.69
N HIS A 5 31.07 -27.94 41.79
CA HIS A 5 30.38 -27.24 40.72
C HIS A 5 30.90 -25.82 40.60
N HIS A 6 31.26 -25.42 39.39
CA HIS A 6 31.85 -24.11 39.16
C HIS A 6 31.35 -23.53 37.85
N HIS A 7 30.99 -22.25 37.88
CA HIS A 7 30.42 -21.60 36.70
C HIS A 7 30.89 -20.15 36.61
N HIS A 8 31.29 -19.75 35.41
CA HIS A 8 31.62 -18.36 35.11
C HIS A 8 31.01 -17.97 33.77
N SER A 9 30.67 -16.71 33.60
CA SER A 9 30.05 -16.26 32.36
C SER A 9 30.99 -15.33 31.59
N HIS A 10 31.28 -15.71 30.35
CA HIS A 10 32.09 -14.89 29.46
C HIS A 10 31.24 -14.43 28.27
N MET A 11 31.31 -13.15 27.97
CA MET A 11 30.51 -12.56 26.89
C MET A 11 30.84 -13.21 25.55
N ASP A 12 29.82 -13.77 24.91
CA ASP A 12 29.99 -14.43 23.63
C ASP A 12 29.80 -13.45 22.48
N TYR A 13 30.80 -12.61 22.24
CA TYR A 13 30.77 -11.68 21.13
C TYR A 13 32.06 -11.79 20.33
N PRO A 14 32.11 -12.71 19.36
CA PRO A 14 33.30 -12.97 18.56
C PRO A 14 33.59 -11.86 17.54
N SER A 15 32.54 -11.15 17.14
CA SER A 15 32.62 -10.13 16.10
C SER A 15 33.01 -10.79 14.77
N PHE A 16 32.02 -11.25 14.02
CA PHE A 16 32.28 -12.00 12.81
C PHE A 16 32.49 -11.07 11.61
N ASP A 17 33.27 -11.55 10.65
CA ASP A 17 33.63 -10.77 9.47
C ASP A 17 32.70 -11.08 8.29
N LYS A 18 31.89 -12.12 8.44
CA LYS A 18 31.03 -12.56 7.35
C LYS A 18 29.83 -11.63 7.15
N PHE A 19 28.78 -11.80 7.94
CA PHE A 19 27.63 -10.95 7.84
C PHE A 19 27.19 -10.54 9.24
N LEU A 20 26.73 -11.48 10.09
CA LEU A 20 26.24 -12.80 9.71
C LEU A 20 24.73 -12.88 9.89
N GLY A 21 23.98 -12.61 8.83
CA GLY A 21 22.54 -12.69 8.89
C GLY A 21 21.91 -11.48 9.53
N THR A 22 22.16 -11.30 10.82
CA THR A 22 21.55 -10.22 11.57
C THR A 22 22.27 -8.89 11.32
N GLU A 23 21.66 -8.13 10.44
CA GLU A 23 22.08 -6.78 10.11
C GLU A 23 21.00 -6.14 9.25
N ASN A 24 20.20 -5.29 9.87
CA ASN A 24 18.97 -4.79 9.25
C ASN A 24 19.22 -3.52 8.44
N ALA A 25 20.30 -3.53 7.67
CA ALA A 25 20.65 -2.38 6.83
C ALA A 25 19.54 -2.03 5.85
N GLU A 26 19.06 -3.03 5.11
CA GLU A 26 18.02 -2.82 4.12
C GLU A 26 16.69 -2.46 4.78
N LEU A 27 16.52 -2.88 6.03
CA LEU A 27 15.32 -2.55 6.77
C LEU A 27 15.33 -1.07 7.14
N VAL A 28 16.48 -0.59 7.61
CA VAL A 28 16.63 0.82 7.93
C VAL A 28 16.44 1.68 6.66
N TYR A 29 16.84 1.11 5.53
CA TYR A 29 16.67 1.74 4.23
C TYR A 29 15.20 2.05 3.95
N VAL A 30 14.30 1.26 4.54
CA VAL A 30 12.87 1.43 4.31
C VAL A 30 12.33 2.64 5.07
N LEU A 31 12.83 2.86 6.27
CA LEU A 31 12.35 3.93 7.14
C LEU A 31 12.62 5.32 6.54
N ARG A 32 11.57 6.12 6.45
CA ARG A 32 11.70 7.49 5.98
C ARG A 32 10.95 8.43 6.93
N HIS A 33 9.63 8.51 6.76
CA HIS A 33 8.78 9.33 7.63
C HIS A 33 7.31 9.05 7.33
N LYS A 34 6.45 9.18 8.33
CA LYS A 34 5.03 8.92 8.14
C LYS A 34 4.19 9.80 9.07
N HIS A 35 3.06 10.29 8.56
CA HIS A 35 2.13 11.13 9.31
C HIS A 35 0.80 11.24 8.57
N GLY A 36 -0.28 10.87 9.23
CA GLY A 36 -1.61 11.04 8.64
C GLY A 36 -2.53 9.87 8.89
N GLN A 37 -3.78 10.02 8.48
CA GLN A 37 -4.76 8.95 8.55
C GLN A 37 -5.41 8.70 7.19
N PHE A 38 -5.65 9.78 6.46
CA PHE A 38 -6.32 9.70 5.17
C PHE A 38 -5.57 10.53 4.14
N ILE A 39 -4.50 9.96 3.60
CA ILE A 39 -3.63 10.68 2.68
C ILE A 39 -3.35 9.88 1.41
N TYR A 40 -3.48 10.57 0.29
CA TYR A 40 -3.15 10.02 -1.01
C TYR A 40 -1.88 10.67 -1.52
N VAL A 41 -0.88 9.85 -1.80
CA VAL A 41 0.39 10.35 -2.30
C VAL A 41 0.60 9.89 -3.74
N TRP A 42 1.20 10.76 -4.54
CA TRP A 42 1.50 10.41 -5.92
C TRP A 42 2.92 10.85 -6.26
N GLY A 43 3.52 10.17 -7.22
CA GLY A 43 4.85 10.54 -7.65
C GLY A 43 5.84 9.41 -7.52
N GLU A 44 7.07 9.68 -7.94
CA GLU A 44 8.14 8.69 -7.91
C GLU A 44 9.46 9.38 -7.58
N GLU A 45 9.37 10.64 -7.18
CA GLU A 45 10.55 11.43 -6.86
C GLU A 45 11.31 10.81 -5.69
N GLY A 46 12.52 10.33 -5.98
CA GLY A 46 13.33 9.71 -4.95
C GLY A 46 13.42 8.22 -5.12
N ALA A 47 12.71 7.71 -6.14
CA ALA A 47 12.69 6.28 -6.46
C ALA A 47 12.16 5.46 -5.29
N GLY A 48 10.85 5.31 -5.24
CA GLY A 48 10.22 4.56 -4.17
C GLY A 48 8.88 5.14 -3.78
N LYS A 49 7.89 4.99 -4.65
CA LYS A 49 6.53 5.37 -4.32
C LYS A 49 6.00 4.52 -3.18
N SER A 50 6.38 3.25 -3.19
CA SER A 50 5.92 2.29 -2.18
C SER A 50 6.90 2.24 -1.01
N HIS A 51 7.87 3.16 -1.02
CA HIS A 51 8.95 3.17 -0.05
C HIS A 51 8.43 3.52 1.34
N LEU A 52 7.68 4.61 1.44
CA LEU A 52 7.19 5.09 2.72
C LEU A 52 6.02 4.25 3.23
N LEU A 53 5.30 3.63 2.30
CA LEU A 53 4.15 2.79 2.64
C LEU A 53 4.56 1.64 3.55
N GLN A 54 5.68 1.00 3.23
CA GLN A 54 6.15 -0.15 3.98
C GLN A 54 6.58 0.25 5.40
N ALA A 55 7.19 1.43 5.51
CA ALA A 55 7.62 1.94 6.80
C ALA A 55 6.42 2.24 7.68
N TRP A 56 5.38 2.76 7.07
CA TRP A 56 4.13 3.08 7.75
C TRP A 56 3.45 1.80 8.24
N VAL A 57 3.46 0.78 7.40
CA VAL A 57 2.89 -0.50 7.76
C VAL A 57 3.70 -1.18 8.87
N ALA A 58 5.02 -1.17 8.72
CA ALA A 58 5.91 -1.84 9.66
C ALA A 58 5.78 -1.28 11.08
N GLN A 59 5.72 0.05 11.19
CA GLN A 59 5.67 0.68 12.50
C GLN A 59 4.34 0.35 13.18
N ALA A 60 3.27 0.23 12.40
CA ALA A 60 1.97 -0.15 12.92
C ALA A 60 1.99 -1.62 13.36
N LEU A 61 2.68 -2.44 12.58
CA LEU A 61 2.84 -3.85 12.89
C LEU A 61 3.54 -4.03 14.24
N GLU A 62 4.64 -3.31 14.44
CA GLU A 62 5.39 -3.41 15.69
C GLU A 62 4.62 -2.78 16.84
N ALA A 63 3.62 -1.97 16.51
CA ALA A 63 2.78 -1.33 17.51
C ALA A 63 1.65 -2.27 17.94
N GLY A 64 1.63 -3.46 17.36
CA GLY A 64 0.62 -4.43 17.73
C GLY A 64 -0.67 -4.24 16.95
N LYS A 65 -0.63 -3.37 15.96
CA LYS A 65 -1.78 -3.07 15.16
C LYS A 65 -1.71 -3.85 13.87
N ASN A 66 -2.84 -4.01 13.22
CA ASN A 66 -2.89 -4.73 11.96
C ASN A 66 -2.68 -3.76 10.81
N ALA A 67 -1.82 -4.14 9.89
CA ALA A 67 -1.47 -3.29 8.76
C ALA A 67 -1.00 -4.13 7.59
N ALA A 68 -1.31 -3.67 6.38
CA ALA A 68 -0.90 -4.39 5.18
C ALA A 68 -0.67 -3.43 4.02
N TYR A 69 0.38 -3.70 3.25
CA TYR A 69 0.67 -2.93 2.05
C TYR A 69 0.39 -3.80 0.82
N ILE A 70 -0.51 -3.33 -0.02
CA ILE A 70 -0.97 -4.11 -1.15
C ILE A 70 -0.61 -3.44 -2.47
N ASP A 71 0.07 -4.19 -3.33
CA ASP A 71 0.45 -3.72 -4.65
C ASP A 71 -0.58 -4.19 -5.66
N ALA A 72 -1.36 -3.26 -6.19
CA ALA A 72 -2.50 -3.61 -7.03
C ALA A 72 -2.09 -4.11 -8.41
N ALA A 73 -0.82 -3.94 -8.75
CA ALA A 73 -0.34 -4.37 -10.06
C ALA A 73 0.10 -5.83 -10.04
N SER A 74 0.76 -6.22 -8.96
CA SER A 74 1.29 -7.56 -8.84
C SER A 74 0.37 -8.45 -8.02
N MET A 75 -0.39 -7.84 -7.11
CA MET A 75 -1.24 -8.60 -6.19
C MET A 75 -2.68 -8.12 -6.26
N PRO A 76 -3.64 -9.05 -6.11
CA PRO A 76 -5.05 -8.71 -6.10
C PRO A 76 -5.52 -8.23 -4.74
N LEU A 77 -6.57 -7.43 -4.73
CA LEU A 77 -7.14 -6.97 -3.48
C LEU A 77 -8.07 -8.04 -2.93
N THR A 78 -8.10 -8.20 -1.62
CA THR A 78 -8.83 -9.30 -1.03
C THR A 78 -9.57 -8.86 0.23
N ASP A 79 -10.49 -9.69 0.70
CA ASP A 79 -11.33 -9.39 1.86
C ASP A 79 -10.50 -9.33 3.14
N ALA A 80 -9.32 -9.95 3.10
CA ALA A 80 -8.40 -9.95 4.23
C ALA A 80 -8.04 -8.54 4.68
N ALA A 81 -8.14 -7.59 3.75
CA ALA A 81 -7.81 -6.19 4.04
C ALA A 81 -8.71 -5.59 5.11
N PHE A 82 -9.87 -6.20 5.32
CA PHE A 82 -10.82 -5.70 6.32
C PHE A 82 -10.36 -6.05 7.74
N GLU A 83 -9.40 -6.96 7.86
CA GLU A 83 -8.87 -7.33 9.15
C GLU A 83 -7.83 -6.32 9.62
N ALA A 84 -7.23 -5.64 8.67
CA ALA A 84 -6.21 -4.67 8.94
C ALA A 84 -6.82 -3.32 9.28
N GLU A 85 -6.18 -2.61 10.20
CA GLU A 85 -6.62 -1.28 10.57
C GLU A 85 -5.90 -0.24 9.71
N TYR A 86 -4.66 -0.57 9.35
CA TYR A 86 -3.85 0.30 8.52
C TYR A 86 -3.70 -0.31 7.12
N LEU A 87 -4.33 0.31 6.14
CA LEU A 87 -4.28 -0.19 4.78
C LEU A 87 -3.47 0.73 3.88
N ALA A 88 -2.46 0.17 3.24
CA ALA A 88 -1.66 0.91 2.27
C ALA A 88 -1.87 0.32 0.88
N VAL A 89 -2.56 1.06 0.03
CA VAL A 89 -2.88 0.60 -1.31
C VAL A 89 -2.01 1.29 -2.34
N ASP A 90 -1.23 0.50 -3.05
CA ASP A 90 -0.28 1.03 -4.02
C ASP A 90 -0.82 0.85 -5.45
N GLN A 91 -0.69 1.90 -6.26
CA GLN A 91 -1.13 1.89 -7.66
C GLN A 91 -2.64 1.73 -7.76
N VAL A 92 -3.36 2.69 -7.21
CA VAL A 92 -4.83 2.69 -7.23
C VAL A 92 -5.35 2.76 -8.67
N GLU A 93 -4.58 3.40 -9.54
CA GLU A 93 -4.92 3.53 -10.95
C GLU A 93 -4.88 2.18 -11.66
N LYS A 94 -4.19 1.21 -11.07
CA LYS A 94 -3.98 -0.09 -11.70
C LYS A 94 -5.03 -1.11 -11.24
N LEU A 95 -6.09 -0.64 -10.58
CA LEU A 95 -7.18 -1.51 -10.16
C LEU A 95 -7.94 -2.04 -11.37
N GLY A 96 -8.55 -3.21 -11.22
CA GLY A 96 -9.26 -3.83 -12.32
C GLY A 96 -10.75 -3.58 -12.27
N ASN A 97 -11.46 -4.36 -11.46
CA ASN A 97 -12.92 -4.28 -11.38
C ASN A 97 -13.39 -4.68 -9.99
N GLU A 98 -13.21 -5.95 -9.66
CA GLU A 98 -13.57 -6.49 -8.35
C GLU A 98 -12.80 -5.75 -7.27
N GLU A 99 -11.57 -5.40 -7.61
CA GLU A 99 -10.68 -4.68 -6.71
C GLU A 99 -11.26 -3.32 -6.36
N GLN A 100 -11.97 -2.72 -7.32
CA GLN A 100 -12.58 -1.40 -7.11
C GLN A 100 -13.74 -1.49 -6.14
N ALA A 101 -14.54 -2.53 -6.27
CA ALA A 101 -15.68 -2.74 -5.36
C ALA A 101 -15.17 -2.95 -3.94
N LEU A 102 -14.10 -3.71 -3.81
CA LEU A 102 -13.49 -3.95 -2.51
C LEU A 102 -12.91 -2.65 -1.96
N LEU A 103 -12.18 -1.94 -2.81
CA LEU A 103 -11.59 -0.65 -2.45
C LEU A 103 -12.67 0.33 -1.96
N PHE A 104 -13.77 0.41 -2.70
CA PHE A 104 -14.89 1.25 -2.33
C PHE A 104 -15.43 0.86 -0.96
N SER A 105 -15.50 -0.44 -0.73
CA SER A 105 -15.95 -0.97 0.54
C SER A 105 -15.01 -0.56 1.67
N ILE A 106 -13.73 -0.44 1.35
CA ILE A 106 -12.74 0.04 2.31
C ILE A 106 -13.05 1.48 2.73
N PHE A 107 -13.32 2.34 1.74
CA PHE A 107 -13.75 3.70 2.00
C PHE A 107 -15.02 3.72 2.84
N ASN A 108 -15.95 2.85 2.46
CA ASN A 108 -17.22 2.72 3.17
C ASN A 108 -16.99 2.41 4.65
N ARG A 109 -16.07 1.50 4.91
CA ARG A 109 -15.73 1.11 6.28
C ARG A 109 -15.16 2.30 7.07
N PHE A 110 -14.13 2.93 6.51
CA PHE A 110 -13.43 4.00 7.22
C PHE A 110 -14.33 5.23 7.41
N ARG A 111 -15.09 5.56 6.37
CA ARG A 111 -16.01 6.69 6.45
C ARG A 111 -17.13 6.43 7.46
N ASN A 112 -17.62 5.20 7.47
CA ASN A 112 -18.74 4.84 8.34
C ASN A 112 -18.30 4.69 9.79
N SER A 113 -17.12 4.13 10.00
CA SER A 113 -16.63 3.87 11.35
C SER A 113 -15.93 5.09 11.94
N GLY A 114 -15.09 5.74 11.14
CA GLY A 114 -14.30 6.85 11.62
C GLY A 114 -12.92 6.40 12.03
N LYS A 115 -12.83 5.12 12.37
CA LYS A 115 -11.59 4.49 12.74
C LYS A 115 -10.96 3.91 11.48
N GLY A 116 -9.74 3.42 11.61
CA GLY A 116 -9.03 2.89 10.46
C GLY A 116 -8.14 3.92 9.82
N PHE A 117 -7.07 3.46 9.20
CA PHE A 117 -6.11 4.35 8.55
C PHE A 117 -5.88 3.90 7.12
N LEU A 118 -5.86 4.85 6.19
CA LEU A 118 -5.68 4.52 4.79
C LEU A 118 -4.57 5.36 4.18
N LEU A 119 -3.75 4.71 3.39
CA LEU A 119 -2.67 5.36 2.68
C LEU A 119 -2.70 4.92 1.23
N LEU A 120 -3.03 5.84 0.36
CA LEU A 120 -3.19 5.53 -1.05
C LEU A 120 -2.04 6.09 -1.86
N GLY A 121 -1.48 5.27 -2.74
CA GLY A 121 -0.41 5.72 -3.60
C GLY A 121 -0.70 5.43 -5.05
N SER A 122 -0.19 6.29 -5.92
CA SER A 122 -0.35 6.11 -7.36
C SER A 122 0.65 7.01 -8.08
N GLU A 123 0.71 6.90 -9.40
CA GLU A 123 1.68 7.69 -10.15
C GLU A 123 1.02 8.91 -10.79
N TYR A 124 -0.28 8.86 -11.01
CA TYR A 124 -1.01 9.98 -11.58
C TYR A 124 -1.92 10.65 -10.55
N THR A 125 -2.71 11.61 -11.01
CA THR A 125 -3.60 12.36 -10.14
C THR A 125 -5.01 11.74 -10.12
N PRO A 126 -5.76 11.95 -9.01
CA PRO A 126 -7.05 11.27 -8.78
C PRO A 126 -8.09 11.53 -9.85
N GLN A 127 -8.04 12.70 -10.46
CA GLN A 127 -9.08 13.11 -11.41
C GLN A 127 -8.87 12.50 -12.78
N GLN A 128 -7.74 11.83 -12.98
CA GLN A 128 -7.47 11.19 -14.25
C GLN A 128 -7.09 9.72 -14.07
N LEU A 129 -7.35 9.20 -12.88
CA LEU A 129 -7.12 7.79 -12.60
C LEU A 129 -8.16 6.93 -13.33
N VAL A 130 -7.82 5.68 -13.61
CA VAL A 130 -8.74 4.78 -14.28
C VAL A 130 -9.60 4.06 -13.24
N ILE A 131 -10.63 4.75 -12.78
CA ILE A 131 -11.52 4.21 -11.76
C ILE A 131 -12.97 4.54 -12.07
N ARG A 132 -13.89 3.81 -11.45
CA ARG A 132 -15.31 4.04 -11.67
C ARG A 132 -15.82 5.22 -10.85
N GLU A 133 -17.04 5.64 -11.17
CA GLU A 133 -17.61 6.89 -10.68
C GLU A 133 -17.62 6.98 -9.15
N ASP A 134 -18.25 6.02 -8.49
CA ASP A 134 -18.40 6.05 -7.03
C ASP A 134 -17.05 6.10 -6.33
N LEU A 135 -16.09 5.34 -6.85
CA LEU A 135 -14.76 5.30 -6.26
C LEU A 135 -14.02 6.61 -6.51
N ARG A 136 -14.28 7.19 -7.67
CA ARG A 136 -13.61 8.42 -8.12
C ARG A 136 -13.89 9.58 -7.18
N THR A 137 -15.14 9.67 -6.71
CA THR A 137 -15.53 10.74 -5.79
C THR A 137 -14.94 10.51 -4.41
N ARG A 138 -14.89 9.24 -3.99
CA ARG A 138 -14.30 8.89 -2.71
C ARG A 138 -12.81 9.22 -2.68
N MET A 139 -12.16 9.10 -3.83
CA MET A 139 -10.75 9.43 -3.96
C MET A 139 -10.50 10.92 -3.74
N ALA A 140 -11.53 11.72 -3.96
CA ALA A 140 -11.41 13.17 -3.83
C ALA A 140 -11.57 13.64 -2.39
N TYR A 141 -12.04 12.74 -1.52
CA TYR A 141 -12.19 13.06 -0.11
C TYR A 141 -10.86 12.95 0.62
N CYS A 142 -9.92 12.28 -0.04
CA CYS A 142 -8.62 12.02 0.54
C CYS A 142 -7.67 13.15 0.19
N LEU A 143 -6.80 13.48 1.12
CA LEU A 143 -5.81 14.52 0.90
C LEU A 143 -4.81 14.10 -0.16
N VAL A 144 -4.20 15.09 -0.78
CA VAL A 144 -3.28 14.86 -1.88
C VAL A 144 -1.92 15.45 -1.60
N TYR A 145 -0.92 14.60 -1.51
CA TYR A 145 0.46 15.03 -1.28
C TYR A 145 1.40 14.36 -2.27
N GLU A 146 2.52 15.00 -2.51
CA GLU A 146 3.49 14.52 -3.48
C GLU A 146 4.90 14.63 -2.91
N VAL A 147 5.78 13.73 -3.34
CA VAL A 147 7.11 13.62 -2.76
C VAL A 147 8.10 14.61 -3.36
N LYS A 148 7.65 15.38 -4.34
CA LYS A 148 8.47 16.44 -4.91
C LYS A 148 8.68 17.57 -3.89
N PRO A 149 9.71 18.40 -4.07
CA PRO A 149 9.96 19.57 -3.22
C PRO A 149 8.98 20.70 -3.52
N MET A 1 5.71 -50.24 -40.57
CA MET A 1 5.18 -49.31 -39.54
C MET A 1 6.02 -49.39 -38.28
N GLY A 2 6.95 -48.45 -38.13
CA GLY A 2 7.77 -48.39 -36.95
C GLY A 2 7.54 -47.10 -36.20
N HIS A 3 6.58 -47.12 -35.29
CA HIS A 3 6.23 -45.92 -34.53
C HIS A 3 6.57 -46.10 -33.05
N HIS A 4 7.05 -45.02 -32.44
CA HIS A 4 7.35 -44.99 -31.02
C HIS A 4 7.02 -43.62 -30.45
N HIS A 5 6.09 -43.59 -29.50
CA HIS A 5 5.65 -42.33 -28.91
C HIS A 5 6.63 -41.87 -27.84
N HIS A 6 7.08 -40.63 -27.96
CA HIS A 6 8.05 -40.06 -27.01
C HIS A 6 7.41 -38.94 -26.22
N HIS A 7 7.30 -39.12 -24.92
CA HIS A 7 6.72 -38.12 -24.03
C HIS A 7 7.32 -38.23 -22.64
N HIS A 8 8.25 -37.34 -22.33
CA HIS A 8 8.90 -37.32 -21.02
C HIS A 8 9.55 -35.96 -20.78
N SER A 9 9.32 -35.39 -19.61
CA SER A 9 9.91 -34.11 -19.25
C SER A 9 10.80 -34.25 -18.02
N HIS A 10 11.77 -33.35 -17.87
CA HIS A 10 12.63 -33.34 -16.71
C HIS A 10 12.41 -32.07 -15.91
N MET A 11 12.52 -32.15 -14.60
CA MET A 11 12.28 -31.01 -13.73
C MET A 11 13.54 -30.64 -12.95
N ASP A 12 14.07 -29.46 -13.25
CA ASP A 12 15.23 -28.92 -12.55
C ASP A 12 14.85 -27.64 -11.81
N TYR A 13 14.69 -27.77 -10.50
CA TYR A 13 14.20 -26.66 -9.68
C TYR A 13 15.29 -26.19 -8.71
N PRO A 14 15.91 -25.04 -9.00
CA PRO A 14 16.93 -24.45 -8.14
C PRO A 14 16.36 -23.42 -7.17
N SER A 15 16.38 -23.75 -5.90
CA SER A 15 15.91 -22.84 -4.85
C SER A 15 16.93 -22.74 -3.73
N PHE A 16 17.75 -21.71 -3.79
CA PHE A 16 18.81 -21.52 -2.80
C PHE A 16 18.40 -20.52 -1.73
N ASP A 17 19.18 -20.43 -0.68
CA ASP A 17 18.88 -19.55 0.45
C ASP A 17 20.15 -18.91 0.99
N LYS A 18 20.11 -17.60 1.15
CA LYS A 18 21.25 -16.85 1.67
C LYS A 18 21.20 -16.81 3.19
N PHE A 19 22.01 -15.94 3.78
CA PHE A 19 21.87 -15.60 5.18
C PHE A 19 22.04 -14.08 5.25
N LEU A 20 23.23 -13.53 4.98
CA LEU A 20 24.50 -14.23 5.08
C LEU A 20 25.32 -13.54 6.18
N GLY A 21 24.69 -12.53 6.75
CA GLY A 21 25.25 -11.76 7.83
C GLY A 21 24.17 -10.90 8.44
N THR A 22 24.20 -10.68 9.75
CA THR A 22 23.13 -9.97 10.40
C THR A 22 23.31 -8.46 10.30
N GLU A 23 22.26 -7.79 9.88
CA GLU A 23 22.20 -6.34 9.79
C GLU A 23 20.80 -5.93 9.40
N ASN A 24 20.02 -5.51 10.38
CA ASN A 24 18.61 -5.20 10.17
C ASN A 24 18.44 -3.73 9.78
N ALA A 25 19.53 -3.10 9.37
CA ALA A 25 19.50 -1.73 8.91
C ALA A 25 18.59 -1.57 7.69
N GLU A 26 18.42 -2.67 6.95
CA GLU A 26 17.55 -2.68 5.78
C GLU A 26 16.15 -2.24 6.14
N LEU A 27 15.68 -2.66 7.31
CA LEU A 27 14.34 -2.32 7.77
C LEU A 27 14.25 -0.84 8.08
N VAL A 28 15.26 -0.32 8.77
CA VAL A 28 15.30 1.09 9.14
C VAL A 28 15.40 1.96 7.88
N TYR A 29 16.10 1.44 6.87
CA TYR A 29 16.17 2.10 5.58
C TYR A 29 14.81 2.13 4.91
N VAL A 30 14.08 1.02 5.00
CA VAL A 30 12.76 0.92 4.39
C VAL A 30 11.78 1.89 5.04
N LEU A 31 11.72 1.89 6.37
CA LEU A 31 10.76 2.72 7.09
C LEU A 31 11.16 4.19 7.10
N ARG A 32 10.27 5.03 7.60
CA ARG A 32 10.50 6.47 7.62
C ARG A 32 9.64 7.13 8.70
N HIS A 33 8.36 7.38 8.37
CA HIS A 33 7.43 8.03 9.30
C HIS A 33 6.06 8.17 8.63
N LYS A 34 4.99 7.88 9.36
CA LYS A 34 3.64 7.96 8.80
C LYS A 34 3.04 9.34 9.05
N HIS A 35 2.23 9.82 8.12
CA HIS A 35 1.64 11.14 8.21
C HIS A 35 0.13 11.06 8.08
N GLY A 36 -0.58 11.85 8.89
CA GLY A 36 -2.02 11.96 8.77
C GLY A 36 -2.74 10.63 8.85
N GLN A 37 -3.70 10.44 7.98
CA GLN A 37 -4.44 9.18 7.92
C GLN A 37 -4.59 8.70 6.47
N PHE A 38 -5.62 9.19 5.78
CA PHE A 38 -5.85 8.84 4.38
C PHE A 38 -4.83 9.54 3.49
N ILE A 39 -3.80 8.82 3.10
CA ILE A 39 -2.77 9.41 2.27
C ILE A 39 -2.80 8.82 0.87
N TYR A 40 -2.96 9.70 -0.10
CA TYR A 40 -3.01 9.34 -1.49
C TYR A 40 -1.97 10.16 -2.25
N VAL A 41 -1.15 9.50 -3.05
CA VAL A 41 -0.14 10.22 -3.82
C VAL A 41 -0.19 9.83 -5.29
N TRP A 42 -0.49 10.79 -6.14
CA TRP A 42 -0.56 10.54 -7.57
C TRP A 42 0.82 10.65 -8.21
N GLY A 43 1.50 9.52 -8.32
CA GLY A 43 2.86 9.51 -8.84
C GLY A 43 2.93 9.51 -10.35
N GLU A 44 2.29 10.51 -10.96
CA GLU A 44 2.29 10.64 -12.40
C GLU A 44 3.66 11.10 -12.89
N GLU A 45 4.51 10.14 -13.22
CA GLU A 45 5.85 10.41 -13.68
C GLU A 45 6.46 9.14 -14.27
N GLY A 46 6.56 8.10 -13.44
CA GLY A 46 7.15 6.85 -13.89
C GLY A 46 8.07 6.24 -12.86
N ALA A 47 8.68 7.10 -12.05
CA ALA A 47 9.58 6.65 -10.98
C ALA A 47 8.92 5.58 -10.12
N GLY A 48 7.72 5.87 -9.62
CA GLY A 48 6.95 4.88 -8.87
C GLY A 48 7.70 4.26 -7.71
N LYS A 49 8.17 5.10 -6.81
CA LYS A 49 8.92 4.63 -5.64
C LYS A 49 7.96 4.28 -4.50
N SER A 50 7.69 3.00 -4.34
CA SER A 50 6.78 2.52 -3.32
C SER A 50 7.53 2.30 -1.99
N HIS A 51 8.71 2.90 -1.91
CA HIS A 51 9.54 2.84 -0.70
C HIS A 51 8.79 3.47 0.48
N LEU A 52 8.01 4.51 0.20
CA LEU A 52 7.23 5.18 1.23
C LEU A 52 6.04 4.31 1.65
N LEU A 53 5.54 3.52 0.71
CA LEU A 53 4.43 2.63 0.96
C LEU A 53 4.83 1.56 1.98
N GLN A 54 6.03 1.04 1.81
CA GLN A 54 6.56 0.00 2.69
C GLN A 54 6.90 0.59 4.06
N ALA A 55 7.40 1.81 4.05
CA ALA A 55 7.76 2.52 5.27
C ALA A 55 6.54 2.69 6.16
N TRP A 56 5.44 3.09 5.55
CA TRP A 56 4.18 3.36 6.24
C TRP A 56 3.70 2.13 7.01
N VAL A 57 3.87 0.96 6.39
CA VAL A 57 3.47 -0.30 7.01
C VAL A 57 4.27 -0.55 8.29
N ALA A 58 5.58 -0.36 8.21
CA ALA A 58 6.46 -0.60 9.34
C ALA A 58 6.16 0.35 10.50
N GLN A 59 5.79 1.58 10.17
CA GLN A 59 5.44 2.58 11.18
C GLN A 59 4.23 2.12 11.98
N ALA A 60 3.28 1.52 11.27
CA ALA A 60 2.07 1.00 11.91
C ALA A 60 2.40 -0.20 12.79
N LEU A 61 3.29 -1.05 12.28
CA LEU A 61 3.70 -2.25 12.99
C LEU A 61 4.33 -1.93 14.35
N GLU A 62 5.09 -0.84 14.40
CA GLU A 62 5.74 -0.43 15.64
C GLU A 62 4.72 0.07 16.66
N ALA A 63 3.61 0.61 16.17
CA ALA A 63 2.57 1.14 17.03
C ALA A 63 1.76 0.01 17.66
N GLY A 64 2.03 -1.21 17.23
CA GLY A 64 1.27 -2.35 17.72
C GLY A 64 -0.10 -2.41 17.07
N LYS A 65 -0.20 -1.86 15.87
CA LYS A 65 -1.43 -1.84 15.12
C LYS A 65 -1.27 -2.67 13.87
N ASN A 66 -2.37 -3.12 13.31
CA ASN A 66 -2.31 -4.05 12.18
C ASN A 66 -2.10 -3.29 10.88
N ALA A 67 -1.16 -3.80 10.09
CA ALA A 67 -0.83 -3.21 8.81
C ALA A 67 -0.57 -4.28 7.77
N ALA A 68 -1.22 -4.14 6.62
CA ALA A 68 -1.04 -5.07 5.53
C ALA A 68 -0.84 -4.31 4.21
N TYR A 69 0.08 -4.79 3.41
CA TYR A 69 0.37 -4.17 2.13
C TYR A 69 0.07 -5.13 0.99
N ILE A 70 -0.63 -4.64 -0.01
CA ILE A 70 -0.97 -5.43 -1.18
C ILE A 70 -0.53 -4.70 -2.44
N ASP A 71 0.41 -5.29 -3.15
CA ASP A 71 0.96 -4.70 -4.36
C ASP A 71 0.22 -5.26 -5.57
N ALA A 72 -0.69 -4.44 -6.10
CA ALA A 72 -1.64 -4.90 -7.13
C ALA A 72 -0.95 -5.25 -8.44
N ALA A 73 0.30 -4.86 -8.59
CA ALA A 73 1.05 -5.20 -9.80
C ALA A 73 1.96 -6.39 -9.56
N SER A 74 1.59 -7.21 -8.59
CA SER A 74 2.33 -8.43 -8.30
C SER A 74 1.43 -9.42 -7.55
N MET A 75 0.59 -8.87 -6.69
CA MET A 75 -0.33 -9.68 -5.91
C MET A 75 -1.75 -9.16 -6.09
N PRO A 76 -2.74 -10.07 -6.08
CA PRO A 76 -4.16 -9.68 -6.19
C PRO A 76 -4.69 -9.09 -4.89
N LEU A 77 -5.71 -8.26 -5.01
CA LEU A 77 -6.34 -7.67 -3.84
C LEU A 77 -7.23 -8.72 -3.18
N THR A 78 -7.29 -8.69 -1.85
CA THR A 78 -8.04 -9.69 -1.12
C THR A 78 -8.95 -9.05 -0.07
N ASP A 79 -10.02 -9.75 0.27
CA ASP A 79 -10.99 -9.26 1.24
C ASP A 79 -10.45 -9.38 2.66
N ALA A 80 -9.38 -10.18 2.81
CA ALA A 80 -8.71 -10.36 4.08
C ALA A 80 -8.13 -9.04 4.59
N ALA A 81 -7.86 -8.12 3.66
CA ALA A 81 -7.27 -6.83 3.99
C ALA A 81 -8.03 -6.08 5.09
N PHE A 82 -9.32 -6.39 5.25
CA PHE A 82 -10.15 -5.73 6.25
C PHE A 82 -9.71 -6.08 7.68
N GLU A 83 -8.88 -7.10 7.82
CA GLU A 83 -8.35 -7.49 9.13
C GLU A 83 -7.40 -6.43 9.67
N ALA A 84 -6.84 -5.65 8.77
CA ALA A 84 -5.89 -4.60 9.13
C ALA A 84 -6.56 -3.25 9.10
N GLU A 85 -6.08 -2.35 9.95
CA GLU A 85 -6.55 -0.97 9.93
C GLU A 85 -5.69 -0.17 8.97
N TYR A 86 -4.43 -0.56 8.86
CA TYR A 86 -3.49 0.07 7.94
C TYR A 86 -3.36 -0.76 6.66
N LEU A 87 -3.93 -0.28 5.58
CA LEU A 87 -3.80 -0.95 4.29
C LEU A 87 -2.97 -0.11 3.32
N ALA A 88 -1.99 -0.75 2.71
CA ALA A 88 -1.15 -0.08 1.72
C ALA A 88 -1.32 -0.73 0.35
N VAL A 89 -1.83 0.03 -0.60
CA VAL A 89 -2.08 -0.48 -1.94
C VAL A 89 -1.03 0.04 -2.92
N ASP A 90 -0.37 -0.88 -3.62
CA ASP A 90 0.65 -0.53 -4.61
C ASP A 90 0.08 -0.59 -6.02
N GLN A 91 0.11 0.55 -6.73
CA GLN A 91 -0.35 0.65 -8.11
C GLN A 91 -1.84 0.31 -8.24
N VAL A 92 -2.65 1.37 -8.20
CA VAL A 92 -4.10 1.22 -8.09
C VAL A 92 -4.76 1.01 -9.46
N GLU A 93 -4.11 1.50 -10.51
CA GLU A 93 -4.65 1.40 -11.87
C GLU A 93 -4.74 -0.06 -12.30
N LYS A 94 -3.98 -0.92 -11.65
CA LYS A 94 -3.87 -2.31 -12.08
C LYS A 94 -5.03 -3.16 -11.54
N LEU A 95 -5.98 -2.53 -10.88
CA LEU A 95 -7.16 -3.21 -10.39
C LEU A 95 -8.19 -3.34 -11.53
N GLY A 96 -8.92 -4.45 -11.52
CA GLY A 96 -9.91 -4.68 -12.56
C GLY A 96 -11.20 -3.94 -12.29
N ASN A 97 -12.07 -4.52 -11.48
CA ASN A 97 -13.36 -3.92 -11.19
C ASN A 97 -13.85 -4.32 -9.81
N GLU A 98 -13.91 -5.62 -9.57
CA GLU A 98 -14.37 -6.14 -8.29
C GLU A 98 -13.47 -5.66 -7.16
N GLU A 99 -12.18 -5.56 -7.45
CA GLU A 99 -11.21 -5.08 -6.48
C GLU A 99 -11.44 -3.60 -6.19
N GLN A 100 -11.96 -2.88 -7.18
CA GLN A 100 -12.24 -1.47 -7.01
C GLN A 100 -13.43 -1.26 -6.08
N ALA A 101 -14.40 -2.17 -6.17
CA ALA A 101 -15.54 -2.16 -5.26
C ALA A 101 -15.10 -2.51 -3.85
N LEU A 102 -14.11 -3.40 -3.77
CA LEU A 102 -13.50 -3.76 -2.50
C LEU A 102 -12.79 -2.53 -1.92
N LEU A 103 -11.98 -1.89 -2.75
CA LEU A 103 -11.28 -0.66 -2.38
C LEU A 103 -12.27 0.41 -1.92
N PHE A 104 -13.36 0.56 -2.69
CA PHE A 104 -14.44 1.47 -2.33
C PHE A 104 -14.93 1.22 -0.91
N SER A 105 -15.16 -0.05 -0.60
CA SER A 105 -15.63 -0.46 0.71
C SER A 105 -14.62 -0.11 1.80
N ILE A 106 -13.34 -0.22 1.47
CA ILE A 106 -12.28 0.14 2.41
C ILE A 106 -12.40 1.60 2.83
N PHE A 107 -12.53 2.49 1.84
CA PHE A 107 -12.70 3.92 2.10
C PHE A 107 -13.95 4.18 2.92
N ASN A 108 -15.03 3.53 2.52
CA ASN A 108 -16.32 3.74 3.17
C ASN A 108 -16.28 3.28 4.62
N ARG A 109 -15.73 2.10 4.84
CA ARG A 109 -15.60 1.53 6.18
C ARG A 109 -14.86 2.49 7.11
N PHE A 110 -13.72 3.00 6.65
CA PHE A 110 -12.90 3.89 7.45
C PHE A 110 -13.66 5.18 7.77
N ARG A 111 -14.34 5.74 6.78
CA ARG A 111 -15.13 6.94 6.99
C ARG A 111 -16.29 6.65 7.94
N ASN A 112 -16.82 5.44 7.88
CA ASN A 112 -17.93 5.00 8.72
C ASN A 112 -17.48 4.85 10.17
N SER A 113 -16.32 4.25 10.36
CA SER A 113 -15.77 4.06 11.70
C SER A 113 -15.38 5.39 12.32
N GLY A 114 -14.87 6.29 11.50
CA GLY A 114 -14.41 7.57 11.98
C GLY A 114 -12.91 7.60 12.12
N LYS A 115 -12.31 6.43 11.99
CA LYS A 115 -10.88 6.29 12.06
C LYS A 115 -10.41 5.33 10.97
N GLY A 116 -9.11 5.20 10.81
CA GLY A 116 -8.57 4.46 9.70
C GLY A 116 -7.64 5.33 8.90
N PHE A 117 -6.63 4.73 8.28
CA PHE A 117 -5.61 5.51 7.60
C PHE A 117 -5.61 5.22 6.10
N LEU A 118 -5.07 4.08 5.72
CA LEU A 118 -4.97 3.66 4.32
C LEU A 118 -3.95 4.50 3.55
N LEU A 119 -3.24 3.84 2.67
CA LEU A 119 -2.24 4.49 1.84
C LEU A 119 -2.28 3.91 0.43
N LEU A 120 -2.39 4.78 -0.56
CA LEU A 120 -2.47 4.33 -1.94
C LEU A 120 -1.31 4.87 -2.76
N GLY A 121 -0.50 3.95 -3.27
CA GLY A 121 0.56 4.33 -4.17
C GLY A 121 0.08 4.39 -5.60
N SER A 122 -0.73 5.40 -5.89
CA SER A 122 -1.34 5.56 -7.19
C SER A 122 -0.35 6.10 -8.21
N GLU A 123 -0.43 5.58 -9.42
CA GLU A 123 0.44 5.98 -10.50
C GLU A 123 -0.18 7.12 -11.30
N TYR A 124 -1.46 7.36 -11.10
CA TYR A 124 -2.18 8.41 -11.80
C TYR A 124 -3.04 9.22 -10.83
N THR A 125 -3.52 10.34 -11.32
CA THR A 125 -4.52 11.12 -10.60
C THR A 125 -5.89 10.45 -10.75
N PRO A 126 -6.85 10.76 -9.85
CA PRO A 126 -8.25 10.35 -10.05
C PRO A 126 -8.81 10.86 -11.37
N GLN A 127 -8.11 11.85 -11.92
CA GLN A 127 -8.48 12.47 -13.17
C GLN A 127 -8.22 11.55 -14.37
N GLN A 128 -7.18 10.75 -14.28
CA GLN A 128 -6.78 9.89 -15.39
C GLN A 128 -7.16 8.44 -15.14
N LEU A 129 -7.68 8.15 -13.95
CA LEU A 129 -8.11 6.80 -13.63
C LEU A 129 -9.49 6.52 -14.21
N VAL A 130 -9.63 5.38 -14.88
CA VAL A 130 -10.91 4.98 -15.43
C VAL A 130 -11.69 4.14 -14.43
N ILE A 131 -12.38 4.83 -13.53
CA ILE A 131 -13.15 4.18 -12.48
C ILE A 131 -14.58 4.71 -12.47
N ARG A 132 -15.41 4.15 -11.61
CA ARG A 132 -16.78 4.62 -11.48
C ARG A 132 -16.80 5.96 -10.77
N GLU A 133 -17.77 6.80 -11.11
CA GLU A 133 -17.85 8.15 -10.55
C GLU A 133 -18.08 8.11 -9.04
N ASP A 134 -18.70 7.05 -8.54
CA ASP A 134 -18.95 6.93 -7.11
C ASP A 134 -17.64 6.67 -6.37
N LEU A 135 -16.79 5.82 -6.94
CA LEU A 135 -15.46 5.57 -6.41
C LEU A 135 -14.59 6.81 -6.59
N ARG A 136 -14.78 7.48 -7.72
CA ARG A 136 -14.04 8.70 -8.04
C ARG A 136 -14.38 9.81 -7.03
N THR A 137 -15.62 9.82 -6.55
CA THR A 137 -16.04 10.76 -5.53
C THR A 137 -15.32 10.48 -4.20
N ARG A 138 -15.16 9.20 -3.88
CA ARG A 138 -14.50 8.78 -2.65
C ARG A 138 -13.01 9.10 -2.66
N MET A 139 -12.49 9.41 -3.84
CA MET A 139 -11.08 9.76 -4.00
C MET A 139 -10.80 11.12 -3.37
N ALA A 140 -11.86 11.90 -3.14
CA ALA A 140 -11.72 13.20 -2.50
C ALA A 140 -11.75 13.07 -0.98
N TYR A 141 -11.81 11.83 -0.49
CA TYR A 141 -11.85 11.58 0.95
C TYR A 141 -10.46 11.33 1.52
N CYS A 142 -9.44 11.58 0.71
CA CYS A 142 -8.08 11.35 1.15
C CYS A 142 -7.20 12.54 0.82
N LEU A 143 -6.08 12.65 1.52
CA LEU A 143 -5.13 13.72 1.31
C LEU A 143 -4.16 13.34 0.20
N VAL A 144 -3.59 14.33 -0.48
CA VAL A 144 -2.66 14.05 -1.55
C VAL A 144 -1.42 14.93 -1.43
N TYR A 145 -0.26 14.29 -1.47
CA TYR A 145 1.00 15.01 -1.53
C TYR A 145 1.48 15.04 -2.97
N GLU A 146 2.03 16.17 -3.40
CA GLU A 146 2.47 16.31 -4.77
C GLU A 146 3.88 15.75 -4.93
N VAL A 147 4.03 14.79 -5.83
CA VAL A 147 5.29 14.10 -6.00
C VAL A 147 5.88 14.31 -7.40
N LYS A 148 5.15 15.02 -8.25
CA LYS A 148 5.63 15.30 -9.60
C LYS A 148 6.46 16.58 -9.60
N PRO A 149 7.69 16.52 -10.14
CA PRO A 149 8.59 17.66 -10.20
C PRO A 149 8.22 18.62 -11.32
N MET A 1 56.35 -36.11 -34.52
CA MET A 1 55.71 -37.04 -33.57
C MET A 1 55.38 -36.33 -32.28
N GLY A 2 54.11 -36.32 -31.91
CA GLY A 2 53.69 -35.63 -30.71
C GLY A 2 52.62 -36.37 -29.95
N HIS A 3 53.03 -37.27 -29.07
CA HIS A 3 52.09 -37.98 -28.21
C HIS A 3 51.73 -37.14 -27.00
N HIS A 4 50.80 -36.22 -27.19
CA HIS A 4 50.37 -35.34 -26.12
C HIS A 4 48.96 -35.68 -25.68
N HIS A 5 48.86 -36.34 -24.54
CA HIS A 5 47.58 -36.76 -23.99
C HIS A 5 47.33 -36.00 -22.69
N HIS A 6 46.22 -35.29 -22.61
CA HIS A 6 45.96 -34.39 -21.49
C HIS A 6 44.69 -34.77 -20.74
N HIS A 7 44.65 -34.42 -19.46
CA HIS A 7 43.45 -34.61 -18.65
C HIS A 7 43.56 -33.78 -17.38
N HIS A 8 42.44 -33.22 -16.92
CA HIS A 8 42.42 -32.43 -15.71
C HIS A 8 40.99 -32.22 -15.24
N SER A 9 40.71 -32.65 -14.02
CA SER A 9 39.38 -32.50 -13.45
C SER A 9 39.45 -31.71 -12.15
N HIS A 10 38.33 -31.10 -11.76
CA HIS A 10 38.23 -30.42 -10.48
C HIS A 10 37.89 -31.43 -9.40
N MET A 11 38.90 -31.94 -8.73
CA MET A 11 38.74 -33.08 -7.83
C MET A 11 38.70 -32.68 -6.37
N ASP A 12 37.77 -31.79 -6.02
CA ASP A 12 37.50 -31.45 -4.62
C ASP A 12 36.32 -30.50 -4.52
N TYR A 13 35.20 -31.02 -4.07
CA TYR A 13 34.01 -30.20 -3.84
C TYR A 13 33.76 -30.05 -2.35
N PRO A 14 34.28 -28.98 -1.74
CA PRO A 14 34.16 -28.73 -0.32
C PRO A 14 32.80 -28.15 0.05
N SER A 15 32.00 -28.93 0.75
CA SER A 15 30.71 -28.48 1.24
C SER A 15 30.90 -27.65 2.51
N PHE A 16 30.51 -26.39 2.45
CA PHE A 16 30.67 -25.48 3.58
C PHE A 16 29.38 -24.70 3.82
N ASP A 17 29.24 -24.13 5.00
CA ASP A 17 28.08 -23.33 5.33
C ASP A 17 28.51 -22.16 6.23
N LYS A 18 27.92 -21.00 6.00
CA LYS A 18 28.20 -19.81 6.79
C LYS A 18 27.12 -18.78 6.54
N PHE A 19 26.38 -18.44 7.58
CA PHE A 19 25.16 -17.67 7.47
C PHE A 19 24.60 -17.60 8.87
N LEU A 20 24.90 -16.55 9.62
CA LEU A 20 25.42 -15.28 9.15
C LEU A 20 24.50 -14.59 8.14
N GLY A 21 23.51 -13.92 8.69
CA GLY A 21 22.60 -13.11 7.92
C GLY A 21 21.78 -12.24 8.84
N THR A 22 22.46 -11.33 9.54
CA THR A 22 21.85 -10.57 10.62
C THR A 22 22.07 -9.07 10.46
N GLU A 23 22.29 -8.60 9.24
CA GLU A 23 22.41 -7.17 9.00
C GLU A 23 21.03 -6.54 9.05
N ASN A 24 20.81 -5.72 10.07
CA ASN A 24 19.50 -5.13 10.33
C ASN A 24 19.49 -3.66 9.92
N ALA A 25 20.63 -3.20 9.41
CA ALA A 25 20.79 -1.80 9.02
C ALA A 25 19.80 -1.42 7.92
N GLU A 26 19.47 -2.38 7.06
CA GLU A 26 18.57 -2.12 5.95
C GLU A 26 17.15 -1.91 6.46
N LEU A 27 16.77 -2.68 7.47
CA LEU A 27 15.45 -2.63 8.04
C LEU A 27 15.21 -1.32 8.81
N VAL A 28 16.23 -0.88 9.52
CA VAL A 28 16.14 0.37 10.30
C VAL A 28 15.95 1.57 9.37
N TYR A 29 16.57 1.48 8.20
CA TYR A 29 16.47 2.54 7.19
C TYR A 29 15.04 2.65 6.65
N VAL A 30 14.33 1.53 6.64
CA VAL A 30 12.98 1.47 6.09
C VAL A 30 11.99 2.28 6.93
N LEU A 31 12.19 2.31 8.24
CA LEU A 31 11.28 2.99 9.15
C LEU A 31 11.07 4.46 8.73
N ARG A 32 9.87 4.76 8.25
CA ARG A 32 9.56 6.08 7.72
C ARG A 32 8.53 6.78 8.61
N HIS A 33 7.97 7.89 8.12
CA HIS A 33 7.01 8.67 8.89
C HIS A 33 5.63 8.66 8.23
N LYS A 34 4.64 9.27 8.88
CA LYS A 34 3.25 9.19 8.42
C LYS A 34 2.67 10.56 8.06
N HIS A 35 2.33 11.35 9.08
CA HIS A 35 1.70 12.67 8.90
C HIS A 35 0.30 12.56 8.28
N GLY A 36 -0.66 12.04 9.05
CA GLY A 36 -2.03 11.97 8.57
C GLY A 36 -2.71 10.64 8.86
N GLN A 37 -3.87 10.42 8.24
CA GLN A 37 -4.59 9.16 8.37
C GLN A 37 -5.02 8.65 7.00
N PHE A 38 -5.70 9.52 6.24
CA PHE A 38 -6.07 9.23 4.86
C PHE A 38 -5.21 10.04 3.92
N ILE A 39 -4.27 9.39 3.25
CA ILE A 39 -3.32 10.10 2.41
C ILE A 39 -3.23 9.51 1.00
N TYR A 40 -3.53 10.32 0.01
CA TYR A 40 -3.29 9.97 -1.38
C TYR A 40 -2.08 10.74 -1.89
N VAL A 41 -1.07 10.02 -2.32
CA VAL A 41 0.15 10.62 -2.83
C VAL A 41 0.37 10.25 -4.28
N TRP A 42 0.61 11.24 -5.11
CA TRP A 42 0.87 11.00 -6.51
C TRP A 42 2.24 11.53 -6.89
N GLY A 43 2.92 10.82 -7.78
CA GLY A 43 4.23 11.23 -8.19
C GLY A 43 5.14 10.05 -8.42
N GLU A 44 6.44 10.24 -8.23
CA GLU A 44 7.41 9.20 -8.47
C GLU A 44 8.39 9.08 -7.31
N GLU A 45 8.34 7.95 -6.63
CA GLU A 45 9.28 7.66 -5.54
C GLU A 45 9.61 6.17 -5.58
N GLY A 46 10.68 5.84 -6.29
CA GLY A 46 11.04 4.45 -6.49
C GLY A 46 10.45 3.90 -7.77
N ALA A 47 10.07 4.81 -8.66
CA ALA A 47 9.53 4.47 -9.98
C ALA A 47 8.21 3.70 -9.88
N GLY A 48 8.30 2.39 -9.72
CA GLY A 48 7.12 1.55 -9.67
C GLY A 48 7.04 0.74 -8.39
N LYS A 49 7.95 1.01 -7.46
CA LYS A 49 7.92 0.34 -6.17
C LYS A 49 7.39 1.27 -5.10
N SER A 50 6.54 0.75 -4.23
CA SER A 50 5.94 1.52 -3.17
C SER A 50 6.96 1.85 -2.06
N HIS A 51 7.86 2.78 -2.35
CA HIS A 51 8.88 3.20 -1.39
C HIS A 51 8.22 3.79 -0.15
N LEU A 52 7.15 4.53 -0.35
CA LEU A 52 6.42 5.15 0.76
C LEU A 52 5.58 4.11 1.49
N LEU A 53 4.79 3.36 0.73
CA LEU A 53 3.79 2.46 1.30
C LEU A 53 4.44 1.33 2.11
N GLN A 54 5.50 0.74 1.58
CA GLN A 54 6.15 -0.38 2.25
C GLN A 54 6.79 0.08 3.55
N ALA A 55 7.43 1.25 3.50
CA ALA A 55 8.10 1.81 4.68
C ALA A 55 7.08 2.18 5.76
N TRP A 56 5.96 2.72 5.30
CA TRP A 56 4.86 3.12 6.16
C TRP A 56 4.30 1.93 6.92
N VAL A 57 4.14 0.81 6.21
CA VAL A 57 3.59 -0.40 6.79
C VAL A 57 4.53 -1.00 7.85
N ALA A 58 5.81 -1.10 7.51
CA ALA A 58 6.80 -1.68 8.43
C ALA A 58 6.89 -0.86 9.72
N GLN A 59 6.74 0.45 9.60
CA GLN A 59 6.75 1.33 10.75
C GLN A 59 5.52 1.10 11.63
N ALA A 60 4.39 0.86 10.98
CA ALA A 60 3.13 0.62 11.68
C ALA A 60 3.12 -0.77 12.31
N LEU A 61 3.81 -1.70 11.67
CA LEU A 61 3.92 -3.06 12.17
C LEU A 61 4.54 -3.08 13.57
N GLU A 62 5.66 -2.38 13.72
CA GLU A 62 6.34 -2.33 15.02
C GLU A 62 5.58 -1.45 16.00
N ALA A 63 4.63 -0.68 15.48
CA ALA A 63 3.76 0.13 16.33
C ALA A 63 2.66 -0.74 16.96
N GLY A 64 2.65 -2.02 16.60
CA GLY A 64 1.69 -2.94 17.18
C GLY A 64 0.33 -2.84 16.56
N LYS A 65 0.29 -2.27 15.36
CA LYS A 65 -0.96 -2.10 14.64
C LYS A 65 -0.93 -3.00 13.42
N ASN A 66 -2.10 -3.40 12.94
CA ASN A 66 -2.17 -4.25 11.77
C ASN A 66 -1.94 -3.41 10.54
N ALA A 67 -1.08 -3.88 9.67
CA ALA A 67 -0.67 -3.11 8.50
C ALA A 67 -0.39 -4.01 7.32
N ALA A 68 -0.88 -3.60 6.16
CA ALA A 68 -0.64 -4.34 4.93
C ALA A 68 -0.61 -3.40 3.73
N TYR A 69 0.36 -3.58 2.86
CA TYR A 69 0.44 -2.80 1.63
C TYR A 69 0.17 -3.70 0.44
N ILE A 70 -0.79 -3.34 -0.38
CA ILE A 70 -1.15 -4.11 -1.54
C ILE A 70 -0.98 -3.28 -2.80
N ASP A 71 -0.11 -3.71 -3.68
CA ASP A 71 0.08 -3.05 -4.95
C ASP A 71 -0.86 -3.65 -5.96
N ALA A 72 -1.71 -2.81 -6.51
CA ALA A 72 -2.73 -3.26 -7.44
C ALA A 72 -2.13 -3.62 -8.80
N ALA A 73 -0.83 -3.43 -8.93
CA ALA A 73 -0.14 -3.71 -10.17
C ALA A 73 0.22 -5.18 -10.29
N SER A 74 0.71 -5.76 -9.22
CA SER A 74 1.10 -7.16 -9.23
C SER A 74 0.22 -7.99 -8.29
N MET A 75 -0.47 -7.34 -7.36
CA MET A 75 -1.26 -8.06 -6.38
C MET A 75 -2.73 -7.65 -6.43
N PRO A 76 -3.64 -8.60 -6.17
CA PRO A 76 -5.06 -8.32 -6.06
C PRO A 76 -5.44 -7.90 -4.64
N LEU A 77 -6.63 -7.31 -4.49
CA LEU A 77 -7.09 -6.87 -3.19
C LEU A 77 -7.85 -8.00 -2.50
N THR A 78 -7.70 -8.10 -1.19
CA THR A 78 -8.33 -9.16 -0.43
C THR A 78 -9.22 -8.60 0.66
N ASP A 79 -10.18 -9.40 1.12
CA ASP A 79 -11.10 -8.98 2.17
C ASP A 79 -10.38 -8.91 3.51
N ALA A 80 -9.20 -9.52 3.57
CA ALA A 80 -8.36 -9.46 4.75
C ALA A 80 -7.98 -8.02 5.09
N ALA A 81 -8.01 -7.16 4.08
CA ALA A 81 -7.65 -5.75 4.23
C ALA A 81 -8.56 -5.04 5.24
N PHE A 82 -9.74 -5.61 5.50
CA PHE A 82 -10.67 -5.04 6.47
C PHE A 82 -10.11 -5.16 7.89
N GLU A 83 -9.18 -6.09 8.08
CA GLU A 83 -8.59 -6.31 9.39
C GLU A 83 -7.41 -5.39 9.60
N ALA A 84 -6.81 -4.95 8.50
CA ALA A 84 -5.64 -4.09 8.56
C ALA A 84 -6.05 -2.63 8.67
N GLU A 85 -5.79 -2.03 9.83
CA GLU A 85 -6.15 -0.64 10.03
C GLU A 85 -5.19 0.27 9.27
N TYR A 86 -3.96 -0.20 9.12
CA TYR A 86 -2.99 0.49 8.29
C TYR A 86 -2.94 -0.17 6.93
N LEU A 87 -3.72 0.35 6.00
CA LEU A 87 -3.81 -0.24 4.68
C LEU A 87 -3.22 0.69 3.64
N ALA A 88 -2.41 0.14 2.75
CA ALA A 88 -1.80 0.90 1.69
C ALA A 88 -2.11 0.26 0.35
N VAL A 89 -2.65 1.04 -0.57
CA VAL A 89 -3.01 0.55 -1.88
C VAL A 89 -2.26 1.31 -2.95
N ASP A 90 -1.42 0.60 -3.69
CA ASP A 90 -0.57 1.21 -4.71
C ASP A 90 -1.17 1.00 -6.10
N GLN A 91 -1.28 2.08 -6.87
CA GLN A 91 -1.80 2.04 -8.23
C GLN A 91 -3.21 1.46 -8.26
N VAL A 92 -4.09 2.07 -7.49
CA VAL A 92 -5.46 1.57 -7.32
C VAL A 92 -6.21 1.45 -8.66
N GLU A 93 -5.79 2.21 -9.66
CA GLU A 93 -6.47 2.21 -10.95
C GLU A 93 -6.17 0.95 -11.77
N LYS A 94 -5.22 0.14 -11.32
CA LYS A 94 -4.84 -1.05 -12.06
C LYS A 94 -5.74 -2.23 -11.70
N LEU A 95 -6.55 -2.05 -10.65
CA LEU A 95 -7.48 -3.09 -10.22
C LEU A 95 -8.49 -3.41 -11.31
N GLY A 96 -8.79 -4.69 -11.48
CA GLY A 96 -9.66 -5.12 -12.56
C GLY A 96 -11.07 -4.60 -12.44
N ASN A 97 -11.86 -5.20 -11.56
CA ASN A 97 -13.26 -4.84 -11.42
C ASN A 97 -13.76 -5.14 -10.01
N GLU A 98 -13.68 -6.41 -9.63
CA GLU A 98 -14.15 -6.86 -8.33
C GLU A 98 -13.37 -6.19 -7.20
N GLU A 99 -12.09 -5.97 -7.45
CA GLU A 99 -11.21 -5.36 -6.46
C GLU A 99 -11.61 -3.90 -6.24
N GLN A 100 -12.12 -3.25 -7.28
CA GLN A 100 -12.57 -1.87 -7.17
C GLN A 100 -13.80 -1.79 -6.27
N ALA A 101 -14.68 -2.78 -6.39
CA ALA A 101 -15.87 -2.86 -5.55
C ALA A 101 -15.49 -3.18 -4.12
N LEU A 102 -14.45 -4.00 -3.97
CA LEU A 102 -13.93 -4.35 -2.64
C LEU A 102 -13.31 -3.13 -1.99
N LEU A 103 -12.47 -2.43 -2.75
CA LEU A 103 -11.85 -1.19 -2.27
C LEU A 103 -12.93 -0.19 -1.88
N PHE A 104 -13.95 -0.07 -2.71
CA PHE A 104 -15.11 0.78 -2.43
C PHE A 104 -15.69 0.46 -1.06
N SER A 105 -15.85 -0.83 -0.79
CA SER A 105 -16.39 -1.29 0.47
C SER A 105 -15.47 -0.94 1.63
N ILE A 106 -14.17 -1.11 1.42
CA ILE A 106 -13.18 -0.79 2.43
C ILE A 106 -13.18 0.72 2.71
N PHE A 107 -13.21 1.50 1.63
CA PHE A 107 -13.19 2.95 1.74
C PHE A 107 -14.44 3.44 2.49
N ASN A 108 -15.57 2.81 2.19
CA ASN A 108 -16.82 3.11 2.87
C ASN A 108 -16.66 2.85 4.37
N ARG A 109 -16.20 1.64 4.70
CA ARG A 109 -16.00 1.24 6.09
C ARG A 109 -15.11 2.23 6.83
N PHE A 110 -13.99 2.59 6.22
CA PHE A 110 -13.03 3.50 6.83
C PHE A 110 -13.68 4.85 7.16
N ARG A 111 -14.27 5.49 6.17
CA ARG A 111 -14.86 6.81 6.37
C ARG A 111 -16.13 6.71 7.22
N ASN A 112 -16.82 5.57 7.12
CA ASN A 112 -18.04 5.34 7.88
C ASN A 112 -17.73 5.30 9.38
N SER A 113 -16.65 4.61 9.72
CA SER A 113 -16.22 4.49 11.10
C SER A 113 -15.48 5.76 11.53
N GLY A 114 -14.75 6.35 10.61
CA GLY A 114 -14.03 7.57 10.90
C GLY A 114 -12.54 7.33 11.04
N LYS A 115 -12.21 6.11 11.47
CA LYS A 115 -10.83 5.74 11.67
C LYS A 115 -10.39 4.83 10.54
N GLY A 116 -9.10 4.54 10.49
CA GLY A 116 -8.56 3.75 9.43
C GLY A 116 -7.51 4.50 8.67
N PHE A 117 -6.31 3.94 8.62
CA PHE A 117 -5.19 4.60 7.99
C PHE A 117 -5.01 4.06 6.58
N LEU A 118 -5.16 4.94 5.61
CA LEU A 118 -5.10 4.53 4.23
C LEU A 118 -4.06 5.36 3.49
N LEU A 119 -3.21 4.67 2.76
CA LEU A 119 -2.18 5.32 1.96
C LEU A 119 -2.32 4.88 0.51
N LEU A 120 -2.75 5.80 -0.32
CA LEU A 120 -2.99 5.49 -1.72
C LEU A 120 -1.92 6.15 -2.59
N GLY A 121 -1.16 5.32 -3.28
CA GLY A 121 -0.14 5.83 -4.18
C GLY A 121 -0.49 5.56 -5.62
N SER A 122 -0.10 6.46 -6.51
CA SER A 122 -0.34 6.28 -7.93
C SER A 122 0.49 7.27 -8.74
N GLU A 123 0.63 7.00 -10.02
CA GLU A 123 1.36 7.88 -10.91
C GLU A 123 0.44 8.99 -11.43
N TYR A 124 -0.86 8.75 -11.38
CA TYR A 124 -1.84 9.73 -11.85
C TYR A 124 -2.58 10.36 -10.67
N THR A 125 -3.46 11.29 -10.98
CA THR A 125 -4.25 11.96 -9.96
C THR A 125 -5.67 11.38 -9.89
N PRO A 126 -6.32 11.47 -8.72
CA PRO A 126 -7.66 10.88 -8.51
C PRO A 126 -8.74 11.64 -9.27
N GLN A 127 -8.38 12.82 -9.69
CA GLN A 127 -9.30 13.74 -10.36
C GLN A 127 -9.54 13.30 -11.80
N GLN A 128 -8.72 12.38 -12.29
CA GLN A 128 -8.85 11.92 -13.66
C GLN A 128 -8.48 10.44 -13.78
N LEU A 129 -8.59 9.71 -12.67
CA LEU A 129 -8.38 8.27 -12.69
C LEU A 129 -9.51 7.59 -13.47
N VAL A 130 -9.15 6.67 -14.34
CA VAL A 130 -10.15 5.95 -15.12
C VAL A 130 -10.61 4.71 -14.36
N ILE A 131 -11.45 4.93 -13.37
CA ILE A 131 -11.98 3.87 -12.52
C ILE A 131 -13.46 4.14 -12.24
N ARG A 132 -14.05 3.33 -11.38
CA ARG A 132 -15.42 3.59 -10.94
C ARG A 132 -15.52 4.96 -10.29
N GLU A 133 -16.48 5.76 -10.75
CA GLU A 133 -16.65 7.11 -10.23
C GLU A 133 -17.17 7.04 -8.80
N ASP A 134 -17.74 5.90 -8.46
CA ASP A 134 -18.13 5.61 -7.08
C ASP A 134 -16.92 5.69 -6.17
N LEU A 135 -15.76 5.31 -6.71
CA LEU A 135 -14.50 5.38 -5.98
C LEU A 135 -13.94 6.79 -6.03
N ARG A 136 -13.99 7.41 -7.21
CA ARG A 136 -13.51 8.77 -7.40
C ARG A 136 -14.11 9.73 -6.38
N THR A 137 -15.40 9.58 -6.13
CA THR A 137 -16.09 10.44 -5.17
C THR A 137 -15.60 10.22 -3.75
N ARG A 138 -15.22 8.99 -3.43
CA ARG A 138 -14.73 8.65 -2.10
C ARG A 138 -13.30 9.15 -1.90
N MET A 139 -12.59 9.32 -3.01
CA MET A 139 -11.21 9.80 -2.97
C MET A 139 -11.15 11.24 -2.46
N ALA A 140 -12.28 11.92 -2.51
CA ALA A 140 -12.38 13.28 -2.01
C ALA A 140 -12.45 13.31 -0.48
N TYR A 141 -12.53 12.14 0.13
CA TYR A 141 -12.54 12.01 1.58
C TYR A 141 -11.12 11.69 2.07
N CYS A 142 -10.17 11.81 1.17
CA CYS A 142 -8.79 11.50 1.45
C CYS A 142 -7.93 12.70 1.11
N LEU A 143 -6.80 12.83 1.79
CA LEU A 143 -5.89 13.95 1.55
C LEU A 143 -5.09 13.75 0.28
N VAL A 144 -4.55 14.84 -0.22
CA VAL A 144 -3.79 14.81 -1.46
C VAL A 144 -2.45 15.50 -1.27
N TYR A 145 -1.37 14.74 -1.42
CA TYR A 145 -0.04 15.30 -1.34
C TYR A 145 0.71 15.07 -2.66
N GLU A 146 1.16 16.16 -3.27
CA GLU A 146 1.94 16.05 -4.50
C GLU A 146 3.39 15.72 -4.17
N VAL A 147 3.82 14.54 -4.57
CA VAL A 147 5.19 14.10 -4.31
C VAL A 147 6.10 14.61 -5.42
N LYS A 148 5.56 14.67 -6.63
CA LYS A 148 6.32 15.15 -7.77
C LYS A 148 5.71 16.44 -8.31
N PRO A 149 6.54 17.45 -8.57
CA PRO A 149 6.11 18.68 -9.24
C PRO A 149 5.80 18.42 -10.71
N MET A 1 -0.58 -20.31 42.80
CA MET A 1 -1.37 -21.31 42.06
C MET A 1 -2.16 -20.64 40.95
N GLY A 2 -2.54 -21.41 39.94
CA GLY A 2 -3.32 -20.87 38.84
C GLY A 2 -2.45 -20.32 37.74
N HIS A 3 -2.85 -19.17 37.19
CA HIS A 3 -2.12 -18.50 36.10
C HIS A 3 -2.15 -19.34 34.82
N HIS A 4 -3.03 -18.96 33.91
CA HIS A 4 -3.13 -19.65 32.64
C HIS A 4 -2.56 -18.80 31.53
N HIS A 5 -1.62 -19.38 30.79
CA HIS A 5 -0.89 -18.65 29.76
C HIS A 5 -1.30 -19.12 28.37
N HIS A 6 -2.16 -18.35 27.73
CA HIS A 6 -2.53 -18.61 26.35
C HIS A 6 -2.11 -17.44 25.48
N HIS A 7 -1.24 -17.72 24.52
CA HIS A 7 -0.65 -16.70 23.68
C HIS A 7 -1.48 -16.50 22.41
N HIS A 8 -1.66 -15.25 22.02
CA HIS A 8 -2.44 -14.94 20.82
C HIS A 8 -1.63 -15.24 19.57
N SER A 9 -0.35 -14.82 19.61
CA SER A 9 0.63 -15.14 18.57
C SER A 9 0.41 -14.33 17.30
N HIS A 10 1.49 -14.14 16.55
CA HIS A 10 1.47 -13.40 15.30
C HIS A 10 2.23 -14.19 14.24
N MET A 11 1.63 -15.26 13.75
CA MET A 11 2.27 -16.12 12.76
C MET A 11 1.98 -15.66 11.35
N ASP A 12 2.70 -14.63 10.92
CA ASP A 12 2.63 -14.13 9.56
C ASP A 12 3.79 -13.19 9.32
N TYR A 13 4.69 -13.58 8.42
CA TYR A 13 5.92 -12.85 8.22
C TYR A 13 6.38 -12.91 6.76
N PRO A 14 6.74 -11.74 6.20
CA PRO A 14 7.19 -11.62 4.82
C PRO A 14 8.69 -11.84 4.70
N SER A 15 9.09 -13.07 4.41
CA SER A 15 10.48 -13.41 4.21
C SER A 15 10.68 -14.12 2.88
N PHE A 16 11.05 -13.36 1.85
CA PHE A 16 11.15 -13.91 0.51
C PHE A 16 12.35 -13.35 -0.25
N ASP A 17 13.36 -14.21 -0.46
CA ASP A 17 14.46 -13.97 -1.40
C ASP A 17 15.44 -12.92 -0.90
N LYS A 18 14.99 -11.67 -0.82
CA LYS A 18 15.83 -10.55 -0.42
C LYS A 18 16.37 -10.76 1.00
N PHE A 19 17.52 -10.13 1.30
CA PHE A 19 18.12 -10.28 2.60
C PHE A 19 18.49 -8.89 3.10
N LEU A 20 19.44 -8.17 2.45
CA LEU A 20 20.45 -8.72 1.56
C LEU A 20 21.80 -8.70 2.29
N GLY A 21 22.28 -9.86 2.71
CA GLY A 21 23.49 -9.92 3.51
C GLY A 21 23.28 -9.23 4.85
N THR A 22 24.16 -8.30 5.19
CA THR A 22 23.99 -7.49 6.39
C THR A 22 24.20 -6.02 6.08
N GLU A 23 23.20 -5.41 5.46
CA GLU A 23 23.24 -3.99 5.15
C GLU A 23 21.88 -3.37 5.49
N ASN A 24 21.81 -2.71 6.64
CA ASN A 24 20.55 -2.24 7.19
C ASN A 24 20.15 -0.88 6.63
N ALA A 25 20.85 -0.43 5.60
CA ALA A 25 20.58 0.86 5.00
C ALA A 25 19.13 0.97 4.51
N GLU A 26 18.64 -0.10 3.91
CA GLU A 26 17.27 -0.15 3.42
C GLU A 26 16.29 -0.24 4.60
N LEU A 27 16.74 -0.88 5.67
CA LEU A 27 15.90 -1.12 6.83
C LEU A 27 15.71 0.16 7.66
N VAL A 28 16.78 0.92 7.83
CA VAL A 28 16.69 2.18 8.58
C VAL A 28 15.75 3.15 7.88
N TYR A 29 15.72 3.07 6.56
CA TYR A 29 14.79 3.87 5.75
C TYR A 29 13.33 3.55 6.10
N VAL A 30 13.11 2.36 6.63
CA VAL A 30 11.76 1.91 6.98
C VAL A 30 11.24 2.61 8.24
N LEU A 31 12.14 2.88 9.18
CA LEU A 31 11.75 3.42 10.48
C LEU A 31 11.27 4.87 10.38
N ARG A 32 10.38 5.24 11.30
CA ARG A 32 9.79 6.59 11.39
C ARG A 32 8.78 6.82 10.27
N HIS A 33 7.56 7.17 10.64
CA HIS A 33 6.47 7.32 9.68
C HIS A 33 5.39 8.26 10.22
N LYS A 34 4.96 9.20 9.39
CA LYS A 34 3.91 10.14 9.77
C LYS A 34 3.26 10.77 8.54
N HIS A 35 1.95 11.02 8.65
CA HIS A 35 1.17 11.69 7.61
C HIS A 35 -0.31 11.70 7.99
N GLY A 36 -1.11 12.49 7.26
CA GLY A 36 -2.54 12.49 7.47
C GLY A 36 -3.19 11.19 7.05
N GLN A 37 -4.51 11.08 7.15
CA GLN A 37 -5.21 9.84 6.82
C GLN A 37 -4.96 9.42 5.37
N PHE A 38 -5.75 9.95 4.45
CA PHE A 38 -5.68 9.54 3.05
C PHE A 38 -4.62 10.35 2.31
N ILE A 39 -3.57 9.67 1.86
CA ILE A 39 -2.46 10.36 1.17
C ILE A 39 -2.17 9.69 -0.17
N TYR A 40 -2.08 10.50 -1.23
CA TYR A 40 -1.71 10.02 -2.54
C TYR A 40 -0.42 10.72 -3.01
N VAL A 41 0.56 9.93 -3.41
CA VAL A 41 1.83 10.48 -3.87
C VAL A 41 2.22 9.91 -5.24
N TRP A 42 2.21 10.76 -6.26
CA TRP A 42 2.49 10.31 -7.62
C TRP A 42 3.71 11.03 -8.22
N GLY A 43 4.44 11.75 -7.37
CA GLY A 43 5.55 12.56 -7.84
C GLY A 43 6.70 11.74 -8.41
N GLU A 44 6.80 10.49 -7.98
CA GLU A 44 7.90 9.59 -8.35
C GLU A 44 9.24 10.12 -7.84
N GLU A 45 9.58 9.78 -6.61
CA GLU A 45 10.88 10.14 -6.06
C GLU A 45 11.87 9.02 -6.34
N GLY A 46 13.11 9.39 -6.63
CA GLY A 46 14.12 8.42 -7.02
C GLY A 46 14.28 7.29 -6.02
N ALA A 47 14.49 7.63 -4.76
CA ALA A 47 14.67 6.62 -3.72
C ALA A 47 13.36 6.24 -3.06
N GLY A 48 12.25 6.69 -3.64
CA GLY A 48 10.96 6.47 -3.02
C GLY A 48 9.90 6.02 -4.02
N LYS A 49 10.27 5.12 -4.91
CA LYS A 49 9.31 4.58 -5.88
C LYS A 49 8.52 3.43 -5.26
N SER A 50 7.45 3.79 -4.56
CA SER A 50 6.51 2.83 -3.96
C SER A 50 7.15 2.04 -2.80
N HIS A 51 8.42 2.30 -2.54
CA HIS A 51 9.14 1.61 -1.47
C HIS A 51 8.69 2.10 -0.10
N LEU A 52 8.34 3.39 -0.03
CA LEU A 52 7.95 4.02 1.24
C LEU A 52 6.65 3.42 1.79
N LEU A 53 5.79 2.88 0.91
CA LEU A 53 4.56 2.25 1.36
C LEU A 53 4.87 1.00 2.18
N GLN A 54 5.88 0.27 1.74
CA GLN A 54 6.32 -0.94 2.42
C GLN A 54 6.84 -0.59 3.81
N ALA A 55 7.61 0.49 3.88
CA ALA A 55 8.18 0.96 5.13
C ALA A 55 7.09 1.35 6.12
N TRP A 56 6.08 2.07 5.62
CA TRP A 56 4.98 2.53 6.44
C TRP A 56 4.24 1.37 7.07
N VAL A 57 3.98 0.34 6.27
CA VAL A 57 3.26 -0.84 6.75
C VAL A 57 4.05 -1.59 7.82
N ALA A 58 5.33 -1.80 7.58
CA ALA A 58 6.17 -2.51 8.54
C ALA A 58 6.23 -1.80 9.87
N GLN A 59 6.25 -0.47 9.83
CA GLN A 59 6.25 0.33 11.04
C GLN A 59 4.93 0.22 11.79
N ALA A 60 3.84 0.13 11.05
CA ALA A 60 2.52 -0.05 11.65
C ALA A 60 2.42 -1.43 12.28
N LEU A 61 3.04 -2.41 11.63
CA LEU A 61 3.11 -3.76 12.15
C LEU A 61 3.88 -3.79 13.47
N GLU A 62 4.96 -3.02 13.53
CA GLU A 62 5.77 -2.92 14.74
C GLU A 62 5.02 -2.15 15.83
N ALA A 63 4.04 -1.35 15.42
CA ALA A 63 3.22 -0.60 16.36
C ALA A 63 2.15 -1.49 16.97
N GLY A 64 2.16 -2.77 16.59
CA GLY A 64 1.20 -3.71 17.12
C GLY A 64 -0.17 -3.49 16.53
N LYS A 65 -0.20 -3.04 15.29
CA LYS A 65 -1.43 -2.79 14.58
C LYS A 65 -1.45 -3.62 13.32
N ASN A 66 -2.62 -3.82 12.76
CA ASN A 66 -2.74 -4.60 11.53
C ASN A 66 -2.54 -3.70 10.34
N ALA A 67 -1.72 -4.14 9.41
CA ALA A 67 -1.35 -3.34 8.26
C ALA A 67 -0.96 -4.23 7.09
N ALA A 68 -1.24 -3.77 5.88
CA ALA A 68 -0.90 -4.51 4.68
C ALA A 68 -0.82 -3.60 3.46
N TYR A 69 0.22 -3.79 2.66
CA TYR A 69 0.33 -3.10 1.40
C TYR A 69 0.06 -4.08 0.27
N ILE A 70 -0.79 -3.68 -0.65
CA ILE A 70 -1.18 -4.55 -1.74
C ILE A 70 -0.86 -3.90 -3.08
N ASP A 71 -0.10 -4.62 -3.90
CA ASP A 71 0.19 -4.19 -5.26
C ASP A 71 -0.97 -4.59 -6.14
N ALA A 72 -1.78 -3.61 -6.54
CA ALA A 72 -2.97 -3.88 -7.34
C ALA A 72 -2.63 -4.55 -8.67
N ALA A 73 -1.36 -4.46 -9.07
CA ALA A 73 -0.90 -5.09 -10.29
C ALA A 73 0.11 -6.20 -9.97
N SER A 74 -0.16 -6.95 -8.91
CA SER A 74 0.71 -8.06 -8.52
C SER A 74 0.01 -8.96 -7.50
N MET A 75 -0.83 -8.38 -6.66
CA MET A 75 -1.57 -9.13 -5.66
C MET A 75 -3.04 -8.75 -5.70
N PRO A 76 -3.93 -9.73 -5.46
CA PRO A 76 -5.38 -9.50 -5.46
C PRO A 76 -5.86 -8.83 -4.18
N LEU A 77 -7.02 -8.18 -4.27
CA LEU A 77 -7.61 -7.54 -3.09
C LEU A 77 -8.58 -8.50 -2.43
N THR A 78 -8.65 -8.46 -1.11
CA THR A 78 -9.46 -9.39 -0.35
C THR A 78 -10.17 -8.69 0.81
N ASP A 79 -11.25 -9.29 1.27
CA ASP A 79 -12.04 -8.74 2.37
C ASP A 79 -11.28 -8.79 3.69
N ALA A 80 -10.19 -9.56 3.72
CA ALA A 80 -9.31 -9.60 4.87
C ALA A 80 -8.76 -8.22 5.20
N ALA A 81 -8.70 -7.36 4.18
CA ALA A 81 -8.21 -5.99 4.33
C ALA A 81 -9.05 -5.19 5.33
N PHE A 82 -10.28 -5.64 5.57
CA PHE A 82 -11.16 -4.97 6.52
C PHE A 82 -10.70 -5.18 7.95
N GLU A 83 -9.85 -6.18 8.14
CA GLU A 83 -9.29 -6.46 9.45
C GLU A 83 -8.09 -5.57 9.72
N ALA A 84 -7.52 -5.06 8.64
CA ALA A 84 -6.35 -4.21 8.72
C ALA A 84 -6.77 -2.77 8.96
N GLU A 85 -6.06 -2.11 9.85
CA GLU A 85 -6.33 -0.70 10.13
C GLU A 85 -5.49 0.18 9.20
N TYR A 86 -4.32 -0.32 8.82
CA TYR A 86 -3.42 0.41 7.95
C TYR A 86 -3.31 -0.27 6.59
N LEU A 87 -4.03 0.26 5.61
CA LEU A 87 -3.98 -0.28 4.26
C LEU A 87 -3.15 0.62 3.35
N ALA A 88 -2.27 0.02 2.59
CA ALA A 88 -1.48 0.74 1.60
C ALA A 88 -1.65 0.08 0.24
N VAL A 89 -2.08 0.85 -0.74
CA VAL A 89 -2.33 0.30 -2.06
C VAL A 89 -1.48 1.02 -3.10
N ASP A 90 -0.70 0.27 -3.84
CA ASP A 90 0.11 0.83 -4.91
C ASP A 90 -0.40 0.33 -6.25
N GLN A 91 -0.25 1.16 -7.28
CA GLN A 91 -0.76 0.85 -8.62
C GLN A 91 -2.29 0.75 -8.59
N VAL A 92 -2.90 1.58 -7.75
CA VAL A 92 -4.35 1.58 -7.56
C VAL A 92 -5.06 1.99 -8.84
N GLU A 93 -4.34 2.66 -9.73
CA GLU A 93 -4.87 3.10 -11.01
C GLU A 93 -5.21 1.90 -11.90
N LYS A 94 -4.75 0.72 -11.50
CA LYS A 94 -4.87 -0.47 -12.33
C LYS A 94 -6.02 -1.37 -11.87
N LEU A 95 -6.90 -0.85 -11.02
CA LEU A 95 -8.04 -1.63 -10.51
C LEU A 95 -8.89 -2.20 -11.65
N GLY A 96 -9.25 -3.47 -11.53
CA GLY A 96 -9.99 -4.12 -12.59
C GLY A 96 -11.50 -4.10 -12.36
N ASN A 97 -12.00 -5.11 -11.69
CA ASN A 97 -13.45 -5.24 -11.48
C ASN A 97 -13.77 -5.47 -10.01
N GLU A 98 -13.43 -6.66 -9.51
CA GLU A 98 -13.70 -7.01 -8.12
C GLU A 98 -12.95 -6.08 -7.18
N GLU A 99 -11.79 -5.62 -7.63
CA GLU A 99 -10.95 -4.75 -6.82
C GLU A 99 -11.65 -3.43 -6.54
N GLN A 100 -12.34 -2.89 -7.54
CA GLN A 100 -13.05 -1.62 -7.38
C GLN A 100 -14.18 -1.77 -6.38
N ALA A 101 -14.93 -2.86 -6.50
CA ALA A 101 -16.06 -3.13 -5.62
C ALA A 101 -15.59 -3.30 -4.18
N LEU A 102 -14.51 -4.05 -4.00
CA LEU A 102 -13.98 -4.29 -2.67
C LEU A 102 -13.43 -2.99 -2.08
N LEU A 103 -12.63 -2.29 -2.88
CA LEU A 103 -12.03 -1.02 -2.49
C LEU A 103 -13.12 -0.03 -2.02
N PHE A 104 -14.20 0.04 -2.78
CA PHE A 104 -15.32 0.93 -2.46
C PHE A 104 -15.81 0.69 -1.04
N SER A 105 -16.03 -0.56 -0.69
CA SER A 105 -16.48 -0.93 0.64
C SER A 105 -15.45 -0.55 1.71
N ILE A 106 -14.18 -0.64 1.35
CA ILE A 106 -13.10 -0.26 2.27
C ILE A 106 -13.19 1.22 2.62
N PHE A 107 -13.38 2.06 1.61
CA PHE A 107 -13.53 3.50 1.82
C PHE A 107 -14.81 3.78 2.61
N ASN A 108 -15.84 2.97 2.39
CA ASN A 108 -17.09 3.12 3.13
C ASN A 108 -16.88 2.80 4.60
N ARG A 109 -16.07 1.77 4.86
CA ARG A 109 -15.72 1.39 6.22
C ARG A 109 -14.98 2.53 6.91
N PHE A 110 -14.03 3.14 6.20
CA PHE A 110 -13.30 4.27 6.72
C PHE A 110 -14.25 5.43 7.02
N ARG A 111 -15.08 5.78 6.05
CA ARG A 111 -16.01 6.89 6.19
C ARG A 111 -17.00 6.65 7.33
N ASN A 112 -17.50 5.43 7.41
CA ASN A 112 -18.51 5.06 8.40
C ASN A 112 -18.04 5.31 9.82
N SER A 113 -16.79 4.98 10.10
CA SER A 113 -16.25 5.09 11.44
C SER A 113 -15.46 6.38 11.62
N GLY A 114 -14.92 6.90 10.53
CA GLY A 114 -14.04 8.06 10.62
C GLY A 114 -12.64 7.64 11.03
N LYS A 115 -12.36 6.35 10.82
CA LYS A 115 -11.12 5.76 11.26
C LYS A 115 -10.30 5.33 10.05
N GLY A 116 -9.08 4.88 10.30
CA GLY A 116 -8.24 4.39 9.23
C GLY A 116 -7.42 5.49 8.60
N PHE A 117 -6.43 5.11 7.82
CA PHE A 117 -5.60 6.08 7.13
C PHE A 117 -5.70 5.89 5.63
N LEU A 118 -5.15 4.77 5.15
CA LEU A 118 -5.09 4.43 3.72
C LEU A 118 -4.01 5.27 3.04
N LEU A 119 -3.12 4.58 2.35
CA LEU A 119 -2.01 5.21 1.66
C LEU A 119 -1.96 4.74 0.22
N LEU A 120 -1.87 5.67 -0.71
CA LEU A 120 -1.83 5.33 -2.13
C LEU A 120 -0.56 5.87 -2.78
N GLY A 121 0.21 4.97 -3.37
CA GLY A 121 1.36 5.38 -4.15
C GLY A 121 0.99 5.60 -5.59
N SER A 122 1.34 4.65 -6.44
CA SER A 122 0.90 4.67 -7.85
C SER A 122 1.48 5.85 -8.62
N GLU A 123 0.76 6.24 -9.67
CA GLU A 123 1.12 7.36 -10.52
C GLU A 123 -0.19 7.95 -11.05
N TYR A 124 -0.15 9.15 -11.64
CA TYR A 124 -1.36 9.85 -12.06
C TYR A 124 -2.19 10.24 -10.82
N THR A 125 -3.46 10.56 -11.03
CA THR A 125 -4.31 10.92 -9.91
C THR A 125 -5.62 10.12 -9.96
N PRO A 126 -6.24 9.90 -8.79
CA PRO A 126 -7.47 9.09 -8.70
C PRO A 126 -8.66 9.78 -9.36
N GLN A 127 -8.52 11.08 -9.55
CA GLN A 127 -9.54 11.89 -10.19
C GLN A 127 -9.56 11.64 -11.69
N GLN A 128 -8.45 11.11 -12.19
CA GLN A 128 -8.31 10.86 -13.62
C GLN A 128 -8.79 9.45 -13.96
N LEU A 129 -9.08 8.68 -12.92
CA LEU A 129 -9.51 7.30 -13.09
C LEU A 129 -10.89 7.20 -13.72
N VAL A 130 -11.00 6.32 -14.70
CA VAL A 130 -12.27 5.99 -15.31
C VAL A 130 -12.90 4.82 -14.55
N ILE A 131 -13.55 5.15 -13.45
CA ILE A 131 -14.11 4.15 -12.55
C ILE A 131 -15.51 4.55 -12.14
N ARG A 132 -16.10 3.79 -11.22
CA ARG A 132 -17.42 4.13 -10.68
C ARG A 132 -17.41 5.54 -10.13
N GLU A 133 -18.42 6.34 -10.49
CA GLU A 133 -18.53 7.69 -9.95
C GLU A 133 -18.64 7.63 -8.43
N ASP A 134 -19.35 6.61 -7.96
CA ASP A 134 -19.52 6.35 -6.54
C ASP A 134 -18.16 6.16 -5.87
N LEU A 135 -17.26 5.50 -6.58
CA LEU A 135 -15.95 5.16 -6.04
C LEU A 135 -15.01 6.35 -6.15
N ARG A 136 -15.12 7.12 -7.23
CA ARG A 136 -14.19 8.21 -7.49
C ARG A 136 -14.42 9.38 -6.53
N THR A 137 -15.65 9.54 -6.06
CA THR A 137 -15.93 10.57 -5.07
C THR A 137 -15.26 10.22 -3.74
N ARG A 138 -15.20 8.93 -3.45
CA ARG A 138 -14.48 8.42 -2.29
C ARG A 138 -12.98 8.62 -2.47
N MET A 139 -12.52 8.55 -3.72
CA MET A 139 -11.12 8.76 -4.05
C MET A 139 -10.72 10.21 -3.80
N ALA A 140 -11.71 11.08 -3.76
CA ALA A 140 -11.46 12.51 -3.60
C ALA A 140 -11.24 12.89 -2.13
N TYR A 141 -11.12 11.88 -1.28
CA TYR A 141 -10.88 12.11 0.14
C TYR A 141 -9.37 12.16 0.43
N CYS A 142 -8.56 11.74 -0.53
CA CYS A 142 -7.13 11.65 -0.33
C CYS A 142 -6.47 12.98 -0.67
N LEU A 143 -5.47 13.32 0.11
CA LEU A 143 -4.65 14.49 -0.16
C LEU A 143 -3.63 14.15 -1.23
N VAL A 144 -3.18 15.14 -1.97
CA VAL A 144 -2.25 14.92 -3.06
C VAL A 144 -0.93 15.62 -2.79
N TYR A 145 0.12 14.83 -2.67
CA TYR A 145 1.46 15.37 -2.47
C TYR A 145 2.30 15.21 -3.73
N GLU A 146 2.76 16.31 -4.27
CA GLU A 146 3.68 16.29 -5.39
C GLU A 146 5.11 16.10 -4.90
N VAL A 147 5.69 14.96 -5.21
CA VAL A 147 7.00 14.61 -4.69
C VAL A 147 8.08 14.83 -5.76
N LYS A 148 8.78 15.95 -5.64
CA LYS A 148 9.87 16.31 -6.55
C LYS A 148 9.38 16.43 -8.00
N PRO A 149 8.94 17.64 -8.39
CA PRO A 149 8.53 17.94 -9.76
C PRO A 149 9.72 17.95 -10.71
N MET A 1 18.01 -68.53 -18.60
CA MET A 1 16.66 -68.20 -18.09
C MET A 1 16.61 -68.44 -16.58
N GLY A 2 16.60 -67.35 -15.83
CA GLY A 2 16.58 -67.44 -14.39
C GLY A 2 16.05 -66.19 -13.75
N HIS A 3 14.90 -65.73 -14.24
CA HIS A 3 14.22 -64.54 -13.72
C HIS A 3 15.01 -63.27 -14.02
N HIS A 4 14.45 -62.14 -13.64
CA HIS A 4 15.11 -60.85 -13.75
C HIS A 4 14.93 -60.08 -12.46
N HIS A 5 16.04 -59.82 -11.78
CA HIS A 5 15.97 -59.24 -10.45
C HIS A 5 16.70 -57.89 -10.38
N HIS A 6 15.94 -56.82 -10.56
CA HIS A 6 16.48 -55.47 -10.48
C HIS A 6 15.99 -54.78 -9.21
N HIS A 7 16.92 -54.39 -8.36
CA HIS A 7 16.58 -53.71 -7.12
C HIS A 7 17.62 -52.66 -6.78
N HIS A 8 17.18 -51.47 -6.42
CA HIS A 8 18.10 -50.39 -6.09
C HIS A 8 18.01 -50.06 -4.61
N SER A 9 19.11 -49.62 -4.02
CA SER A 9 19.16 -49.35 -2.59
C SER A 9 20.11 -48.20 -2.27
N HIS A 10 19.65 -46.97 -2.50
CA HIS A 10 20.39 -45.75 -2.15
C HIS A 10 19.66 -44.52 -2.69
N MET A 11 18.88 -43.88 -1.84
CA MET A 11 18.09 -42.72 -2.27
C MET A 11 18.04 -41.63 -1.20
N ASP A 12 18.80 -41.80 -0.14
CA ASP A 12 18.77 -40.85 0.97
C ASP A 12 19.90 -39.85 0.87
N TYR A 13 19.56 -38.59 0.60
CA TYR A 13 20.55 -37.53 0.44
C TYR A 13 20.21 -36.33 1.31
N PRO A 14 20.97 -36.10 2.39
CA PRO A 14 20.78 -34.94 3.26
C PRO A 14 21.45 -33.68 2.69
N SER A 15 20.63 -32.67 2.37
CA SER A 15 21.15 -31.42 1.83
C SER A 15 20.25 -30.24 2.21
N PHE A 16 20.53 -29.62 3.35
CA PHE A 16 19.76 -28.47 3.82
C PHE A 16 20.69 -27.44 4.47
N ASP A 17 20.65 -26.21 3.98
CA ASP A 17 21.44 -25.13 4.57
C ASP A 17 20.70 -23.80 4.45
N LYS A 18 20.69 -23.02 5.53
CA LYS A 18 20.01 -21.73 5.57
C LYS A 18 20.23 -21.06 6.91
N PHE A 19 19.78 -19.81 7.05
CA PHE A 19 19.83 -19.10 8.30
C PHE A 19 18.43 -18.58 8.59
N LEU A 20 17.88 -17.73 7.70
CA LEU A 20 18.59 -17.03 6.62
C LEU A 20 18.59 -15.54 6.91
N GLY A 21 19.14 -14.75 5.99
CA GLY A 21 19.17 -13.31 6.17
C GLY A 21 20.41 -12.82 6.86
N THR A 22 20.83 -11.59 6.54
CA THR A 22 21.98 -10.97 7.17
C THR A 22 21.91 -9.46 7.06
N GLU A 23 22.18 -8.77 8.18
CA GLU A 23 22.21 -7.30 8.23
C GLU A 23 20.85 -6.67 8.00
N ASN A 24 20.30 -6.09 9.07
CA ASN A 24 18.98 -5.45 9.00
C ASN A 24 19.10 -3.99 8.59
N ALA A 25 20.26 -3.63 8.07
CA ALA A 25 20.54 -2.26 7.66
C ALA A 25 19.54 -1.77 6.62
N GLU A 26 19.19 -2.65 5.69
CA GLU A 26 18.29 -2.30 4.60
C GLU A 26 16.88 -2.09 5.13
N LEU A 27 16.56 -2.75 6.23
CA LEU A 27 15.28 -2.59 6.90
C LEU A 27 15.24 -1.23 7.60
N VAL A 28 16.32 -0.90 8.30
CA VAL A 28 16.43 0.37 9.02
C VAL A 28 16.33 1.56 8.06
N TYR A 29 16.89 1.38 6.87
CA TYR A 29 16.81 2.39 5.83
C TYR A 29 15.36 2.74 5.50
N VAL A 30 14.53 1.73 5.35
CA VAL A 30 13.16 1.91 4.89
C VAL A 30 12.29 2.63 5.93
N LEU A 31 12.49 2.28 7.19
CA LEU A 31 11.58 2.68 8.28
C LEU A 31 11.23 4.18 8.30
N ARG A 32 10.06 4.49 7.75
CA ARG A 32 9.47 5.83 7.79
C ARG A 32 7.99 5.70 8.14
N HIS A 33 7.29 6.80 8.43
CA HIS A 33 5.90 6.71 8.86
C HIS A 33 5.16 8.05 8.82
N LYS A 34 5.90 9.16 8.77
CA LYS A 34 5.32 10.49 8.85
C LYS A 34 4.24 10.72 7.79
N HIS A 35 2.98 10.64 8.21
CA HIS A 35 1.82 10.81 7.31
C HIS A 35 0.59 11.19 8.12
N GLY A 36 -0.56 11.20 7.45
CA GLY A 36 -1.82 11.46 8.12
C GLY A 36 -2.65 10.20 8.25
N GLN A 37 -3.97 10.34 8.19
CA GLN A 37 -4.86 9.20 8.34
C GLN A 37 -5.22 8.62 6.96
N PHE A 38 -5.98 9.37 6.18
CA PHE A 38 -6.33 8.99 4.82
C PHE A 38 -5.55 9.83 3.84
N ILE A 39 -4.52 9.24 3.24
CA ILE A 39 -3.62 9.99 2.38
C ILE A 39 -3.55 9.39 0.97
N TYR A 40 -3.86 10.20 -0.02
CA TYR A 40 -3.71 9.82 -1.42
C TYR A 40 -2.58 10.64 -2.05
N VAL A 41 -1.60 9.95 -2.59
CA VAL A 41 -0.52 10.62 -3.30
C VAL A 41 -0.54 10.24 -4.77
N TRP A 42 -0.43 11.23 -5.63
CA TRP A 42 -0.54 11.01 -7.06
C TRP A 42 0.83 11.08 -7.75
N GLY A 43 1.88 10.96 -6.95
CA GLY A 43 3.21 11.02 -7.48
C GLY A 43 4.16 10.07 -6.78
N GLU A 44 4.72 9.14 -7.54
CA GLU A 44 5.70 8.21 -7.02
C GLU A 44 6.99 8.96 -6.69
N GLU A 45 7.74 8.44 -5.72
CA GLU A 45 8.92 9.11 -5.19
C GLU A 45 9.96 9.40 -6.28
N GLY A 46 10.06 8.49 -7.23
CA GLY A 46 10.99 8.67 -8.32
C GLY A 46 11.88 7.46 -8.50
N ALA A 47 11.26 6.34 -8.88
CA ALA A 47 11.95 5.06 -9.04
C ALA A 47 12.34 4.50 -7.68
N GLY A 48 11.61 4.91 -6.65
CA GLY A 48 11.85 4.40 -5.31
C GLY A 48 11.03 3.16 -5.05
N LYS A 49 9.89 3.08 -5.73
CA LYS A 49 9.04 1.90 -5.73
C LYS A 49 8.52 1.55 -4.33
N SER A 50 7.46 2.24 -3.92
CA SER A 50 6.75 1.94 -2.69
C SER A 50 7.66 2.04 -1.45
N HIS A 51 8.77 2.76 -1.59
CA HIS A 51 9.73 2.92 -0.51
C HIS A 51 9.05 3.53 0.72
N LEU A 52 8.38 4.65 0.53
CA LEU A 52 7.72 5.35 1.61
C LEU A 52 6.44 4.64 2.04
N LEU A 53 5.83 3.91 1.11
CA LEU A 53 4.56 3.23 1.38
C LEU A 53 4.75 2.02 2.28
N GLN A 54 5.70 1.17 1.94
CA GLN A 54 5.97 -0.05 2.71
C GLN A 54 6.53 0.32 4.09
N ALA A 55 7.30 1.39 4.11
CA ALA A 55 7.82 1.94 5.34
C ALA A 55 6.69 2.26 6.31
N TRP A 56 5.69 2.93 5.79
CA TRP A 56 4.53 3.34 6.57
C TRP A 56 3.85 2.12 7.19
N VAL A 57 3.85 1.02 6.44
CA VAL A 57 3.29 -0.23 6.88
C VAL A 57 4.13 -0.86 8.00
N ALA A 58 5.42 -1.05 7.73
CA ALA A 58 6.32 -1.74 8.66
C ALA A 58 6.42 -1.00 9.99
N GLN A 59 6.45 0.32 9.95
CA GLN A 59 6.54 1.11 11.17
C GLN A 59 5.28 0.92 12.01
N ALA A 60 4.13 0.89 11.34
CA ALA A 60 2.87 0.70 12.03
C ALA A 60 2.81 -0.69 12.63
N LEU A 61 3.39 -1.65 11.94
CA LEU A 61 3.48 -3.02 12.42
C LEU A 61 4.25 -3.07 13.74
N GLU A 62 5.39 -2.38 13.79
CA GLU A 62 6.20 -2.35 15.00
C GLU A 62 5.51 -1.54 16.09
N ALA A 63 4.68 -0.60 15.69
CA ALA A 63 3.97 0.27 16.62
C ALA A 63 2.87 -0.48 17.36
N GLY A 64 2.63 -1.73 16.96
CA GLY A 64 1.65 -2.55 17.65
C GLY A 64 0.32 -2.55 16.95
N LYS A 65 0.32 -2.05 15.72
CA LYS A 65 -0.88 -1.99 14.91
C LYS A 65 -0.80 -3.03 13.80
N ASN A 66 -1.85 -3.08 13.00
CA ASN A 66 -1.88 -4.00 11.87
C ASN A 66 -1.80 -3.22 10.57
N ALA A 67 -0.96 -3.68 9.67
CA ALA A 67 -0.74 -2.99 8.41
C ALA A 67 -0.37 -3.99 7.33
N ALA A 68 -0.71 -3.66 6.10
CA ALA A 68 -0.38 -4.51 4.97
C ALA A 68 -0.22 -3.68 3.71
N TYR A 69 0.80 -4.00 2.92
CA TYR A 69 1.01 -3.33 1.66
C TYR A 69 0.58 -4.25 0.52
N ILE A 70 -0.12 -3.70 -0.43
CA ILE A 70 -0.58 -4.46 -1.58
C ILE A 70 -0.16 -3.80 -2.87
N ASP A 71 0.68 -4.49 -3.65
CA ASP A 71 1.10 -4.00 -4.95
C ASP A 71 0.02 -4.34 -5.97
N ALA A 72 -0.88 -3.40 -6.22
CA ALA A 72 -2.05 -3.69 -7.02
C ALA A 72 -1.72 -3.90 -8.49
N ALA A 73 -0.46 -3.67 -8.85
CA ALA A 73 -0.02 -3.92 -10.21
C ALA A 73 0.37 -5.38 -10.41
N SER A 74 0.59 -6.09 -9.30
CA SER A 74 0.98 -7.50 -9.37
C SER A 74 0.09 -8.37 -8.46
N MET A 75 -0.62 -7.71 -7.55
CA MET A 75 -1.45 -8.39 -6.56
C MET A 75 -2.88 -7.90 -6.64
N PRO A 76 -3.86 -8.75 -6.29
CA PRO A 76 -5.25 -8.35 -6.21
C PRO A 76 -5.63 -7.88 -4.81
N LEU A 77 -6.66 -7.05 -4.72
CA LEU A 77 -7.16 -6.60 -3.43
C LEU A 77 -8.12 -7.63 -2.86
N THR A 78 -8.10 -7.81 -1.54
CA THR A 78 -8.90 -8.83 -0.92
C THR A 78 -9.64 -8.27 0.30
N ASP A 79 -10.55 -9.07 0.84
CA ASP A 79 -11.33 -8.69 2.01
C ASP A 79 -10.50 -8.73 3.28
N ALA A 80 -9.32 -9.33 3.18
CA ALA A 80 -8.40 -9.41 4.31
C ALA A 80 -7.93 -8.02 4.72
N ALA A 81 -7.98 -7.09 3.78
CA ALA A 81 -7.56 -5.71 4.01
C ALA A 81 -8.35 -5.06 5.13
N PHE A 82 -9.58 -5.53 5.35
CA PHE A 82 -10.44 -4.97 6.40
C PHE A 82 -9.87 -5.25 7.79
N GLU A 83 -9.01 -6.25 7.89
CA GLU A 83 -8.44 -6.62 9.18
C GLU A 83 -7.27 -5.72 9.55
N ALA A 84 -6.69 -5.09 8.55
CA ALA A 84 -5.55 -4.22 8.77
C ALA A 84 -6.02 -2.83 9.14
N GLU A 85 -5.27 -2.19 10.02
CA GLU A 85 -5.57 -0.82 10.40
C GLU A 85 -4.95 0.15 9.40
N TYR A 86 -3.81 -0.24 8.85
CA TYR A 86 -3.09 0.57 7.88
C TYR A 86 -3.03 -0.14 6.54
N LEU A 87 -3.69 0.43 5.54
CA LEU A 87 -3.67 -0.13 4.19
C LEU A 87 -2.87 0.74 3.24
N ALA A 88 -1.84 0.17 2.65
CA ALA A 88 -1.05 0.87 1.65
C ALA A 88 -1.15 0.15 0.32
N VAL A 89 -1.73 0.81 -0.66
CA VAL A 89 -1.94 0.20 -1.98
C VAL A 89 -1.07 0.88 -3.02
N ASP A 90 -0.26 0.09 -3.69
CA ASP A 90 0.65 0.57 -4.72
C ASP A 90 -0.02 0.45 -6.09
N GLN A 91 -0.27 1.59 -6.74
CA GLN A 91 -1.01 1.67 -8.01
C GLN A 91 -2.41 1.05 -7.87
N VAL A 92 -3.30 1.76 -7.18
CA VAL A 92 -4.65 1.25 -6.93
C VAL A 92 -5.48 1.25 -8.22
N GLU A 93 -5.03 2.00 -9.22
CA GLU A 93 -5.74 2.10 -10.50
C GLU A 93 -5.59 0.81 -11.31
N LYS A 94 -4.74 -0.09 -10.85
CA LYS A 94 -4.49 -1.33 -11.55
C LYS A 94 -5.54 -2.38 -11.19
N LEU A 95 -6.43 -2.04 -10.28
CA LEU A 95 -7.50 -2.95 -9.87
C LEU A 95 -8.58 -3.02 -10.93
N GLY A 96 -9.12 -4.22 -11.16
CA GLY A 96 -10.06 -4.43 -12.24
C GLY A 96 -11.46 -3.98 -11.92
N ASN A 97 -12.23 -4.84 -11.27
CA ASN A 97 -13.65 -4.58 -11.05
C ASN A 97 -14.04 -4.76 -9.59
N GLU A 98 -14.03 -6.02 -9.15
CA GLU A 98 -14.45 -6.37 -7.80
C GLU A 98 -13.51 -5.73 -6.78
N GLU A 99 -12.25 -5.66 -7.13
CA GLU A 99 -11.23 -5.06 -6.28
C GLU A 99 -11.55 -3.59 -6.01
N GLN A 100 -12.09 -2.89 -7.00
CA GLN A 100 -12.43 -1.48 -6.84
C GLN A 100 -13.64 -1.34 -5.92
N ALA A 101 -14.56 -2.29 -6.00
CA ALA A 101 -15.73 -2.29 -5.12
C ALA A 101 -15.30 -2.61 -3.69
N LEU A 102 -14.27 -3.44 -3.57
CA LEU A 102 -13.70 -3.77 -2.28
C LEU A 102 -13.08 -2.53 -1.66
N LEU A 103 -12.27 -1.83 -2.46
CA LEU A 103 -11.64 -0.59 -2.05
C LEU A 103 -12.70 0.40 -1.58
N PHE A 104 -13.77 0.51 -2.36
CA PHE A 104 -14.93 1.34 -1.98
C PHE A 104 -15.41 0.98 -0.58
N SER A 105 -15.63 -0.30 -0.35
CA SER A 105 -16.14 -0.79 0.92
C SER A 105 -15.19 -0.43 2.06
N ILE A 106 -13.89 -0.51 1.79
CA ILE A 106 -12.88 -0.11 2.76
C ILE A 106 -13.07 1.34 3.17
N PHE A 107 -13.15 2.22 2.18
CA PHE A 107 -13.34 3.64 2.42
C PHE A 107 -14.63 3.90 3.20
N ASN A 108 -15.68 3.21 2.80
CA ASN A 108 -16.98 3.35 3.43
C ASN A 108 -16.92 2.92 4.90
N ARG A 109 -16.44 1.70 5.15
CA ARG A 109 -16.40 1.15 6.49
C ARG A 109 -15.47 1.94 7.40
N PHE A 110 -14.33 2.35 6.88
CA PHE A 110 -13.37 3.11 7.67
C PHE A 110 -13.94 4.49 8.01
N ARG A 111 -14.66 5.10 7.07
CA ARG A 111 -15.28 6.39 7.33
C ARG A 111 -16.51 6.25 8.23
N ASN A 112 -17.14 5.09 8.20
CA ASN A 112 -18.26 4.78 9.09
C ASN A 112 -17.78 4.75 10.54
N SER A 113 -16.63 4.15 10.75
CA SER A 113 -16.04 4.06 12.07
C SER A 113 -15.37 5.38 12.43
N GLY A 114 -14.68 5.97 11.46
CA GLY A 114 -13.98 7.22 11.68
C GLY A 114 -12.50 6.98 11.88
N LYS A 115 -12.16 5.74 12.21
CA LYS A 115 -10.79 5.35 12.45
C LYS A 115 -10.31 4.50 11.28
N GLY A 116 -9.03 4.17 11.28
CA GLY A 116 -8.44 3.44 10.16
C GLY A 116 -7.58 4.34 9.31
N PHE A 117 -6.50 3.79 8.78
CA PHE A 117 -5.54 4.57 8.02
C PHE A 117 -5.41 4.03 6.60
N LEU A 118 -5.29 4.93 5.63
CA LEU A 118 -5.23 4.54 4.23
C LEU A 118 -4.17 5.35 3.49
N LEU A 119 -3.31 4.66 2.76
CA LEU A 119 -2.31 5.32 1.93
C LEU A 119 -2.38 4.78 0.50
N LEU A 120 -2.73 5.65 -0.43
CA LEU A 120 -2.84 5.28 -1.83
C LEU A 120 -1.75 5.95 -2.65
N GLY A 121 -0.95 5.16 -3.34
CA GLY A 121 0.08 5.70 -4.21
C GLY A 121 -0.19 5.37 -5.65
N SER A 122 -0.64 6.36 -6.41
CA SER A 122 -1.04 6.15 -7.79
C SER A 122 -0.39 7.14 -8.73
N GLU A 123 -0.70 7.03 -10.01
CA GLU A 123 -0.16 7.92 -11.02
C GLU A 123 -1.22 8.95 -11.41
N TYR A 124 -0.97 10.22 -11.07
CA TYR A 124 -1.86 11.34 -11.39
C TYR A 124 -3.13 11.31 -10.54
N THR A 125 -4.03 12.25 -10.82
CA THR A 125 -5.22 12.45 -10.01
C THR A 125 -6.37 11.53 -10.44
N PRO A 126 -7.30 11.23 -9.51
CA PRO A 126 -8.41 10.29 -9.74
C PRO A 126 -9.32 10.67 -10.92
N GLN A 127 -9.32 11.95 -11.27
CA GLN A 127 -10.15 12.42 -12.38
C GLN A 127 -9.47 12.13 -13.72
N GLN A 128 -8.17 11.91 -13.68
CA GLN A 128 -7.43 11.56 -14.88
C GLN A 128 -7.35 10.04 -15.02
N LEU A 129 -7.69 9.35 -13.94
CA LEU A 129 -7.72 7.90 -13.93
C LEU A 129 -9.12 7.41 -14.30
N VAL A 130 -9.17 6.41 -15.17
CA VAL A 130 -10.45 5.85 -15.59
C VAL A 130 -10.81 4.66 -14.70
N ILE A 131 -11.50 4.96 -13.61
CA ILE A 131 -11.97 3.94 -12.69
C ILE A 131 -13.48 4.00 -12.59
N ARG A 132 -14.06 3.20 -11.71
CA ARG A 132 -15.50 3.21 -11.53
C ARG A 132 -15.92 4.59 -11.01
N GLU A 133 -16.95 5.16 -11.63
CA GLU A 133 -17.37 6.53 -11.35
C GLU A 133 -17.68 6.75 -9.88
N ASP A 134 -18.36 5.79 -9.27
CA ASP A 134 -18.75 5.90 -7.88
C ASP A 134 -17.52 5.95 -6.98
N LEU A 135 -16.52 5.14 -7.32
CA LEU A 135 -15.29 5.07 -6.56
C LEU A 135 -14.53 6.40 -6.61
N ARG A 136 -14.60 7.07 -7.76
CA ARG A 136 -13.89 8.33 -7.96
C ARG A 136 -14.37 9.39 -6.97
N THR A 137 -15.68 9.45 -6.73
CA THR A 137 -16.21 10.47 -5.84
C THR A 137 -15.96 10.09 -4.38
N ARG A 138 -15.71 8.81 -4.11
CA ARG A 138 -15.37 8.35 -2.76
C ARG A 138 -13.92 8.70 -2.45
N MET A 139 -13.12 8.85 -3.52
CA MET A 139 -11.71 9.21 -3.39
C MET A 139 -11.56 10.58 -2.74
N ALA A 140 -12.62 11.38 -2.79
CA ALA A 140 -12.62 12.71 -2.19
C ALA A 140 -12.72 12.61 -0.66
N TYR A 141 -12.90 11.41 -0.15
CA TYR A 141 -12.99 11.20 1.29
C TYR A 141 -11.62 10.89 1.89
N CYS A 142 -10.56 11.23 1.16
CA CYS A 142 -9.22 11.14 1.68
C CYS A 142 -8.46 12.40 1.27
N LEU A 143 -7.35 12.67 1.93
CA LEU A 143 -6.55 13.85 1.64
C LEU A 143 -5.61 13.58 0.48
N VAL A 144 -5.23 14.63 -0.23
CA VAL A 144 -4.35 14.48 -1.38
C VAL A 144 -3.06 15.25 -1.15
N TYR A 145 -1.95 14.54 -1.11
CA TYR A 145 -0.65 15.18 -0.97
C TYR A 145 0.03 15.31 -2.33
N GLU A 146 0.39 16.53 -2.69
CA GLU A 146 1.11 16.78 -3.91
C GLU A 146 2.60 16.50 -3.71
N VAL A 147 3.15 15.65 -4.57
CA VAL A 147 4.55 15.25 -4.47
C VAL A 147 5.46 16.33 -5.05
N LYS A 148 4.91 17.15 -5.93
CA LYS A 148 5.65 18.23 -6.55
C LYS A 148 5.66 19.45 -5.65
N PRO A 149 6.84 19.94 -5.25
CA PRO A 149 6.98 21.15 -4.47
C PRO A 149 6.92 22.38 -5.36
N MET A 1 55.50 -64.24 -5.14
CA MET A 1 55.19 -63.37 -6.30
C MET A 1 53.92 -62.57 -6.01
N GLY A 2 54.08 -61.29 -5.73
CA GLY A 2 52.97 -60.45 -5.37
C GLY A 2 52.82 -59.24 -6.25
N HIS A 3 52.35 -59.45 -7.47
CA HIS A 3 52.09 -58.34 -8.38
C HIS A 3 50.90 -57.51 -7.92
N HIS A 4 51.18 -56.50 -7.11
CA HIS A 4 50.16 -55.57 -6.65
C HIS A 4 50.76 -54.18 -6.54
N HIS A 5 49.98 -53.15 -6.83
CA HIS A 5 50.49 -51.79 -6.79
C HIS A 5 49.92 -51.03 -5.60
N HIS A 6 48.68 -51.37 -5.22
CA HIS A 6 47.98 -50.72 -4.10
C HIS A 6 47.53 -49.31 -4.46
N HIS A 7 46.50 -48.85 -3.76
CA HIS A 7 46.02 -47.48 -3.88
C HIS A 7 45.69 -46.93 -2.50
N HIS A 8 46.57 -46.08 -1.98
CA HIS A 8 46.36 -45.50 -0.66
C HIS A 8 45.65 -44.15 -0.79
N SER A 9 44.50 -44.05 -0.14
CA SER A 9 43.68 -42.85 -0.24
C SER A 9 44.11 -41.80 0.77
N HIS A 10 43.83 -40.54 0.45
CA HIS A 10 44.07 -39.44 1.37
C HIS A 10 42.85 -38.54 1.44
N MET A 11 42.16 -38.59 2.57
CA MET A 11 40.93 -37.82 2.73
C MET A 11 41.20 -36.61 3.62
N ASP A 12 40.97 -35.42 3.07
CA ASP A 12 41.28 -34.18 3.76
C ASP A 12 40.00 -33.43 4.10
N TYR A 13 39.98 -32.80 5.28
CA TYR A 13 38.80 -32.06 5.73
C TYR A 13 39.15 -30.59 5.91
N PRO A 14 38.98 -29.78 4.86
CA PRO A 14 39.28 -28.36 4.88
C PRO A 14 38.03 -27.48 5.04
N SER A 15 38.28 -26.17 5.18
CA SER A 15 37.24 -25.14 5.18
C SER A 15 36.24 -25.30 6.33
N PHE A 16 36.52 -24.65 7.44
CA PHE A 16 35.60 -24.56 8.55
C PHE A 16 35.75 -23.22 9.28
N ASP A 17 34.75 -22.37 9.11
CA ASP A 17 34.76 -21.04 9.72
C ASP A 17 33.34 -20.53 9.90
N LYS A 18 33.06 -19.91 11.04
CA LYS A 18 31.70 -19.44 11.31
C LYS A 18 31.63 -17.91 11.28
N PHE A 19 30.68 -17.40 10.50
CA PHE A 19 30.46 -15.98 10.29
C PHE A 19 29.42 -15.90 9.20
N LEU A 20 28.12 -15.89 9.54
CA LEU A 20 27.56 -15.56 10.84
C LEU A 20 27.70 -14.08 11.16
N GLY A 21 26.61 -13.35 10.95
CA GLY A 21 26.57 -11.93 11.20
C GLY A 21 25.44 -11.27 10.45
N THR A 22 24.96 -10.13 10.94
CA THR A 22 23.86 -9.43 10.27
C THR A 22 23.88 -7.94 10.59
N GLU A 23 23.46 -7.13 9.62
CA GLU A 23 23.35 -5.69 9.79
C GLU A 23 21.95 -5.23 9.41
N ASN A 24 21.34 -4.41 10.27
CA ASN A 24 19.94 -4.04 10.12
C ASN A 24 19.78 -2.73 9.35
N ALA A 25 20.83 -2.31 8.65
CA ALA A 25 20.81 -1.03 7.94
C ALA A 25 19.64 -0.93 6.97
N GLU A 26 19.47 -1.95 6.13
CA GLU A 26 18.39 -1.95 5.15
C GLU A 26 17.04 -2.02 5.85
N LEU A 27 17.01 -2.66 7.00
CA LEU A 27 15.79 -2.83 7.76
C LEU A 27 15.35 -1.53 8.40
N VAL A 28 16.32 -0.71 8.78
CA VAL A 28 16.04 0.61 9.30
C VAL A 28 15.44 1.49 8.21
N TYR A 29 15.96 1.33 7.00
CA TYR A 29 15.46 2.07 5.84
C TYR A 29 14.03 1.65 5.51
N VAL A 30 13.67 0.42 5.89
CA VAL A 30 12.33 -0.10 5.67
C VAL A 30 11.30 0.60 6.57
N LEU A 31 11.72 1.00 7.76
CA LEU A 31 10.82 1.62 8.74
C LEU A 31 10.76 3.14 8.58
N ARG A 32 9.94 3.76 9.46
CA ARG A 32 9.87 5.22 9.60
C ARG A 32 9.11 5.89 8.45
N HIS A 33 9.27 7.21 8.36
CA HIS A 33 8.72 8.04 7.28
C HIS A 33 7.22 8.25 7.46
N LYS A 34 6.87 9.38 8.08
CA LYS A 34 5.47 9.73 8.31
C LYS A 34 4.89 10.39 7.05
N HIS A 35 3.60 10.75 7.12
CA HIS A 35 2.94 11.48 6.04
C HIS A 35 1.49 11.84 6.37
N GLY A 36 0.83 11.04 7.21
CA GLY A 36 -0.55 11.31 7.55
C GLY A 36 -1.45 10.08 7.47
N GLN A 37 -2.74 10.28 7.69
CA GLN A 37 -3.72 9.19 7.73
C GLN A 37 -4.14 8.75 6.32
N PHE A 38 -5.01 9.54 5.68
CA PHE A 38 -5.48 9.23 4.34
C PHE A 38 -4.65 9.95 3.30
N ILE A 39 -3.69 9.26 2.70
CA ILE A 39 -2.77 9.89 1.78
C ILE A 39 -2.82 9.22 0.41
N TYR A 40 -3.08 10.02 -0.61
CA TYR A 40 -3.05 9.58 -1.99
C TYR A 40 -1.86 10.20 -2.70
N VAL A 41 -1.02 9.36 -3.29
CA VAL A 41 0.17 9.83 -3.99
C VAL A 41 0.21 9.30 -5.41
N TRP A 42 0.69 10.11 -6.33
CA TRP A 42 0.79 9.70 -7.74
C TRP A 42 2.17 10.08 -8.29
N GLY A 43 3.21 9.64 -7.59
CA GLY A 43 4.57 9.93 -8.03
C GLY A 43 4.95 9.13 -9.26
N GLU A 44 5.03 9.82 -10.40
CA GLU A 44 5.35 9.17 -11.67
C GLU A 44 6.74 8.54 -11.66
N GLU A 45 6.85 7.39 -12.29
CA GLU A 45 8.12 6.66 -12.41
C GLU A 45 7.92 5.44 -13.30
N GLY A 46 6.78 4.81 -13.15
CA GLY A 46 6.46 3.65 -13.96
C GLY A 46 5.32 2.84 -13.37
N ALA A 47 5.68 1.76 -12.69
CA ALA A 47 4.70 0.91 -12.06
C ALA A 47 5.22 0.41 -10.72
N GLY A 48 4.74 1.03 -9.64
CA GLY A 48 5.14 0.62 -8.32
C GLY A 48 6.36 1.37 -7.82
N LYS A 49 6.20 2.03 -6.69
CA LYS A 49 7.30 2.71 -6.01
C LYS A 49 7.20 2.37 -4.53
N SER A 50 6.24 3.01 -3.86
CA SER A 50 5.74 2.56 -2.56
C SER A 50 6.76 2.52 -1.42
N HIS A 51 8.00 2.97 -1.62
CA HIS A 51 8.97 2.91 -0.52
C HIS A 51 8.54 3.81 0.64
N LEU A 52 7.88 4.92 0.35
CA LEU A 52 7.38 5.80 1.40
C LEU A 52 6.11 5.20 2.05
N LEU A 53 5.39 4.38 1.27
CA LEU A 53 4.22 3.68 1.77
C LEU A 53 4.64 2.52 2.69
N GLN A 54 5.59 1.73 2.22
CA GLN A 54 6.02 0.51 2.92
C GLN A 54 6.62 0.85 4.28
N ALA A 55 7.39 1.93 4.32
CA ALA A 55 8.02 2.40 5.54
C ALA A 55 6.99 2.66 6.62
N TRP A 56 5.89 3.25 6.19
CA TRP A 56 4.78 3.57 7.08
C TRP A 56 4.07 2.29 7.54
N VAL A 57 3.89 1.36 6.60
CA VAL A 57 3.26 0.09 6.89
C VAL A 57 4.09 -0.72 7.88
N ALA A 58 5.38 -0.86 7.59
CA ALA A 58 6.28 -1.66 8.42
C ALA A 58 6.43 -1.05 9.80
N GLN A 59 6.45 0.28 9.87
CA GLN A 59 6.56 0.98 11.14
C GLN A 59 5.34 0.69 12.01
N ALA A 60 4.18 0.62 11.38
CA ALA A 60 2.94 0.31 12.08
C ALA A 60 2.95 -1.14 12.56
N LEU A 61 3.52 -2.01 11.74
CA LEU A 61 3.63 -3.42 12.08
C LEU A 61 4.42 -3.63 13.37
N GLU A 62 5.59 -3.00 13.46
CA GLU A 62 6.42 -3.15 14.66
C GLU A 62 5.89 -2.31 15.81
N ALA A 63 4.89 -1.50 15.51
CA ALA A 63 4.18 -0.74 16.54
C ALA A 63 3.05 -1.59 17.12
N GLY A 64 2.87 -2.77 16.55
CA GLY A 64 1.86 -3.68 17.05
C GLY A 64 0.50 -3.43 16.42
N LYS A 65 0.51 -2.83 15.24
CA LYS A 65 -0.72 -2.53 14.52
C LYS A 65 -0.82 -3.45 13.31
N ASN A 66 -2.02 -3.62 12.80
CA ASN A 66 -2.20 -4.40 11.59
C ASN A 66 -2.02 -3.50 10.38
N ALA A 67 -1.23 -3.97 9.43
CA ALA A 67 -0.87 -3.16 8.28
C ALA A 67 -0.44 -4.04 7.12
N ALA A 68 -0.83 -3.64 5.92
CA ALA A 68 -0.46 -4.38 4.72
C ALA A 68 -0.51 -3.47 3.49
N TYR A 69 0.46 -3.65 2.60
CA TYR A 69 0.45 -2.93 1.34
C TYR A 69 0.38 -3.92 0.20
N ILE A 70 -0.51 -3.65 -0.74
CA ILE A 70 -0.74 -4.54 -1.86
C ILE A 70 -0.48 -3.85 -3.19
N ASP A 71 0.34 -4.49 -4.02
CA ASP A 71 0.64 -3.97 -5.35
C ASP A 71 -0.36 -4.58 -6.32
N ALA A 72 -1.28 -3.78 -6.82
CA ALA A 72 -2.37 -4.29 -7.66
C ALA A 72 -1.88 -4.99 -8.92
N ALA A 73 -0.61 -4.79 -9.26
CA ALA A 73 -0.04 -5.42 -10.45
C ALA A 73 0.77 -6.67 -10.09
N SER A 74 0.90 -6.95 -8.80
CA SER A 74 1.68 -8.09 -8.34
C SER A 74 0.83 -8.98 -7.42
N MET A 75 -0.10 -8.35 -6.73
CA MET A 75 -0.96 -9.04 -5.78
C MET A 75 -2.40 -8.56 -5.95
N PRO A 76 -3.38 -9.47 -5.78
CA PRO A 76 -4.79 -9.10 -5.81
C PRO A 76 -5.25 -8.55 -4.47
N LEU A 77 -6.40 -7.88 -4.47
CA LEU A 77 -6.95 -7.36 -3.22
C LEU A 77 -7.80 -8.44 -2.55
N THR A 78 -7.77 -8.46 -1.23
CA THR A 78 -8.45 -9.49 -0.47
C THR A 78 -9.43 -8.86 0.52
N ASP A 79 -10.36 -9.67 0.99
CA ASP A 79 -11.31 -9.21 2.00
C ASP A 79 -10.63 -9.16 3.36
N ALA A 80 -9.50 -9.85 3.47
CA ALA A 80 -8.67 -9.82 4.69
C ALA A 80 -8.16 -8.42 4.98
N ALA A 81 -8.08 -7.60 3.93
CA ALA A 81 -7.60 -6.22 4.05
C ALA A 81 -8.50 -5.39 4.98
N PHE A 82 -9.71 -5.87 5.23
CA PHE A 82 -10.63 -5.20 6.15
C PHE A 82 -10.09 -5.19 7.56
N GLU A 83 -9.28 -6.18 7.89
CA GLU A 83 -8.73 -6.33 9.22
C GLU A 83 -7.57 -5.36 9.42
N ALA A 84 -6.94 -4.98 8.32
CA ALA A 84 -5.78 -4.11 8.36
C ALA A 84 -6.19 -2.70 8.71
N GLU A 85 -5.66 -2.19 9.81
CA GLU A 85 -5.95 -0.83 10.23
C GLU A 85 -5.17 0.15 9.35
N TYR A 86 -3.98 -0.27 8.94
CA TYR A 86 -3.15 0.52 8.03
C TYR A 86 -3.06 -0.20 6.70
N LEU A 87 -3.84 0.25 5.73
CA LEU A 87 -3.95 -0.42 4.46
C LEU A 87 -3.42 0.46 3.32
N ALA A 88 -2.56 -0.10 2.50
CA ALA A 88 -1.99 0.63 1.37
C ALA A 88 -2.10 -0.18 0.08
N VAL A 89 -2.51 0.47 -0.99
CA VAL A 89 -2.62 -0.20 -2.29
C VAL A 89 -1.96 0.65 -3.38
N ASP A 90 -1.16 0.01 -4.21
CA ASP A 90 -0.49 0.68 -5.33
C ASP A 90 -1.14 0.28 -6.64
N GLN A 91 -1.36 1.26 -7.52
CA GLN A 91 -1.96 1.04 -8.84
C GLN A 91 -3.41 0.58 -8.70
N VAL A 92 -4.13 1.22 -7.78
CA VAL A 92 -5.51 0.86 -7.43
C VAL A 92 -6.45 0.83 -8.64
N GLU A 93 -6.17 1.68 -9.64
CA GLU A 93 -7.01 1.75 -10.82
C GLU A 93 -7.13 0.40 -11.52
N LYS A 94 -6.08 -0.40 -11.44
CA LYS A 94 -6.00 -1.63 -12.21
C LYS A 94 -6.70 -2.79 -11.49
N LEU A 95 -7.59 -2.48 -10.55
CA LEU A 95 -8.46 -3.48 -9.97
C LEU A 95 -9.64 -3.75 -10.90
N GLY A 96 -10.02 -5.01 -11.04
CA GLY A 96 -11.02 -5.38 -12.04
C GLY A 96 -12.43 -5.51 -11.47
N ASN A 97 -13.03 -4.37 -11.10
CA ASN A 97 -14.42 -4.31 -10.62
C ASN A 97 -14.60 -4.95 -9.24
N GLU A 98 -14.28 -6.23 -9.13
CA GLU A 98 -14.48 -6.98 -7.90
C GLU A 98 -13.61 -6.42 -6.77
N GLU A 99 -12.32 -6.31 -7.03
CA GLU A 99 -11.40 -5.74 -6.05
C GLU A 99 -11.69 -4.26 -5.86
N GLN A 100 -12.21 -3.63 -6.90
CA GLN A 100 -12.53 -2.20 -6.86
C GLN A 100 -13.70 -1.96 -5.91
N ALA A 101 -14.71 -2.84 -5.98
CA ALA A 101 -15.85 -2.77 -5.08
C ALA A 101 -15.42 -3.08 -3.65
N LEU A 102 -14.42 -3.94 -3.53
CA LEU A 102 -13.83 -4.25 -2.23
C LEU A 102 -13.14 -3.01 -1.69
N LEU A 103 -12.31 -2.40 -2.52
CA LEU A 103 -11.61 -1.16 -2.18
C LEU A 103 -12.63 -0.08 -1.75
N PHE A 104 -13.71 0.02 -2.50
CA PHE A 104 -14.79 0.94 -2.18
C PHE A 104 -15.32 0.68 -0.77
N SER A 105 -15.47 -0.59 -0.43
CA SER A 105 -15.94 -0.99 0.88
C SER A 105 -14.90 -0.67 1.96
N ILE A 106 -13.63 -0.74 1.57
CA ILE A 106 -12.55 -0.34 2.46
C ILE A 106 -12.67 1.14 2.80
N PHE A 107 -12.93 1.97 1.79
CA PHE A 107 -13.22 3.38 2.00
C PHE A 107 -14.43 3.53 2.93
N ASN A 108 -15.43 2.69 2.69
CA ASN A 108 -16.65 2.70 3.47
C ASN A 108 -16.37 2.48 4.95
N ARG A 109 -15.67 1.39 5.29
CA ARG A 109 -15.43 1.05 6.68
C ARG A 109 -14.63 2.14 7.39
N PHE A 110 -13.70 2.76 6.68
CA PHE A 110 -12.90 3.85 7.24
C PHE A 110 -13.76 5.08 7.48
N ARG A 111 -14.44 5.52 6.43
CA ARG A 111 -15.29 6.71 6.47
C ARG A 111 -16.39 6.53 7.53
N ASN A 112 -16.98 5.34 7.55
CA ASN A 112 -18.12 5.07 8.42
C ASN A 112 -17.73 5.10 9.89
N SER A 113 -16.61 4.46 10.23
CA SER A 113 -16.21 4.35 11.62
C SER A 113 -15.48 5.60 12.10
N GLY A 114 -14.59 6.11 11.26
CA GLY A 114 -13.76 7.23 11.65
C GLY A 114 -12.35 6.78 11.97
N LYS A 115 -12.14 5.48 11.88
CA LYS A 115 -10.83 4.89 12.09
C LYS A 115 -10.34 4.30 10.79
N GLY A 116 -9.10 3.85 10.77
CA GLY A 116 -8.53 3.29 9.57
C GLY A 116 -7.58 4.25 8.89
N PHE A 117 -6.52 3.70 8.33
CA PHE A 117 -5.53 4.50 7.63
C PHE A 117 -5.32 3.92 6.24
N LEU A 118 -5.44 4.77 5.23
CA LEU A 118 -5.36 4.31 3.85
C LEU A 118 -4.31 5.07 3.07
N LEU A 119 -3.56 4.34 2.27
CA LEU A 119 -2.54 4.90 1.41
C LEU A 119 -2.74 4.38 -0.01
N LEU A 120 -2.90 5.30 -0.94
CA LEU A 120 -3.17 4.93 -2.32
C LEU A 120 -2.11 5.48 -3.26
N GLY A 121 -1.54 4.59 -4.05
CA GLY A 121 -0.61 5.00 -5.08
C GLY A 121 -1.20 4.79 -6.46
N SER A 122 -0.86 5.66 -7.40
CA SER A 122 -1.39 5.55 -8.75
C SER A 122 -0.52 6.31 -9.73
N GLU A 123 -0.94 6.30 -11.00
CA GLU A 123 -0.19 6.95 -12.08
C GLU A 123 -0.83 8.27 -12.47
N TYR A 124 -2.07 8.48 -12.03
CA TYR A 124 -2.80 9.71 -12.33
C TYR A 124 -3.47 10.25 -11.07
N THR A 125 -4.24 11.32 -11.25
CA THR A 125 -5.01 11.89 -10.16
C THR A 125 -6.22 11.01 -9.85
N PRO A 126 -6.75 11.07 -8.62
CA PRO A 126 -7.76 10.13 -8.11
C PRO A 126 -9.08 10.20 -8.87
N GLN A 127 -9.42 11.38 -9.38
CA GLN A 127 -10.69 11.58 -10.05
C GLN A 127 -10.54 11.44 -11.56
N GLN A 128 -9.30 11.27 -12.01
CA GLN A 128 -9.02 11.15 -13.44
C GLN A 128 -8.82 9.69 -13.79
N LEU A 129 -8.80 8.83 -12.77
CA LEU A 129 -8.69 7.40 -12.97
C LEU A 129 -9.99 6.86 -13.55
N VAL A 130 -9.88 5.94 -14.50
CA VAL A 130 -11.07 5.35 -15.10
C VAL A 130 -11.59 4.23 -14.21
N ILE A 131 -12.30 4.63 -13.17
CA ILE A 131 -12.86 3.70 -12.20
C ILE A 131 -14.33 4.05 -11.96
N ARG A 132 -14.95 3.37 -10.99
CA ARG A 132 -16.33 3.65 -10.61
C ARG A 132 -16.55 5.14 -10.43
N GLU A 133 -17.59 5.67 -11.05
CA GLU A 133 -17.86 7.10 -11.04
C GLU A 133 -18.17 7.60 -9.63
N ASP A 134 -18.83 6.76 -8.84
CA ASP A 134 -19.11 7.11 -7.45
C ASP A 134 -17.83 7.05 -6.63
N LEU A 135 -17.03 6.02 -6.87
CA LEU A 135 -15.81 5.78 -6.11
C LEU A 135 -14.82 6.93 -6.28
N ARG A 136 -14.73 7.48 -7.48
CA ARG A 136 -13.77 8.55 -7.76
C ARG A 136 -14.09 9.82 -6.98
N THR A 137 -15.34 9.97 -6.55
CA THR A 137 -15.71 11.12 -5.72
C THR A 137 -15.31 10.87 -4.28
N ARG A 138 -15.32 9.60 -3.88
CA ARG A 138 -14.91 9.20 -2.53
C ARG A 138 -13.42 9.44 -2.34
N MET A 139 -12.73 9.55 -3.47
CA MET A 139 -11.30 9.82 -3.48
C MET A 139 -10.98 11.20 -2.88
N ALA A 140 -11.99 12.05 -2.82
CA ALA A 140 -11.82 13.40 -2.29
C ALA A 140 -11.76 13.40 -0.77
N TYR A 141 -11.96 12.23 -0.15
CA TYR A 141 -11.88 12.11 1.30
C TYR A 141 -10.42 12.14 1.77
N CYS A 142 -9.52 11.73 0.88
CA CYS A 142 -8.11 11.62 1.22
C CYS A 142 -7.33 12.79 0.64
N LEU A 143 -6.14 13.00 1.17
CA LEU A 143 -5.29 14.08 0.73
C LEU A 143 -4.51 13.65 -0.52
N VAL A 144 -4.13 14.62 -1.33
CA VAL A 144 -3.40 14.33 -2.55
C VAL A 144 -2.04 15.00 -2.50
N TYR A 145 -1.00 14.18 -2.53
CA TYR A 145 0.37 14.66 -2.47
C TYR A 145 1.16 14.25 -3.69
N GLU A 146 1.82 15.21 -4.31
CA GLU A 146 2.73 14.94 -5.41
C GLU A 146 4.16 15.01 -4.88
N VAL A 147 4.93 13.95 -5.10
CA VAL A 147 6.27 13.84 -4.55
C VAL A 147 7.27 13.46 -5.63
N LYS A 148 7.17 14.10 -6.78
CA LYS A 148 8.07 13.83 -7.89
C LYS A 148 9.19 14.85 -7.93
N PRO A 149 10.43 14.41 -7.65
CA PRO A 149 11.62 15.23 -7.77
C PRO A 149 12.05 15.34 -9.23
N MET A 1 11.13 18.56 -0.98
CA MET A 1 11.48 19.72 -1.84
C MET A 1 12.25 19.25 -3.06
N GLY A 2 12.00 19.89 -4.20
CA GLY A 2 12.65 19.51 -5.43
C GLY A 2 12.57 20.61 -6.47
N HIS A 3 13.44 20.56 -7.46
CA HIS A 3 13.45 21.57 -8.52
C HIS A 3 13.37 20.92 -9.88
N HIS A 4 13.88 19.70 -9.99
CA HIS A 4 13.89 18.99 -11.26
C HIS A 4 12.87 17.86 -11.24
N HIS A 5 12.26 17.62 -12.40
CA HIS A 5 11.38 16.48 -12.59
C HIS A 5 10.97 16.35 -14.05
N HIS A 6 11.42 15.27 -14.67
CA HIS A 6 11.01 14.94 -16.03
C HIS A 6 9.97 13.84 -15.99
N HIS A 7 9.38 13.52 -17.13
CA HIS A 7 8.39 12.46 -17.20
C HIS A 7 9.07 11.11 -17.37
N HIS A 8 8.94 10.27 -16.35
CA HIS A 8 9.45 8.91 -16.41
C HIS A 8 8.38 7.99 -16.99
N SER A 9 8.70 6.72 -17.16
CA SER A 9 7.72 5.75 -17.64
C SER A 9 7.33 4.79 -16.52
N HIS A 10 8.11 3.71 -16.36
CA HIS A 10 7.82 2.69 -15.35
C HIS A 10 8.85 1.57 -15.44
N MET A 11 9.99 1.75 -14.79
CA MET A 11 11.04 0.73 -14.82
C MET A 11 11.11 -0.01 -13.49
N ASP A 12 10.23 -0.99 -13.33
CA ASP A 12 10.13 -1.74 -12.08
C ASP A 12 9.15 -2.89 -12.20
N TYR A 13 9.03 -3.64 -11.11
CA TYR A 13 8.05 -4.72 -10.98
C TYR A 13 8.14 -5.28 -9.56
N PRO A 14 7.10 -5.09 -8.75
CA PRO A 14 7.09 -5.50 -7.34
C PRO A 14 7.23 -7.02 -7.16
N SER A 15 8.46 -7.49 -7.06
CA SER A 15 8.75 -8.90 -6.84
C SER A 15 10.13 -9.06 -6.22
N PHE A 16 10.19 -8.96 -4.89
CA PHE A 16 11.43 -9.15 -4.16
C PHE A 16 11.14 -9.34 -2.68
N ASP A 17 11.02 -10.60 -2.27
CA ASP A 17 10.72 -10.91 -0.88
C ASP A 17 11.88 -11.64 -0.21
N LYS A 18 12.75 -10.86 0.42
CA LYS A 18 13.86 -11.38 1.21
C LYS A 18 14.20 -10.39 2.32
N PHE A 19 13.89 -10.75 3.56
CA PHE A 19 14.13 -9.90 4.70
C PHE A 19 13.75 -10.67 5.94
N LEU A 20 14.55 -11.68 6.34
CA LEU A 20 15.88 -12.00 5.82
C LEU A 20 16.73 -10.77 5.54
N GLY A 21 17.16 -10.09 6.59
CA GLY A 21 17.88 -8.85 6.40
C GLY A 21 19.19 -8.82 7.16
N THR A 22 20.28 -9.01 6.45
CA THR A 22 21.61 -8.83 7.02
C THR A 22 22.06 -7.40 6.73
N GLU A 23 22.69 -6.77 7.71
CA GLU A 23 22.95 -5.32 7.70
C GLU A 23 21.62 -4.55 7.78
N ASN A 24 21.45 -3.76 8.82
CA ASN A 24 20.18 -3.11 9.09
C ASN A 24 20.11 -1.69 8.52
N ALA A 25 20.95 -1.42 7.53
CA ALA A 25 20.99 -0.10 6.90
C ALA A 25 19.69 0.19 6.17
N GLU A 26 19.24 -0.77 5.36
CA GLU A 26 17.98 -0.62 4.63
C GLU A 26 16.80 -0.64 5.59
N LEU A 27 16.99 -1.28 6.74
CA LEU A 27 15.95 -1.32 7.76
C LEU A 27 15.72 0.07 8.34
N VAL A 28 16.80 0.78 8.62
CA VAL A 28 16.71 2.16 9.09
C VAL A 28 16.07 3.04 8.01
N TYR A 29 16.35 2.71 6.77
CA TYR A 29 15.74 3.38 5.63
C TYR A 29 14.22 3.16 5.62
N VAL A 30 13.79 1.99 6.09
CA VAL A 30 12.38 1.65 6.15
C VAL A 30 11.67 2.39 7.29
N LEU A 31 12.39 2.60 8.40
CA LEU A 31 11.82 3.26 9.57
C LEU A 31 11.22 4.62 9.21
N ARG A 32 9.90 4.73 9.35
CA ARG A 32 9.19 5.95 8.98
C ARG A 32 8.41 6.50 10.17
N HIS A 33 8.02 7.77 10.07
CA HIS A 33 7.29 8.45 11.15
C HIS A 33 5.79 8.43 10.87
N LYS A 34 5.31 7.33 10.30
CA LYS A 34 3.90 7.14 9.90
C LYS A 34 3.33 8.35 9.14
N HIS A 35 2.00 8.42 9.08
CA HIS A 35 1.30 9.48 8.35
C HIS A 35 -0.06 9.71 8.98
N GLY A 36 -0.91 10.48 8.30
CA GLY A 36 -2.27 10.66 8.73
C GLY A 36 -3.14 9.46 8.37
N GLN A 37 -4.45 9.65 8.37
CA GLN A 37 -5.36 8.56 8.08
C GLN A 37 -5.46 8.32 6.58
N PHE A 38 -6.13 9.21 5.88
CA PHE A 38 -6.36 9.05 4.45
C PHE A 38 -5.42 9.94 3.66
N ILE A 39 -4.33 9.35 3.16
CA ILE A 39 -3.30 10.11 2.48
C ILE A 39 -3.08 9.58 1.07
N TYR A 40 -3.31 10.43 0.08
CA TYR A 40 -3.00 10.09 -1.30
C TYR A 40 -1.75 10.84 -1.75
N VAL A 41 -0.77 10.10 -2.21
CA VAL A 41 0.44 10.70 -2.74
C VAL A 41 0.46 10.59 -4.26
N TRP A 42 0.49 11.73 -4.93
CA TRP A 42 0.47 11.75 -6.37
C TRP A 42 1.84 12.11 -6.92
N GLY A 43 2.13 11.67 -8.12
CA GLY A 43 3.40 11.99 -8.74
C GLY A 43 3.72 11.06 -9.88
N GLU A 44 4.78 10.28 -9.71
CA GLU A 44 5.31 9.45 -10.77
C GLU A 44 6.15 8.33 -10.16
N GLU A 45 6.90 7.60 -10.99
CA GLU A 45 7.70 6.50 -10.49
C GLU A 45 8.88 7.02 -9.69
N GLY A 46 9.34 6.21 -8.73
CA GLY A 46 10.46 6.60 -7.90
C GLY A 46 10.42 5.88 -6.56
N ALA A 47 10.81 6.57 -5.50
CA ALA A 47 10.84 5.98 -4.17
C ALA A 47 9.42 5.66 -3.67
N GLY A 48 8.42 6.21 -4.36
CA GLY A 48 7.04 5.97 -3.99
C GLY A 48 6.61 4.54 -4.28
N LYS A 49 7.19 3.96 -5.32
CA LYS A 49 6.82 2.61 -5.77
C LYS A 49 7.18 1.57 -4.72
N SER A 50 6.16 1.05 -4.04
CA SER A 50 6.32 -0.01 -3.04
C SER A 50 7.06 0.46 -1.77
N HIS A 51 8.18 1.17 -1.96
CA HIS A 51 9.08 1.54 -0.86
C HIS A 51 8.36 2.33 0.23
N LEU A 52 7.68 3.40 -0.14
CA LEU A 52 7.01 4.26 0.84
C LEU A 52 5.89 3.50 1.55
N LEU A 53 5.25 2.60 0.82
CA LEU A 53 4.16 1.82 1.38
C LEU A 53 4.70 0.78 2.37
N GLN A 54 5.76 0.10 1.98
CA GLN A 54 6.37 -0.92 2.81
C GLN A 54 6.91 -0.29 4.10
N ALA A 55 7.53 0.88 3.96
CA ALA A 55 8.07 1.60 5.10
C ALA A 55 6.97 1.97 6.09
N TRP A 56 5.84 2.43 5.55
CA TRP A 56 4.72 2.87 6.37
C TRP A 56 4.03 1.69 7.05
N VAL A 57 3.90 0.59 6.31
CA VAL A 57 3.25 -0.60 6.84
C VAL A 57 4.08 -1.26 7.94
N ALA A 58 5.38 -1.42 7.68
CA ALA A 58 6.27 -2.12 8.60
C ALA A 58 6.36 -1.42 9.95
N GLN A 59 6.48 -0.09 9.93
CA GLN A 59 6.61 0.66 11.17
C GLN A 59 5.31 0.63 11.96
N ALA A 60 4.18 0.56 11.25
CA ALA A 60 2.89 0.46 11.90
C ALA A 60 2.69 -0.94 12.49
N LEU A 61 3.22 -1.94 11.79
CA LEU A 61 3.16 -3.32 12.24
C LEU A 61 3.85 -3.48 13.58
N GLU A 62 5.05 -2.92 13.71
CA GLU A 62 5.80 -3.01 14.95
C GLU A 62 5.27 -2.03 15.99
N ALA A 63 4.37 -1.16 15.55
CA ALA A 63 3.72 -0.21 16.45
C ALA A 63 2.51 -0.85 17.12
N GLY A 64 2.20 -2.08 16.72
CA GLY A 64 1.12 -2.81 17.35
C GLY A 64 -0.18 -2.65 16.61
N LYS A 65 -0.10 -2.16 15.38
CA LYS A 65 -1.27 -2.01 14.55
C LYS A 65 -1.18 -2.99 13.40
N ASN A 66 -2.30 -3.29 12.78
CA ASN A 66 -2.30 -4.19 11.64
C ASN A 66 -2.20 -3.36 10.37
N ALA A 67 -1.33 -3.78 9.48
CA ALA A 67 -1.09 -3.04 8.26
C ALA A 67 -0.80 -3.99 7.12
N ALA A 68 -1.17 -3.58 5.91
CA ALA A 68 -0.92 -4.37 4.73
C ALA A 68 -0.77 -3.48 3.50
N TYR A 69 0.28 -3.72 2.73
CA TYR A 69 0.48 -3.01 1.48
C TYR A 69 0.25 -3.95 0.32
N ILE A 70 -0.55 -3.51 -0.63
CA ILE A 70 -0.87 -4.31 -1.79
C ILE A 70 -0.51 -3.57 -3.07
N ASP A 71 0.47 -4.11 -3.78
CA ASP A 71 0.90 -3.55 -5.05
C ASP A 71 -0.06 -4.01 -6.12
N ALA A 72 -0.97 -3.14 -6.53
CA ALA A 72 -2.02 -3.50 -7.47
C ALA A 72 -1.47 -3.98 -8.81
N ALA A 73 -0.21 -3.64 -9.09
CA ALA A 73 0.44 -4.06 -10.32
C ALA A 73 1.27 -5.32 -10.13
N SER A 74 0.89 -6.13 -9.15
CA SER A 74 1.58 -7.39 -8.89
C SER A 74 0.72 -8.30 -8.01
N MET A 75 -0.05 -7.69 -7.13
CA MET A 75 -0.90 -8.42 -6.19
C MET A 75 -2.34 -7.91 -6.26
N PRO A 76 -3.32 -8.82 -6.11
CA PRO A 76 -4.74 -8.46 -6.10
C PRO A 76 -5.24 -8.09 -4.70
N LEU A 77 -6.38 -7.41 -4.65
CA LEU A 77 -6.99 -7.05 -3.39
C LEU A 77 -7.83 -8.21 -2.87
N THR A 78 -7.86 -8.39 -1.56
CA THR A 78 -8.59 -9.48 -0.94
C THR A 78 -9.40 -8.98 0.24
N ASP A 79 -10.35 -9.80 0.67
CA ASP A 79 -11.20 -9.48 1.82
C ASP A 79 -10.40 -9.48 3.13
N ALA A 80 -9.19 -10.03 3.06
CA ALA A 80 -8.29 -10.08 4.22
C ALA A 80 -7.90 -8.67 4.67
N ALA A 81 -7.96 -7.73 3.74
CA ALA A 81 -7.58 -6.34 4.02
C ALA A 81 -8.43 -5.72 5.13
N PHE A 82 -9.62 -6.29 5.36
CA PHE A 82 -10.53 -5.78 6.38
C PHE A 82 -10.00 -6.01 7.79
N GLU A 83 -8.97 -6.84 7.91
CA GLU A 83 -8.36 -7.12 9.21
C GLU A 83 -7.38 -6.00 9.60
N ALA A 84 -6.86 -5.33 8.60
CA ALA A 84 -5.82 -4.33 8.80
C ALA A 84 -6.43 -2.97 9.05
N GLU A 85 -5.79 -2.20 9.91
CA GLU A 85 -6.18 -0.83 10.16
C GLU A 85 -5.46 0.11 9.20
N TYR A 86 -4.22 -0.26 8.88
CA TYR A 86 -3.39 0.51 7.98
C TYR A 86 -3.30 -0.19 6.62
N LEU A 87 -3.99 0.33 5.63
CA LEU A 87 -3.95 -0.23 4.28
C LEU A 87 -3.17 0.66 3.34
N ALA A 88 -2.31 0.06 2.54
CA ALA A 88 -1.54 0.80 1.56
C ALA A 88 -1.73 0.17 0.18
N VAL A 89 -2.17 0.97 -0.79
CA VAL A 89 -2.45 0.47 -2.12
C VAL A 89 -1.56 1.15 -3.15
N ASP A 90 -0.69 0.39 -3.78
CA ASP A 90 0.22 0.91 -4.79
C ASP A 90 -0.43 0.80 -6.16
N GLN A 91 -0.58 1.95 -6.84
CA GLN A 91 -1.18 2.01 -8.17
C GLN A 91 -2.63 1.55 -8.12
N VAL A 92 -3.42 2.23 -7.29
CA VAL A 92 -4.84 1.89 -7.06
C VAL A 92 -5.65 1.89 -8.36
N GLU A 93 -5.18 2.64 -9.35
CA GLU A 93 -5.84 2.70 -10.66
C GLU A 93 -5.92 1.32 -11.32
N LYS A 94 -5.01 0.44 -10.94
CA LYS A 94 -4.88 -0.86 -11.58
C LYS A 94 -5.76 -1.92 -10.90
N LEU A 95 -6.76 -1.49 -10.15
CA LEU A 95 -7.73 -2.41 -9.59
C LEU A 95 -8.78 -2.77 -10.64
N GLY A 96 -9.35 -3.97 -10.52
CA GLY A 96 -10.30 -4.43 -11.50
C GLY A 96 -11.75 -4.18 -11.10
N ASN A 97 -12.56 -5.23 -11.16
CA ASN A 97 -14.00 -5.09 -10.93
C ASN A 97 -14.34 -5.27 -9.45
N GLU A 98 -14.22 -6.50 -8.97
CA GLU A 98 -14.63 -6.83 -7.61
C GLU A 98 -13.72 -6.17 -6.58
N GLU A 99 -12.46 -6.05 -6.94
CA GLU A 99 -11.45 -5.39 -6.10
C GLU A 99 -11.84 -3.94 -5.85
N GLN A 100 -12.39 -3.29 -6.87
CA GLN A 100 -12.81 -1.90 -6.77
C GLN A 100 -13.99 -1.78 -5.80
N ALA A 101 -14.94 -2.69 -5.92
CA ALA A 101 -16.09 -2.73 -5.02
C ALA A 101 -15.65 -3.06 -3.60
N LEU A 102 -14.66 -3.93 -3.49
CA LEU A 102 -14.08 -4.31 -2.21
C LEU A 102 -13.40 -3.09 -1.58
N LEU A 103 -12.59 -2.42 -2.39
CA LEU A 103 -11.91 -1.19 -1.97
C LEU A 103 -12.93 -0.17 -1.47
N PHE A 104 -14.01 0.00 -2.23
CA PHE A 104 -15.08 0.91 -1.85
C PHE A 104 -15.65 0.52 -0.48
N SER A 105 -15.82 -0.77 -0.28
CA SER A 105 -16.33 -1.29 0.98
C SER A 105 -15.37 -0.96 2.13
N ILE A 106 -14.07 -1.02 1.86
CA ILE A 106 -13.07 -0.65 2.85
C ILE A 106 -13.21 0.82 3.23
N PHE A 107 -13.33 1.66 2.22
CA PHE A 107 -13.50 3.10 2.41
C PHE A 107 -14.78 3.39 3.18
N ASN A 108 -15.87 2.78 2.74
CA ASN A 108 -17.18 2.99 3.36
C ASN A 108 -17.16 2.54 4.82
N ARG A 109 -16.45 1.46 5.08
CA ARG A 109 -16.29 0.94 6.43
C ARG A 109 -15.54 1.93 7.32
N PHE A 110 -14.39 2.40 6.84
CA PHE A 110 -13.56 3.30 7.63
C PHE A 110 -14.19 4.68 7.76
N ARG A 111 -14.74 5.19 6.67
CA ARG A 111 -15.38 6.50 6.67
C ARG A 111 -16.62 6.50 7.55
N ASN A 112 -17.22 5.33 7.72
CA ASN A 112 -18.40 5.17 8.58
C ASN A 112 -18.05 5.46 10.03
N SER A 113 -16.97 4.83 10.49
CA SER A 113 -16.53 4.99 11.87
C SER A 113 -15.75 6.29 12.06
N GLY A 114 -14.94 6.65 11.07
CA GLY A 114 -14.15 7.85 11.17
C GLY A 114 -12.67 7.56 11.33
N LYS A 115 -12.34 6.30 11.52
CA LYS A 115 -10.96 5.86 11.65
C LYS A 115 -10.51 5.22 10.35
N GLY A 116 -9.39 4.53 10.38
CA GLY A 116 -8.89 3.87 9.19
C GLY A 116 -7.74 4.63 8.58
N PHE A 117 -6.68 3.92 8.25
CA PHE A 117 -5.50 4.53 7.65
C PHE A 117 -5.27 3.96 6.27
N LEU A 118 -5.30 4.84 5.27
CA LEU A 118 -5.16 4.44 3.89
C LEU A 118 -4.07 5.23 3.19
N LEU A 119 -3.03 4.55 2.77
CA LEU A 119 -1.98 5.17 1.98
C LEU A 119 -2.23 4.86 0.51
N LEU A 120 -2.70 5.86 -0.20
CA LEU A 120 -3.10 5.67 -1.58
C LEU A 120 -2.06 6.24 -2.53
N GLY A 121 -1.57 5.39 -3.42
CA GLY A 121 -0.61 5.84 -4.42
C GLY A 121 -1.04 5.45 -5.82
N SER A 122 -0.71 6.28 -6.79
CA SER A 122 -1.02 6.03 -8.19
C SER A 122 -0.42 7.13 -9.04
N GLU A 123 -0.26 6.87 -10.33
CA GLU A 123 0.25 7.89 -11.24
C GLU A 123 -0.78 9.00 -11.41
N TYR A 124 -0.32 10.25 -11.28
CA TYR A 124 -1.18 11.42 -11.43
C TYR A 124 -2.23 11.51 -10.32
N THR A 125 -3.25 12.33 -10.54
CA THR A 125 -4.25 12.62 -9.53
C THR A 125 -5.42 11.64 -9.59
N PRO A 126 -6.17 11.48 -8.47
CA PRO A 126 -7.29 10.54 -8.38
C PRO A 126 -8.43 10.91 -9.32
N GLN A 127 -8.52 12.19 -9.65
CA GLN A 127 -9.58 12.69 -10.51
C GLN A 127 -9.21 12.46 -11.98
N GLN A 128 -8.01 11.94 -12.19
CA GLN A 128 -7.53 11.67 -13.54
C GLN A 128 -7.48 10.17 -13.77
N LEU A 129 -7.67 9.40 -12.70
CA LEU A 129 -7.61 7.95 -12.76
C LEU A 129 -8.85 7.38 -13.42
N VAL A 130 -8.69 6.27 -14.13
CA VAL A 130 -9.80 5.59 -14.79
C VAL A 130 -10.41 4.55 -13.85
N ILE A 131 -11.41 5.01 -13.10
CA ILE A 131 -12.14 4.17 -12.14
C ILE A 131 -13.59 4.61 -12.13
N ARG A 132 -14.41 4.06 -11.23
CA ARG A 132 -15.76 4.58 -11.06
C ARG A 132 -15.69 6.06 -10.72
N GLU A 133 -16.51 6.86 -11.36
CA GLU A 133 -16.54 8.28 -11.08
C GLU A 133 -17.00 8.50 -9.64
N ASP A 134 -17.86 7.60 -9.17
CA ASP A 134 -18.23 7.54 -7.77
C ASP A 134 -17.00 7.31 -6.90
N LEU A 135 -16.20 6.32 -7.26
CA LEU A 135 -15.02 5.97 -6.47
C LEU A 135 -14.02 7.12 -6.48
N ARG A 136 -13.95 7.81 -7.62
CA ARG A 136 -13.06 8.95 -7.78
C ARG A 136 -13.31 10.02 -6.73
N THR A 137 -14.57 10.36 -6.51
CA THR A 137 -14.91 11.40 -5.55
C THR A 137 -14.71 10.89 -4.11
N ARG A 138 -14.74 9.57 -3.92
CA ARG A 138 -14.43 8.99 -2.62
C ARG A 138 -12.93 9.12 -2.34
N MET A 139 -12.14 8.92 -3.40
CA MET A 139 -10.69 9.09 -3.32
C MET A 139 -10.35 10.54 -2.98
N ALA A 140 -11.21 11.45 -3.43
CA ALA A 140 -10.98 12.88 -3.25
C ALA A 140 -11.27 13.33 -1.82
N TYR A 141 -11.77 12.42 -0.99
CA TYR A 141 -12.01 12.73 0.42
C TYR A 141 -10.71 12.68 1.21
N CYS A 142 -9.67 12.14 0.60
CA CYS A 142 -8.39 12.01 1.24
C CYS A 142 -7.55 13.26 0.99
N LEU A 143 -6.40 13.30 1.62
CA LEU A 143 -5.46 14.39 1.40
C LEU A 143 -4.56 14.08 0.23
N VAL A 144 -3.92 15.10 -0.30
CA VAL A 144 -3.07 14.95 -1.47
C VAL A 144 -1.71 15.59 -1.23
N TYR A 145 -0.67 14.78 -1.23
CA TYR A 145 0.68 15.28 -1.04
C TYR A 145 1.46 15.19 -2.35
N GLU A 146 2.32 16.18 -2.57
CA GLU A 146 3.18 16.18 -3.75
C GLU A 146 4.61 15.83 -3.34
N VAL A 147 5.08 14.69 -3.82
CA VAL A 147 6.39 14.18 -3.41
C VAL A 147 7.55 14.88 -4.13
N LYS A 148 7.30 15.32 -5.36
CA LYS A 148 8.34 15.91 -6.22
C LYS A 148 9.56 14.99 -6.33
N PRO A 149 9.49 13.98 -7.19
CA PRO A 149 10.60 13.08 -7.45
C PRO A 149 11.62 13.67 -8.42
N MET A 1 -6.72 15.61 -31.01
CA MET A 1 -5.80 14.55 -31.47
C MET A 1 -5.26 13.78 -30.27
N GLY A 2 -4.48 12.74 -30.53
CA GLY A 2 -3.91 11.96 -29.46
C GLY A 2 -4.19 10.49 -29.61
N HIS A 3 -3.36 9.80 -30.38
CA HIS A 3 -3.52 8.36 -30.55
C HIS A 3 -2.26 7.61 -30.13
N HIS A 4 -1.92 7.75 -28.86
CA HIS A 4 -0.82 6.99 -28.27
C HIS A 4 -1.37 6.08 -27.18
N HIS A 5 -1.35 4.77 -27.43
CA HIS A 5 -1.91 3.84 -26.47
C HIS A 5 -1.17 2.50 -26.49
N HIS A 6 -0.33 2.31 -25.50
CA HIS A 6 0.34 1.04 -25.31
C HIS A 6 0.71 0.88 -23.83
N HIS A 7 0.31 -0.23 -23.24
CA HIS A 7 0.54 -0.45 -21.82
C HIS A 7 0.83 -1.90 -21.52
N HIS A 8 1.93 -2.13 -20.81
CA HIS A 8 2.31 -3.46 -20.37
C HIS A 8 3.26 -3.34 -19.18
N SER A 9 2.70 -3.18 -17.99
CA SER A 9 3.49 -2.88 -16.81
C SER A 9 3.82 -4.15 -16.03
N HIS A 10 4.73 -4.96 -16.58
CA HIS A 10 5.26 -6.15 -15.92
C HIS A 10 6.65 -6.45 -16.47
N MET A 11 7.67 -6.24 -15.64
CA MET A 11 9.05 -6.41 -16.10
C MET A 11 10.00 -6.66 -14.93
N ASP A 12 9.54 -7.37 -13.90
CA ASP A 12 10.41 -7.72 -12.78
C ASP A 12 9.99 -9.04 -12.14
N TYR A 13 10.96 -9.94 -12.03
CA TYR A 13 10.75 -11.23 -11.37
C TYR A 13 11.92 -11.53 -10.44
N PRO A 14 11.68 -11.48 -9.12
CA PRO A 14 12.69 -11.79 -8.11
C PRO A 14 13.07 -13.26 -8.16
N SER A 15 14.30 -13.56 -8.55
CA SER A 15 14.76 -14.93 -8.67
C SER A 15 15.77 -15.25 -7.58
N PHE A 16 15.37 -16.13 -6.65
CA PHE A 16 16.23 -16.58 -5.55
C PHE A 16 16.54 -15.43 -4.60
N ASP A 17 15.72 -14.39 -4.67
CA ASP A 17 15.91 -13.20 -3.86
C ASP A 17 15.44 -13.41 -2.43
N LYS A 18 16.22 -12.88 -1.48
CA LYS A 18 15.87 -12.90 -0.06
C LYS A 18 16.01 -14.30 0.55
N PHE A 19 16.61 -14.38 1.73
CA PHE A 19 16.82 -15.63 2.38
C PHE A 19 16.21 -15.56 3.77
N LEU A 20 16.62 -14.58 4.59
CA LEU A 20 17.78 -13.73 4.37
C LEU A 20 18.93 -14.16 5.27
N GLY A 21 18.59 -14.70 6.43
CA GLY A 21 19.59 -15.10 7.38
C GLY A 21 19.98 -13.97 8.30
N THR A 22 20.74 -13.01 7.77
CA THR A 22 21.19 -11.87 8.55
C THR A 22 21.03 -10.57 7.75
N GLU A 23 21.47 -9.46 8.36
CA GLU A 23 21.41 -8.13 7.77
C GLU A 23 19.98 -7.59 7.76
N ASN A 24 19.77 -6.57 8.60
CA ASN A 24 18.45 -5.96 8.78
C ASN A 24 18.49 -4.52 8.28
N ALA A 25 19.51 -4.23 7.48
CA ALA A 25 19.77 -2.87 7.00
C ALA A 25 18.62 -2.28 6.21
N GLU A 26 17.91 -3.11 5.45
CA GLU A 26 16.79 -2.61 4.66
C GLU A 26 15.67 -2.11 5.57
N LEU A 27 15.46 -2.81 6.66
CA LEU A 27 14.43 -2.43 7.62
C LEU A 27 14.77 -1.11 8.28
N VAL A 28 16.07 -0.86 8.46
CA VAL A 28 16.55 0.41 8.99
C VAL A 28 16.19 1.55 8.03
N TYR A 29 16.31 1.28 6.74
CA TYR A 29 15.94 2.25 5.71
C TYR A 29 14.43 2.40 5.64
N VAL A 30 13.72 1.32 5.92
CA VAL A 30 12.25 1.32 5.94
C VAL A 30 11.72 2.20 7.09
N LEU A 31 12.44 2.22 8.20
CA LEU A 31 12.04 3.03 9.34
C LEU A 31 12.05 4.51 8.98
N ARG A 32 10.86 5.07 8.80
CA ARG A 32 10.71 6.48 8.43
C ARG A 32 9.45 7.04 9.10
N HIS A 33 9.25 8.34 8.97
CA HIS A 33 8.12 9.02 9.60
C HIS A 33 6.82 8.79 8.82
N LYS A 34 5.76 8.44 9.55
CA LYS A 34 4.47 8.14 8.93
C LYS A 34 3.70 9.41 8.54
N HIS A 35 2.48 9.22 8.04
CA HIS A 35 1.62 10.33 7.65
C HIS A 35 0.20 10.13 8.18
N GLY A 36 -0.74 10.95 7.70
CA GLY A 36 -2.11 10.92 8.21
C GLY A 36 -2.90 9.71 7.75
N GLN A 37 -4.22 9.77 7.93
CA GLN A 37 -5.09 8.63 7.66
C GLN A 37 -5.24 8.37 6.17
N PHE A 38 -5.98 9.24 5.49
CA PHE A 38 -6.21 9.08 4.06
C PHE A 38 -5.24 9.97 3.28
N ILE A 39 -4.19 9.36 2.75
CA ILE A 39 -3.15 10.11 2.06
C ILE A 39 -2.98 9.64 0.63
N TYR A 40 -2.99 10.59 -0.30
CA TYR A 40 -2.76 10.31 -1.71
C TYR A 40 -1.49 11.02 -2.16
N VAL A 41 -0.58 10.25 -2.75
CA VAL A 41 0.71 10.80 -3.15
C VAL A 41 0.97 10.55 -4.63
N TRP A 42 1.52 11.55 -5.31
CA TRP A 42 1.82 11.44 -6.72
C TRP A 42 3.08 12.23 -7.06
N GLY A 43 3.83 11.76 -8.04
CA GLY A 43 5.04 12.45 -8.44
C GLY A 43 6.17 11.48 -8.77
N GLU A 44 7.29 12.04 -9.20
CA GLU A 44 8.46 11.25 -9.55
C GLU A 44 9.15 10.70 -8.30
N GLU A 45 8.88 9.41 -8.04
CA GLU A 45 9.41 8.67 -6.88
C GLU A 45 9.29 9.47 -5.58
N GLY A 46 10.15 9.14 -4.61
CA GLY A 46 10.07 9.75 -3.31
C GLY A 46 8.80 9.36 -2.58
N ALA A 47 7.77 10.17 -2.74
CA ALA A 47 6.48 9.89 -2.16
C ALA A 47 5.56 9.27 -3.20
N GLY A 48 5.80 9.57 -4.47
CA GLY A 48 4.89 9.16 -5.53
C GLY A 48 5.13 7.75 -6.02
N LYS A 49 5.78 6.93 -5.21
CA LYS A 49 6.00 5.53 -5.54
C LYS A 49 5.92 4.68 -4.27
N SER A 50 6.17 3.39 -4.42
CA SER A 50 5.98 2.41 -3.35
C SER A 50 7.01 2.53 -2.22
N HIS A 51 7.68 3.67 -2.13
CA HIS A 51 8.71 3.88 -1.11
C HIS A 51 8.09 4.06 0.27
N LEU A 52 7.22 5.05 0.41
CA LEU A 52 6.58 5.34 1.69
C LEU A 52 5.58 4.25 2.05
N LEU A 53 5.07 3.59 1.03
CA LEU A 53 4.03 2.57 1.20
C LEU A 53 4.47 1.49 2.18
N GLN A 54 5.64 0.92 1.96
CA GLN A 54 6.15 -0.15 2.80
C GLN A 54 6.63 0.38 4.14
N ALA A 55 7.29 1.54 4.10
CA ALA A 55 7.82 2.19 5.28
C ALA A 55 6.70 2.46 6.30
N TRP A 56 5.60 2.98 5.80
CA TRP A 56 4.46 3.36 6.62
C TRP A 56 3.85 2.15 7.32
N VAL A 57 3.75 1.04 6.57
CA VAL A 57 3.14 -0.17 7.09
C VAL A 57 3.99 -0.81 8.20
N ALA A 58 5.30 -0.91 7.96
CA ALA A 58 6.19 -1.53 8.93
C ALA A 58 6.22 -0.76 10.25
N GLN A 59 6.14 0.57 10.14
CA GLN A 59 6.10 1.43 11.31
C GLN A 59 4.86 1.10 12.14
N ALA A 60 3.72 1.01 11.47
CA ALA A 60 2.44 0.72 12.12
C ALA A 60 2.42 -0.69 12.70
N LEU A 61 3.11 -1.61 12.04
CA LEU A 61 3.18 -3.00 12.50
C LEU A 61 3.86 -3.09 13.85
N GLU A 62 4.95 -2.35 14.03
CA GLU A 62 5.68 -2.37 15.29
C GLU A 62 4.96 -1.55 16.36
N ALA A 63 3.91 -0.86 15.94
CA ALA A 63 3.04 -0.15 16.87
C ALA A 63 1.98 -1.10 17.42
N GLY A 64 2.04 -2.36 17.00
CA GLY A 64 1.11 -3.36 17.49
C GLY A 64 -0.24 -3.27 16.80
N LYS A 65 -0.27 -2.57 15.67
CA LYS A 65 -1.48 -2.36 14.93
C LYS A 65 -1.44 -3.19 13.67
N ASN A 66 -2.56 -3.29 12.99
CA ASN A 66 -2.61 -4.12 11.79
C ASN A 66 -2.54 -3.26 10.54
N ALA A 67 -1.69 -3.67 9.62
CA ALA A 67 -1.46 -2.93 8.40
C ALA A 67 -0.99 -3.88 7.30
N ALA A 68 -1.11 -3.44 6.05
CA ALA A 68 -0.69 -4.24 4.92
C ALA A 68 -0.47 -3.37 3.69
N TYR A 69 0.65 -3.54 3.03
CA TYR A 69 0.93 -2.83 1.78
C TYR A 69 0.77 -3.80 0.61
N ILE A 70 -0.07 -3.43 -0.32
CA ILE A 70 -0.36 -4.26 -1.48
C ILE A 70 -0.08 -3.50 -2.77
N ASP A 71 0.85 -4.03 -3.55
CA ASP A 71 1.18 -3.47 -4.84
C ASP A 71 0.39 -4.19 -5.91
N ALA A 72 -0.52 -3.47 -6.55
CA ALA A 72 -1.42 -4.04 -7.55
C ALA A 72 -0.66 -4.66 -8.73
N ALA A 73 0.60 -4.27 -8.88
CA ALA A 73 1.45 -4.80 -9.94
C ALA A 73 1.77 -6.27 -9.74
N SER A 74 1.86 -6.72 -8.50
CA SER A 74 2.20 -8.11 -8.24
C SER A 74 1.20 -8.78 -7.29
N MET A 75 0.34 -7.98 -6.66
CA MET A 75 -0.61 -8.50 -5.68
C MET A 75 -1.98 -7.85 -5.83
N PRO A 76 -3.06 -8.63 -5.61
CA PRO A 76 -4.43 -8.12 -5.60
C PRO A 76 -4.92 -7.85 -4.17
N LEU A 77 -6.07 -7.19 -4.07
CA LEU A 77 -6.69 -6.91 -2.78
C LEU A 77 -7.70 -8.00 -2.45
N THR A 78 -7.81 -8.36 -1.19
CA THR A 78 -8.67 -9.45 -0.77
C THR A 78 -9.40 -9.11 0.53
N ASP A 79 -10.38 -9.92 0.87
CA ASP A 79 -11.12 -9.78 2.12
C ASP A 79 -10.22 -10.18 3.30
N ALA A 80 -9.23 -11.01 3.02
CA ALA A 80 -8.23 -11.37 4.01
C ALA A 80 -7.41 -10.15 4.42
N ALA A 81 -7.33 -9.18 3.52
CA ALA A 81 -6.62 -7.94 3.78
C ALA A 81 -7.52 -6.93 4.48
N PHE A 82 -8.81 -7.26 4.57
CA PHE A 82 -9.80 -6.39 5.21
C PHE A 82 -9.57 -6.37 6.72
N GLU A 83 -8.81 -7.33 7.21
CA GLU A 83 -8.48 -7.42 8.63
C GLU A 83 -7.56 -6.29 9.05
N ALA A 84 -6.84 -5.73 8.08
CA ALA A 84 -5.90 -4.67 8.34
C ALA A 84 -6.62 -3.36 8.58
N GLU A 85 -6.11 -2.60 9.54
CA GLU A 85 -6.66 -1.29 9.85
C GLU A 85 -6.02 -0.23 8.96
N TYR A 86 -4.76 -0.45 8.63
CA TYR A 86 -4.03 0.46 7.78
C TYR A 86 -3.71 -0.19 6.45
N LEU A 87 -4.38 0.26 5.39
CA LEU A 87 -4.19 -0.29 4.07
C LEU A 87 -3.33 0.64 3.21
N ALA A 88 -2.33 0.06 2.58
CA ALA A 88 -1.47 0.80 1.66
C ALA A 88 -1.55 0.16 0.28
N VAL A 89 -2.07 0.91 -0.68
CA VAL A 89 -2.32 0.37 -2.01
C VAL A 89 -1.45 1.03 -3.07
N ASP A 90 -0.67 0.22 -3.76
CA ASP A 90 0.17 0.71 -4.85
C ASP A 90 -0.50 0.48 -6.19
N GLN A 91 -0.61 1.54 -6.98
CA GLN A 91 -1.17 1.46 -8.34
C GLN A 91 -2.59 0.90 -8.32
N VAL A 92 -3.45 1.52 -7.51
CA VAL A 92 -4.84 1.10 -7.36
C VAL A 92 -5.60 1.12 -8.71
N GLU A 93 -5.08 1.89 -9.65
CA GLU A 93 -5.67 2.02 -10.97
C GLU A 93 -5.57 0.70 -11.74
N LYS A 94 -4.59 -0.13 -11.41
CA LYS A 94 -4.33 -1.33 -12.18
C LYS A 94 -5.24 -2.49 -11.75
N LEU A 95 -6.07 -2.24 -10.74
CA LEU A 95 -6.95 -3.27 -10.21
C LEU A 95 -8.08 -3.59 -11.19
N GLY A 96 -8.52 -4.84 -11.18
CA GLY A 96 -9.52 -5.29 -12.14
C GLY A 96 -10.91 -5.36 -11.56
N ASN A 97 -11.50 -4.20 -11.27
CA ASN A 97 -12.89 -4.08 -10.78
C ASN A 97 -13.06 -4.63 -9.36
N GLU A 98 -12.83 -5.92 -9.19
CA GLU A 98 -13.13 -6.60 -7.93
C GLU A 98 -12.33 -6.01 -6.78
N GLU A 99 -11.01 -5.90 -6.97
CA GLU A 99 -10.12 -5.39 -5.94
C GLU A 99 -10.50 -3.95 -5.55
N GLN A 100 -10.81 -3.12 -6.54
CA GLN A 100 -11.12 -1.72 -6.27
C GLN A 100 -12.52 -1.57 -5.67
N ALA A 101 -13.39 -2.53 -5.98
CA ALA A 101 -14.71 -2.56 -5.37
C ALA A 101 -14.58 -2.92 -3.89
N LEU A 102 -13.65 -3.82 -3.60
CA LEU A 102 -13.31 -4.19 -2.23
C LEU A 102 -12.74 -2.98 -1.51
N LEU A 103 -11.81 -2.29 -2.18
CA LEU A 103 -11.20 -1.07 -1.67
C LEU A 103 -12.28 -0.05 -1.33
N PHE A 104 -13.25 0.11 -2.22
CA PHE A 104 -14.38 1.00 -2.00
C PHE A 104 -15.04 0.72 -0.65
N SER A 105 -15.29 -0.55 -0.38
CA SER A 105 -15.93 -0.96 0.86
C SER A 105 -15.06 -0.59 2.06
N ILE A 106 -13.77 -0.85 1.96
CA ILE A 106 -12.82 -0.50 3.02
C ILE A 106 -12.85 1.00 3.27
N PHE A 107 -12.70 1.77 2.19
CA PHE A 107 -12.60 3.22 2.27
C PHE A 107 -13.89 3.81 2.84
N ASN A 108 -15.02 3.29 2.39
CA ASN A 108 -16.33 3.77 2.82
C ASN A 108 -16.53 3.55 4.32
N ARG A 109 -16.27 2.32 4.77
CA ARG A 109 -16.50 1.97 6.16
C ARG A 109 -15.57 2.71 7.10
N PHE A 110 -14.33 2.93 6.68
CA PHE A 110 -13.35 3.65 7.49
C PHE A 110 -13.81 5.07 7.79
N ARG A 111 -14.21 5.79 6.75
CA ARG A 111 -14.64 7.17 6.92
C ARG A 111 -15.95 7.24 7.71
N ASN A 112 -16.76 6.19 7.60
CA ASN A 112 -18.01 6.12 8.34
C ASN A 112 -17.76 5.81 9.81
N SER A 113 -16.84 4.90 10.08
CA SER A 113 -16.48 4.56 11.45
C SER A 113 -15.79 5.73 12.15
N GLY A 114 -14.89 6.38 11.43
CA GLY A 114 -14.21 7.54 11.95
C GLY A 114 -12.71 7.36 11.93
N LYS A 115 -12.27 6.12 12.13
CA LYS A 115 -10.86 5.82 12.14
C LYS A 115 -10.53 4.90 10.97
N GLY A 116 -9.26 4.64 10.77
CA GLY A 116 -8.83 3.87 9.62
C GLY A 116 -7.89 4.67 8.74
N PHE A 117 -6.85 4.02 8.25
CA PHE A 117 -5.84 4.70 7.46
C PHE A 117 -5.74 4.06 6.08
N LEU A 118 -5.58 4.90 5.07
CA LEU A 118 -5.48 4.45 3.69
C LEU A 118 -4.41 5.25 2.96
N LEU A 119 -3.38 4.55 2.52
CA LEU A 119 -2.30 5.19 1.79
C LEU A 119 -2.38 4.81 0.32
N LEU A 120 -2.73 5.76 -0.51
CA LEU A 120 -2.93 5.52 -1.93
C LEU A 120 -1.74 6.01 -2.74
N GLY A 121 -1.03 5.07 -3.35
CA GLY A 121 0.09 5.42 -4.19
C GLY A 121 -0.24 5.29 -5.66
N SER A 122 -0.28 6.41 -6.36
CA SER A 122 -0.54 6.44 -7.78
C SER A 122 0.12 7.66 -8.41
N GLU A 123 0.82 7.44 -9.51
CA GLU A 123 1.70 8.47 -10.07
C GLU A 123 0.95 9.67 -10.64
N TYR A 124 -0.28 9.46 -11.09
CA TYR A 124 -1.08 10.57 -11.59
C TYR A 124 -2.39 10.68 -10.83
N THR A 125 -3.12 11.76 -11.07
CA THR A 125 -4.28 12.11 -10.25
C THR A 125 -5.49 11.22 -10.51
N PRO A 126 -6.38 11.08 -9.50
CA PRO A 126 -7.57 10.23 -9.58
C PRO A 126 -8.57 10.72 -10.62
N GLN A 127 -8.52 12.01 -10.91
CA GLN A 127 -9.40 12.62 -11.90
C GLN A 127 -9.09 12.10 -13.29
N GLN A 128 -7.85 11.65 -13.49
CA GLN A 128 -7.43 11.11 -14.77
C GLN A 128 -7.47 9.59 -14.77
N LEU A 129 -7.96 9.01 -13.67
CA LEU A 129 -8.12 7.57 -13.59
C LEU A 129 -9.47 7.18 -14.20
N VAL A 130 -9.47 6.15 -15.05
CA VAL A 130 -10.70 5.68 -15.65
C VAL A 130 -11.34 4.61 -14.78
N ILE A 131 -11.85 5.05 -13.64
CA ILE A 131 -12.48 4.15 -12.67
C ILE A 131 -13.93 4.54 -12.46
N ARG A 132 -14.63 3.76 -11.65
CA ARG A 132 -16.02 4.04 -11.30
C ARG A 132 -16.16 5.44 -10.74
N GLU A 133 -17.21 6.14 -11.14
CA GLU A 133 -17.42 7.52 -10.70
C GLU A 133 -17.79 7.55 -9.22
N ASP A 134 -18.51 6.52 -8.77
CA ASP A 134 -18.90 6.40 -7.37
C ASP A 134 -17.67 6.13 -6.49
N LEU A 135 -16.66 5.51 -7.09
CA LEU A 135 -15.39 5.27 -6.41
C LEU A 135 -14.52 6.53 -6.46
N ARG A 136 -14.60 7.22 -7.58
CA ARG A 136 -13.80 8.43 -7.83
C ARG A 136 -14.11 9.52 -6.82
N THR A 137 -15.39 9.66 -6.47
CA THR A 137 -15.81 10.67 -5.52
C THR A 137 -15.22 10.41 -4.13
N ARG A 138 -15.13 9.13 -3.77
CA ARG A 138 -14.58 8.73 -2.49
C ARG A 138 -13.07 8.98 -2.42
N MET A 139 -12.46 9.12 -3.59
CA MET A 139 -11.03 9.38 -3.67
C MET A 139 -10.70 10.79 -3.19
N ALA A 140 -11.70 11.66 -3.18
CA ALA A 140 -11.51 13.05 -2.79
C ALA A 140 -11.60 13.23 -1.26
N TYR A 141 -11.63 12.12 -0.54
CA TYR A 141 -11.72 12.17 0.92
C TYR A 141 -10.33 12.09 1.56
N CYS A 142 -9.30 12.23 0.75
CA CYS A 142 -7.93 12.14 1.23
C CYS A 142 -7.21 13.47 1.04
N LEU A 143 -5.92 13.47 1.33
CA LEU A 143 -5.07 14.63 1.07
C LEU A 143 -4.14 14.32 -0.09
N VAL A 144 -3.69 15.35 -0.80
CA VAL A 144 -2.86 15.13 -1.96
C VAL A 144 -1.49 15.79 -1.77
N TYR A 145 -0.46 14.96 -1.75
CA TYR A 145 0.91 15.44 -1.62
C TYR A 145 1.65 15.28 -2.94
N GLU A 146 2.29 16.36 -3.37
CA GLU A 146 3.01 16.40 -4.64
C GLU A 146 4.50 16.20 -4.41
N VAL A 147 5.19 15.67 -5.40
CA VAL A 147 6.63 15.47 -5.31
C VAL A 147 7.39 16.49 -6.14
N LYS A 148 7.51 16.21 -7.45
CA LYS A 148 8.26 17.05 -8.40
C LYS A 148 9.76 16.99 -8.11
N PRO A 149 10.56 16.65 -9.13
CA PRO A 149 12.02 16.62 -9.02
C PRO A 149 12.62 17.99 -9.27
N MET A 1 24.66 -67.43 38.07
CA MET A 1 23.20 -67.46 38.26
C MET A 1 22.71 -66.12 38.80
N GLY A 2 21.50 -65.73 38.44
CA GLY A 2 20.98 -64.44 38.86
C GLY A 2 21.50 -63.33 37.98
N HIS A 3 20.93 -63.21 36.80
CA HIS A 3 21.44 -62.26 35.81
C HIS A 3 20.37 -61.23 35.46
N HIS A 4 20.17 -60.27 36.35
CA HIS A 4 19.24 -59.17 36.11
C HIS A 4 19.88 -57.86 36.56
N HIS A 5 19.04 -56.85 36.77
CA HIS A 5 19.49 -55.50 37.18
C HIS A 5 20.25 -54.83 36.04
N HIS A 6 19.97 -55.26 34.82
CA HIS A 6 20.69 -54.75 33.66
C HIS A 6 19.84 -53.79 32.86
N HIS A 7 20.10 -52.50 33.04
CA HIS A 7 19.41 -51.45 32.29
C HIS A 7 19.96 -50.09 32.67
N HIS A 8 20.59 -49.42 31.71
CA HIS A 8 21.14 -48.09 31.95
C HIS A 8 21.07 -47.25 30.68
N SER A 9 20.28 -46.18 30.75
CA SER A 9 20.11 -45.28 29.62
C SER A 9 19.34 -44.02 30.03
N HIS A 10 19.87 -42.87 29.68
CA HIS A 10 19.20 -41.61 29.92
C HIS A 10 19.39 -40.69 28.71
N MET A 11 18.30 -40.36 28.05
CA MET A 11 18.35 -39.46 26.92
C MET A 11 17.62 -38.17 27.24
N ASP A 12 18.36 -37.20 27.76
CA ASP A 12 17.81 -35.90 28.14
C ASP A 12 18.28 -34.84 27.16
N TYR A 13 17.37 -34.00 26.72
CA TYR A 13 17.69 -33.01 25.70
C TYR A 13 17.57 -31.59 26.23
N PRO A 14 18.56 -30.74 25.94
CA PRO A 14 18.52 -29.32 26.30
C PRO A 14 17.58 -28.54 25.38
N SER A 15 17.18 -27.36 25.80
CA SER A 15 16.26 -26.55 25.01
C SER A 15 16.44 -25.07 25.30
N PHE A 16 17.07 -24.37 24.37
CA PHE A 16 17.29 -22.93 24.47
C PHE A 16 17.42 -22.36 23.07
N ASP A 17 16.74 -21.25 22.81
CA ASP A 17 16.72 -20.69 21.46
C ASP A 17 16.80 -19.16 21.48
N LYS A 18 17.53 -18.62 20.51
CA LYS A 18 17.60 -17.18 20.25
C LYS A 18 18.39 -16.97 18.97
N PHE A 19 18.63 -15.72 18.60
CA PHE A 19 19.31 -15.42 17.35
C PHE A 19 20.18 -14.18 17.53
N LEU A 20 19.62 -13.09 18.07
CA LEU A 20 18.19 -12.93 18.30
C LEU A 20 17.62 -11.83 17.41
N GLY A 21 18.48 -11.31 16.52
CA GLY A 21 18.09 -10.22 15.66
C GLY A 21 19.17 -9.17 15.57
N THR A 22 18.81 -7.92 15.83
CA THR A 22 19.77 -6.82 15.87
C THR A 22 20.22 -6.38 14.47
N GLU A 23 20.27 -7.31 13.53
CA GLU A 23 20.73 -7.01 12.17
C GLU A 23 19.57 -6.54 11.30
N ASN A 24 18.57 -5.95 11.92
CA ASN A 24 17.40 -5.46 11.21
C ASN A 24 17.67 -4.06 10.64
N ALA A 25 18.94 -3.77 10.41
CA ALA A 25 19.37 -2.45 9.95
C ALA A 25 18.70 -2.04 8.65
N GLU A 26 18.52 -3.00 7.75
CA GLU A 26 17.91 -2.73 6.46
C GLU A 26 16.46 -2.28 6.63
N LEU A 27 15.80 -2.78 7.66
CA LEU A 27 14.42 -2.42 7.94
C LEU A 27 14.35 -0.99 8.49
N VAL A 28 15.33 -0.64 9.30
CA VAL A 28 15.43 0.70 9.86
C VAL A 28 15.72 1.71 8.75
N TYR A 29 16.47 1.24 7.75
CA TYR A 29 16.84 2.07 6.61
C TYR A 29 15.61 2.45 5.79
N VAL A 30 14.67 1.52 5.70
CA VAL A 30 13.47 1.71 4.87
C VAL A 30 12.46 2.65 5.54
N LEU A 31 12.23 2.46 6.85
CA LEU A 31 11.17 3.19 7.54
C LEU A 31 11.31 4.70 7.40
N ARG A 32 10.17 5.39 7.33
CA ARG A 32 10.14 6.81 6.99
C ARG A 32 9.05 7.53 7.76
N HIS A 33 8.92 7.20 9.05
CA HIS A 33 7.89 7.78 9.93
C HIS A 33 6.49 7.31 9.54
N LYS A 34 5.48 7.86 10.20
CA LYS A 34 4.09 7.53 9.89
C LYS A 34 3.45 8.66 9.09
N HIS A 35 2.16 8.54 8.82
CA HIS A 35 1.44 9.54 8.03
C HIS A 35 0.02 9.73 8.56
N GLY A 36 -0.80 10.46 7.81
CA GLY A 36 -2.18 10.68 8.19
C GLY A 36 -3.08 9.48 7.92
N GLN A 37 -4.38 9.72 7.88
CA GLN A 37 -5.33 8.65 7.62
C GLN A 37 -5.40 8.32 6.15
N PHE A 38 -6.08 9.19 5.39
CA PHE A 38 -6.28 8.94 3.97
C PHE A 38 -5.35 9.82 3.16
N ILE A 39 -4.23 9.25 2.73
CA ILE A 39 -3.23 10.01 2.00
C ILE A 39 -3.02 9.45 0.60
N TYR A 40 -3.19 10.32 -0.39
CA TYR A 40 -2.89 9.97 -1.77
C TYR A 40 -1.68 10.75 -2.22
N VAL A 41 -0.56 10.05 -2.40
CA VAL A 41 0.66 10.69 -2.86
C VAL A 41 0.72 10.67 -4.38
N TRP A 42 0.83 11.85 -4.97
CA TRP A 42 0.74 11.97 -6.41
C TRP A 42 2.00 12.58 -7.00
N GLY A 43 2.22 12.33 -8.28
CA GLY A 43 3.32 12.94 -8.98
C GLY A 43 4.55 12.05 -9.06
N GLU A 44 4.54 11.10 -9.99
CA GLU A 44 5.70 10.25 -10.21
C GLU A 44 6.93 11.11 -10.53
N GLU A 45 8.03 10.77 -9.92
CA GLU A 45 9.25 11.55 -10.03
C GLU A 45 10.27 10.80 -10.85
N GLY A 46 10.37 9.50 -10.64
CA GLY A 46 11.39 8.72 -11.30
C GLY A 46 11.35 7.25 -10.97
N ALA A 47 10.32 6.57 -11.47
CA ALA A 47 10.20 5.11 -11.39
C ALA A 47 10.05 4.60 -9.96
N GLY A 48 8.82 4.61 -9.46
CA GLY A 48 8.51 3.92 -8.22
C GLY A 48 8.92 4.69 -6.98
N LYS A 49 7.94 5.03 -6.15
CA LYS A 49 8.20 5.70 -4.89
C LYS A 49 7.50 4.97 -3.75
N SER A 50 7.12 3.73 -4.04
CA SER A 50 6.28 2.93 -3.15
C SER A 50 7.01 2.51 -1.87
N HIS A 51 8.31 2.83 -1.77
CA HIS A 51 9.09 2.50 -0.58
C HIS A 51 8.47 3.11 0.67
N LEU A 52 7.85 4.28 0.52
CA LEU A 52 7.26 4.97 1.66
C LEU A 52 5.99 4.27 2.14
N LEU A 53 5.33 3.54 1.24
CA LEU A 53 4.17 2.73 1.61
C LEU A 53 4.63 1.54 2.43
N GLN A 54 5.72 0.91 1.97
CA GLN A 54 6.31 -0.22 2.67
C GLN A 54 6.77 0.20 4.06
N ALA A 55 7.44 1.35 4.12
CA ALA A 55 7.95 1.89 5.37
C ALA A 55 6.82 2.23 6.34
N TRP A 56 5.76 2.83 5.80
CA TRP A 56 4.62 3.23 6.61
C TRP A 56 3.97 2.02 7.28
N VAL A 57 3.87 0.93 6.52
CA VAL A 57 3.31 -0.31 7.06
C VAL A 57 4.18 -0.88 8.17
N ALA A 58 5.48 -0.97 7.91
CA ALA A 58 6.43 -1.53 8.87
C ALA A 58 6.46 -0.72 10.17
N GLN A 59 6.34 0.60 10.03
CA GLN A 59 6.35 1.48 11.19
C GLN A 59 5.16 1.18 12.08
N ALA A 60 3.99 0.99 11.46
CA ALA A 60 2.77 0.68 12.19
C ALA A 60 2.82 -0.71 12.79
N LEU A 61 3.53 -1.62 12.11
CA LEU A 61 3.70 -2.98 12.60
C LEU A 61 4.43 -3.00 13.94
N GLU A 62 5.54 -2.26 14.01
CA GLU A 62 6.33 -2.20 15.24
C GLU A 62 5.58 -1.49 16.36
N ALA A 63 4.60 -0.69 15.98
CA ALA A 63 3.77 0.01 16.96
C ALA A 63 2.79 -0.93 17.64
N GLY A 64 2.62 -2.12 17.06
CA GLY A 64 1.71 -3.09 17.62
C GLY A 64 0.32 -2.99 17.02
N LYS A 65 0.24 -2.39 15.84
CA LYS A 65 -1.02 -2.24 15.16
C LYS A 65 -1.11 -3.27 14.04
N ASN A 66 -2.16 -3.19 13.24
CA ASN A 66 -2.28 -4.05 12.08
C ASN A 66 -2.10 -3.22 10.82
N ALA A 67 -1.28 -3.72 9.90
CA ALA A 67 -0.95 -2.99 8.70
C ALA A 67 -0.58 -3.95 7.58
N ALA A 68 -1.01 -3.63 6.37
CA ALA A 68 -0.72 -4.46 5.21
C ALA A 68 -0.52 -3.62 3.96
N TYR A 69 0.42 -4.03 3.13
CA TYR A 69 0.66 -3.38 1.86
C TYR A 69 0.26 -4.30 0.72
N ILE A 70 -0.43 -3.75 -0.26
CA ILE A 70 -0.89 -4.50 -1.42
C ILE A 70 -0.56 -3.75 -2.71
N ASP A 71 0.08 -4.43 -3.63
CA ASP A 71 0.38 -3.87 -4.93
C ASP A 71 -0.25 -4.74 -6.01
N ALA A 72 -1.03 -4.11 -6.87
CA ALA A 72 -1.82 -4.81 -7.88
C ALA A 72 -0.97 -5.33 -9.04
N ALA A 73 0.34 -5.31 -8.87
CA ALA A 73 1.23 -5.80 -9.91
C ALA A 73 1.98 -7.04 -9.44
N SER A 74 1.43 -7.67 -8.42
CA SER A 74 2.03 -8.86 -7.83
C SER A 74 1.03 -9.54 -6.91
N MET A 75 0.17 -8.75 -6.28
CA MET A 75 -0.81 -9.28 -5.35
C MET A 75 -2.21 -8.78 -5.68
N PRO A 76 -3.24 -9.62 -5.47
CA PRO A 76 -4.63 -9.23 -5.61
C PRO A 76 -5.15 -8.59 -4.32
N LEU A 77 -6.34 -8.00 -4.38
CA LEU A 77 -6.94 -7.40 -3.20
C LEU A 77 -7.70 -8.45 -2.41
N THR A 78 -7.69 -8.32 -1.09
CA THR A 78 -8.30 -9.32 -0.23
C THR A 78 -9.31 -8.68 0.72
N ASP A 79 -10.16 -9.51 1.30
CA ASP A 79 -11.12 -9.06 2.29
C ASP A 79 -10.43 -8.92 3.65
N ALA A 80 -9.22 -9.48 3.72
CA ALA A 80 -8.38 -9.34 4.91
C ALA A 80 -8.05 -7.88 5.16
N ALA A 81 -8.10 -7.08 4.11
CA ALA A 81 -7.80 -5.65 4.20
C ALA A 81 -8.74 -4.92 5.17
N PHE A 82 -9.89 -5.52 5.46
CA PHE A 82 -10.83 -4.94 6.42
C PHE A 82 -10.33 -5.12 7.84
N GLU A 83 -9.42 -6.05 8.02
CA GLU A 83 -8.87 -6.34 9.34
C GLU A 83 -7.65 -5.47 9.62
N ALA A 84 -7.01 -5.02 8.55
CA ALA A 84 -5.83 -4.18 8.66
C ALA A 84 -6.23 -2.73 8.78
N GLU A 85 -5.95 -2.14 9.93
CA GLU A 85 -6.25 -0.74 10.18
C GLU A 85 -5.46 0.15 9.23
N TYR A 86 -4.20 -0.18 9.06
CA TYR A 86 -3.32 0.57 8.16
C TYR A 86 -3.15 -0.18 6.85
N LEU A 87 -3.77 0.33 5.80
CA LEU A 87 -3.71 -0.33 4.50
C LEU A 87 -3.00 0.55 3.48
N ALA A 88 -2.05 -0.03 2.79
CA ALA A 88 -1.33 0.67 1.75
C ALA A 88 -1.53 -0.03 0.41
N VAL A 89 -2.14 0.68 -0.53
CA VAL A 89 -2.44 0.09 -1.83
C VAL A 89 -1.75 0.87 -2.94
N ASP A 90 -0.87 0.20 -3.67
CA ASP A 90 -0.18 0.81 -4.79
C ASP A 90 -0.63 0.12 -6.07
N GLN A 91 -0.17 0.63 -7.21
CA GLN A 91 -0.58 0.13 -8.52
C GLN A 91 -2.07 0.34 -8.73
N VAL A 92 -2.58 1.46 -8.23
CA VAL A 92 -3.97 1.84 -8.45
C VAL A 92 -4.20 2.04 -9.95
N GLU A 93 -5.47 1.94 -10.36
CA GLU A 93 -5.88 2.05 -11.76
C GLU A 93 -5.54 0.78 -12.55
N LYS A 94 -4.70 -0.08 -11.96
CA LYS A 94 -4.36 -1.36 -12.60
C LYS A 94 -5.30 -2.47 -12.14
N LEU A 95 -6.29 -2.11 -11.34
CA LEU A 95 -7.29 -3.07 -10.86
C LEU A 95 -8.26 -3.44 -11.98
N GLY A 96 -8.79 -4.65 -11.91
CA GLY A 96 -9.68 -5.13 -12.94
C GLY A 96 -11.13 -4.73 -12.72
N ASN A 97 -11.81 -5.43 -11.84
CA ASN A 97 -13.23 -5.21 -11.62
C ASN A 97 -13.63 -5.50 -10.18
N GLU A 98 -13.55 -6.76 -9.80
CA GLU A 98 -13.97 -7.21 -8.48
C GLU A 98 -13.20 -6.49 -7.39
N GLU A 99 -11.92 -6.24 -7.67
CA GLU A 99 -11.05 -5.57 -6.71
C GLU A 99 -11.52 -4.15 -6.45
N GLN A 100 -12.12 -3.52 -7.46
CA GLN A 100 -12.57 -2.14 -7.32
C GLN A 100 -13.85 -2.08 -6.48
N ALA A 101 -14.65 -3.13 -6.56
CA ALA A 101 -15.84 -3.23 -5.73
C ALA A 101 -15.46 -3.45 -4.28
N LEU A 102 -14.44 -4.27 -4.06
CA LEU A 102 -13.89 -4.51 -2.74
C LEU A 102 -13.26 -3.23 -2.21
N LEU A 103 -12.48 -2.59 -3.07
CA LEU A 103 -11.85 -1.31 -2.75
C LEU A 103 -12.89 -0.28 -2.30
N PHE A 104 -14.00 -0.22 -3.03
CA PHE A 104 -15.12 0.62 -2.65
C PHE A 104 -15.61 0.29 -1.25
N SER A 105 -15.77 -0.99 -0.99
CA SER A 105 -16.20 -1.49 0.31
C SER A 105 -15.22 -1.05 1.40
N ILE A 106 -13.94 -1.03 1.06
CA ILE A 106 -12.90 -0.55 1.96
C ILE A 106 -13.15 0.91 2.32
N PHE A 107 -13.39 1.74 1.31
CA PHE A 107 -13.69 3.15 1.52
C PHE A 107 -14.94 3.33 2.36
N ASN A 108 -15.88 2.40 2.21
CA ASN A 108 -17.09 2.40 3.02
C ASN A 108 -16.71 2.21 4.48
N ARG A 109 -16.05 1.09 4.79
CA ARG A 109 -15.67 0.76 6.16
C ARG A 109 -14.90 1.90 6.82
N PHE A 110 -13.90 2.42 6.12
CA PHE A 110 -13.05 3.46 6.67
C PHE A 110 -13.83 4.75 6.97
N ARG A 111 -14.51 5.27 5.97
CA ARG A 111 -15.19 6.56 6.12
C ARG A 111 -16.51 6.44 6.87
N ASN A 112 -17.06 5.22 6.95
CA ASN A 112 -18.32 5.00 7.64
C ASN A 112 -18.17 5.32 9.12
N SER A 113 -17.10 4.79 9.72
CA SER A 113 -16.82 5.02 11.13
C SER A 113 -15.82 6.15 11.32
N GLY A 114 -15.30 6.68 10.20
CA GLY A 114 -14.28 7.71 10.27
C GLY A 114 -12.99 7.17 10.88
N LYS A 115 -12.67 5.94 10.54
CA LYS A 115 -11.58 5.23 11.15
C LYS A 115 -10.73 4.58 10.07
N GLY A 116 -9.62 3.99 10.46
CA GLY A 116 -8.74 3.34 9.51
C GLY A 116 -7.75 4.31 8.90
N PHE A 117 -6.70 3.75 8.31
CA PHE A 117 -5.66 4.53 7.64
C PHE A 117 -5.39 3.93 6.27
N LEU A 118 -5.34 4.77 5.26
CA LEU A 118 -5.17 4.30 3.89
C LEU A 118 -4.14 5.15 3.15
N LEU A 119 -3.29 4.47 2.42
CA LEU A 119 -2.22 5.13 1.67
C LEU A 119 -2.26 4.66 0.23
N LEU A 120 -2.47 5.59 -0.69
CA LEU A 120 -2.60 5.26 -2.10
C LEU A 120 -1.55 6.00 -2.92
N GLY A 121 -1.13 5.38 -4.01
CA GLY A 121 -0.18 6.02 -4.91
C GLY A 121 -0.53 5.75 -6.36
N SER A 122 0.49 5.85 -7.23
CA SER A 122 0.35 5.60 -8.66
C SER A 122 -0.42 6.72 -9.37
N GLU A 123 -0.13 6.90 -10.66
CA GLU A 123 -0.84 7.85 -11.51
C GLU A 123 -0.70 9.29 -11.01
N TYR A 124 -1.57 10.15 -11.50
CA TYR A 124 -1.53 11.55 -11.12
C TYR A 124 -2.56 11.85 -10.04
N THR A 125 -3.80 12.09 -10.42
CA THR A 125 -4.82 12.40 -9.43
C THR A 125 -6.11 11.62 -9.71
N PRO A 126 -6.92 11.36 -8.66
CA PRO A 126 -8.20 10.68 -8.78
C PRO A 126 -9.18 11.45 -9.65
N GLN A 127 -8.86 12.72 -9.85
CA GLN A 127 -9.68 13.63 -10.64
C GLN A 127 -9.66 13.24 -12.12
N GLN A 128 -8.67 12.45 -12.50
CA GLN A 128 -8.53 12.05 -13.90
C GLN A 128 -8.37 10.54 -14.03
N LEU A 129 -8.65 9.83 -12.95
CA LEU A 129 -8.62 8.37 -12.98
C LEU A 129 -9.88 7.83 -13.66
N VAL A 130 -9.81 6.59 -14.13
CA VAL A 130 -10.95 5.97 -14.80
C VAL A 130 -11.85 5.30 -13.77
N ILE A 131 -12.48 6.12 -12.94
CA ILE A 131 -13.34 5.62 -11.88
C ILE A 131 -14.73 6.22 -12.01
N ARG A 132 -15.72 5.56 -11.40
CA ARG A 132 -17.10 5.99 -11.48
C ARG A 132 -17.42 6.96 -10.35
N GLU A 133 -18.54 7.68 -10.47
CA GLU A 133 -18.85 8.82 -9.60
C GLU A 133 -18.88 8.45 -8.12
N ASP A 134 -19.54 7.34 -7.78
CA ASP A 134 -19.73 6.98 -6.38
C ASP A 134 -18.41 6.61 -5.72
N LEU A 135 -17.50 6.06 -6.50
CA LEU A 135 -16.15 5.75 -6.03
C LEU A 135 -15.28 7.01 -6.06
N ARG A 136 -15.49 7.82 -7.10
CA ARG A 136 -14.74 9.04 -7.32
C ARG A 136 -14.91 10.01 -6.14
N THR A 137 -16.13 10.05 -5.61
CA THR A 137 -16.43 10.90 -4.47
C THR A 137 -15.71 10.42 -3.21
N ARG A 138 -15.59 9.10 -3.05
CA ARG A 138 -14.85 8.52 -1.94
C ARG A 138 -13.39 8.96 -1.99
N MET A 139 -12.86 9.06 -3.20
CA MET A 139 -11.48 9.48 -3.41
C MET A 139 -11.26 10.93 -2.98
N ALA A 140 -12.33 11.71 -2.99
CA ALA A 140 -12.27 13.11 -2.61
C ALA A 140 -12.12 13.27 -1.10
N TYR A 141 -12.33 12.17 -0.37
CA TYR A 141 -12.18 12.17 1.08
C TYR A 141 -10.74 11.83 1.47
N CYS A 142 -9.87 11.71 0.48
CA CYS A 142 -8.47 11.46 0.71
C CYS A 142 -7.68 12.72 0.42
N LEU A 143 -6.66 12.96 1.23
CA LEU A 143 -5.82 14.13 1.08
C LEU A 143 -4.86 13.95 -0.10
N VAL A 144 -4.42 15.06 -0.67
CA VAL A 144 -3.55 15.02 -1.83
C VAL A 144 -2.19 15.60 -1.47
N TYR A 145 -1.17 14.77 -1.55
CA TYR A 145 0.17 15.19 -1.20
C TYR A 145 1.19 14.77 -2.27
N GLU A 146 2.17 15.64 -2.47
CA GLU A 146 3.21 15.41 -3.46
C GLU A 146 4.21 14.37 -2.98
N VAL A 147 4.49 13.38 -3.82
CA VAL A 147 5.52 12.39 -3.51
C VAL A 147 6.82 12.76 -4.22
N LYS A 148 7.61 13.59 -3.58
CA LYS A 148 8.86 14.07 -4.14
C LYS A 148 10.01 13.85 -3.18
N PRO A 149 11.23 13.63 -3.70
CA PRO A 149 12.43 13.48 -2.88
C PRO A 149 12.88 14.82 -2.30
#